data_2ZUW
#
_entry.id   2ZUW
#
_cell.length_a   67.905
_cell.length_b   112.039
_cell.length_c   118.662
_cell.angle_alpha   105.21
_cell.angle_beta   90.43
_cell.angle_gamma   107.32
#
_symmetry.space_group_name_H-M   'P 1'
#
loop_
_entity.id
_entity.type
_entity.pdbx_description
1 polymer 'Lacto-N-biose phosphorylase'
2 non-polymer 2-acetamido-2-deoxy-alpha-D-glucopyranose
3 non-polymer GLYCEROL
4 non-polymer 'NITRATE ION'
5 non-polymer 'MAGNESIUM ION'
6 non-polymer 'SULFATE ION'
7 water water
#
_entity_poly.entity_id   1
_entity_poly.type   'polypeptide(L)'
_entity_poly.pdbx_seq_one_letter_code
;MTSTGRFTLPSEENFAEKTKELAELWGADAIRNSDGTHLDEAVLALGKKIYNAYFPTRAHNEWITLHMDETPQVYLLTDR
ILAESDTVDIPLMESFFAEQLKPNRDADPHKYWEVVDRTTGEVVDSANWTLDADEDTVHVSGVAAWHEYTVSFLAYIIWD
PVEMYNHLTNDWGDKEHEIPFDIYHPATRKFVFDTFEQWLKDSPQTDVVRFTTFFYQFTLLFDEKRREKVVDWFGCACTV
SPRALDDFEAKYGYRLRPEDFVDGGAYNSAWRVPRKAQRDWIDFLSGFVRENVKQLADMSHAAGKEAMMFLGDQWIGTEP
YKDGFDELGLDAVVGSIGDGTTTRMIADIPGVKYTEGRFLPYFFPDTFYEGNDPSIEGLDNWRKARRAILRSPISRMGYG
GYLSLAAKFPKFVDTVTHIANEFRDIHDRTGGVAAEGELNVAILNSWGKMRSWMAFTVAHALPNKQTYSYYGILESLSGM
RVNVRFISFDDVLAHGIDSDIDVIINGGPVDTAFTGGDVWTNPKLVETVRAWVRGGGAFVGVGEPSSAPRFQTGRFFQLA
DVIGVDEERYQTLSVDKYFPPVVPDHFITADVPVDPAAREAWEQAGYRIPLSGCGGGQSIKPLGGIDFGEPVLNTYPVNE
NVTLLRADGGQVQLATNDYGKGRGVYISGLPYSAANARLLERVLFYASHNEDKYAAWSSSNPECEVAHFPEQGLYCVINN
TDQPQKTTVTLADGTTEDFDLPDSGIAWREALEHHHHHH
;
_entity_poly.pdbx_strand_id   A,B,C,D
#
loop_
_chem_comp.id
_chem_comp.type
_chem_comp.name
_chem_comp.formula
GOL non-polymer GLYCEROL 'C3 H8 O3'
MG non-polymer 'MAGNESIUM ION' 'Mg 2'
NDG D-saccharide, alpha linking 2-acetamido-2-deoxy-alpha-D-glucopyranose 'C8 H15 N O6'
NO3 non-polymer 'NITRATE ION' 'N O3 -1'
SO4 non-polymer 'SULFATE ION' 'O4 S -2'
#
# COMPACT_ATOMS: atom_id res chain seq x y z
N SER A 3 -29.01 -21.18 12.51
CA SER A 3 -29.87 -21.68 11.40
C SER A 3 -29.06 -22.11 10.18
N THR A 4 -29.78 -22.32 9.08
CA THR A 4 -29.23 -22.99 7.91
C THR A 4 -30.02 -22.59 6.67
N GLY A 5 -29.35 -22.65 5.53
CA GLY A 5 -30.03 -22.39 4.28
C GLY A 5 -29.60 -21.10 3.63
N ARG A 6 -30.31 -20.74 2.56
CA ARG A 6 -30.07 -19.53 1.76
C ARG A 6 -28.62 -19.40 1.26
N PHE A 7 -27.98 -20.53 1.01
CA PHE A 7 -26.56 -20.54 0.76
C PHE A 7 -26.18 -21.65 -0.20
N THR A 8 -25.52 -21.26 -1.28
CA THR A 8 -25.08 -22.16 -2.34
C THR A 8 -23.57 -22.38 -2.30
N LEU A 9 -23.18 -23.66 -2.13
CA LEU A 9 -21.79 -24.12 -2.04
C LEU A 9 -21.30 -24.70 -3.37
N PRO A 10 -20.12 -24.28 -3.86
CA PRO A 10 -19.56 -24.97 -5.01
C PRO A 10 -18.87 -26.27 -4.59
N SER A 11 -18.88 -27.27 -5.45
CA SER A 11 -18.04 -28.45 -5.20
C SER A 11 -17.42 -29.07 -6.44
N GLU A 12 -16.67 -30.15 -6.20
CA GLU A 12 -15.87 -30.80 -7.22
C GLU A 12 -15.68 -32.28 -6.91
N GLU A 13 -15.17 -32.99 -7.91
CA GLU A 13 -14.96 -34.43 -7.88
C GLU A 13 -13.93 -34.77 -6.81
N ASN A 14 -14.11 -35.95 -6.21
CA ASN A 14 -13.18 -36.49 -5.20
C ASN A 14 -13.01 -35.57 -4.02
N PHE A 15 -14.13 -35.06 -3.52
CA PHE A 15 -14.08 -34.07 -2.45
C PHE A 15 -15.29 -34.16 -1.51
N ALA A 16 -15.96 -35.30 -1.56
CA ALA A 16 -17.17 -35.52 -0.79
C ALA A 16 -17.03 -35.21 0.70
N GLU A 17 -15.96 -35.66 1.33
CA GLU A 17 -15.80 -35.42 2.76
C GLU A 17 -15.77 -33.95 3.14
N LYS A 18 -14.90 -33.19 2.47
CA LYS A 18 -14.77 -31.77 2.72
C LYS A 18 -16.01 -30.97 2.35
N THR A 19 -16.70 -31.32 1.25
CA THR A 19 -17.91 -30.58 0.91
C THR A 19 -19.01 -30.80 1.94
N LYS A 20 -19.15 -32.05 2.40
CA LYS A 20 -20.11 -32.39 3.45
C LYS A 20 -19.84 -31.55 4.70
N GLU A 21 -18.56 -31.46 5.06
CA GLU A 21 -18.13 -30.73 6.25
C GLU A 21 -18.43 -29.23 6.14
N LEU A 22 -17.99 -28.64 5.04
CA LEU A 22 -18.24 -27.21 4.77
C LEU A 22 -19.73 -26.90 4.61
N ALA A 23 -20.46 -27.81 3.96
CA ALA A 23 -21.90 -27.63 3.79
C ALA A 23 -22.57 -27.49 5.14
N GLU A 24 -22.17 -28.36 6.05
CA GLU A 24 -22.71 -28.36 7.40
C GLU A 24 -22.24 -27.09 8.14
N LEU A 25 -20.98 -26.72 7.97
CA LEU A 25 -20.39 -25.57 8.66
C LEU A 25 -21.04 -24.21 8.26
N TRP A 26 -21.32 -24.07 6.96
CA TRP A 26 -21.82 -22.84 6.37
C TRP A 26 -23.34 -22.83 6.27
N GLY A 27 -23.96 -23.94 6.63
CA GLY A 27 -25.43 -24.08 6.54
C GLY A 27 -25.93 -24.06 5.10
N ALA A 28 -25.20 -24.71 4.21
CA ALA A 28 -25.54 -24.78 2.79
C ALA A 28 -26.74 -25.67 2.51
N ASP A 29 -27.64 -25.19 1.65
CA ASP A 29 -28.80 -25.98 1.26
C ASP A 29 -28.76 -26.32 -0.22
N ALA A 30 -27.75 -25.82 -0.90
CA ALA A 30 -27.62 -26.06 -2.32
C ALA A 30 -26.18 -26.29 -2.61
N ILE A 31 -25.96 -27.13 -3.62
CA ILE A 31 -24.62 -27.41 -4.10
C ILE A 31 -24.54 -27.18 -5.60
N ARG A 32 -23.47 -26.48 -5.99
CA ARG A 32 -23.23 -26.01 -7.34
C ARG A 32 -22.11 -26.83 -7.95
N ASN A 33 -22.35 -27.33 -9.16
CA ASN A 33 -21.52 -28.33 -9.81
C ASN A 33 -20.36 -27.73 -10.62
N ASP A 40 -20.25 -35.61 -8.50
CA ASP A 40 -19.68 -36.37 -7.39
C ASP A 40 -20.75 -37.25 -6.73
N GLU A 41 -20.32 -38.36 -6.12
CA GLU A 41 -21.21 -39.45 -5.69
C GLU A 41 -21.85 -39.25 -4.31
N ALA A 42 -21.02 -39.13 -3.28
CA ALA A 42 -21.52 -38.99 -1.92
C ALA A 42 -22.08 -37.58 -1.65
N VAL A 43 -21.72 -36.62 -2.49
CA VAL A 43 -22.28 -35.26 -2.37
C VAL A 43 -23.74 -35.24 -2.83
N LEU A 44 -24.02 -35.93 -3.95
CA LEU A 44 -25.39 -36.06 -4.47
C LEU A 44 -26.29 -36.75 -3.46
N ALA A 45 -25.66 -37.51 -2.56
CA ALA A 45 -26.33 -38.24 -1.49
C ALA A 45 -26.83 -37.35 -0.35
N LEU A 46 -26.25 -36.15 -0.24
CA LEU A 46 -26.44 -35.31 0.95
C LEU A 46 -27.83 -34.69 1.12
N GLY A 47 -28.65 -34.75 0.08
CA GLY A 47 -30.02 -34.21 0.13
C GLY A 47 -30.10 -32.70 -0.16
N LYS A 48 -29.04 -32.17 -0.78
CA LYS A 48 -29.03 -30.76 -1.16
C LYS A 48 -29.72 -30.55 -2.51
N LYS A 49 -30.32 -29.38 -2.65
CA LYS A 49 -30.76 -28.85 -3.93
C LYS A 49 -29.53 -28.77 -4.84
N ILE A 50 -29.60 -29.35 -6.03
CA ILE A 50 -28.44 -29.43 -6.91
C ILE A 50 -28.55 -28.47 -8.08
N TYR A 51 -27.55 -27.60 -8.22
CA TYR A 51 -27.52 -26.64 -9.32
C TYR A 51 -26.60 -27.20 -10.37
N ASN A 52 -26.98 -27.06 -11.63
CA ASN A 52 -26.10 -27.35 -12.75
C ASN A 52 -26.09 -26.22 -13.77
N ALA A 53 -24.88 -25.82 -14.16
CA ALA A 53 -24.69 -24.78 -15.14
C ALA A 53 -25.08 -25.29 -16.52
N TYR A 54 -25.77 -24.45 -17.29
CA TYR A 54 -26.11 -24.77 -18.66
C TYR A 54 -25.69 -23.63 -19.61
N PHE A 55 -25.09 -23.99 -20.75
CA PHE A 55 -24.53 -23.01 -21.69
C PHE A 55 -25.12 -23.17 -23.09
N PRO A 56 -26.32 -22.60 -23.32
CA PRO A 56 -27.07 -22.84 -24.56
C PRO A 56 -26.32 -22.62 -25.87
N THR A 57 -25.43 -21.63 -25.95
CA THR A 57 -24.83 -21.24 -27.24
C THR A 57 -23.38 -21.69 -27.43
N ARG A 58 -22.92 -22.66 -26.66
CA ARG A 58 -21.57 -23.21 -26.84
C ARG A 58 -21.49 -24.65 -26.30
N ALA A 59 -20.27 -25.16 -26.15
CA ALA A 59 -19.99 -26.54 -25.71
C ALA A 59 -20.49 -27.62 -26.68
N HIS A 60 -20.53 -27.32 -27.97
CA HIS A 60 -20.90 -28.31 -29.00
C HIS A 60 -20.22 -28.05 -30.32
N ASN A 61 -18.89 -28.06 -30.32
CA ASN A 61 -18.13 -27.92 -31.56
C ASN A 61 -18.52 -28.89 -32.68
N GLU A 62 -19.03 -30.07 -32.30
CA GLU A 62 -19.43 -31.15 -33.24
C GLU A 62 -20.66 -30.75 -34.08
N TRP A 63 -21.44 -29.81 -33.58
CA TRP A 63 -22.56 -29.28 -34.32
C TRP A 63 -22.11 -28.13 -35.22
N ILE A 64 -21.50 -27.11 -34.60
CA ILE A 64 -21.26 -25.83 -35.28
C ILE A 64 -20.15 -25.87 -36.31
N THR A 65 -19.13 -26.72 -36.12
CA THR A 65 -18.10 -26.91 -37.16
C THR A 65 -18.71 -27.37 -38.50
N LEU A 66 -19.88 -27.98 -38.43
CA LEU A 66 -20.62 -28.45 -39.62
C LEU A 66 -21.65 -27.46 -40.09
N HIS A 67 -21.78 -26.32 -39.40
CA HIS A 67 -22.73 -25.28 -39.77
C HIS A 67 -22.18 -23.89 -39.46
N MET A 68 -20.97 -23.59 -39.93
CA MET A 68 -20.22 -22.42 -39.48
C MET A 68 -20.85 -21.06 -39.85
N ASP A 69 -21.84 -21.07 -40.74
CA ASP A 69 -22.48 -19.84 -41.13
C ASP A 69 -23.60 -19.48 -40.14
N GLU A 70 -23.68 -20.26 -39.08
CA GLU A 70 -24.67 -20.05 -38.05
C GLU A 70 -24.02 -19.68 -36.70
N THR A 71 -22.73 -19.34 -36.71
CA THR A 71 -22.11 -18.67 -35.56
C THR A 71 -22.69 -17.24 -35.45
N PRO A 72 -22.64 -16.63 -34.24
CA PRO A 72 -23.16 -15.27 -34.14
C PRO A 72 -22.22 -14.35 -34.89
N GLN A 73 -22.73 -13.19 -35.26
CA GLN A 73 -21.96 -12.22 -36.02
C GLN A 73 -22.02 -10.82 -35.41
N VAL A 74 -21.15 -9.95 -35.92
CA VAL A 74 -20.97 -8.63 -35.36
C VAL A 74 -20.54 -7.68 -36.49
N TYR A 75 -21.04 -6.46 -36.50
CA TYR A 75 -20.47 -5.47 -37.39
C TYR A 75 -19.19 -4.91 -36.78
N LEU A 76 -18.15 -4.86 -37.62
CA LEU A 76 -16.81 -4.43 -37.19
C LEU A 76 -16.38 -3.22 -37.99
N LEU A 77 -15.63 -2.32 -37.35
CA LEU A 77 -15.11 -1.13 -38.02
C LEU A 77 -13.61 -1.20 -38.14
N THR A 78 -13.08 -0.98 -39.35
CA THR A 78 -11.63 -1.06 -39.54
C THR A 78 -10.97 0.19 -38.99
N ASP A 79 -9.65 0.18 -38.92
CA ASP A 79 -8.91 1.40 -38.66
C ASP A 79 -9.18 2.40 -39.78
N ARG A 80 -8.95 3.68 -39.49
CA ARG A 80 -9.05 4.74 -40.47
C ARG A 80 -7.79 4.73 -41.31
N ILE A 81 -7.97 4.57 -42.62
CA ILE A 81 -6.86 4.53 -43.57
C ILE A 81 -6.82 5.81 -44.37
N LEU A 82 -5.65 6.43 -44.41
CA LEU A 82 -5.48 7.69 -45.13
C LEU A 82 -5.23 7.44 -46.62
N ALA A 83 -6.07 8.04 -47.46
CA ALA A 83 -5.85 7.99 -48.90
C ALA A 83 -4.86 9.08 -49.26
N GLU A 84 -3.88 8.74 -50.08
CA GLU A 84 -2.91 9.71 -50.53
C GLU A 84 -3.05 9.92 -52.06
N SER A 85 -4.16 9.38 -52.59
CA SER A 85 -4.55 9.51 -54.01
C SER A 85 -6.02 9.05 -54.13
N ASP A 86 -6.50 8.86 -55.37
CA ASP A 86 -7.91 8.51 -55.60
C ASP A 86 -8.24 7.03 -55.42
N THR A 87 -7.24 6.23 -55.02
CA THR A 87 -7.45 4.84 -54.63
C THR A 87 -6.96 4.62 -53.18
N VAL A 88 -7.44 3.56 -52.55
CA VAL A 88 -7.05 3.26 -51.17
C VAL A 88 -7.39 1.80 -50.84
N ASP A 89 -6.47 1.13 -50.16
CA ASP A 89 -6.68 -0.24 -49.72
C ASP A 89 -6.87 -0.30 -48.23
N ILE A 90 -7.89 -1.05 -47.80
CA ILE A 90 -8.26 -1.13 -46.40
C ILE A 90 -8.24 -2.57 -45.92
N PRO A 91 -7.24 -2.92 -45.08
CA PRO A 91 -7.23 -4.24 -44.46
C PRO A 91 -8.37 -4.32 -43.46
N LEU A 92 -9.05 -5.46 -43.45
CA LEU A 92 -10.21 -5.63 -42.60
C LEU A 92 -9.81 -6.07 -41.20
N MET A 93 -8.77 -6.88 -41.11
CA MET A 93 -8.54 -7.64 -39.88
C MET A 93 -7.32 -7.23 -39.05
N GLU A 94 -6.56 -6.24 -39.48
CA GLU A 94 -5.27 -5.96 -38.83
C GLU A 94 -5.41 -5.52 -37.38
N SER A 95 -6.57 -4.94 -37.05
CA SER A 95 -6.81 -4.40 -35.73
C SER A 95 -7.58 -5.37 -34.82
N PHE A 96 -7.89 -6.56 -35.31
CA PHE A 96 -8.74 -7.51 -34.59
C PHE A 96 -8.10 -8.86 -34.30
N PHE A 97 -8.56 -9.52 -33.25
CA PHE A 97 -8.09 -10.86 -32.90
C PHE A 97 -8.64 -11.92 -33.88
N ALA A 98 -7.75 -12.41 -34.77
CA ALA A 98 -8.13 -13.36 -35.84
C ALA A 98 -8.54 -14.76 -35.34
N GLU A 99 -8.20 -15.09 -34.11
CA GLU A 99 -8.70 -16.31 -33.48
C GLU A 99 -10.17 -16.20 -33.03
N GLN A 100 -10.67 -14.96 -32.90
CA GLN A 100 -12.06 -14.72 -32.42
C GLN A 100 -13.00 -14.33 -33.55
N LEU A 101 -12.50 -13.62 -34.54
CA LEU A 101 -13.33 -12.95 -35.50
C LEU A 101 -12.82 -13.23 -36.93
N LYS A 102 -13.74 -13.51 -37.85
CA LYS A 102 -13.35 -13.57 -39.26
C LYS A 102 -14.37 -12.96 -40.19
N PRO A 103 -13.92 -12.26 -41.23
CA PRO A 103 -14.87 -11.65 -42.16
C PRO A 103 -15.81 -12.67 -42.80
N ASN A 104 -17.09 -12.33 -42.81
CA ASN A 104 -18.13 -13.12 -43.46
C ASN A 104 -18.03 -12.86 -44.97
N ARG A 105 -17.49 -13.80 -45.72
CA ARG A 105 -17.40 -13.67 -47.17
C ARG A 105 -18.64 -14.24 -47.85
N ASP A 106 -19.43 -15.02 -47.10
CA ASP A 106 -20.61 -15.69 -47.65
C ASP A 106 -21.70 -14.70 -48.05
N ALA A 107 -22.03 -13.79 -47.14
CA ALA A 107 -23.09 -12.84 -47.37
C ALA A 107 -22.59 -11.68 -48.20
N ASP A 108 -23.27 -11.43 -49.31
CA ASP A 108 -22.84 -10.39 -50.25
C ASP A 108 -22.39 -9.07 -49.57
N PRO A 109 -21.08 -8.75 -49.63
CA PRO A 109 -20.54 -7.52 -49.03
C PRO A 109 -21.16 -6.24 -49.57
N HIS A 110 -21.54 -6.22 -50.85
CA HIS A 110 -22.18 -5.04 -51.38
C HIS A 110 -23.58 -4.84 -50.84
N LYS A 111 -24.22 -5.89 -50.33
CA LYS A 111 -25.52 -5.69 -49.69
C LYS A 111 -25.38 -5.32 -48.21
N TYR A 112 -24.38 -5.89 -47.53
CA TYR A 112 -24.30 -5.87 -46.09
C TYR A 112 -23.20 -4.99 -45.45
N TRP A 113 -22.26 -4.53 -46.26
CA TRP A 113 -21.12 -3.75 -45.77
C TRP A 113 -21.24 -2.29 -46.22
N GLU A 114 -20.37 -1.43 -45.67
CA GLU A 114 -20.28 -0.03 -46.04
C GLU A 114 -18.85 0.41 -45.95
N VAL A 115 -18.37 1.04 -47.01
CA VAL A 115 -17.16 1.84 -46.95
C VAL A 115 -17.60 3.30 -46.72
N VAL A 116 -16.93 3.99 -45.79
CA VAL A 116 -17.28 5.37 -45.45
C VAL A 116 -16.06 6.31 -45.55
N ASP A 117 -16.25 7.47 -46.19
CA ASP A 117 -15.31 8.58 -46.09
C ASP A 117 -15.55 9.23 -44.74
N ARG A 118 -14.63 9.05 -43.80
CA ARG A 118 -14.86 9.56 -42.45
C ARG A 118 -14.67 11.05 -42.36
N THR A 119 -13.88 11.58 -43.28
CA THR A 119 -13.65 13.02 -43.42
C THR A 119 -14.90 13.81 -43.83
N THR A 120 -15.75 13.22 -44.67
CA THR A 120 -17.01 13.86 -45.05
C THR A 120 -18.25 13.17 -44.44
N GLY A 121 -18.10 11.91 -44.02
CA GLY A 121 -19.23 11.12 -43.54
C GLY A 121 -20.04 10.44 -44.63
N GLU A 122 -19.62 10.60 -45.87
CA GLU A 122 -20.35 10.00 -47.00
C GLU A 122 -20.02 8.51 -47.19
N VAL A 123 -21.07 7.75 -47.49
CA VAL A 123 -20.93 6.35 -47.93
C VAL A 123 -20.39 6.34 -49.38
N VAL A 124 -19.34 5.56 -49.59
CA VAL A 124 -18.71 5.39 -50.91
C VAL A 124 -19.62 4.44 -51.72
N ASP A 125 -20.01 4.84 -52.93
CA ASP A 125 -20.87 3.94 -53.73
C ASP A 125 -20.21 2.56 -53.90
N SER A 126 -20.99 1.50 -53.75
CA SER A 126 -20.42 0.14 -53.81
C SER A 126 -19.89 -0.26 -55.19
N ALA A 127 -20.21 0.51 -56.23
CA ALA A 127 -19.54 0.34 -57.52
C ALA A 127 -18.05 0.67 -57.41
N ASN A 128 -17.69 1.48 -56.41
CA ASN A 128 -16.34 2.01 -56.27
C ASN A 128 -15.41 1.18 -55.40
N TRP A 129 -15.89 0.03 -54.96
CA TRP A 129 -15.05 -0.83 -54.14
C TRP A 129 -15.29 -2.31 -54.39
N THR A 130 -14.24 -3.09 -54.17
CA THR A 130 -14.27 -4.52 -54.39
C THR A 130 -13.57 -5.17 -53.22
N LEU A 131 -14.05 -6.33 -52.79
CA LEU A 131 -13.34 -7.15 -51.83
C LEU A 131 -12.37 -8.09 -52.57
N ASP A 132 -11.09 -7.98 -52.23
CA ASP A 132 -10.06 -8.85 -52.78
C ASP A 132 -10.44 -10.30 -52.57
N ALA A 133 -10.37 -11.12 -53.62
CA ALA A 133 -10.69 -12.56 -53.49
C ALA A 133 -9.76 -13.35 -52.56
N ASP A 134 -8.50 -12.92 -52.49
CA ASP A 134 -7.43 -13.68 -51.82
C ASP A 134 -7.02 -13.17 -50.43
N GLU A 135 -7.12 -11.86 -50.23
CA GLU A 135 -6.76 -11.21 -48.98
C GLU A 135 -7.99 -10.53 -48.33
N ASP A 136 -7.99 -10.43 -47.00
CA ASP A 136 -8.99 -9.62 -46.27
C ASP A 136 -8.76 -8.11 -46.39
N THR A 137 -8.96 -7.60 -47.61
CA THR A 137 -8.62 -6.24 -48.01
C THR A 137 -9.65 -5.71 -49.00
N VAL A 138 -10.14 -4.51 -48.73
CA VAL A 138 -11.05 -3.83 -49.62
C VAL A 138 -10.30 -2.79 -50.42
N HIS A 139 -10.50 -2.81 -51.75
CA HIS A 139 -9.92 -1.82 -52.65
C HIS A 139 -10.96 -0.79 -53.05
N VAL A 140 -10.62 0.46 -52.85
CA VAL A 140 -11.52 1.52 -53.12
C VAL A 140 -10.90 2.39 -54.20
N SER A 141 -11.70 2.82 -55.15
CA SER A 141 -11.23 3.77 -56.14
C SER A 141 -12.22 4.92 -56.31
N GLY A 142 -11.80 5.94 -57.03
CA GLY A 142 -12.62 7.11 -57.25
C GLY A 142 -12.84 7.94 -55.99
N VAL A 143 -11.91 7.91 -55.05
CA VAL A 143 -12.07 8.70 -53.83
C VAL A 143 -11.20 9.96 -53.76
N ALA A 144 -11.29 10.67 -52.65
CA ALA A 144 -10.62 11.94 -52.48
C ALA A 144 -9.33 11.71 -51.69
N ALA A 145 -8.20 12.23 -52.19
CA ALA A 145 -6.92 12.13 -51.46
C ALA A 145 -6.99 12.92 -50.14
N TRP A 146 -6.27 12.44 -49.14
CA TRP A 146 -6.14 13.12 -47.83
C TRP A 146 -7.39 13.04 -46.96
N HIS A 147 -8.32 12.18 -47.36
CA HIS A 147 -9.46 11.80 -46.52
C HIS A 147 -9.17 10.47 -45.82
N GLU A 148 -9.83 10.21 -44.69
CA GLU A 148 -9.72 8.91 -44.02
C GLU A 148 -10.88 7.99 -44.43
N TYR A 149 -10.58 6.72 -44.69
CA TYR A 149 -11.62 5.75 -45.06
C TYR A 149 -11.61 4.54 -44.14
N THR A 150 -12.80 3.97 -43.94
CA THR A 150 -13.00 2.78 -43.13
C THR A 150 -13.98 1.84 -43.83
N VAL A 151 -13.97 0.59 -43.40
CA VAL A 151 -14.99 -0.37 -43.82
C VAL A 151 -15.70 -0.86 -42.58
N SER A 152 -17.02 -1.07 -42.71
CA SER A 152 -17.83 -1.72 -41.67
C SER A 152 -18.28 -3.04 -42.23
N PHE A 153 -17.89 -4.14 -41.61
CA PHE A 153 -18.11 -5.43 -42.25
C PHE A 153 -18.64 -6.38 -41.23
N LEU A 154 -19.41 -7.36 -41.71
CA LEU A 154 -19.86 -8.48 -40.92
C LEU A 154 -18.74 -9.46 -40.72
N ALA A 155 -18.57 -9.91 -39.48
CA ALA A 155 -17.59 -10.92 -39.14
C ALA A 155 -18.29 -12.01 -38.36
N TYR A 156 -17.92 -13.26 -38.60
CA TYR A 156 -18.36 -14.37 -37.77
C TYR A 156 -17.56 -14.33 -36.49
N ILE A 157 -18.22 -14.68 -35.38
CA ILE A 157 -17.56 -14.81 -34.10
C ILE A 157 -17.28 -16.30 -33.89
N ILE A 158 -16.01 -16.69 -33.99
CA ILE A 158 -15.65 -18.09 -34.06
C ILE A 158 -15.08 -18.61 -32.77
N TRP A 159 -15.04 -17.76 -31.75
CA TRP A 159 -14.59 -18.15 -30.41
C TRP A 159 -15.49 -17.46 -29.40
N ASP A 160 -16.09 -18.23 -28.50
CA ASP A 160 -17.02 -17.66 -27.55
C ASP A 160 -16.29 -16.61 -26.71
N PRO A 161 -16.80 -15.36 -26.69
CA PRO A 161 -15.97 -14.32 -26.08
C PRO A 161 -15.60 -14.56 -24.62
N VAL A 162 -16.53 -15.01 -23.79
CA VAL A 162 -16.23 -15.28 -22.39
C VAL A 162 -15.28 -16.51 -22.20
N GLU A 163 -15.53 -17.56 -22.97
CA GLU A 163 -14.63 -18.73 -23.01
C GLU A 163 -13.20 -18.29 -23.36
N MET A 164 -13.10 -17.44 -24.39
CA MET A 164 -11.82 -16.90 -24.82
C MET A 164 -11.17 -16.05 -23.70
N TYR A 165 -11.95 -15.16 -23.09
CA TYR A 165 -11.46 -14.40 -21.94
C TYR A 165 -10.80 -15.36 -20.94
N ASN A 166 -11.53 -16.40 -20.52
CA ASN A 166 -11.00 -17.35 -19.55
C ASN A 166 -9.77 -18.13 -20.04
N HIS A 167 -9.77 -18.50 -21.32
CA HIS A 167 -8.61 -19.15 -21.93
C HIS A 167 -7.37 -18.28 -21.81
N LEU A 168 -7.46 -17.02 -22.26
CA LEU A 168 -6.32 -16.11 -22.25
C LEU A 168 -5.89 -15.74 -20.85
N THR A 169 -6.86 -15.61 -19.96
CA THR A 169 -6.59 -15.22 -18.59
C THR A 169 -5.91 -16.35 -17.82
N ASN A 170 -6.38 -17.58 -18.02
CA ASN A 170 -5.85 -18.71 -17.27
C ASN A 170 -4.75 -19.50 -18.00
N ASP A 171 -4.26 -18.98 -19.12
CA ASP A 171 -3.23 -19.64 -19.95
C ASP A 171 -3.57 -21.09 -20.28
N TRP A 172 -4.65 -21.32 -21.03
CA TRP A 172 -5.07 -22.68 -21.37
C TRP A 172 -4.26 -23.27 -22.54
N GLY A 173 -3.42 -22.45 -23.16
CA GLY A 173 -2.53 -22.90 -24.22
C GLY A 173 -3.25 -23.46 -25.44
N ASP A 174 -3.15 -24.77 -25.61
CA ASP A 174 -3.58 -25.44 -26.83
C ASP A 174 -4.98 -26.02 -26.80
N LYS A 175 -5.60 -26.00 -25.63
CA LYS A 175 -6.99 -26.40 -25.43
C LYS A 175 -7.90 -25.90 -26.55
N GLU A 176 -8.86 -26.73 -26.97
CA GLU A 176 -9.71 -26.45 -28.11
C GLU A 176 -10.58 -25.23 -27.82
N HIS A 177 -10.68 -24.33 -28.79
CA HIS A 177 -11.48 -23.12 -28.63
C HIS A 177 -12.95 -23.45 -28.87
N GLU A 178 -13.80 -23.14 -27.90
CA GLU A 178 -15.24 -23.33 -28.09
C GLU A 178 -15.87 -22.29 -29.00
N ILE A 179 -16.53 -22.78 -30.06
CA ILE A 179 -17.20 -21.95 -31.08
C ILE A 179 -18.64 -21.71 -30.66
N PRO A 180 -19.08 -20.42 -30.64
CA PRO A 180 -20.44 -20.18 -30.17
C PRO A 180 -21.43 -20.32 -31.31
N PHE A 181 -22.71 -20.48 -31.01
CA PHE A 181 -23.70 -20.55 -32.09
C PHE A 181 -24.90 -19.61 -31.89
N ASP A 182 -25.63 -19.35 -32.97
CA ASP A 182 -26.69 -18.35 -32.95
C ASP A 182 -28.05 -18.99 -33.26
N ILE A 183 -28.92 -19.07 -32.25
CA ILE A 183 -30.22 -19.72 -32.41
C ILE A 183 -31.22 -18.99 -33.33
N TYR A 184 -30.82 -17.85 -33.87
CA TYR A 184 -31.69 -17.17 -34.83
C TYR A 184 -31.90 -18.05 -36.08
N HIS A 185 -30.85 -18.81 -36.45
CA HIS A 185 -30.95 -19.74 -37.56
C HIS A 185 -31.70 -21.00 -37.12
N PRO A 186 -32.68 -21.46 -37.94
CA PRO A 186 -33.58 -22.55 -37.51
C PRO A 186 -32.89 -23.87 -37.19
N ALA A 187 -31.88 -24.22 -37.97
CA ALA A 187 -31.12 -25.48 -37.73
C ALA A 187 -30.43 -25.48 -36.36
N THR A 188 -29.67 -24.43 -36.06
CA THR A 188 -29.04 -24.33 -34.73
C THR A 188 -30.08 -24.29 -33.62
N ARG A 189 -31.20 -23.63 -33.85
CA ARG A 189 -32.23 -23.53 -32.83
C ARG A 189 -32.80 -24.91 -32.44
N LYS A 190 -33.11 -25.73 -33.45
CA LYS A 190 -33.56 -27.10 -33.20
C LYS A 190 -32.47 -27.91 -32.51
N PHE A 191 -31.24 -27.79 -32.97
CA PHE A 191 -30.14 -28.47 -32.26
C PHE A 191 -30.17 -28.13 -30.78
N VAL A 192 -30.16 -26.82 -30.48
CA VAL A 192 -30.13 -26.33 -29.08
C VAL A 192 -31.31 -26.88 -28.25
N PHE A 193 -32.52 -26.81 -28.77
CA PHE A 193 -33.68 -27.33 -28.03
C PHE A 193 -33.75 -28.85 -27.90
N ASP A 194 -33.41 -29.58 -28.97
CA ASP A 194 -33.29 -31.05 -28.91
C ASP A 194 -32.26 -31.47 -27.86
N THR A 195 -31.13 -30.77 -27.87
CA THR A 195 -30.02 -31.06 -26.95
C THR A 195 -30.42 -30.77 -25.52
N PHE A 196 -31.15 -29.68 -25.28
CA PHE A 196 -31.59 -29.37 -23.93
C PHE A 196 -32.62 -30.40 -23.43
N GLU A 197 -33.55 -30.79 -24.31
CA GLU A 197 -34.51 -31.85 -24.04
C GLU A 197 -33.78 -33.12 -23.57
N GLN A 198 -32.82 -33.56 -24.38
CA GLN A 198 -31.96 -34.71 -24.09
C GLN A 198 -31.23 -34.58 -22.74
N TRP A 199 -30.58 -33.43 -22.52
CA TRP A 199 -29.85 -33.18 -21.28
C TRP A 199 -30.74 -33.27 -20.03
N LEU A 200 -31.96 -32.74 -20.11
CA LEU A 200 -32.88 -32.81 -19.00
C LEU A 200 -33.17 -34.26 -18.60
N LYS A 201 -33.31 -35.14 -19.60
CA LYS A 201 -33.52 -36.56 -19.38
C LYS A 201 -32.29 -37.17 -18.72
N ASP A 202 -31.11 -36.83 -19.25
CA ASP A 202 -29.85 -37.31 -18.70
C ASP A 202 -29.42 -36.68 -17.38
N SER A 203 -30.30 -35.90 -16.74
CA SER A 203 -29.92 -35.16 -15.52
C SER A 203 -30.98 -35.19 -14.44
N PRO A 204 -31.40 -36.40 -14.00
CA PRO A 204 -32.48 -36.43 -13.01
C PRO A 204 -32.08 -35.89 -11.64
N GLN A 205 -30.79 -35.81 -11.37
CA GLN A 205 -30.30 -35.36 -10.06
C GLN A 205 -30.37 -33.82 -9.88
N THR A 206 -30.46 -33.11 -11.00
CA THR A 206 -30.40 -31.64 -11.05
C THR A 206 -31.76 -31.01 -10.72
N ASP A 207 -31.74 -30.05 -9.80
CA ASP A 207 -32.94 -29.34 -9.36
C ASP A 207 -33.03 -27.93 -9.98
N VAL A 208 -31.89 -27.29 -10.17
CA VAL A 208 -31.87 -25.92 -10.66
C VAL A 208 -31.00 -25.88 -11.90
N VAL A 209 -31.54 -25.38 -13.00
CA VAL A 209 -30.76 -25.19 -14.22
C VAL A 209 -30.27 -23.75 -14.16
N ARG A 210 -28.96 -23.59 -13.99
CA ARG A 210 -28.36 -22.26 -13.88
C ARG A 210 -27.85 -21.84 -15.26
N PHE A 211 -28.76 -21.26 -16.05
CA PHE A 211 -28.40 -20.80 -17.39
C PHE A 211 -27.38 -19.66 -17.32
N THR A 212 -26.22 -19.92 -17.91
CA THR A 212 -25.06 -19.00 -17.88
C THR A 212 -24.54 -18.77 -19.28
N THR A 213 -25.28 -18.03 -20.10
CA THR A 213 -26.60 -17.46 -19.76
C THR A 213 -27.57 -17.95 -20.85
N PHE A 214 -27.90 -17.09 -21.81
CA PHE A 214 -28.83 -17.47 -22.88
C PHE A 214 -28.24 -17.34 -24.28
N PHE A 215 -28.70 -16.37 -25.06
CA PHE A 215 -28.47 -16.44 -26.51
C PHE A 215 -27.45 -15.49 -27.11
N TYR A 216 -27.25 -14.33 -26.49
CA TYR A 216 -26.44 -13.27 -27.08
C TYR A 216 -25.50 -12.64 -26.07
N GLN A 217 -24.21 -12.75 -26.39
CA GLN A 217 -23.11 -12.24 -25.58
C GLN A 217 -23.02 -10.69 -25.62
N PHE A 218 -22.86 -10.07 -24.44
CA PHE A 218 -22.54 -8.63 -24.40
C PHE A 218 -21.30 -8.30 -25.20
N THR A 219 -21.32 -7.15 -25.87
CA THR A 219 -20.19 -6.73 -26.72
C THR A 219 -18.85 -6.96 -26.02
N LEU A 220 -18.02 -7.83 -26.61
CA LEU A 220 -16.70 -8.14 -26.08
C LEU A 220 -15.79 -8.62 -27.21
N LEU A 221 -15.01 -7.68 -27.76
CA LEU A 221 -14.18 -7.89 -28.94
C LEU A 221 -12.73 -7.62 -28.59
N PHE A 222 -11.85 -8.51 -29.08
CA PHE A 222 -10.41 -8.45 -28.78
C PHE A 222 -9.60 -8.03 -29.97
N ASP A 223 -8.38 -7.54 -29.71
CA ASP A 223 -7.55 -6.99 -30.75
C ASP A 223 -6.46 -7.96 -31.24
N GLU A 224 -5.70 -7.54 -32.23
CA GLU A 224 -4.61 -8.35 -32.79
C GLU A 224 -3.52 -8.69 -31.75
N LYS A 225 -3.47 -7.94 -30.65
CA LYS A 225 -2.50 -8.23 -29.57
C LYS A 225 -3.12 -9.07 -28.48
N ARG A 226 -4.31 -9.62 -28.76
CA ARG A 226 -5.05 -10.46 -27.80
C ARG A 226 -5.43 -9.71 -26.52
N ARG A 227 -5.66 -8.40 -26.67
CA ARG A 227 -6.20 -7.59 -25.56
C ARG A 227 -7.65 -7.24 -25.85
N GLU A 228 -8.41 -6.85 -24.82
CA GLU A 228 -9.73 -6.30 -25.03
C GLU A 228 -9.61 -5.05 -25.91
N LYS A 229 -10.42 -5.01 -26.97
CA LYS A 229 -10.48 -3.90 -27.87
C LYS A 229 -11.74 -3.07 -27.59
N VAL A 230 -12.89 -3.74 -27.44
CA VAL A 230 -14.21 -3.11 -27.26
C VAL A 230 -15.03 -3.90 -26.24
N VAL A 231 -15.60 -3.21 -25.27
CA VAL A 231 -16.47 -3.86 -24.30
C VAL A 231 -17.62 -2.96 -23.91
N ASP A 232 -18.81 -3.52 -23.87
CA ASP A 232 -19.97 -2.85 -23.28
C ASP A 232 -20.82 -3.91 -22.61
N TRP A 233 -20.98 -3.80 -21.31
CA TRP A 233 -21.72 -4.83 -20.58
C TRP A 233 -23.17 -4.89 -21.07
N PHE A 234 -23.67 -3.80 -21.68
CA PHE A 234 -25.05 -3.77 -22.21
C PHE A 234 -25.12 -3.86 -23.73
N GLY A 235 -23.96 -3.94 -24.40
CA GLY A 235 -23.88 -3.78 -25.84
C GLY A 235 -24.50 -4.91 -26.62
N CYS A 236 -25.18 -4.60 -27.74
CA CYS A 236 -25.66 -5.69 -28.65
C CYS A 236 -25.02 -5.69 -30.02
N ALA A 237 -23.71 -5.49 -30.04
CA ALA A 237 -22.92 -5.68 -31.24
C ALA A 237 -23.03 -7.12 -31.77
N CYS A 238 -22.90 -8.10 -30.87
CA CYS A 238 -22.73 -9.51 -31.26
C CYS A 238 -24.08 -10.22 -31.48
N THR A 239 -24.97 -9.58 -32.23
CA THR A 239 -26.34 -10.07 -32.32
C THR A 239 -26.92 -10.02 -33.72
N VAL A 240 -26.07 -9.76 -34.72
CA VAL A 240 -26.57 -9.64 -36.07
C VAL A 240 -26.32 -10.87 -36.94
N SER A 241 -26.90 -10.83 -38.13
CA SER A 241 -26.75 -11.85 -39.16
C SER A 241 -27.53 -11.32 -40.35
N PRO A 242 -27.12 -11.71 -41.57
CA PRO A 242 -27.88 -11.34 -42.76
C PRO A 242 -29.39 -11.54 -42.60
N ARG A 243 -29.81 -12.69 -42.06
CA ARG A 243 -31.25 -13.01 -41.95
C ARG A 243 -31.95 -12.10 -40.93
N ALA A 244 -31.30 -11.90 -39.77
CA ALA A 244 -31.83 -11.03 -38.73
C ALA A 244 -32.01 -9.59 -39.22
N LEU A 245 -31.00 -9.07 -39.91
CA LEU A 245 -31.06 -7.73 -40.48
C LEU A 245 -32.17 -7.61 -41.52
N ASP A 246 -32.26 -8.57 -42.43
CA ASP A 246 -33.33 -8.56 -43.45
C ASP A 246 -34.71 -8.69 -42.80
N ASP A 247 -34.84 -9.54 -41.78
CA ASP A 247 -36.10 -9.68 -41.06
C ASP A 247 -36.53 -8.41 -40.35
N PHE A 248 -35.55 -7.75 -39.69
CA PHE A 248 -35.77 -6.44 -39.11
C PHE A 248 -36.29 -5.41 -40.13
N GLU A 249 -35.60 -5.30 -41.27
CA GLU A 249 -36.06 -4.40 -42.34
C GLU A 249 -37.55 -4.61 -42.69
N ALA A 250 -37.96 -5.86 -42.82
CA ALA A 250 -39.32 -6.20 -43.17
C ALA A 250 -40.28 -5.75 -42.06
N LYS A 251 -39.89 -5.97 -40.81
CA LYS A 251 -40.79 -5.67 -39.68
C LYS A 251 -40.94 -4.21 -39.37
N TYR A 252 -39.86 -3.45 -39.46
CA TYR A 252 -39.85 -2.06 -38.99
C TYR A 252 -39.98 -1.06 -40.14
N GLY A 253 -39.90 -1.57 -41.38
CA GLY A 253 -40.12 -0.77 -42.60
C GLY A 253 -38.94 0.05 -43.07
N TYR A 254 -37.77 -0.17 -42.46
CA TYR A 254 -36.56 0.53 -42.87
C TYR A 254 -35.33 -0.34 -42.64
N ARG A 255 -34.31 -0.11 -43.46
CA ARG A 255 -33.08 -0.89 -43.39
C ARG A 255 -32.09 -0.25 -42.40
N LEU A 256 -31.60 -1.02 -41.46
CA LEU A 256 -30.48 -0.55 -40.62
C LEU A 256 -29.21 -0.48 -41.44
N ARG A 257 -28.47 0.64 -41.34
CA ARG A 257 -27.12 0.69 -41.95
C ARG A 257 -26.13 -0.04 -41.05
N PRO A 258 -24.96 -0.43 -41.60
CA PRO A 258 -23.90 -0.92 -40.73
C PRO A 258 -23.53 0.11 -39.64
N GLU A 259 -23.64 1.39 -39.99
CA GLU A 259 -23.40 2.53 -39.14
C GLU A 259 -24.27 2.52 -37.90
N ASP A 260 -25.49 2.00 -38.02
CA ASP A 260 -26.38 1.94 -36.88
C ASP A 260 -25.87 1.00 -35.79
N PHE A 261 -24.81 0.24 -36.13
CA PHE A 261 -24.18 -0.66 -35.16
C PHE A 261 -22.78 -0.18 -34.76
N VAL A 262 -21.92 0.10 -35.74
CA VAL A 262 -20.55 0.53 -35.41
C VAL A 262 -20.56 1.94 -34.84
N ASP A 263 -21.58 2.71 -35.25
CA ASP A 263 -21.86 4.01 -34.63
C ASP A 263 -20.60 4.91 -34.70
N GLY A 264 -19.96 4.97 -35.87
CA GLY A 264 -18.75 5.81 -36.08
C GLY A 264 -17.55 5.41 -35.23
N GLY A 265 -17.61 4.25 -34.59
CA GLY A 265 -16.54 3.76 -33.70
C GLY A 265 -16.91 3.59 -32.23
N ALA A 266 -18.08 4.13 -31.85
CA ALA A 266 -18.60 4.09 -30.48
C ALA A 266 -19.24 2.76 -30.16
N TYR A 267 -19.67 2.06 -31.21
CA TYR A 267 -20.35 0.77 -31.07
C TYR A 267 -21.57 0.85 -30.13
N ASN A 268 -22.27 1.98 -30.12
CA ASN A 268 -23.56 2.12 -29.37
C ASN A 268 -23.40 1.96 -27.84
N SER A 269 -22.25 2.36 -27.33
CA SER A 269 -22.04 2.52 -25.88
C SER A 269 -23.30 3.00 -25.18
N ALA A 270 -23.61 2.43 -24.02
CA ALA A 270 -24.76 2.87 -23.21
C ALA A 270 -24.67 4.36 -22.80
N TRP A 271 -23.47 4.94 -22.92
CA TRP A 271 -23.26 6.36 -22.65
C TRP A 271 -23.72 7.25 -23.79
N ARG A 272 -23.84 6.70 -24.99
CA ARG A 272 -24.30 7.48 -26.14
C ARG A 272 -25.79 7.76 -25.94
N VAL A 273 -26.23 8.98 -26.26
CA VAL A 273 -27.67 9.27 -26.27
C VAL A 273 -28.39 8.27 -27.19
N PRO A 274 -29.32 7.46 -26.64
CA PRO A 274 -29.90 6.35 -27.45
C PRO A 274 -30.58 6.85 -28.72
N ARG A 275 -30.30 6.26 -29.87
CA ARG A 275 -30.96 6.61 -31.11
C ARG A 275 -32.16 5.67 -31.29
N LYS A 276 -33.14 6.08 -32.10
CA LYS A 276 -34.28 5.23 -32.45
C LYS A 276 -33.87 3.85 -32.97
N ALA A 277 -32.89 3.80 -33.86
CA ALA A 277 -32.43 2.52 -34.41
C ALA A 277 -31.92 1.58 -33.31
N GLN A 278 -31.23 2.12 -32.29
CA GLN A 278 -30.81 1.29 -31.18
C GLN A 278 -32.01 0.69 -30.43
N ARG A 279 -33.02 1.52 -30.11
CA ARG A 279 -34.20 1.04 -29.39
C ARG A 279 -35.04 0.05 -30.22
N ASP A 280 -35.17 0.31 -31.53
CA ASP A 280 -35.84 -0.67 -32.41
C ASP A 280 -35.12 -2.03 -32.38
N TRP A 281 -33.79 -2.00 -32.46
CA TRP A 281 -33.01 -3.25 -32.43
C TRP A 281 -33.15 -4.00 -31.11
N ILE A 282 -33.11 -3.27 -30.01
CA ILE A 282 -33.38 -3.89 -28.72
C ILE A 282 -34.78 -4.50 -28.71
N ASP A 283 -35.79 -3.78 -29.22
CA ASP A 283 -37.19 -4.32 -29.21
C ASP A 283 -37.31 -5.64 -30.00
N PHE A 284 -36.75 -5.63 -31.21
CA PHE A 284 -36.69 -6.79 -32.11
C PHE A 284 -35.98 -7.97 -31.46
N LEU A 285 -34.76 -7.72 -30.99
CA LEU A 285 -33.97 -8.77 -30.34
C LEU A 285 -34.62 -9.33 -29.09
N SER A 286 -35.17 -8.46 -28.26
CA SER A 286 -35.75 -8.97 -27.01
C SER A 286 -37.04 -9.72 -27.26
N GLY A 287 -37.81 -9.33 -28.27
CA GLY A 287 -38.95 -10.16 -28.69
C GLY A 287 -38.50 -11.61 -28.97
N PHE A 288 -37.45 -11.75 -29.76
CA PHE A 288 -36.92 -13.07 -30.11
C PHE A 288 -36.27 -13.82 -28.91
N VAL A 289 -35.38 -13.14 -28.19
CA VAL A 289 -34.71 -13.74 -27.02
C VAL A 289 -35.74 -14.21 -25.99
N ARG A 290 -36.69 -13.33 -25.65
CA ARG A 290 -37.69 -13.65 -24.65
C ARG A 290 -38.61 -14.82 -25.03
N GLU A 291 -39.06 -14.91 -26.27
CA GLU A 291 -39.88 -16.08 -26.62
C GLU A 291 -39.09 -17.40 -26.40
N ASN A 292 -37.81 -17.36 -26.73
CA ASN A 292 -36.98 -18.54 -26.59
C ASN A 292 -36.53 -18.87 -25.17
N VAL A 293 -36.31 -17.85 -24.34
CA VAL A 293 -36.03 -18.08 -22.92
C VAL A 293 -37.25 -18.72 -22.26
N LYS A 294 -38.43 -18.19 -22.57
CA LYS A 294 -39.65 -18.78 -22.05
C LYS A 294 -39.72 -20.29 -22.36
N GLN A 295 -39.36 -20.66 -23.60
CA GLN A 295 -39.40 -22.09 -23.97
C GLN A 295 -38.47 -22.92 -23.09
N LEU A 296 -37.22 -22.48 -22.96
CA LEU A 296 -36.27 -23.07 -21.99
C LEU A 296 -36.84 -23.21 -20.58
N ALA A 297 -37.47 -22.15 -20.06
CA ALA A 297 -38.05 -22.17 -18.72
C ALA A 297 -39.23 -23.15 -18.63
N ASP A 298 -40.09 -23.18 -19.65
CA ASP A 298 -41.18 -24.17 -19.74
C ASP A 298 -40.68 -25.60 -19.82
N MET A 299 -39.62 -25.87 -20.58
CA MET A 299 -39.07 -27.21 -20.68
C MET A 299 -38.45 -27.64 -19.35
N SER A 300 -37.78 -26.70 -18.67
CA SER A 300 -37.28 -26.92 -17.30
C SER A 300 -38.40 -27.25 -16.31
N HIS A 301 -39.45 -26.43 -16.29
CA HIS A 301 -40.55 -26.67 -15.37
C HIS A 301 -41.28 -28.01 -15.62
N ALA A 302 -41.41 -28.39 -16.89
CA ALA A 302 -42.07 -29.65 -17.24
C ALA A 302 -41.22 -30.87 -16.83
N ALA A 303 -39.90 -30.71 -16.81
CA ALA A 303 -38.99 -31.74 -16.31
C ALA A 303 -38.83 -31.70 -14.78
N GLY A 304 -39.60 -30.83 -14.11
CA GLY A 304 -39.52 -30.68 -12.65
C GLY A 304 -38.33 -29.87 -12.13
N LYS A 305 -37.77 -29.00 -12.97
CA LYS A 305 -36.61 -28.19 -12.57
C LYS A 305 -36.92 -26.68 -12.52
N GLU A 306 -36.15 -25.95 -11.72
CA GLU A 306 -36.20 -24.48 -11.74
C GLU A 306 -35.26 -23.97 -12.80
N ALA A 307 -35.59 -22.82 -13.39
CA ALA A 307 -34.74 -22.12 -14.35
C ALA A 307 -34.23 -20.83 -13.72
N MET A 308 -32.91 -20.74 -13.58
CA MET A 308 -32.22 -19.62 -12.95
C MET A 308 -31.31 -18.93 -13.98
N MET A 309 -31.39 -17.60 -14.07
CA MET A 309 -30.63 -16.81 -15.04
C MET A 309 -29.44 -16.03 -14.41
N PHE A 310 -28.26 -16.21 -14.96
CA PHE A 310 -27.11 -15.39 -14.60
C PHE A 310 -27.28 -14.01 -15.23
N LEU A 311 -27.26 -12.97 -14.39
CA LEU A 311 -27.26 -11.57 -14.86
C LEU A 311 -25.86 -11.20 -15.38
N GLY A 312 -25.55 -11.61 -16.61
CA GLY A 312 -24.22 -11.44 -17.14
C GLY A 312 -24.05 -12.28 -18.40
N ASP A 313 -22.86 -12.23 -18.97
CA ASP A 313 -22.50 -12.99 -20.19
C ASP A 313 -23.56 -12.89 -21.29
N GLN A 314 -24.19 -14.00 -21.69
CA GLN A 314 -25.19 -13.97 -22.77
C GLN A 314 -26.59 -13.52 -22.33
N TRP A 315 -26.66 -12.32 -21.75
CA TRP A 315 -27.91 -11.83 -21.19
C TRP A 315 -28.60 -10.76 -22.06
N ILE A 316 -28.00 -10.45 -23.21
CA ILE A 316 -28.51 -9.43 -24.14
C ILE A 316 -29.86 -9.89 -24.71
N GLY A 317 -30.84 -8.98 -24.72
CA GLY A 317 -32.19 -9.30 -25.17
C GLY A 317 -33.12 -9.69 -24.04
N THR A 318 -32.62 -10.01 -22.85
CA THR A 318 -33.52 -10.46 -21.77
C THR A 318 -34.29 -9.31 -21.13
N GLU A 319 -33.60 -8.16 -21.01
CA GLU A 319 -34.17 -6.93 -20.46
C GLU A 319 -34.96 -7.16 -19.14
N PRO A 320 -34.24 -7.47 -18.03
CA PRO A 320 -34.85 -7.78 -16.73
C PRO A 320 -35.66 -6.64 -16.11
N TYR A 321 -35.41 -5.40 -16.52
CA TYR A 321 -36.15 -4.27 -15.97
C TYR A 321 -37.21 -3.73 -16.93
N LYS A 322 -37.36 -4.33 -18.12
CA LYS A 322 -38.47 -3.95 -19.01
C LYS A 322 -39.71 -4.78 -18.67
N ASP A 323 -40.87 -4.16 -18.81
CA ASP A 323 -42.15 -4.86 -18.58
C ASP A 323 -42.21 -6.16 -19.36
N GLY A 324 -42.88 -7.15 -18.78
CA GLY A 324 -43.06 -8.47 -19.42
C GLY A 324 -42.05 -9.53 -19.01
N PHE A 325 -41.05 -9.14 -18.23
CA PHE A 325 -40.00 -10.09 -17.79
C PHE A 325 -40.60 -11.21 -16.95
N ASP A 326 -41.59 -10.85 -16.12
CA ASP A 326 -42.33 -11.80 -15.29
C ASP A 326 -43.03 -12.90 -16.10
N GLU A 327 -43.31 -12.64 -17.37
CA GLU A 327 -44.02 -13.61 -18.24
C GLU A 327 -43.11 -14.73 -18.72
N LEU A 328 -41.79 -14.53 -18.62
CA LEU A 328 -40.83 -15.59 -18.96
C LEU A 328 -40.99 -16.80 -18.01
N GLY A 329 -41.39 -16.54 -16.78
CA GLY A 329 -41.51 -17.57 -15.76
C GLY A 329 -40.19 -18.04 -15.16
N LEU A 330 -39.12 -17.25 -15.29
CA LEU A 330 -37.86 -17.57 -14.61
C LEU A 330 -38.07 -17.65 -13.09
N ASP A 331 -37.45 -18.64 -12.46
CA ASP A 331 -37.57 -18.79 -11.01
C ASP A 331 -36.63 -17.82 -10.30
N ALA A 332 -35.49 -17.53 -10.92
CA ALA A 332 -34.45 -16.77 -10.22
C ALA A 332 -33.51 -16.05 -11.16
N VAL A 333 -32.92 -14.99 -10.63
CA VAL A 333 -31.73 -14.38 -11.20
C VAL A 333 -30.59 -14.52 -10.17
N VAL A 334 -29.41 -14.92 -10.65
CA VAL A 334 -28.20 -14.92 -9.84
C VAL A 334 -27.24 -13.95 -10.53
N GLY A 335 -26.44 -13.23 -9.75
CA GLY A 335 -25.46 -12.31 -10.33
C GLY A 335 -24.19 -12.17 -9.49
N SER A 336 -23.16 -11.54 -10.05
CA SER A 336 -21.91 -11.29 -9.31
C SER A 336 -22.05 -10.08 -8.41
N ILE A 337 -21.70 -10.26 -7.14
CA ILE A 337 -21.72 -9.21 -6.16
C ILE A 337 -20.36 -8.54 -6.24
N GLY A 338 -20.31 -7.35 -6.85
CA GLY A 338 -19.05 -6.63 -6.99
C GLY A 338 -18.90 -5.42 -6.07
N ASP A 339 -20.04 -4.92 -5.60
CA ASP A 339 -20.11 -3.71 -4.79
C ASP A 339 -21.62 -3.57 -4.51
N GLY A 340 -22.01 -2.45 -3.89
CA GLY A 340 -23.43 -2.13 -3.61
C GLY A 340 -24.31 -1.98 -4.84
N THR A 341 -23.79 -1.30 -5.87
CA THR A 341 -24.54 -1.00 -7.09
C THR A 341 -24.88 -2.29 -7.83
N THR A 342 -23.88 -3.15 -7.98
CA THR A 342 -24.05 -4.41 -8.67
C THR A 342 -24.95 -5.33 -7.85
N THR A 343 -24.94 -5.19 -6.50
CA THR A 343 -25.89 -5.92 -5.62
C THR A 343 -27.34 -5.49 -5.95
N ARG A 344 -27.55 -4.17 -6.08
CA ARG A 344 -28.89 -3.63 -6.37
C ARG A 344 -29.38 -4.00 -7.76
N MET A 345 -28.46 -4.09 -8.74
CA MET A 345 -28.80 -4.53 -10.09
C MET A 345 -29.60 -5.83 -10.03
N ILE A 346 -29.16 -6.75 -9.17
CA ILE A 346 -29.83 -8.03 -8.96
C ILE A 346 -31.07 -7.88 -8.07
N ALA A 347 -30.88 -7.27 -6.90
CA ALA A 347 -31.89 -7.27 -5.85
C ALA A 347 -33.20 -6.68 -6.30
N ASP A 348 -33.14 -5.62 -7.10
CA ASP A 348 -34.31 -4.85 -7.48
C ASP A 348 -35.08 -5.44 -8.67
N ILE A 349 -34.60 -6.54 -9.25
CA ILE A 349 -35.27 -7.16 -10.41
C ILE A 349 -36.67 -7.70 -10.01
N PRO A 350 -37.72 -7.26 -10.71
CA PRO A 350 -39.07 -7.75 -10.38
C PRO A 350 -39.37 -9.00 -11.24
N GLY A 351 -40.38 -9.77 -10.87
CA GLY A 351 -40.85 -10.83 -11.80
C GLY A 351 -40.14 -12.16 -11.77
N VAL A 352 -39.31 -12.38 -10.74
CA VAL A 352 -38.79 -13.73 -10.45
C VAL A 352 -39.27 -14.08 -9.05
N LYS A 353 -39.21 -15.35 -8.67
CA LYS A 353 -39.57 -15.78 -7.31
C LYS A 353 -38.46 -15.46 -6.30
N TYR A 354 -37.20 -15.49 -6.73
CA TYR A 354 -36.10 -15.22 -5.79
C TYR A 354 -34.86 -14.79 -6.52
N THR A 355 -33.94 -14.18 -5.79
CA THR A 355 -32.69 -13.70 -6.36
C THR A 355 -31.52 -14.24 -5.56
N GLU A 356 -30.35 -14.28 -6.17
CA GLU A 356 -29.20 -14.84 -5.51
C GLU A 356 -27.90 -14.07 -5.82
N GLY A 357 -27.07 -13.87 -4.79
CA GLY A 357 -25.77 -13.25 -4.98
C GLY A 357 -24.67 -14.29 -4.98
N ARG A 358 -23.78 -14.23 -5.97
CA ARG A 358 -22.54 -14.99 -5.93
C ARG A 358 -21.45 -14.03 -5.43
N PHE A 359 -20.99 -14.28 -4.22
CA PHE A 359 -20.07 -13.40 -3.54
C PHE A 359 -18.61 -13.56 -3.93
N LEU A 360 -17.78 -12.64 -3.47
CA LEU A 360 -16.35 -12.68 -3.76
C LEU A 360 -15.62 -13.00 -2.46
N PRO A 361 -14.39 -13.54 -2.55
CA PRO A 361 -13.65 -13.81 -3.78
C PRO A 361 -14.11 -15.09 -4.48
N TYR A 362 -13.91 -15.17 -5.80
CA TYR A 362 -14.06 -16.43 -6.54
C TYR A 362 -12.95 -17.38 -6.02
N PHE A 363 -13.29 -18.66 -5.82
CA PHE A 363 -12.37 -19.63 -5.24
C PHE A 363 -11.35 -20.09 -6.30
N PHE A 364 -10.28 -19.33 -6.48
CA PHE A 364 -9.38 -19.50 -7.61
C PHE A 364 -7.97 -19.14 -7.11
N PRO A 365 -6.93 -19.70 -7.77
CA PRO A 365 -5.54 -19.51 -7.29
C PRO A 365 -5.01 -18.07 -7.35
N ASP A 366 -5.66 -17.20 -8.13
CA ASP A 366 -5.31 -15.76 -8.17
C ASP A 366 -5.59 -15.06 -6.84
N THR A 367 -6.48 -15.63 -6.04
CA THR A 367 -6.77 -15.08 -4.71
C THR A 367 -6.33 -16.04 -3.62
N PHE A 368 -6.52 -17.34 -3.87
CA PHE A 368 -6.23 -18.34 -2.88
C PHE A 368 -4.82 -18.88 -3.12
N TYR A 369 -3.82 -18.11 -2.71
CA TYR A 369 -2.42 -18.51 -2.81
C TYR A 369 -1.72 -18.19 -1.49
N GLU A 370 -0.59 -18.85 -1.23
CA GLU A 370 0.04 -18.76 0.09
C GLU A 370 0.56 -17.35 0.34
N GLY A 371 0.23 -16.82 1.51
CA GLY A 371 0.63 -15.46 1.87
C GLY A 371 -0.41 -14.39 1.61
N ASN A 372 -1.48 -14.75 0.89
CA ASN A 372 -2.60 -13.83 0.70
C ASN A 372 -3.61 -14.09 1.80
N ASP A 373 -4.39 -13.09 2.19
CA ASP A 373 -5.42 -13.28 3.21
C ASP A 373 -6.81 -13.01 2.61
N PRO A 374 -7.38 -14.00 1.91
CA PRO A 374 -8.68 -13.82 1.25
C PRO A 374 -9.85 -13.44 2.17
N SER A 375 -9.72 -13.63 3.50
CA SER A 375 -10.79 -13.26 4.44
C SER A 375 -11.09 -11.74 4.46
N ILE A 376 -10.05 -10.93 4.25
CA ILE A 376 -10.19 -9.48 4.18
C ILE A 376 -11.11 -9.12 3.01
N GLU A 377 -10.79 -9.60 1.80
CA GLU A 377 -11.68 -9.39 0.65
C GLU A 377 -13.07 -10.03 0.86
N GLY A 378 -13.13 -11.22 1.46
CA GLY A 378 -14.42 -11.86 1.71
C GLY A 378 -15.33 -10.96 2.55
N LEU A 379 -14.76 -10.38 3.61
CA LEU A 379 -15.55 -9.57 4.52
C LEU A 379 -15.82 -8.17 3.98
N ASP A 380 -14.89 -7.63 3.21
CA ASP A 380 -15.09 -6.37 2.52
C ASP A 380 -16.27 -6.45 1.50
N ASN A 381 -16.31 -7.53 0.73
CA ASN A 381 -17.38 -7.75 -0.24
C ASN A 381 -18.72 -7.86 0.51
N TRP A 382 -18.75 -8.59 1.63
CA TRP A 382 -19.95 -8.69 2.44
C TRP A 382 -20.42 -7.30 2.94
N ARG A 383 -19.52 -6.53 3.55
CA ARG A 383 -19.87 -5.18 3.99
C ARG A 383 -20.51 -4.32 2.89
N LYS A 384 -19.90 -4.30 1.70
CA LYS A 384 -20.40 -3.53 0.54
C LYS A 384 -21.81 -3.94 0.09
N ALA A 385 -22.06 -5.25 0.05
CA ALA A 385 -23.38 -5.82 -0.35
C ALA A 385 -24.44 -5.67 0.74
N ARG A 386 -24.03 -5.81 2.01
CA ARG A 386 -24.94 -5.76 3.16
C ARG A 386 -25.67 -4.42 3.30
N ARG A 387 -24.93 -3.33 3.14
CA ARG A 387 -25.57 -2.03 3.18
C ARG A 387 -26.66 -1.85 2.09
N ALA A 388 -26.43 -2.40 0.91
CA ALA A 388 -27.45 -2.44 -0.17
C ALA A 388 -28.56 -3.44 0.09
N ILE A 389 -28.22 -4.58 0.66
CA ILE A 389 -29.21 -5.65 0.96
C ILE A 389 -30.26 -5.19 1.97
N LEU A 390 -29.86 -4.36 2.93
CA LEU A 390 -30.81 -3.80 3.89
C LEU A 390 -31.92 -2.99 3.20
N ARG A 391 -31.60 -2.39 2.05
CA ARG A 391 -32.53 -1.51 1.33
C ARG A 391 -33.31 -2.31 0.32
N SER A 392 -32.71 -3.40 -0.14
CA SER A 392 -33.35 -4.28 -1.10
C SER A 392 -32.77 -5.69 -0.91
N PRO A 393 -33.49 -6.54 -0.18
CA PRO A 393 -33.12 -7.93 0.14
C PRO A 393 -32.84 -8.81 -1.08
N ILE A 394 -31.76 -9.59 -1.02
CA ILE A 394 -31.62 -10.71 -1.94
C ILE A 394 -31.96 -11.97 -1.17
N SER A 395 -32.53 -12.96 -1.85
CA SER A 395 -32.99 -14.15 -1.18
C SER A 395 -31.85 -15.05 -0.69
N ARG A 396 -30.77 -15.17 -1.47
CA ARG A 396 -29.73 -16.17 -1.17
C ARG A 396 -28.32 -15.64 -1.46
N MET A 397 -27.32 -16.34 -0.93
CA MET A 397 -25.92 -16.05 -1.21
C MET A 397 -25.23 -17.34 -1.57
N GLY A 398 -23.96 -17.23 -1.94
CA GLY A 398 -23.14 -18.39 -2.27
C GLY A 398 -21.83 -17.96 -2.89
N TYR A 399 -21.02 -18.95 -3.28
CA TYR A 399 -19.70 -18.70 -3.82
C TYR A 399 -19.50 -19.63 -5.00
N GLY A 400 -18.56 -19.29 -5.87
CA GLY A 400 -18.21 -20.13 -7.00
C GLY A 400 -16.76 -20.53 -6.97
N GLY A 401 -16.44 -21.57 -7.74
CA GLY A 401 -15.06 -21.96 -7.99
C GLY A 401 -14.66 -23.25 -7.31
N TYR A 402 -13.41 -23.34 -6.89
CA TYR A 402 -12.88 -24.61 -6.39
C TYR A 402 -12.87 -24.63 -4.89
N LEU A 403 -13.81 -25.39 -4.32
CA LEU A 403 -13.93 -25.53 -2.89
C LEU A 403 -12.62 -25.99 -2.24
N SER A 404 -11.85 -26.78 -3.00
CA SER A 404 -10.60 -27.33 -2.50
C SER A 404 -9.56 -26.25 -2.27
N LEU A 405 -9.67 -25.14 -3.02
CA LEU A 405 -8.83 -23.99 -2.77
C LEU A 405 -9.21 -23.32 -1.46
N ALA A 406 -10.50 -23.00 -1.28
CA ALA A 406 -10.96 -22.31 -0.07
C ALA A 406 -10.69 -23.10 1.21
N ALA A 407 -10.78 -24.42 1.10
CA ALA A 407 -10.64 -25.32 2.25
C ALA A 407 -9.25 -25.21 2.93
N LYS A 408 -8.23 -24.80 2.16
CA LYS A 408 -6.85 -24.66 2.66
C LYS A 408 -6.65 -23.38 3.47
N PHE A 409 -7.71 -22.58 3.62
CA PHE A 409 -7.61 -21.29 4.26
C PHE A 409 -8.61 -21.22 5.40
N PRO A 410 -8.22 -21.76 6.58
CA PRO A 410 -9.11 -21.85 7.76
C PRO A 410 -9.68 -20.49 8.20
N LYS A 411 -8.88 -19.43 8.11
CA LYS A 411 -9.36 -18.10 8.45
C LYS A 411 -10.50 -17.66 7.52
N PHE A 412 -10.32 -17.93 6.23
CA PHE A 412 -11.36 -17.64 5.26
C PHE A 412 -12.62 -18.47 5.54
N VAL A 413 -12.42 -19.79 5.78
CA VAL A 413 -13.52 -20.71 6.05
C VAL A 413 -14.36 -20.23 7.24
N ASP A 414 -13.70 -19.77 8.30
CA ASP A 414 -14.38 -19.22 9.47
C ASP A 414 -15.08 -17.87 9.22
N THR A 415 -14.50 -17.07 8.34
CA THR A 415 -15.08 -15.79 7.93
C THR A 415 -16.40 -16.06 7.16
N VAL A 416 -16.39 -17.05 6.26
CA VAL A 416 -17.61 -17.42 5.54
C VAL A 416 -18.67 -17.89 6.51
N THR A 417 -18.28 -18.64 7.55
CA THR A 417 -19.27 -19.14 8.52
C THR A 417 -20.02 -17.98 9.13
N HIS A 418 -19.26 -16.94 9.47
CA HIS A 418 -19.79 -15.73 10.07
C HIS A 418 -20.75 -15.00 9.11
N ILE A 419 -20.32 -14.88 7.86
CA ILE A 419 -21.11 -14.18 6.84
C ILE A 419 -22.43 -14.90 6.56
N ALA A 420 -22.38 -16.22 6.43
CA ALA A 420 -23.57 -17.03 6.14
C ALA A 420 -24.58 -16.88 7.29
N ASN A 421 -24.06 -16.93 8.52
CA ASN A 421 -24.89 -16.79 9.69
C ASN A 421 -25.54 -15.40 9.77
N GLU A 422 -24.79 -14.36 9.40
CA GLU A 422 -25.31 -13.02 9.49
C GLU A 422 -26.33 -12.75 8.37
N PHE A 423 -26.05 -13.30 7.18
CA PHE A 423 -26.96 -13.22 6.04
C PHE A 423 -28.34 -13.79 6.42
N ARG A 424 -28.37 -14.99 7.00
CA ARG A 424 -29.62 -15.63 7.44
C ARG A 424 -30.26 -14.84 8.58
N ASP A 425 -29.45 -14.37 9.53
CA ASP A 425 -29.99 -13.60 10.63
C ASP A 425 -30.70 -12.30 10.20
N ILE A 426 -30.10 -11.54 9.29
CA ILE A 426 -30.78 -10.36 8.73
C ILE A 426 -32.12 -10.77 8.10
N HIS A 427 -32.13 -11.90 7.39
CA HIS A 427 -33.35 -12.37 6.78
C HIS A 427 -34.41 -12.80 7.79
N ASP A 428 -34.01 -13.50 8.85
CA ASP A 428 -34.99 -13.94 9.84
C ASP A 428 -35.49 -12.78 10.70
N ARG A 429 -34.72 -11.71 10.83
CA ARG A 429 -35.17 -10.58 11.66
C ARG A 429 -36.08 -9.60 10.88
N THR A 430 -35.79 -9.40 9.60
CA THR A 430 -36.51 -8.42 8.77
C THR A 430 -37.66 -9.11 8.01
N GLY A 431 -37.63 -10.43 8.00
CA GLY A 431 -38.58 -11.23 7.21
C GLY A 431 -38.49 -10.97 5.71
N GLY A 432 -37.32 -10.54 5.24
CA GLY A 432 -37.09 -10.27 3.82
C GLY A 432 -37.70 -8.99 3.28
N VAL A 433 -38.15 -8.13 4.18
CA VAL A 433 -38.72 -6.83 3.82
C VAL A 433 -37.61 -5.78 3.76
N ALA A 434 -37.71 -4.85 2.81
CA ALA A 434 -36.82 -3.70 2.67
C ALA A 434 -36.93 -2.74 3.87
N ALA A 435 -35.82 -2.09 4.23
CA ALA A 435 -35.88 -1.01 5.23
C ALA A 435 -36.75 0.15 4.77
N GLU A 436 -37.32 0.87 5.72
CA GLU A 436 -38.06 2.11 5.43
C GLU A 436 -37.15 3.20 4.81
N GLY A 437 -37.62 3.81 3.73
CA GLY A 437 -36.88 4.86 3.01
C GLY A 437 -37.40 6.23 3.39
N GLU A 438 -36.48 7.15 3.68
CA GLU A 438 -36.84 8.45 4.26
C GLU A 438 -37.18 9.55 3.23
N LEU A 439 -36.81 9.32 1.97
CA LEU A 439 -37.03 10.24 0.84
C LEU A 439 -37.19 9.41 -0.43
N ASN A 440 -37.91 9.95 -1.39
CA ASN A 440 -38.06 9.32 -2.71
C ASN A 440 -37.20 10.07 -3.71
N VAL A 441 -36.18 9.38 -4.19
CA VAL A 441 -35.20 10.00 -5.05
C VAL A 441 -35.30 9.34 -6.41
N ALA A 442 -35.36 10.14 -7.47
CA ALA A 442 -35.35 9.60 -8.81
C ALA A 442 -34.09 10.03 -9.58
N ILE A 443 -33.36 9.04 -10.11
CA ILE A 443 -32.31 9.32 -11.10
C ILE A 443 -32.96 9.50 -12.48
N LEU A 444 -32.72 10.64 -13.10
CA LEU A 444 -33.26 10.96 -14.41
C LEU A 444 -32.21 10.89 -15.52
N ASN A 445 -32.50 10.12 -16.58
CA ASN A 445 -31.58 10.01 -17.72
C ASN A 445 -32.35 9.48 -18.93
N SER A 446 -31.67 9.27 -20.04
CA SER A 446 -32.31 8.78 -21.29
C SER A 446 -32.89 7.36 -21.16
N TRP A 447 -32.29 6.54 -20.30
CA TRP A 447 -32.67 5.12 -20.25
C TRP A 447 -33.80 4.83 -19.29
N GLY A 448 -33.76 5.43 -18.10
CA GLY A 448 -34.81 5.17 -17.09
C GLY A 448 -34.75 3.77 -16.51
N LYS A 449 -35.92 3.20 -16.27
CA LYS A 449 -36.09 1.98 -15.49
C LYS A 449 -35.40 0.75 -16.12
N MET A 450 -35.36 0.68 -17.45
CA MET A 450 -34.72 -0.41 -18.15
C MET A 450 -33.23 -0.55 -17.81
N ARG A 451 -32.60 0.54 -17.37
CA ARG A 451 -31.22 0.45 -16.89
C ARG A 451 -31.07 0.85 -15.44
N SER A 452 -32.00 0.40 -14.60
CA SER A 452 -31.92 0.59 -13.15
C SER A 452 -30.60 0.05 -12.59
N TRP A 453 -29.88 0.90 -11.86
CA TRP A 453 -28.59 0.56 -11.23
C TRP A 453 -27.46 0.34 -12.24
N MET A 454 -27.72 0.68 -13.49
CA MET A 454 -26.80 0.31 -14.58
C MET A 454 -26.17 1.51 -15.25
N ALA A 455 -26.58 2.69 -14.82
CA ALA A 455 -26.00 3.94 -15.30
C ALA A 455 -24.51 4.04 -14.95
N PHE A 456 -23.74 4.63 -15.86
CA PHE A 456 -22.30 4.84 -15.72
C PHE A 456 -21.42 3.58 -15.83
N THR A 457 -22.00 2.43 -16.12
CA THR A 457 -21.21 1.21 -16.29
C THR A 457 -20.68 1.11 -17.73
N VAL A 458 -19.42 0.70 -17.86
CA VAL A 458 -18.85 0.31 -19.14
C VAL A 458 -18.63 -1.21 -19.04
N ALA A 459 -17.59 -1.63 -18.33
CA ALA A 459 -17.39 -3.03 -17.94
C ALA A 459 -17.99 -3.22 -16.55
N HIS A 460 -18.65 -4.36 -16.32
CA HIS A 460 -19.28 -4.67 -15.04
C HIS A 460 -18.32 -4.54 -13.84
N ALA A 461 -18.72 -3.75 -12.84
CA ALA A 461 -17.97 -3.60 -11.59
C ALA A 461 -16.55 -3.04 -11.76
N LEU A 462 -16.26 -2.38 -12.88
CA LEU A 462 -14.93 -1.75 -13.10
C LEU A 462 -14.99 -0.22 -13.41
N PRO A 463 -15.41 0.57 -12.41
CA PRO A 463 -15.37 2.03 -12.68
C PRO A 463 -13.93 2.46 -12.94
N ASN A 464 -13.74 3.53 -13.68
CA ASN A 464 -12.38 3.93 -14.07
C ASN A 464 -12.29 5.46 -13.99
N LYS A 465 -11.14 6.03 -14.37
CA LYS A 465 -10.92 7.48 -14.35
C LYS A 465 -12.10 8.26 -14.95
N GLN A 466 -12.59 7.79 -16.09
CA GLN A 466 -13.65 8.50 -16.79
C GLN A 466 -15.01 8.40 -16.12
N THR A 467 -15.22 7.39 -15.29
CA THR A 467 -16.60 7.16 -14.83
C THR A 467 -16.79 7.24 -13.30
N TYR A 468 -15.71 7.14 -12.53
CA TYR A 468 -15.83 6.94 -11.07
C TYR A 468 -16.50 8.13 -10.35
N SER A 469 -16.33 9.34 -10.90
CA SER A 469 -16.96 10.53 -10.29
C SER A 469 -18.49 10.51 -10.39
N TYR A 470 -19.04 9.69 -11.30
CA TYR A 470 -20.48 9.54 -11.46
C TYR A 470 -21.01 8.22 -10.93
N TYR A 471 -20.24 7.15 -11.13
CA TYR A 471 -20.59 5.84 -10.56
C TYR A 471 -20.72 5.96 -9.04
N GLY A 472 -19.89 6.78 -8.41
CA GLY A 472 -19.96 7.01 -6.95
C GLY A 472 -21.32 7.49 -6.44
N ILE A 473 -22.07 8.21 -7.29
CA ILE A 473 -23.47 8.57 -6.99
C ILE A 473 -24.29 7.31 -6.73
N LEU A 474 -24.28 6.35 -7.67
CA LEU A 474 -25.02 5.10 -7.51
C LEU A 474 -24.49 4.27 -6.31
N GLU A 475 -23.17 4.17 -6.17
CA GLU A 475 -22.61 3.42 -5.05
C GLU A 475 -23.06 4.02 -3.71
N SER A 476 -23.10 5.34 -3.61
CA SER A 476 -23.53 5.99 -2.36
C SER A 476 -25.01 5.65 -2.11
N LEU A 477 -25.84 5.79 -3.16
CA LEU A 477 -27.26 5.53 -3.04
C LEU A 477 -27.62 4.08 -2.76
N SER A 478 -26.84 3.15 -3.32
CA SER A 478 -27.12 1.72 -3.23
C SER A 478 -27.43 1.22 -1.82
N GLY A 479 -26.74 1.76 -0.81
CA GLY A 479 -27.04 1.39 0.58
C GLY A 479 -27.63 2.51 1.42
N MET A 480 -28.03 3.61 0.77
CA MET A 480 -28.47 4.79 1.50
C MET A 480 -29.94 4.66 1.97
N ARG A 481 -30.28 5.28 3.10
CA ARG A 481 -31.64 5.16 3.68
C ARG A 481 -32.75 5.95 2.94
N VAL A 482 -32.78 5.85 1.60
CA VAL A 482 -33.81 6.53 0.79
C VAL A 482 -34.32 5.54 -0.27
N ASN A 483 -35.45 5.84 -0.91
CA ASN A 483 -36.03 4.99 -1.95
C ASN A 483 -35.57 5.53 -3.30
N VAL A 484 -34.91 4.70 -4.08
CA VAL A 484 -34.32 5.17 -5.35
C VAL A 484 -35.00 4.52 -6.54
N ARG A 485 -35.46 5.31 -7.50
CA ARG A 485 -36.06 4.79 -8.74
C ARG A 485 -35.33 5.45 -9.90
N PHE A 486 -35.48 4.88 -11.09
CA PHE A 486 -34.79 5.36 -12.26
C PHE A 486 -35.85 5.75 -13.29
N ILE A 487 -35.79 6.99 -13.78
CA ILE A 487 -36.80 7.53 -14.70
C ILE A 487 -36.16 8.14 -15.93
N SER A 488 -36.90 8.06 -17.03
CA SER A 488 -36.47 8.56 -18.33
C SER A 488 -37.10 9.90 -18.66
N PHE A 489 -36.45 10.64 -19.56
CA PHE A 489 -37.03 11.84 -20.13
C PHE A 489 -38.38 11.56 -20.79
N ASP A 490 -38.52 10.42 -21.45
CA ASP A 490 -39.83 10.06 -22.04
C ASP A 490 -40.95 9.94 -21.01
N ASP A 491 -40.64 9.38 -19.84
CA ASP A 491 -41.59 9.29 -18.71
C ASP A 491 -42.03 10.69 -18.34
N VAL A 492 -41.06 11.60 -18.23
CA VAL A 492 -41.31 12.94 -17.70
C VAL A 492 -42.11 13.79 -18.71
N LEU A 493 -41.77 13.68 -19.99
CA LEU A 493 -42.49 14.35 -21.06
C LEU A 493 -43.92 13.80 -21.24
N ALA A 494 -44.09 12.49 -21.11
CA ALA A 494 -45.43 11.87 -21.23
C ALA A 494 -46.33 12.17 -20.02
N HIS A 495 -45.76 12.12 -18.80
CA HIS A 495 -46.59 12.09 -17.57
C HIS A 495 -46.26 13.12 -16.49
N GLY A 496 -45.26 13.95 -16.71
CA GLY A 496 -44.81 14.89 -15.68
C GLY A 496 -44.00 14.15 -14.64
N ILE A 497 -43.71 14.82 -13.54
CA ILE A 497 -42.95 14.23 -12.47
C ILE A 497 -43.90 13.65 -11.42
N ASP A 498 -43.80 12.35 -11.15
CA ASP A 498 -44.66 11.70 -10.14
C ASP A 498 -44.66 12.48 -8.83
N SER A 499 -45.85 12.52 -8.21
CA SER A 499 -46.09 13.42 -7.09
C SER A 499 -45.41 12.95 -5.80
N ASP A 500 -44.98 11.69 -5.75
CA ASP A 500 -44.28 11.21 -4.56
C ASP A 500 -42.77 11.50 -4.54
N ILE A 501 -42.22 11.93 -5.67
CA ILE A 501 -40.78 12.19 -5.79
C ILE A 501 -40.34 13.41 -4.99
N ASP A 502 -39.34 13.24 -4.12
CA ASP A 502 -38.76 14.36 -3.41
C ASP A 502 -37.60 15.00 -4.13
N VAL A 503 -36.75 14.18 -4.75
CA VAL A 503 -35.51 14.70 -5.37
C VAL A 503 -35.25 14.05 -6.72
N ILE A 504 -34.89 14.86 -7.69
CA ILE A 504 -34.46 14.35 -8.97
C ILE A 504 -32.95 14.62 -9.09
N ILE A 505 -32.20 13.62 -9.55
CA ILE A 505 -30.77 13.74 -9.73
C ILE A 505 -30.53 13.56 -11.21
N ASN A 506 -29.78 14.49 -11.81
CA ASN A 506 -29.33 14.36 -13.19
C ASN A 506 -27.83 14.54 -13.19
N GLY A 507 -27.09 13.52 -13.63
CA GLY A 507 -25.62 13.55 -13.51
C GLY A 507 -24.91 13.02 -14.73
N GLY A 508 -23.71 13.53 -15.01
CA GLY A 508 -22.91 13.03 -16.12
C GLY A 508 -22.25 14.14 -16.89
N PRO A 509 -21.45 13.78 -17.92
CA PRO A 509 -20.86 14.73 -18.86
C PRO A 509 -21.85 15.10 -19.95
N VAL A 510 -21.57 16.21 -20.64
CA VAL A 510 -22.37 16.69 -21.76
C VAL A 510 -22.47 15.60 -22.85
N ASP A 511 -23.62 15.56 -23.53
CA ASP A 511 -23.84 14.72 -24.73
C ASP A 511 -23.77 13.23 -24.44
N THR A 512 -24.29 12.83 -23.29
CA THR A 512 -24.39 11.44 -22.95
C THR A 512 -25.81 11.10 -22.57
N ALA A 513 -26.14 9.81 -22.60
CA ALA A 513 -27.45 9.32 -22.13
C ALA A 513 -27.75 9.76 -20.71
N PHE A 514 -26.70 10.00 -19.93
CA PHE A 514 -26.88 10.24 -18.52
C PHE A 514 -27.23 11.70 -18.18
N THR A 515 -26.75 12.63 -18.98
CA THR A 515 -27.23 14.00 -18.83
C THR A 515 -28.47 14.20 -19.70
N GLY A 516 -28.37 13.78 -20.97
CA GLY A 516 -29.52 13.69 -21.83
C GLY A 516 -29.38 14.30 -23.19
N GLY A 517 -28.33 15.10 -23.42
CA GLY A 517 -28.14 15.68 -24.74
C GLY A 517 -29.27 16.65 -25.08
N ASP A 518 -29.68 16.68 -26.35
CA ASP A 518 -30.49 17.79 -26.85
C ASP A 518 -31.92 17.78 -26.37
N VAL A 519 -32.31 16.75 -25.63
CA VAL A 519 -33.58 16.74 -24.90
C VAL A 519 -33.73 18.02 -24.05
N TRP A 520 -32.62 18.57 -23.57
CA TRP A 520 -32.66 19.77 -22.72
C TRP A 520 -32.95 21.08 -23.46
N THR A 521 -32.95 20.99 -24.80
CA THR A 521 -33.46 22.05 -25.65
C THR A 521 -34.98 21.91 -25.88
N ASN A 522 -35.60 20.86 -25.39
CA ASN A 522 -37.05 20.73 -25.48
C ASN A 522 -37.72 21.56 -24.37
N PRO A 523 -38.37 22.70 -24.74
CA PRO A 523 -38.94 23.62 -23.74
C PRO A 523 -39.87 22.93 -22.75
N LYS A 524 -40.57 21.90 -23.17
CA LYS A 524 -41.48 21.19 -22.27
C LYS A 524 -40.76 20.45 -21.14
N LEU A 525 -39.57 19.93 -21.39
CA LEU A 525 -38.79 19.32 -20.31
C LEU A 525 -38.37 20.41 -19.31
N VAL A 526 -37.83 21.51 -19.84
CA VAL A 526 -37.35 22.62 -19.01
C VAL A 526 -38.50 23.21 -18.19
N GLU A 527 -39.64 23.44 -18.83
CA GLU A 527 -40.86 23.88 -18.15
C GLU A 527 -41.26 22.98 -16.99
N THR A 528 -41.32 21.67 -17.25
CA THR A 528 -41.79 20.67 -16.30
C THR A 528 -40.87 20.64 -15.07
N VAL A 529 -39.55 20.62 -15.28
CA VAL A 529 -38.64 20.55 -14.15
C VAL A 529 -38.64 21.85 -13.33
N ARG A 530 -38.60 22.99 -14.02
CA ARG A 530 -38.60 24.29 -13.35
C ARG A 530 -39.87 24.50 -12.50
N ALA A 531 -41.04 24.20 -13.07
CA ALA A 531 -42.28 24.37 -12.34
C ALA A 531 -42.31 23.46 -11.14
N TRP A 532 -41.84 22.22 -11.30
CA TRP A 532 -41.76 21.29 -10.19
C TRP A 532 -40.80 21.76 -9.09
N VAL A 533 -39.59 22.21 -9.45
CA VAL A 533 -38.73 22.74 -8.40
C VAL A 533 -39.35 23.98 -7.71
N ARG A 534 -39.87 24.91 -8.52
CA ARG A 534 -40.48 26.14 -7.96
C ARG A 534 -41.57 25.80 -6.95
N GLY A 535 -42.28 24.71 -7.23
CA GLY A 535 -43.36 24.20 -6.37
C GLY A 535 -42.91 23.39 -5.15
N GLY A 536 -41.60 23.16 -5.01
CA GLY A 536 -41.06 22.52 -3.79
C GLY A 536 -40.23 21.26 -4.03
N GLY A 537 -40.03 20.91 -5.30
CA GLY A 537 -39.15 19.82 -5.66
C GLY A 537 -37.68 20.17 -5.41
N ALA A 538 -36.80 19.22 -5.63
CA ALA A 538 -35.38 19.41 -5.42
C ALA A 538 -34.67 18.81 -6.61
N PHE A 539 -33.76 19.58 -7.22
CA PHE A 539 -33.01 19.09 -8.37
C PHE A 539 -31.54 19.09 -8.01
N VAL A 540 -30.92 17.92 -8.09
CA VAL A 540 -29.47 17.83 -7.80
C VAL A 540 -28.74 17.52 -9.12
N GLY A 541 -27.81 18.39 -9.52
CA GLY A 541 -27.11 18.22 -10.79
C GLY A 541 -25.65 17.90 -10.54
N VAL A 542 -25.13 16.87 -11.19
CA VAL A 542 -23.74 16.47 -10.94
C VAL A 542 -22.93 16.50 -12.24
N GLY A 543 -21.77 17.15 -12.20
CA GLY A 543 -20.90 17.19 -13.38
C GLY A 543 -21.33 18.27 -14.35
N GLU A 544 -22.05 17.86 -15.40
CA GLU A 544 -22.58 18.76 -16.42
C GLU A 544 -24.10 18.53 -16.61
N PRO A 545 -24.89 18.73 -15.54
CA PRO A 545 -26.32 18.45 -15.60
C PRO A 545 -27.04 19.39 -16.56
N SER A 546 -28.06 18.87 -17.22
CA SER A 546 -28.92 19.63 -18.14
C SER A 546 -28.16 20.32 -19.28
N SER A 547 -26.95 19.83 -19.57
CA SER A 547 -26.08 20.50 -20.53
C SER A 547 -26.51 20.33 -21.99
N ALA A 548 -26.35 21.39 -22.78
CA ALA A 548 -26.70 21.34 -24.18
C ALA A 548 -25.79 22.28 -24.91
N PRO A 549 -24.88 21.73 -25.74
CA PRO A 549 -23.93 22.61 -26.45
C PRO A 549 -24.58 23.46 -27.54
N ARG A 550 -24.03 24.65 -27.72
CA ARG A 550 -24.39 25.57 -28.80
C ARG A 550 -25.80 26.13 -28.75
N PHE A 551 -26.70 25.54 -27.98
CA PHE A 551 -28.10 25.98 -28.05
C PHE A 551 -28.29 27.43 -27.61
N GLN A 552 -27.66 27.82 -26.49
CA GLN A 552 -27.61 29.22 -26.05
C GLN A 552 -26.17 29.61 -25.83
N THR A 553 -25.73 30.70 -26.46
CA THR A 553 -24.36 31.19 -26.29
C THR A 553 -23.99 31.46 -24.83
N GLY A 554 -24.96 31.91 -24.03
CA GLY A 554 -24.67 32.36 -22.67
C GLY A 554 -25.13 31.42 -21.56
N ARG A 555 -25.54 30.20 -21.94
CA ARG A 555 -26.06 29.25 -20.98
C ARG A 555 -25.80 27.83 -21.49
N PHE A 556 -24.95 27.09 -20.79
CA PHE A 556 -24.57 25.71 -21.20
C PHE A 556 -25.45 24.71 -20.45
N PHE A 557 -25.43 24.75 -19.12
CA PHE A 557 -26.39 24.01 -18.29
C PHE A 557 -27.73 24.71 -18.42
N GLN A 558 -28.73 24.02 -18.98
CA GLN A 558 -30.00 24.67 -19.29
C GLN A 558 -30.75 25.05 -18.01
N LEU A 559 -30.61 24.23 -16.98
CA LEU A 559 -31.14 24.56 -15.68
C LEU A 559 -30.07 25.22 -14.75
N ALA A 560 -29.12 25.95 -15.33
CA ALA A 560 -28.21 26.74 -14.51
C ALA A 560 -28.95 27.64 -13.51
N ASP A 561 -30.14 28.14 -13.90
CA ASP A 561 -30.93 29.00 -12.98
C ASP A 561 -31.39 28.24 -11.73
N VAL A 562 -31.69 26.96 -11.87
CA VAL A 562 -32.14 26.15 -10.74
C VAL A 562 -30.98 25.85 -9.76
N ILE A 563 -29.85 25.40 -10.27
CA ILE A 563 -28.80 24.97 -9.39
C ILE A 563 -27.79 26.05 -9.03
N GLY A 564 -27.83 27.16 -9.79
CA GLY A 564 -27.06 28.35 -9.48
C GLY A 564 -25.66 28.43 -10.06
N VAL A 565 -25.35 27.47 -10.92
CA VAL A 565 -24.01 27.30 -11.45
C VAL A 565 -24.11 27.03 -12.95
N ASP A 566 -23.19 27.59 -13.74
CA ASP A 566 -23.03 27.18 -15.12
C ASP A 566 -21.55 26.95 -15.37
N GLU A 567 -21.26 26.36 -16.53
CA GLU A 567 -19.91 26.11 -16.98
C GLU A 567 -19.53 27.08 -18.07
N GLU A 568 -18.42 27.81 -17.86
CA GLU A 568 -17.83 28.66 -18.91
C GLU A 568 -17.31 27.79 -20.08
N ARG A 569 -17.72 28.09 -21.32
CA ARG A 569 -17.37 27.27 -22.47
C ARG A 569 -16.54 28.08 -23.47
N TYR A 570 -15.90 29.09 -22.90
CA TYR A 570 -15.07 30.05 -23.62
C TYR A 570 -15.85 30.95 -24.58
N GLN A 571 -17.17 31.00 -24.43
CA GLN A 571 -17.99 31.95 -25.17
C GLN A 571 -18.24 33.26 -24.40
N THR A 572 -18.08 33.21 -23.07
CA THR A 572 -18.46 34.34 -22.19
C THR A 572 -17.29 34.95 -21.39
N LEU A 573 -16.08 34.91 -21.96
CA LEU A 573 -14.89 35.42 -21.27
C LEU A 573 -14.90 36.94 -21.11
N SER A 574 -15.66 37.63 -21.94
CA SER A 574 -15.80 39.07 -21.75
C SER A 574 -16.61 39.47 -20.50
N VAL A 575 -17.46 38.55 -20.01
CA VAL A 575 -18.29 38.79 -18.82
C VAL A 575 -17.57 38.41 -17.50
N ASP A 576 -17.22 39.41 -16.68
CA ASP A 576 -16.49 39.15 -15.44
C ASP A 576 -17.34 38.28 -14.55
N LYS A 577 -16.72 37.24 -13.97
CA LYS A 577 -17.44 36.39 -13.02
C LYS A 577 -17.13 36.80 -11.57
N TYR A 578 -18.18 37.01 -10.80
CA TYR A 578 -18.09 37.43 -9.39
C TYR A 578 -18.65 36.34 -8.48
N PHE A 579 -17.79 35.77 -7.63
CA PHE A 579 -18.14 34.66 -6.77
C PHE A 579 -18.47 35.24 -5.37
N PRO A 580 -19.66 34.90 -4.83
CA PRO A 580 -19.86 35.30 -3.44
C PRO A 580 -18.92 34.57 -2.47
N PRO A 581 -18.76 35.11 -1.24
CA PRO A 581 -17.89 34.40 -0.29
C PRO A 581 -18.41 32.97 -0.01
N VAL A 582 -17.51 32.01 0.12
CA VAL A 582 -17.90 30.64 0.48
C VAL A 582 -18.44 30.58 1.92
N VAL A 583 -19.45 29.74 2.12
CA VAL A 583 -20.04 29.47 3.43
C VAL A 583 -19.49 28.13 3.95
N PRO A 584 -18.45 28.17 4.81
CA PRO A 584 -17.79 26.96 5.26
C PRO A 584 -18.66 26.12 6.20
N ASP A 585 -19.51 26.74 7.01
CA ASP A 585 -20.40 26.03 7.95
C ASP A 585 -21.80 25.96 7.38
N HIS A 586 -22.30 24.75 7.13
CA HIS A 586 -23.58 24.59 6.50
C HIS A 586 -24.04 23.17 6.80
N PHE A 587 -25.36 22.98 6.89
CA PHE A 587 -25.94 21.65 7.00
C PHE A 587 -25.28 20.58 6.10
N ILE A 588 -25.05 20.91 4.83
CA ILE A 588 -24.61 19.91 3.86
C ILE A 588 -23.20 19.40 4.19
N THR A 589 -22.34 20.32 4.64
CA THR A 589 -20.94 20.00 4.94
C THR A 589 -20.66 19.72 6.44
N ALA A 590 -21.73 19.53 7.21
CA ALA A 590 -21.62 19.43 8.68
C ALA A 590 -20.78 18.25 9.15
N ASP A 591 -20.71 17.20 8.35
CA ASP A 591 -19.92 16.01 8.72
C ASP A 591 -18.53 15.97 8.07
N VAL A 592 -18.16 16.97 7.27
CA VAL A 592 -16.82 17.00 6.67
C VAL A 592 -15.74 17.25 7.75
N PRO A 593 -14.69 16.39 7.84
CA PRO A 593 -13.67 16.60 8.88
C PRO A 593 -13.05 18.00 8.76
N VAL A 594 -12.95 18.72 9.87
CA VAL A 594 -12.29 20.02 9.86
C VAL A 594 -10.78 19.83 9.94
N ASP A 595 -10.09 20.67 9.18
CA ASP A 595 -8.65 20.73 9.09
C ASP A 595 -8.36 22.21 9.42
N PRO A 596 -8.06 22.51 10.70
CA PRO A 596 -7.94 23.90 11.19
C PRO A 596 -6.84 24.64 10.44
N ALA A 597 -5.82 23.91 10.01
CA ALA A 597 -4.71 24.50 9.27
C ALA A 597 -5.09 24.89 7.83
N ALA A 598 -5.95 24.10 7.18
CA ALA A 598 -6.48 24.49 5.87
C ALA A 598 -7.43 25.68 5.98
N ARG A 599 -8.34 25.63 6.96
CA ARG A 599 -9.28 26.71 7.18
C ARG A 599 -8.63 28.05 7.50
N GLU A 600 -7.55 28.01 8.28
CA GLU A 600 -6.80 29.21 8.67
C GLU A 600 -6.12 29.84 7.47
N ALA A 601 -5.36 29.03 6.74
CA ALA A 601 -4.71 29.46 5.50
C ALA A 601 -5.69 30.00 4.44
N TRP A 602 -6.87 29.39 4.35
CA TRP A 602 -7.91 29.83 3.41
C TRP A 602 -8.52 31.16 3.88
N GLU A 603 -8.82 31.25 5.19
CA GLU A 603 -9.34 32.49 5.79
C GLU A 603 -8.37 33.66 5.65
N GLN A 604 -7.08 33.40 5.93
CA GLN A 604 -6.01 34.42 5.86
C GLN A 604 -5.78 34.96 4.46
N ALA A 605 -5.62 34.06 3.49
CA ALA A 605 -5.41 34.46 2.11
C ALA A 605 -6.60 35.21 1.49
N GLY A 606 -7.81 34.98 1.99
CA GLY A 606 -9.02 35.68 1.52
C GLY A 606 -9.34 35.50 0.04
N TYR A 607 -10.04 36.46 -0.53
CA TYR A 607 -10.59 36.37 -1.89
C TYR A 607 -9.97 37.37 -2.86
N ARG A 608 -9.93 36.99 -4.14
CA ARG A 608 -9.42 37.85 -5.19
C ARG A 608 -10.27 39.12 -5.30
N ILE A 609 -9.58 40.26 -5.36
CA ILE A 609 -10.19 41.57 -5.59
C ILE A 609 -10.53 41.70 -7.08
N PRO A 610 -11.68 42.32 -7.40
CA PRO A 610 -12.02 42.46 -8.84
C PRO A 610 -10.84 42.96 -9.67
N LEU A 611 -10.60 42.33 -10.82
CA LEU A 611 -9.55 42.76 -11.75
C LEU A 611 -10.14 42.64 -13.14
N SER A 612 -9.78 43.58 -14.01
CA SER A 612 -10.34 43.67 -15.35
C SER A 612 -10.20 42.34 -16.08
N GLY A 613 -11.29 41.87 -16.67
CA GLY A 613 -11.34 40.59 -17.38
C GLY A 613 -11.11 39.34 -16.55
N CYS A 614 -11.02 39.48 -15.23
CA CYS A 614 -10.74 38.32 -14.34
C CYS A 614 -11.81 38.11 -13.27
N GLY A 615 -12.86 38.92 -13.32
CA GLY A 615 -13.87 38.90 -12.27
C GLY A 615 -13.30 39.10 -10.88
N GLY A 616 -13.97 38.54 -9.87
CA GLY A 616 -13.49 38.64 -8.49
C GLY A 616 -14.19 37.71 -7.54
N GLY A 617 -13.65 37.58 -6.33
CA GLY A 617 -14.32 36.84 -5.25
C GLY A 617 -13.92 35.39 -5.10
N GLN A 618 -13.13 34.90 -6.06
CA GLN A 618 -12.53 33.56 -6.00
C GLN A 618 -11.52 33.48 -4.85
N SER A 619 -11.57 32.42 -4.04
CA SER A 619 -10.62 32.27 -2.94
C SER A 619 -9.24 32.02 -3.51
N ILE A 620 -8.25 32.63 -2.86
CA ILE A 620 -6.87 32.61 -3.34
C ILE A 620 -6.23 31.28 -2.98
N LYS A 621 -6.69 30.69 -1.87
CA LYS A 621 -6.24 29.35 -1.47
C LYS A 621 -7.42 28.40 -1.30
N PRO A 622 -7.22 27.10 -1.60
CA PRO A 622 -8.36 26.19 -1.52
C PRO A 622 -8.72 25.89 -0.08
N LEU A 623 -10.00 25.71 0.18
CA LEU A 623 -10.43 25.23 1.46
C LEU A 623 -10.22 23.70 1.52
N GLY A 624 -10.54 22.99 0.44
CA GLY A 624 -10.31 21.52 0.36
C GLY A 624 -11.12 20.74 1.39
N GLY A 625 -10.72 19.52 1.68
CA GLY A 625 -11.46 18.70 2.66
C GLY A 625 -12.44 17.71 2.01
N ILE A 626 -12.73 17.88 0.73
CA ILE A 626 -13.69 17.00 0.01
C ILE A 626 -13.13 16.57 -1.34
N ASP A 627 -13.09 15.26 -1.57
CA ASP A 627 -12.71 14.67 -2.84
C ASP A 627 -13.91 14.69 -3.80
N PHE A 628 -13.87 15.59 -4.79
CA PHE A 628 -14.93 15.69 -5.80
C PHE A 628 -14.60 14.97 -7.11
N GLY A 629 -13.49 14.23 -7.16
CA GLY A 629 -13.15 13.45 -8.37
C GLY A 629 -12.68 14.33 -9.51
N GLU A 630 -13.14 14.03 -10.73
CA GLU A 630 -12.64 14.69 -11.93
C GLU A 630 -13.14 16.12 -11.98
N PRO A 631 -12.23 17.10 -12.27
CA PRO A 631 -12.70 18.49 -12.23
C PRO A 631 -13.67 18.79 -13.38
N VAL A 632 -14.64 19.66 -13.13
CA VAL A 632 -15.42 20.30 -14.20
C VAL A 632 -14.88 21.74 -14.34
N LEU A 633 -14.12 21.98 -15.39
CA LEU A 633 -13.38 23.24 -15.51
C LEU A 633 -14.29 24.46 -15.65
N ASN A 634 -13.98 25.51 -14.90
CA ASN A 634 -14.54 26.86 -15.16
C ASN A 634 -16.03 26.98 -14.91
N THR A 635 -16.53 26.15 -14.00
CA THR A 635 -17.88 26.38 -13.44
C THR A 635 -17.84 27.67 -12.63
N TYR A 636 -18.98 28.38 -12.59
CA TYR A 636 -19.06 29.68 -11.92
C TYR A 636 -20.49 29.91 -11.41
N PRO A 637 -20.64 30.72 -10.34
CA PRO A 637 -22.01 30.96 -9.85
C PRO A 637 -22.71 31.95 -10.78
N VAL A 638 -23.98 31.72 -11.09
CA VAL A 638 -24.65 32.57 -12.07
C VAL A 638 -25.00 33.96 -11.50
N ASN A 639 -25.10 34.06 -10.18
CA ASN A 639 -25.24 35.36 -9.53
C ASN A 639 -24.73 35.25 -8.10
N GLU A 640 -24.74 36.35 -7.37
CA GLU A 640 -24.14 36.35 -6.05
C GLU A 640 -25.07 35.90 -4.93
N ASN A 641 -26.30 35.51 -5.26
CA ASN A 641 -27.23 34.95 -4.25
C ASN A 641 -27.19 33.43 -4.16
N VAL A 642 -26.36 32.81 -5.00
CA VAL A 642 -26.10 31.39 -4.95
C VAL A 642 -25.23 31.13 -3.71
N THR A 643 -25.46 30.04 -3.00
CA THR A 643 -24.58 29.69 -1.88
C THR A 643 -23.47 28.76 -2.37
N LEU A 644 -22.22 29.22 -2.30
CA LEU A 644 -21.09 28.40 -2.65
C LEU A 644 -20.63 27.71 -1.38
N LEU A 645 -20.51 26.39 -1.44
CA LEU A 645 -20.02 25.61 -0.31
C LEU A 645 -18.58 25.16 -0.52
N ARG A 646 -18.20 24.95 -1.78
CA ARG A 646 -16.78 24.75 -2.15
C ARG A 646 -16.58 25.31 -3.52
N ALA A 647 -15.57 26.17 -3.63
CA ALA A 647 -15.24 26.82 -4.90
C ALA A 647 -13.75 27.12 -4.97
N ASP A 648 -12.97 26.05 -4.88
CA ASP A 648 -11.51 26.10 -4.85
C ASP A 648 -10.97 26.11 -6.26
N GLY A 649 -9.82 26.75 -6.43
CA GLY A 649 -9.12 26.67 -7.69
C GLY A 649 -9.79 27.50 -8.78
N GLY A 650 -10.57 28.52 -8.41
CA GLY A 650 -11.15 29.44 -9.39
C GLY A 650 -12.36 28.85 -10.14
N GLN A 651 -12.96 27.85 -9.53
CA GLN A 651 -14.17 27.25 -10.12
C GLN A 651 -15.04 26.65 -9.01
N VAL A 652 -16.18 26.06 -9.36
CA VAL A 652 -17.14 25.65 -8.33
C VAL A 652 -17.27 24.13 -8.24
N GLN A 653 -17.24 23.59 -7.02
CA GLN A 653 -17.45 22.17 -6.81
C GLN A 653 -18.77 21.86 -6.18
N LEU A 654 -19.28 22.76 -5.31
CA LEU A 654 -20.46 22.48 -4.53
C LEU A 654 -21.20 23.79 -4.20
N ALA A 655 -22.49 23.84 -4.54
CA ALA A 655 -23.27 25.06 -4.39
C ALA A 655 -24.71 24.67 -4.19
N THR A 656 -25.49 25.57 -3.59
CA THR A 656 -26.92 25.38 -3.49
C THR A 656 -27.59 26.71 -3.78
N ASN A 657 -28.84 26.62 -4.21
CA ASN A 657 -29.58 27.78 -4.67
C ASN A 657 -31.05 27.57 -4.36
N ASP A 658 -31.67 28.55 -3.70
CA ASP A 658 -33.11 28.54 -3.49
C ASP A 658 -33.82 28.90 -4.82
N TYR A 659 -34.91 28.22 -5.13
CA TYR A 659 -35.61 28.45 -6.39
C TYR A 659 -37.08 28.33 -6.08
N GLY A 660 -37.67 29.46 -5.66
CA GLY A 660 -39.06 29.46 -5.17
C GLY A 660 -39.17 28.66 -3.89
N LYS A 661 -40.16 27.78 -3.83
CA LYS A 661 -40.33 26.88 -2.71
C LYS A 661 -39.22 25.81 -2.66
N GLY A 662 -38.66 25.46 -3.81
CA GLY A 662 -37.65 24.39 -3.88
C GLY A 662 -36.21 24.87 -3.91
N ARG A 663 -35.31 23.93 -4.19
CA ARG A 663 -33.88 24.18 -4.19
C ARG A 663 -33.17 23.36 -5.27
N GLY A 664 -32.10 23.92 -5.81
CA GLY A 664 -31.20 23.18 -6.68
C GLY A 664 -29.85 23.06 -6.00
N VAL A 665 -29.13 21.98 -6.28
CA VAL A 665 -27.80 21.78 -5.75
C VAL A 665 -26.91 21.35 -6.90
N TYR A 666 -25.72 21.93 -6.97
CA TYR A 666 -24.72 21.51 -7.91
C TYR A 666 -23.56 20.84 -7.18
N ILE A 667 -23.12 19.70 -7.72
CA ILE A 667 -21.94 18.98 -7.26
C ILE A 667 -21.08 18.65 -8.48
N SER A 668 -19.79 19.01 -8.50
CA SER A 668 -18.99 18.78 -9.74
C SER A 668 -18.70 17.29 -10.00
N GLY A 669 -18.57 16.52 -8.93
CA GLY A 669 -18.37 15.07 -9.03
C GLY A 669 -18.44 14.43 -7.66
N LEU A 670 -18.61 13.12 -7.61
CA LEU A 670 -18.78 12.47 -6.32
C LEU A 670 -18.28 11.01 -6.28
N PRO A 671 -16.95 10.82 -6.18
CA PRO A 671 -16.44 9.46 -5.91
C PRO A 671 -17.06 8.88 -4.64
N TYR A 672 -17.29 7.56 -4.60
CA TYR A 672 -17.88 6.93 -3.41
C TYR A 672 -16.87 6.95 -2.24
N SER A 673 -17.31 7.40 -1.07
CA SER A 673 -16.62 7.11 0.19
C SER A 673 -17.69 7.26 1.27
N ALA A 674 -17.37 6.89 2.50
CA ALA A 674 -18.29 7.13 3.62
C ALA A 674 -18.62 8.61 3.68
N ALA A 675 -17.58 9.45 3.66
CA ALA A 675 -17.77 10.91 3.71
C ALA A 675 -18.66 11.46 2.57
N ASN A 676 -18.41 11.04 1.33
CA ASN A 676 -19.19 11.56 0.20
C ASN A 676 -20.61 11.01 0.15
N ALA A 677 -20.83 9.83 0.71
CA ALA A 677 -22.18 9.28 0.76
C ALA A 677 -22.98 10.08 1.80
N ARG A 678 -22.32 10.47 2.89
CA ARG A 678 -22.92 11.33 3.90
C ARG A 678 -23.23 12.71 3.29
N LEU A 679 -22.28 13.24 2.52
CA LEU A 679 -22.48 14.52 1.86
C LEU A 679 -23.71 14.46 0.93
N LEU A 680 -23.78 13.43 0.07
CA LEU A 680 -24.93 13.29 -0.81
C LEU A 680 -26.22 13.17 0.00
N GLU A 681 -26.18 12.37 1.07
CA GLU A 681 -27.36 12.18 1.92
C GLU A 681 -27.87 13.52 2.46
N ARG A 682 -26.96 14.29 3.07
CA ARG A 682 -27.27 15.68 3.50
C ARG A 682 -27.80 16.60 2.38
N VAL A 683 -27.18 16.57 1.20
CA VAL A 683 -27.70 17.29 0.03
C VAL A 683 -29.20 16.93 -0.21
N LEU A 684 -29.55 15.66 -0.10
CA LEU A 684 -30.91 15.23 -0.44
C LEU A 684 -31.92 15.77 0.56
N PHE A 685 -31.52 15.77 1.83
CA PHE A 685 -32.40 16.24 2.89
C PHE A 685 -32.50 17.73 2.84
N TYR A 686 -31.38 18.39 2.58
CA TYR A 686 -31.38 19.82 2.47
C TYR A 686 -32.14 20.37 1.25
N ALA A 687 -31.94 19.75 0.08
CA ALA A 687 -32.53 20.27 -1.16
C ALA A 687 -34.02 20.12 -1.14
N SER A 688 -34.51 19.05 -0.51
CA SER A 688 -35.93 18.81 -0.36
C SER A 688 -36.57 19.54 0.87
N HIS A 689 -35.84 20.47 1.50
CA HIS A 689 -36.34 21.19 2.69
C HIS A 689 -36.75 20.21 3.77
N ASN A 690 -36.00 19.13 3.91
CA ASN A 690 -36.30 18.13 4.90
C ASN A 690 -35.22 18.04 5.99
N GLU A 691 -34.55 19.14 6.32
CA GLU A 691 -33.53 19.11 7.37
C GLU A 691 -34.06 18.53 8.70
N ASP A 692 -35.36 18.74 8.95
CA ASP A 692 -36.06 18.29 10.16
C ASP A 692 -36.29 16.79 10.21
N LYS A 693 -36.29 16.15 9.04
CA LYS A 693 -36.44 14.71 8.94
C LYS A 693 -35.09 13.98 8.95
N TYR A 694 -34.00 14.72 8.88
CA TYR A 694 -32.69 14.09 8.75
C TYR A 694 -32.33 13.21 9.96
N ALA A 695 -32.46 13.77 11.16
CA ALA A 695 -31.96 13.11 12.37
C ALA A 695 -32.64 11.78 12.70
N ALA A 696 -33.94 11.66 12.46
CA ALA A 696 -34.65 10.41 12.73
C ALA A 696 -34.05 9.20 11.97
N TRP A 697 -33.70 8.15 12.71
CA TRP A 697 -33.10 6.93 12.16
C TRP A 697 -31.77 7.19 11.44
N SER A 698 -30.87 7.90 12.13
CA SER A 698 -29.58 8.24 11.56
C SER A 698 -28.45 7.90 12.51
N SER A 699 -27.25 7.73 11.95
CA SER A 699 -26.03 7.46 12.68
C SER A 699 -25.19 8.74 12.64
N SER A 700 -24.75 9.23 13.81
CA SER A 700 -23.80 10.36 13.86
C SER A 700 -22.52 10.12 13.05
N ASN A 701 -21.97 8.92 13.17
CA ASN A 701 -20.73 8.53 12.51
C ASN A 701 -21.02 8.11 11.04
N PRO A 702 -20.41 8.82 10.06
CA PRO A 702 -20.67 8.44 8.63
C PRO A 702 -20.24 7.02 8.24
N GLU A 703 -19.43 6.36 9.07
CA GLU A 703 -18.96 4.99 8.77
C GLU A 703 -19.99 3.90 9.10
N CYS A 704 -21.08 4.28 9.79
CA CYS A 704 -22.18 3.36 10.08
C CYS A 704 -23.49 3.84 9.41
N GLU A 705 -24.44 2.94 9.25
CA GLU A 705 -25.75 3.32 8.69
C GLU A 705 -26.86 2.65 9.47
N VAL A 706 -28.06 3.22 9.37
CA VAL A 706 -29.22 2.75 10.12
C VAL A 706 -30.28 2.27 9.15
N ALA A 707 -30.90 1.14 9.48
CA ALA A 707 -32.03 0.65 8.73
C ALA A 707 -33.19 0.42 9.69
N HIS A 708 -34.33 1.02 9.38
CA HIS A 708 -35.49 1.00 10.25
C HIS A 708 -36.58 0.08 9.68
N PHE A 709 -37.11 -0.82 10.50
CA PHE A 709 -38.14 -1.77 10.08
C PHE A 709 -39.40 -1.58 10.95
N PRO A 710 -40.22 -0.55 10.62
CA PRO A 710 -41.39 -0.21 11.42
C PRO A 710 -42.35 -1.37 11.64
N GLU A 711 -42.58 -2.19 10.61
CA GLU A 711 -43.53 -3.30 10.71
C GLU A 711 -43.01 -4.49 11.55
N GLN A 712 -41.69 -4.56 11.75
CA GLN A 712 -41.13 -5.60 12.61
C GLN A 712 -40.84 -5.11 14.03
N GLY A 713 -41.01 -3.81 14.28
CA GLY A 713 -40.66 -3.21 15.56
C GLY A 713 -39.16 -3.22 15.87
N LEU A 714 -38.31 -2.99 14.87
CA LEU A 714 -36.84 -2.90 15.11
C LEU A 714 -36.08 -1.97 14.17
N TYR A 715 -34.85 -1.67 14.56
CA TYR A 715 -33.87 -1.06 13.69
C TYR A 715 -32.51 -1.76 13.90
N CYS A 716 -31.64 -1.63 12.93
CA CYS A 716 -30.28 -2.07 13.10
C CYS A 716 -29.30 -0.96 12.73
N VAL A 717 -28.06 -1.13 13.18
CA VAL A 717 -27.01 -0.19 12.85
C VAL A 717 -25.83 -1.04 12.42
N ILE A 718 -25.26 -0.70 11.27
CA ILE A 718 -24.19 -1.51 10.69
C ILE A 718 -22.93 -0.69 10.58
N ASN A 719 -21.79 -1.36 10.75
CA ASN A 719 -20.48 -0.75 10.62
C ASN A 719 -19.94 -1.12 9.24
N ASN A 720 -19.80 -0.11 8.38
CA ASN A 720 -19.39 -0.35 6.99
C ASN A 720 -17.88 -0.54 6.78
N THR A 721 -17.12 -0.51 7.87
CA THR A 721 -15.66 -0.61 7.84
C THR A 721 -15.12 -1.83 8.60
N ASP A 722 -13.83 -2.11 8.42
CA ASP A 722 -13.19 -3.16 9.21
C ASP A 722 -12.54 -2.66 10.50
N GLN A 723 -12.90 -1.46 10.97
CA GLN A 723 -12.40 -0.89 12.23
C GLN A 723 -13.54 -0.76 13.24
N PRO A 724 -13.21 -0.74 14.56
CA PRO A 724 -14.32 -0.47 15.50
C PRO A 724 -14.89 0.92 15.22
N GLN A 725 -16.19 1.11 15.48
CA GLN A 725 -16.80 2.41 15.24
C GLN A 725 -17.80 2.68 16.36
N LYS A 726 -17.65 3.83 17.01
CA LYS A 726 -18.66 4.31 17.93
C LYS A 726 -19.62 5.24 17.20
N THR A 727 -20.91 5.11 17.48
CA THR A 727 -21.89 5.96 16.84
C THR A 727 -23.08 6.19 17.76
N THR A 728 -23.74 7.33 17.56
CA THR A 728 -24.97 7.63 18.25
C THR A 728 -26.12 7.58 17.24
N VAL A 729 -27.07 6.69 17.49
CA VAL A 729 -28.26 6.61 16.66
C VAL A 729 -29.38 7.47 17.25
N THR A 730 -30.04 8.28 16.42
CA THR A 730 -31.19 9.07 16.85
C THR A 730 -32.49 8.39 16.38
N LEU A 731 -33.37 8.08 17.32
CA LEU A 731 -34.67 7.45 16.99
C LEU A 731 -35.69 8.54 16.63
N ALA A 732 -36.84 8.13 16.11
CA ALA A 732 -37.88 9.04 15.62
C ALA A 732 -38.39 9.99 16.72
N ASP A 733 -38.52 9.46 17.93
CA ASP A 733 -38.97 10.24 19.08
C ASP A 733 -37.91 11.19 19.63
N GLY A 734 -36.77 11.30 18.95
CA GLY A 734 -35.72 12.19 19.40
C GLY A 734 -34.80 11.65 20.48
N THR A 735 -35.09 10.46 20.99
CA THR A 735 -34.15 9.78 21.89
C THR A 735 -32.98 9.18 21.09
N THR A 736 -31.86 8.93 21.79
CA THR A 736 -30.64 8.41 21.17
C THR A 736 -30.15 7.15 21.90
N GLU A 737 -29.29 6.38 21.22
CA GLU A 737 -28.56 5.30 21.84
C GLU A 737 -27.15 5.24 21.27
N ASP A 738 -26.17 5.04 22.15
CA ASP A 738 -24.77 4.95 21.77
C ASP A 738 -24.38 3.49 21.52
N PHE A 739 -23.60 3.25 20.47
CA PHE A 739 -23.15 1.92 20.11
C PHE A 739 -21.63 1.95 20.02
N ASP A 740 -20.99 0.86 20.42
CA ASP A 740 -19.58 0.65 20.12
C ASP A 740 -19.55 -0.59 19.23
N LEU A 741 -19.52 -0.38 17.92
CA LEU A 741 -19.63 -1.50 16.99
C LEU A 741 -18.25 -2.04 16.66
N PRO A 742 -18.11 -3.38 16.70
CA PRO A 742 -16.87 -4.02 16.31
C PRO A 742 -16.69 -3.98 14.80
N ASP A 743 -15.45 -4.23 14.37
CA ASP A 743 -15.11 -4.52 12.99
C ASP A 743 -16.27 -5.23 12.26
N SER A 744 -16.73 -4.59 11.19
CA SER A 744 -17.77 -5.09 10.28
C SER A 744 -19.08 -5.46 10.96
N GLY A 745 -19.31 -4.98 12.18
CA GLY A 745 -20.42 -5.47 12.99
C GLY A 745 -21.81 -4.94 12.66
N ILE A 746 -22.79 -5.43 13.41
CA ILE A 746 -24.19 -5.03 13.31
C ILE A 746 -24.82 -5.13 14.71
N ALA A 747 -25.73 -4.22 15.02
CA ALA A 747 -26.49 -4.32 16.29
C ALA A 747 -27.97 -4.10 16.00
N TRP A 748 -28.80 -4.84 16.72
CA TRP A 748 -30.27 -4.78 16.59
C TRP A 748 -30.90 -4.29 17.89
N ARG A 749 -31.88 -3.40 17.77
CA ARG A 749 -32.63 -2.89 18.91
C ARG A 749 -34.13 -2.79 18.55
N GLU A 750 -34.99 -2.87 19.56
CA GLU A 750 -36.43 -2.70 19.33
C GLU A 750 -36.76 -1.26 18.98
N ALA A 751 -37.71 -1.08 18.07
CA ALA A 751 -38.33 0.21 17.80
C ALA A 751 -39.83 0.02 18.00
N LEU A 752 -40.59 1.11 18.05
CA LEU A 752 -42.06 1.01 18.07
C LEU A 752 -42.58 0.22 16.86
N GLU A 753 -43.49 -0.70 17.12
CA GLU A 753 -44.11 -1.52 16.08
C GLU A 753 -45.45 -0.93 15.66
N SER B 3 23.65 56.48 -27.32
CA SER B 3 23.99 57.90 -27.65
C SER B 3 23.09 58.77 -26.79
N THR B 4 22.42 59.72 -27.45
CA THR B 4 21.30 60.42 -26.88
C THR B 4 20.08 60.28 -27.78
N GLY B 5 18.91 60.46 -27.20
CA GLY B 5 17.65 60.39 -27.94
C GLY B 5 16.81 59.17 -27.61
N ARG B 6 15.83 58.89 -28.46
CA ARG B 6 14.97 57.70 -28.36
C ARG B 6 14.35 57.52 -26.98
N PHE B 7 13.95 58.62 -26.34
CA PHE B 7 13.41 58.57 -24.98
C PHE B 7 12.40 59.68 -24.72
N THR B 8 11.25 59.28 -24.17
CA THR B 8 10.18 60.22 -23.83
C THR B 8 10.01 60.36 -22.32
N LEU B 9 10.41 61.53 -21.82
CA LEU B 9 10.37 61.88 -20.41
C LEU B 9 9.06 62.61 -20.10
N PRO B 10 8.26 62.11 -19.13
CA PRO B 10 7.03 62.81 -18.75
C PRO B 10 7.35 63.99 -17.85
N SER B 11 6.46 64.97 -17.76
CA SER B 11 6.74 66.13 -16.91
C SER B 11 5.63 66.52 -15.93
N GLU B 12 5.78 67.72 -15.38
CA GLU B 12 4.78 68.39 -14.54
C GLU B 12 5.20 69.83 -14.27
N GLU B 13 4.30 70.62 -13.69
CA GLU B 13 4.62 71.99 -13.32
C GLU B 13 5.52 72.04 -12.08
N ASN B 14 6.07 73.23 -11.84
CA ASN B 14 6.91 73.53 -10.67
C ASN B 14 8.03 72.51 -10.44
N PHE B 15 8.51 71.92 -11.53
CA PHE B 15 9.55 70.91 -11.48
C PHE B 15 10.52 71.09 -12.64
N ALA B 16 10.48 72.27 -13.25
CA ALA B 16 11.25 72.63 -14.45
C ALA B 16 12.74 72.33 -14.36
N GLU B 17 13.30 72.52 -13.17
CA GLU B 17 14.74 72.34 -12.96
C GLU B 17 15.21 70.88 -13.00
N LYS B 18 14.48 70.02 -12.29
CA LYS B 18 14.80 68.61 -12.21
C LYS B 18 14.50 67.85 -13.52
N THR B 19 13.51 68.31 -14.28
CA THR B 19 13.27 67.74 -15.62
C THR B 19 14.46 68.00 -16.55
N LYS B 20 15.09 69.16 -16.41
CA LYS B 20 16.31 69.47 -17.15
C LYS B 20 17.46 68.49 -16.78
N GLU B 21 17.57 68.18 -15.48
CA GLU B 21 18.59 67.25 -14.99
C GLU B 21 18.31 65.79 -15.40
N LEU B 22 17.04 65.38 -15.30
CA LEU B 22 16.61 64.02 -15.65
C LEU B 22 16.59 63.78 -17.16
N ALA B 23 16.35 64.84 -17.94
CA ALA B 23 16.48 64.76 -19.39
C ALA B 23 17.95 64.61 -19.80
N GLU B 24 18.83 65.41 -19.15
CA GLU B 24 20.28 65.33 -19.37
C GLU B 24 20.84 63.96 -18.95
N LEU B 25 20.35 63.42 -17.83
CA LEU B 25 20.81 62.12 -17.32
C LEU B 25 20.35 60.94 -18.16
N TRP B 26 19.13 61.03 -18.70
CA TRP B 26 18.49 59.92 -19.42
C TRP B 26 18.61 59.99 -20.94
N GLY B 27 19.34 61.01 -21.43
CA GLY B 27 19.43 61.29 -22.87
C GLY B 27 18.05 61.39 -23.52
N ALA B 28 17.17 62.17 -22.91
CA ALA B 28 15.80 62.36 -23.39
C ALA B 28 15.76 63.41 -24.48
N ASP B 29 14.91 63.16 -25.48
CA ASP B 29 14.71 64.09 -26.57
C ASP B 29 13.24 64.47 -26.76
N ALA B 30 12.42 64.16 -25.75
CA ALA B 30 10.98 64.47 -25.82
C ALA B 30 10.37 64.51 -24.44
N ILE B 31 9.39 65.40 -24.27
CA ILE B 31 8.72 65.63 -22.98
C ILE B 31 7.19 65.62 -23.12
N ARG B 32 6.52 64.97 -22.18
CA ARG B 32 5.05 64.99 -22.09
C ARG B 32 4.55 65.43 -20.71
N LEU B 44 9.93 74.43 -21.43
CA LEU B 44 9.68 74.61 -22.85
C LEU B 44 10.94 75.05 -23.62
N ALA B 45 11.71 75.95 -23.03
CA ALA B 45 12.93 76.47 -23.66
C ALA B 45 14.06 75.41 -23.76
N LEU B 46 13.70 74.16 -23.48
CA LEU B 46 14.64 73.04 -23.42
C LEU B 46 15.12 72.49 -24.78
N GLY B 47 14.45 72.87 -25.86
CA GLY B 47 14.78 72.37 -27.19
C GLY B 47 14.31 70.94 -27.41
N LYS B 48 13.28 70.55 -26.66
CA LYS B 48 12.76 69.18 -26.69
C LYS B 48 11.53 69.07 -27.57
N LYS B 49 11.28 67.86 -28.05
CA LYS B 49 10.04 67.55 -28.74
C LYS B 49 8.94 67.46 -27.66
N ILE B 50 7.84 68.19 -27.86
CA ILE B 50 6.76 68.20 -26.88
C ILE B 50 5.55 67.38 -27.35
N TYR B 51 5.15 66.42 -26.52
CA TYR B 51 3.97 65.60 -26.77
C TYR B 51 2.77 66.22 -26.03
N ASN B 52 1.63 66.26 -26.71
CA ASN B 52 0.37 66.62 -26.07
C ASN B 52 -0.69 65.58 -26.31
N ALA B 53 -1.18 65.02 -25.23
CA ALA B 53 -2.28 64.07 -25.29
C ALA B 53 -3.50 64.79 -25.83
N TYR B 54 -4.20 64.15 -26.76
CA TYR B 54 -5.44 64.71 -27.29
C TYR B 54 -6.53 63.67 -27.21
N PHE B 55 -7.72 64.11 -26.80
CA PHE B 55 -8.83 63.22 -26.48
C PHE B 55 -10.08 63.59 -27.29
N PRO B 56 -10.10 63.23 -28.59
CA PRO B 56 -11.14 63.67 -29.52
C PRO B 56 -12.58 63.58 -29.04
N THR B 57 -12.93 62.53 -28.30
CA THR B 57 -14.34 62.31 -27.96
C THR B 57 -14.72 62.62 -26.51
N ARG B 58 -13.89 63.39 -25.82
CA ARG B 58 -14.25 63.90 -24.48
C ARG B 58 -13.64 65.29 -24.20
N ALA B 59 -13.73 65.74 -22.95
CA ALA B 59 -13.20 67.02 -22.47
C ALA B 59 -14.01 68.25 -22.88
N HIS B 60 -15.28 68.04 -23.28
CA HIS B 60 -16.17 69.15 -23.69
C HIS B 60 -17.61 68.95 -23.29
N ASN B 61 -17.82 68.87 -21.98
CA ASN B 61 -19.17 68.76 -21.43
C ASN B 61 -20.06 69.90 -21.87
N GLU B 62 -19.45 71.05 -22.15
CA GLU B 62 -20.17 72.25 -22.58
C GLU B 62 -20.81 72.03 -23.96
N TRP B 63 -20.18 71.19 -24.80
CA TRP B 63 -20.79 70.84 -26.07
C TRP B 63 -21.88 69.80 -25.87
N ILE B 64 -21.49 68.65 -25.32
CA ILE B 64 -22.35 67.47 -25.35
C ILE B 64 -23.61 67.57 -24.49
N THR B 65 -23.58 68.35 -23.41
CA THR B 65 -24.79 68.51 -22.55
C THR B 65 -25.97 69.09 -23.34
N LEU B 66 -25.67 69.85 -24.38
CA LEU B 66 -26.71 70.40 -25.27
C LEU B 66 -27.10 69.50 -26.44
N HIS B 67 -26.44 68.35 -26.56
CA HIS B 67 -26.68 67.40 -27.67
C HIS B 67 -26.64 65.96 -27.17
N MET B 68 -27.36 65.69 -26.08
CA MET B 68 -27.20 64.43 -25.35
C MET B 68 -27.59 63.18 -26.15
N ASP B 69 -28.26 63.34 -27.28
CA ASP B 69 -28.58 62.21 -28.13
C ASP B 69 -27.41 61.84 -29.06
N GLU B 70 -26.26 62.48 -28.87
CA GLU B 70 -25.08 62.23 -29.72
C GLU B 70 -23.89 61.65 -28.94
N THR B 71 -24.16 61.19 -27.70
CA THR B 71 -23.19 60.37 -26.96
C THR B 71 -23.09 59.00 -27.67
N PRO B 72 -21.96 58.27 -27.49
CA PRO B 72 -21.98 56.91 -28.03
C PRO B 72 -23.03 56.06 -27.32
N GLN B 73 -23.50 55.02 -27.99
CA GLN B 73 -24.50 54.09 -27.44
C GLN B 73 -24.03 52.65 -27.57
N VAL B 74 -24.75 51.74 -26.91
CA VAL B 74 -24.36 50.35 -26.81
C VAL B 74 -25.62 49.54 -26.63
N TYR B 75 -25.68 48.34 -27.22
CA TYR B 75 -26.74 47.41 -26.91
C TYR B 75 -26.36 46.65 -25.66
N LEU B 76 -27.27 46.66 -24.68
CA LEU B 76 -27.07 46.01 -23.39
C LEU B 76 -28.08 44.89 -23.26
N LEU B 77 -27.65 43.77 -22.67
CA LEU B 77 -28.55 42.65 -22.43
C LEU B 77 -28.89 42.57 -20.93
N THR B 78 -30.19 42.45 -20.63
CA THR B 78 -30.62 42.41 -19.23
C THR B 78 -30.30 41.04 -18.61
N ASP B 79 -30.44 40.95 -17.29
CA ASP B 79 -30.47 39.65 -16.63
C ASP B 79 -31.62 38.79 -17.18
N ARG B 80 -31.48 37.46 -17.05
CA ARG B 80 -32.53 36.55 -17.51
C ARG B 80 -33.56 36.51 -16.43
N ILE B 81 -34.81 36.79 -16.79
CA ILE B 81 -35.88 36.86 -15.80
C ILE B 81 -36.85 35.73 -16.05
N LEU B 82 -37.17 35.00 -15.00
CA LEU B 82 -38.01 33.83 -15.13
C LEU B 82 -39.49 34.26 -15.13
N ALA B 83 -40.26 33.83 -16.13
CA ALA B 83 -41.69 34.03 -16.10
C ALA B 83 -42.31 32.92 -15.30
N GLU B 84 -43.27 33.27 -14.44
CA GLU B 84 -43.92 32.26 -13.61
C GLU B 84 -45.40 32.16 -13.96
N SER B 85 -45.77 32.90 -15.00
CA SER B 85 -47.06 32.79 -15.67
C SER B 85 -46.88 33.45 -17.05
N ASP B 86 -48.00 33.79 -17.69
CA ASP B 86 -47.99 34.35 -19.04
C ASP B 86 -47.60 35.83 -19.13
N THR B 87 -47.15 36.43 -18.02
CA THR B 87 -46.54 37.76 -18.05
C THR B 87 -45.24 37.84 -17.23
N VAL B 88 -44.34 38.73 -17.64
CA VAL B 88 -43.10 38.93 -16.92
C VAL B 88 -42.65 40.39 -17.06
N ASP B 89 -42.05 40.91 -15.99
CA ASP B 89 -41.47 42.25 -16.03
C ASP B 89 -39.95 42.17 -16.01
N ILE B 90 -39.31 42.96 -16.86
CA ILE B 90 -37.88 42.88 -17.00
C ILE B 90 -37.26 44.23 -16.69
N PRO B 91 -36.62 44.35 -15.52
CA PRO B 91 -35.89 45.59 -15.21
C PRO B 91 -34.75 45.77 -16.20
N LEU B 92 -34.56 46.98 -16.72
CA LEU B 92 -33.49 47.21 -17.69
C LEU B 92 -32.12 47.48 -17.05
N MET B 93 -32.15 48.23 -15.94
CA MET B 93 -30.93 48.85 -15.45
C MET B 93 -30.38 48.21 -14.18
N GLU B 94 -31.06 47.19 -13.64
CA GLU B 94 -30.66 46.61 -12.36
C GLU B 94 -29.25 46.04 -12.31
N SER B 95 -28.73 45.58 -13.44
CA SER B 95 -27.39 44.98 -13.45
C SER B 95 -26.31 45.90 -13.98
N PHE B 96 -26.66 47.13 -14.34
CA PHE B 96 -25.69 48.10 -14.90
C PHE B 96 -25.41 49.31 -14.01
N PHE B 97 -24.25 49.92 -14.20
CA PHE B 97 -23.85 51.16 -13.54
C PHE B 97 -24.62 52.34 -14.13
N ALA B 98 -25.63 52.82 -13.39
CA ALA B 98 -26.50 53.93 -13.84
C ALA B 98 -25.75 55.25 -14.03
N GLU B 99 -24.58 55.38 -13.42
CA GLU B 99 -23.77 56.57 -13.65
C GLU B 99 -23.09 56.55 -15.03
N GLN B 100 -22.96 55.37 -15.63
CA GLN B 100 -22.27 55.21 -16.91
C GLN B 100 -23.24 55.07 -18.08
N LEU B 101 -24.40 54.49 -17.81
CA LEU B 101 -25.27 54.00 -18.85
C LEU B 101 -26.71 54.37 -18.57
N LYS B 102 -27.45 54.74 -19.60
CA LYS B 102 -28.84 55.11 -19.43
C LYS B 102 -29.64 54.61 -20.63
N PRO B 103 -30.80 53.98 -20.40
CA PRO B 103 -31.62 53.57 -21.53
C PRO B 103 -31.94 54.72 -22.51
N ASN B 104 -31.78 54.48 -23.80
CA ASN B 104 -32.19 55.41 -24.86
C ASN B 104 -33.70 55.32 -25.04
N ARG B 105 -34.41 56.35 -24.56
CA ARG B 105 -35.87 56.42 -24.68
C ARG B 105 -36.32 57.21 -25.92
N ASP B 106 -35.36 57.85 -26.60
CA ASP B 106 -35.64 58.68 -27.78
C ASP B 106 -35.87 57.88 -29.06
N ALA B 107 -35.05 56.85 -29.27
CA ALA B 107 -35.17 56.01 -30.46
C ALA B 107 -36.17 54.88 -30.20
N ASP B 108 -37.21 54.85 -31.04
CA ASP B 108 -38.34 53.94 -30.91
C ASP B 108 -37.96 52.52 -30.44
N PRO B 109 -38.27 52.18 -29.18
CA PRO B 109 -37.87 50.88 -28.64
C PRO B 109 -38.36 49.70 -29.47
N HIS B 110 -39.58 49.78 -29.99
CA HIS B 110 -40.15 48.71 -30.77
C HIS B 110 -39.46 48.48 -32.11
N LYS B 111 -38.77 49.52 -32.58
CA LYS B 111 -37.93 49.41 -33.78
C LYS B 111 -36.52 48.91 -33.44
N TYR B 112 -35.93 49.41 -32.36
CA TYR B 112 -34.49 49.23 -32.11
C TYR B 112 -34.08 48.16 -31.08
N TRP B 113 -35.04 47.65 -30.32
CA TRP B 113 -34.77 46.73 -29.21
C TRP B 113 -35.35 45.39 -29.55
N GLU B 114 -35.03 44.38 -28.74
CA GLU B 114 -35.53 43.04 -28.95
C GLU B 114 -35.78 42.33 -27.59
N VAL B 115 -36.93 41.71 -27.46
CA VAL B 115 -37.19 40.87 -26.32
C VAL B 115 -37.08 39.42 -26.80
N VAL B 116 -36.23 38.65 -26.14
CA VAL B 116 -35.93 37.28 -26.55
C VAL B 116 -36.41 36.28 -25.47
N ASP B 117 -37.10 35.24 -25.88
CA ASP B 117 -37.33 34.09 -25.02
C ASP B 117 -36.04 33.21 -25.12
N ARG B 118 -35.17 33.23 -24.09
CA ARG B 118 -33.87 32.55 -24.15
C ARG B 118 -34.00 31.03 -24.08
N THR B 119 -35.08 30.58 -23.47
CA THR B 119 -35.40 29.17 -23.43
C THR B 119 -35.65 28.56 -24.84
N THR B 120 -36.27 29.31 -25.75
CA THR B 120 -36.51 28.78 -27.11
C THR B 120 -35.58 29.43 -28.14
N GLY B 121 -34.96 30.55 -27.77
CA GLY B 121 -34.21 31.37 -28.72
C GLY B 121 -35.05 32.27 -29.62
N GLU B 122 -36.36 32.28 -29.42
CA GLU B 122 -37.24 33.03 -30.30
C GLU B 122 -37.41 34.48 -29.82
N VAL B 123 -37.56 35.38 -30.79
CA VAL B 123 -37.85 36.81 -30.53
C VAL B 123 -39.33 36.98 -30.14
N VAL B 124 -39.60 37.66 -29.04
CA VAL B 124 -40.97 37.95 -28.67
C VAL B 124 -41.51 39.05 -29.59
N ASP B 125 -42.66 38.80 -30.21
CA ASP B 125 -43.35 39.79 -31.05
C ASP B 125 -43.47 41.13 -30.31
N SER B 126 -43.03 42.21 -30.95
CA SER B 126 -43.09 43.54 -30.33
C SER B 126 -44.51 43.95 -29.90
N ALA B 127 -45.52 43.37 -30.51
CA ALA B 127 -46.89 43.64 -30.08
C ALA B 127 -47.14 43.08 -28.68
N ASN B 128 -46.18 42.30 -28.16
CA ASN B 128 -46.38 41.64 -26.87
C ASN B 128 -45.50 42.22 -25.76
N TRP B 129 -44.91 43.38 -25.98
CA TRP B 129 -44.19 44.04 -24.89
C TRP B 129 -44.24 45.55 -25.01
N THR B 130 -44.18 46.22 -23.85
CA THR B 130 -44.20 47.67 -23.74
C THR B 130 -43.12 48.13 -22.77
N LEU B 131 -42.56 49.32 -23.02
CA LEU B 131 -41.69 49.97 -22.06
C LEU B 131 -42.51 50.81 -21.09
N ASP B 132 -42.36 50.57 -19.78
CA ASP B 132 -43.05 51.39 -18.77
C ASP B 132 -42.76 52.89 -18.97
N ALA B 133 -43.81 53.71 -18.82
CA ALA B 133 -43.67 55.16 -18.97
C ALA B 133 -42.78 55.84 -17.91
N ASP B 134 -42.77 55.30 -16.69
CA ASP B 134 -42.14 55.97 -15.54
C ASP B 134 -40.96 55.22 -14.92
N GLU B 135 -40.78 53.96 -15.30
CA GLU B 135 -39.69 53.11 -14.80
C GLU B 135 -38.95 52.49 -15.96
N ASP B 136 -37.68 52.15 -15.73
CA ASP B 136 -36.89 51.43 -16.74
C ASP B 136 -37.15 49.92 -16.65
N THR B 137 -38.32 49.53 -17.13
CA THR B 137 -38.85 48.19 -16.98
C THR B 137 -39.71 47.88 -18.18
N VAL B 138 -39.56 46.68 -18.75
CA VAL B 138 -40.34 46.24 -19.90
C VAL B 138 -41.38 45.20 -19.40
N HIS B 139 -42.64 45.39 -19.82
CA HIS B 139 -43.70 44.44 -19.49
C HIS B 139 -43.98 43.53 -20.68
N VAL B 140 -43.78 42.23 -20.49
CA VAL B 140 -44.01 41.27 -21.55
C VAL B 140 -45.27 40.48 -21.24
N SER B 141 -46.13 40.36 -22.25
CA SER B 141 -47.41 39.65 -22.07
C SER B 141 -47.53 38.55 -23.11
N GLY B 142 -48.42 37.59 -22.86
CA GLY B 142 -48.62 36.46 -23.77
C GLY B 142 -47.40 35.54 -23.86
N VAL B 143 -46.60 35.49 -22.80
CA VAL B 143 -45.42 34.63 -22.81
C VAL B 143 -45.66 33.26 -22.22
N ALA B 144 -44.66 32.40 -22.33
CA ALA B 144 -44.74 31.07 -21.77
C ALA B 144 -44.10 31.08 -20.38
N ALA B 145 -44.85 30.53 -19.44
CA ALA B 145 -44.38 30.34 -18.09
C ALA B 145 -43.15 29.42 -18.12
N TRP B 146 -42.21 29.69 -17.20
CA TRP B 146 -41.06 28.81 -16.91
C TRP B 146 -39.94 28.91 -17.94
N HIS B 147 -40.04 29.93 -18.80
CA HIS B 147 -38.99 30.30 -19.74
C HIS B 147 -38.33 31.54 -19.17
N GLU B 148 -37.07 31.78 -19.55
CA GLU B 148 -36.31 32.93 -19.16
C GLU B 148 -36.38 33.93 -20.31
N TYR B 149 -36.57 35.21 -19.97
CA TYR B 149 -36.67 36.29 -20.94
C TYR B 149 -35.61 37.36 -20.70
N THR B 150 -35.09 37.94 -21.78
CA THR B 150 -34.21 39.07 -21.66
C THR B 150 -34.68 40.22 -22.58
N VAL B 151 -34.20 41.42 -22.30
CA VAL B 151 -34.35 42.52 -23.24
C VAL B 151 -32.96 42.93 -23.73
N SER B 152 -32.82 43.15 -25.03
CA SER B 152 -31.62 43.82 -25.56
C SER B 152 -32.05 45.23 -25.93
N PHE B 153 -31.45 46.23 -25.29
CA PHE B 153 -31.89 47.62 -25.47
C PHE B 153 -30.71 48.52 -25.75
N LEU B 154 -30.98 49.61 -26.47
CA LEU B 154 -29.99 50.67 -26.68
C LEU B 154 -29.83 51.53 -25.46
N ALA B 155 -28.59 51.88 -25.16
CA ALA B 155 -28.28 52.69 -24.01
C ALA B 155 -27.27 53.74 -24.43
N TYR B 156 -27.49 54.98 -23.98
CA TYR B 156 -26.49 56.02 -24.11
C TYR B 156 -25.37 55.75 -23.11
N ILE B 157 -24.13 55.97 -23.54
CA ILE B 157 -22.98 55.99 -22.64
C ILE B 157 -22.75 57.46 -22.18
N ILE B 158 -23.13 57.74 -20.94
CA ILE B 158 -23.09 59.11 -20.43
C ILE B 158 -21.82 59.40 -19.62
N TRP B 159 -20.89 58.45 -19.59
CA TRP B 159 -19.61 58.65 -18.91
C TRP B 159 -18.56 57.89 -19.67
N ASP B 160 -17.55 58.61 -20.17
CA ASP B 160 -16.44 58.02 -20.90
C ASP B 160 -15.83 56.86 -20.11
N PRO B 161 -15.90 55.62 -20.65
CA PRO B 161 -15.44 54.44 -19.87
C PRO B 161 -14.04 54.54 -19.24
N VAL B 162 -13.05 55.03 -19.99
CA VAL B 162 -11.70 55.09 -19.43
C VAL B 162 -11.60 56.15 -18.31
N GLU B 163 -12.15 57.35 -18.55
CA GLU B 163 -12.20 58.43 -17.56
C GLU B 163 -12.87 57.93 -16.29
N MET B 164 -13.98 57.21 -16.48
CA MET B 164 -14.71 56.57 -15.39
C MET B 164 -13.83 55.56 -14.62
N TYR B 165 -13.09 54.71 -15.34
CA TYR B 165 -12.18 53.79 -14.68
C TYR B 165 -11.15 54.56 -13.84
N ASN B 166 -10.57 55.62 -14.39
CA ASN B 166 -9.57 56.38 -13.63
C ASN B 166 -10.17 57.09 -12.42
N HIS B 167 -11.36 57.64 -12.62
CA HIS B 167 -12.12 58.24 -11.53
C HIS B 167 -12.32 57.26 -10.36
N LEU B 168 -12.92 56.12 -10.66
CA LEU B 168 -13.16 55.10 -9.65
C LEU B 168 -11.87 54.59 -9.00
N THR B 169 -10.84 54.39 -9.80
CA THR B 169 -9.58 53.79 -9.34
C THR B 169 -8.81 54.74 -8.40
N ASN B 170 -8.75 56.00 -8.78
CA ASN B 170 -8.01 56.98 -8.02
C ASN B 170 -8.85 57.64 -6.94
N ASP B 171 -10.16 57.43 -7.02
CA ASP B 171 -11.10 57.96 -6.05
C ASP B 171 -11.22 59.48 -6.19
N TRP B 172 -11.67 59.93 -7.35
CA TRP B 172 -11.75 61.35 -7.64
C TRP B 172 -12.98 62.01 -7.02
N GLY B 173 -13.70 61.22 -6.23
CA GLY B 173 -14.83 61.70 -5.45
C GLY B 173 -15.86 62.43 -6.27
N ASP B 174 -15.93 63.75 -6.09
CA ASP B 174 -17.02 64.51 -6.71
C ASP B 174 -16.71 65.17 -8.04
N LYS B 175 -15.47 65.03 -8.50
CA LYS B 175 -15.07 65.53 -9.82
C LYS B 175 -16.16 65.27 -10.89
N GLU B 176 -16.40 66.26 -11.74
CA GLU B 176 -17.41 66.16 -12.78
C GLU B 176 -17.05 65.04 -13.75
N HIS B 177 -18.06 64.27 -14.15
CA HIS B 177 -17.87 63.12 -15.02
C HIS B 177 -17.78 63.59 -16.46
N GLU B 178 -16.76 63.18 -17.18
CA GLU B 178 -16.66 63.54 -18.60
C GLU B 178 -17.63 62.72 -19.42
N ILE B 179 -18.48 63.42 -20.14
CA ILE B 179 -19.47 62.83 -21.03
C ILE B 179 -18.83 62.65 -22.42
N PRO B 180 -18.88 61.42 -22.98
CA PRO B 180 -18.25 61.14 -24.26
C PRO B 180 -19.18 61.45 -25.43
N PHE B 181 -18.60 61.74 -26.60
CA PHE B 181 -19.42 62.03 -27.79
C PHE B 181 -19.04 61.22 -29.04
N ASP B 182 -20.03 61.02 -29.90
CA ASP B 182 -19.89 60.17 -31.10
C ASP B 182 -19.89 61.07 -32.35
N ILE B 183 -18.74 61.18 -33.01
CA ILE B 183 -18.60 62.01 -34.22
C ILE B 183 -19.30 61.42 -35.44
N TYR B 184 -19.95 60.27 -35.28
CA TYR B 184 -20.81 59.79 -36.35
C TYR B 184 -21.93 60.78 -36.64
N HIS B 185 -22.38 61.51 -35.61
CA HIS B 185 -23.36 62.57 -35.83
C HIS B 185 -22.71 63.84 -36.39
N PRO B 186 -23.29 64.43 -37.45
CA PRO B 186 -22.61 65.57 -38.12
C PRO B 186 -22.41 66.78 -37.22
N ALA B 187 -23.37 67.10 -36.36
CA ALA B 187 -23.20 68.24 -35.43
C ALA B 187 -21.99 68.05 -34.52
N THR B 188 -21.87 66.86 -33.91
CA THR B 188 -20.68 66.57 -33.09
C THR B 188 -19.37 66.47 -33.89
N ARG B 189 -19.42 65.90 -35.09
CA ARG B 189 -18.20 65.81 -35.91
C ARG B 189 -17.64 67.20 -36.24
N LYS B 190 -18.53 68.09 -36.68
CA LYS B 190 -18.12 69.48 -36.96
C LYS B 190 -17.46 70.09 -35.72
N PHE B 191 -18.11 69.95 -34.57
CA PHE B 191 -17.56 70.47 -33.32
C PHE B 191 -16.12 70.00 -33.09
N VAL B 192 -15.90 68.69 -33.28
CA VAL B 192 -14.59 68.08 -33.02
C VAL B 192 -13.51 68.62 -33.94
N PHE B 193 -13.79 68.72 -35.23
CA PHE B 193 -12.77 69.20 -36.18
C PHE B 193 -12.48 70.69 -36.04
N ASP B 194 -13.53 71.48 -35.81
CA ASP B 194 -13.39 72.92 -35.49
C ASP B 194 -12.55 73.12 -34.23
N THR B 195 -12.75 72.25 -33.24
CA THR B 195 -12.06 72.40 -31.96
C THR B 195 -10.60 72.05 -32.12
N PHE B 196 -10.33 71.00 -32.87
CA PHE B 196 -8.96 70.57 -33.10
C PHE B 196 -8.21 71.62 -33.94
N GLU B 197 -8.87 72.11 -34.99
CA GLU B 197 -8.33 73.22 -35.78
C GLU B 197 -7.88 74.39 -34.90
N GLN B 198 -8.77 74.84 -34.02
CA GLN B 198 -8.46 75.92 -33.08
C GLN B 198 -7.39 75.53 -32.09
N TRP B 199 -7.51 74.32 -31.55
CA TRP B 199 -6.50 73.80 -30.62
C TRP B 199 -5.10 73.85 -31.23
N LEU B 200 -4.96 73.40 -32.48
CA LEU B 200 -3.66 73.44 -33.18
C LEU B 200 -3.06 74.84 -33.23
N LYS B 201 -3.88 75.80 -33.62
CA LYS B 201 -3.51 77.22 -33.68
C LYS B 201 -3.09 77.72 -32.30
N ASP B 202 -3.74 77.21 -31.27
CA ASP B 202 -3.46 77.58 -29.89
C ASP B 202 -2.28 76.84 -29.24
N SER B 203 -1.61 75.98 -30.00
CA SER B 203 -0.56 75.14 -29.39
C SER B 203 0.72 75.11 -30.22
N PRO B 204 1.36 76.28 -30.44
CA PRO B 204 2.56 76.30 -31.29
C PRO B 204 3.75 75.53 -30.71
N GLN B 205 3.74 75.31 -29.41
CA GLN B 205 4.80 74.57 -28.71
C GLN B 205 4.74 73.05 -28.93
N THR B 206 3.58 72.55 -29.32
CA THR B 206 3.32 71.11 -29.39
C THR B 206 3.90 70.48 -30.65
N ASP B 207 4.88 69.59 -30.49
CA ASP B 207 5.51 68.91 -31.62
C ASP B 207 4.80 67.60 -32.03
N VAL B 208 4.27 66.85 -31.06
CA VAL B 208 3.56 65.60 -31.33
C VAL B 208 2.17 65.60 -30.70
N VAL B 209 1.15 65.41 -31.54
CA VAL B 209 -0.22 65.22 -31.07
C VAL B 209 -0.35 63.74 -30.71
N ARG B 210 -0.48 63.46 -29.40
CA ARG B 210 -0.58 62.08 -28.93
C ARG B 210 -2.06 61.75 -28.78
N PHE B 211 -2.70 61.30 -29.86
CA PHE B 211 -4.12 60.97 -29.83
C PHE B 211 -4.37 59.75 -28.95
N THR B 212 -5.13 59.96 -27.87
CA THR B 212 -5.34 58.95 -26.84
C THR B 212 -6.84 58.77 -26.58
N THR B 213 -7.61 58.29 -27.55
CA THR B 213 -7.11 57.79 -28.83
C THR B 213 -7.93 58.45 -29.95
N PHE B 214 -8.89 57.75 -30.53
CA PHE B 214 -9.72 58.37 -31.58
C PHE B 214 -11.19 58.36 -31.22
N PHE B 215 -12.01 57.58 -31.91
CA PHE B 215 -13.47 57.80 -31.84
C PHE B 215 -14.35 56.77 -31.11
N TYR B 216 -13.86 55.53 -30.98
CA TYR B 216 -14.64 54.46 -30.37
C TYR B 216 -13.88 53.67 -29.33
N GLN B 217 -14.43 53.68 -28.11
CA GLN B 217 -13.89 52.98 -26.95
C GLN B 217 -14.05 51.47 -27.07
N PHE B 218 -12.96 50.71 -26.83
CA PHE B 218 -13.10 49.24 -26.68
C PHE B 218 -14.15 48.89 -25.60
N THR B 219 -14.89 47.82 -25.82
CA THR B 219 -16.00 47.47 -24.94
C THR B 219 -15.54 47.49 -23.48
N LEU B 220 -16.24 48.27 -22.66
CA LEU B 220 -15.89 48.46 -21.25
C LEU B 220 -17.10 48.98 -20.49
N LEU B 221 -17.82 48.06 -19.85
CA LEU B 221 -19.11 48.34 -19.22
C LEU B 221 -19.04 47.91 -17.77
N PHE B 222 -19.66 48.68 -16.89
CA PHE B 222 -19.65 48.41 -15.44
C PHE B 222 -21.03 48.05 -14.92
N ASP B 223 -21.07 47.41 -13.75
CA ASP B 223 -22.30 46.93 -13.15
C ASP B 223 -22.77 47.87 -12.04
N GLU B 224 -23.91 47.54 -11.45
CA GLU B 224 -24.53 48.34 -10.39
C GLU B 224 -23.68 48.47 -9.15
N LYS B 225 -22.62 47.68 -9.06
CA LYS B 225 -21.77 47.69 -7.87
C LYS B 225 -20.47 48.37 -8.20
N ARG B 226 -20.44 49.09 -9.32
CA ARG B 226 -19.27 49.88 -9.72
C ARG B 226 -18.08 49.01 -10.05
N ARG B 227 -18.35 47.78 -10.47
CA ARG B 227 -17.29 46.86 -10.89
C ARG B 227 -17.37 46.64 -12.38
N GLU B 228 -16.28 46.18 -12.97
CA GLU B 228 -16.28 45.85 -14.39
C GLU B 228 -17.29 44.73 -14.63
N LYS B 229 -18.14 44.90 -15.63
CA LYS B 229 -19.16 43.90 -15.93
C LYS B 229 -18.81 43.15 -17.21
N VAL B 230 -18.41 43.90 -18.24
CA VAL B 230 -18.03 43.34 -19.54
C VAL B 230 -16.84 44.09 -20.06
N VAL B 231 -15.85 43.36 -20.58
CA VAL B 231 -14.67 43.99 -21.16
C VAL B 231 -14.16 43.19 -22.34
N ASP B 232 -13.77 43.86 -23.40
CA ASP B 232 -13.10 43.21 -24.53
C ASP B 232 -12.21 44.26 -25.13
N TRP B 233 -10.91 44.04 -25.07
CA TRP B 233 -9.96 44.95 -25.67
C TRP B 233 -10.18 45.23 -27.20
N PHE B 234 -10.83 44.29 -27.92
CA PHE B 234 -11.14 44.42 -29.36
C PHE B 234 -12.62 44.62 -29.59
N GLY B 235 -13.40 44.69 -28.51
CA GLY B 235 -14.84 44.76 -28.62
C GLY B 235 -15.35 46.08 -29.18
N CYS B 236 -16.29 45.99 -30.12
CA CYS B 236 -16.96 47.21 -30.57
C CYS B 236 -18.46 47.25 -30.26
N ALA B 237 -18.78 46.90 -29.01
CA ALA B 237 -20.13 47.12 -28.46
C ALA B 237 -20.51 48.62 -28.44
N CYS B 238 -19.56 49.48 -28.07
CA CYS B 238 -19.85 50.90 -27.82
C CYS B 238 -19.77 51.78 -29.08
N THR B 239 -20.47 51.39 -30.13
CA THR B 239 -20.26 51.99 -31.45
C THR B 239 -21.53 52.09 -32.28
N VAL B 240 -22.68 51.85 -31.64
CA VAL B 240 -23.96 51.93 -32.34
C VAL B 240 -24.67 53.29 -32.10
N SER B 241 -25.64 53.57 -32.97
CA SER B 241 -26.60 54.65 -32.81
C SER B 241 -27.69 54.33 -33.81
N PRO B 242 -28.93 54.80 -33.56
CA PRO B 242 -29.99 54.59 -34.57
C PRO B 242 -29.52 55.05 -35.93
N ARG B 243 -28.79 56.15 -36.01
CA ARG B 243 -28.32 56.58 -37.34
C ARG B 243 -27.33 55.63 -38.00
N ALA B 244 -26.33 55.17 -37.25
CA ALA B 244 -25.33 54.23 -37.78
C ALA B 244 -25.98 52.93 -38.27
N LEU B 245 -26.97 52.47 -37.53
CA LEU B 245 -27.65 51.20 -37.79
C LEU B 245 -28.49 51.29 -39.07
N ASP B 246 -29.18 52.41 -39.26
CA ASP B 246 -29.95 52.66 -40.47
C ASP B 246 -29.02 52.79 -41.68
N ASP B 247 -27.91 53.50 -41.53
CA ASP B 247 -26.94 53.63 -42.60
C ASP B 247 -26.27 52.30 -42.93
N PHE B 248 -26.03 51.47 -41.92
CA PHE B 248 -25.46 50.15 -42.18
C PHE B 248 -26.42 49.39 -43.07
N GLU B 249 -27.70 49.39 -42.71
CA GLU B 249 -28.67 48.67 -43.47
C GLU B 249 -28.71 49.11 -44.96
N ALA B 250 -28.57 50.41 -45.21
CA ALA B 250 -28.57 50.93 -46.59
C ALA B 250 -27.29 50.59 -47.34
N LYS B 251 -26.18 50.39 -46.62
CA LYS B 251 -24.89 50.09 -47.24
C LYS B 251 -24.66 48.59 -47.44
N TYR B 252 -25.06 47.78 -46.46
CA TYR B 252 -24.80 46.33 -46.47
C TYR B 252 -25.98 45.50 -46.98
N GLY B 253 -27.17 46.10 -46.95
CA GLY B 253 -28.33 45.48 -47.57
C GLY B 253 -29.11 44.50 -46.72
N TYR B 254 -28.99 44.61 -45.40
CA TYR B 254 -29.83 43.89 -44.43
C TYR B 254 -29.77 44.62 -43.09
N ARG B 255 -30.80 44.45 -42.25
CA ARG B 255 -30.83 45.06 -40.92
C ARG B 255 -30.17 44.21 -39.82
N LEU B 256 -29.26 44.79 -39.03
CA LEU B 256 -28.68 44.09 -37.88
C LEU B 256 -29.69 43.93 -36.75
N ARG B 257 -29.70 42.78 -36.08
CA ARG B 257 -30.54 42.59 -34.89
C ARG B 257 -29.74 43.08 -33.67
N PRO B 258 -30.42 43.49 -32.58
CA PRO B 258 -29.71 43.68 -31.31
C PRO B 258 -28.84 42.46 -30.98
N GLU B 259 -29.32 41.27 -31.33
CA GLU B 259 -28.63 40.00 -31.09
C GLU B 259 -27.27 39.94 -31.80
N ASP B 260 -27.14 40.64 -32.93
CA ASP B 260 -25.88 40.66 -33.64
C ASP B 260 -24.78 41.40 -32.88
N PHE B 261 -25.18 42.14 -31.85
CA PHE B 261 -24.28 42.87 -30.92
C PHE B 261 -24.19 42.24 -29.53
N VAL B 262 -25.31 41.89 -28.93
CA VAL B 262 -25.26 41.28 -27.60
C VAL B 262 -24.82 39.79 -27.63
N ASP B 263 -25.19 39.09 -28.71
CA ASP B 263 -24.62 37.78 -29.04
C ASP B 263 -24.93 36.75 -27.93
N GLY B 264 -26.20 36.74 -27.51
CA GLY B 264 -26.69 35.90 -26.43
C GLY B 264 -26.02 36.15 -25.07
N GLY B 265 -25.21 37.20 -24.96
CA GLY B 265 -24.55 37.53 -23.69
C GLY B 265 -23.04 37.45 -23.81
N ALA B 266 -22.57 37.01 -24.98
CA ALA B 266 -21.13 36.94 -25.26
C ALA B 266 -20.54 38.28 -25.68
N TYR B 267 -21.41 39.20 -26.14
CA TYR B 267 -20.98 40.52 -26.66
C TYR B 267 -19.86 40.44 -27.71
N ASN B 268 -19.92 39.43 -28.59
CA ASN B 268 -18.93 39.29 -29.67
C ASN B 268 -17.49 39.27 -29.19
N SER B 269 -17.25 38.59 -28.08
CA SER B 269 -15.91 38.33 -27.61
C SER B 269 -15.06 37.86 -28.81
N ALA B 270 -13.80 38.26 -28.85
CA ALA B 270 -12.88 37.86 -29.93
C ALA B 270 -12.57 36.36 -29.90
N TRP B 271 -12.97 35.69 -28.81
CA TRP B 271 -12.82 34.26 -28.69
C TRP B 271 -13.93 33.53 -29.46
N ARG B 272 -15.04 34.20 -29.73
CA ARG B 272 -16.11 33.58 -30.52
C ARG B 272 -15.68 33.45 -31.97
N VAL B 273 -16.05 32.33 -32.58
CA VAL B 273 -15.89 32.17 -34.03
C VAL B 273 -16.59 33.34 -34.74
N PRO B 274 -15.85 34.17 -35.50
CA PRO B 274 -16.44 35.39 -36.07
C PRO B 274 -17.56 35.08 -37.05
N ARG B 275 -18.66 35.81 -36.94
CA ARG B 275 -19.85 35.70 -37.80
C ARG B 275 -19.77 36.81 -38.85
N LYS B 276 -20.47 36.60 -39.97
CA LYS B 276 -20.54 37.59 -41.06
C LYS B 276 -20.93 39.00 -40.55
N ALA B 277 -21.98 39.07 -39.73
CA ALA B 277 -22.45 40.32 -39.14
C ALA B 277 -21.34 41.10 -38.42
N GLN B 278 -20.49 40.40 -37.67
CA GLN B 278 -19.37 41.05 -36.96
C GLN B 278 -18.37 41.67 -37.92
N ARG B 279 -17.98 40.92 -38.96
CA ARG B 279 -17.00 41.39 -39.95
C ARG B 279 -17.55 42.58 -40.74
N ASP B 280 -18.82 42.49 -41.12
CA ASP B 280 -19.52 43.59 -41.82
C ASP B 280 -19.50 44.85 -40.95
N TRP B 281 -19.80 44.69 -39.66
CA TRP B 281 -19.81 45.83 -38.76
C TRP B 281 -18.41 46.43 -38.60
N ILE B 282 -17.41 45.57 -38.37
CA ILE B 282 -15.99 45.98 -38.41
C ILE B 282 -15.60 46.76 -39.70
N ASP B 283 -16.04 46.27 -40.87
CA ASP B 283 -15.71 46.90 -42.18
C ASP B 283 -16.32 48.31 -42.24
N PHE B 284 -17.61 48.38 -41.91
CA PHE B 284 -18.39 49.63 -41.89
C PHE B 284 -17.76 50.67 -40.98
N LEU B 285 -17.49 50.27 -39.74
CA LEU B 285 -16.94 51.16 -38.72
C LEU B 285 -15.52 51.60 -39.08
N SER B 286 -14.76 50.69 -39.67
CA SER B 286 -13.35 50.97 -40.01
C SER B 286 -13.21 52.02 -41.12
N GLY B 287 -14.03 51.90 -42.17
CA GLY B 287 -14.09 52.92 -43.23
C GLY B 287 -14.35 54.32 -42.70
N PHE B 288 -15.37 54.45 -41.87
CA PHE B 288 -15.66 55.71 -41.19
C PHE B 288 -14.50 56.20 -40.29
N VAL B 289 -14.01 55.34 -39.39
CA VAL B 289 -12.92 55.74 -38.49
C VAL B 289 -11.67 56.16 -39.24
N ARG B 290 -11.27 55.37 -40.23
CA ARG B 290 -10.06 55.65 -40.96
C ARG B 290 -10.06 56.97 -41.71
N GLU B 291 -11.16 57.31 -42.36
CA GLU B 291 -11.20 58.61 -43.07
C GLU B 291 -11.05 59.81 -42.13
N ASN B 292 -11.70 59.72 -40.98
CA ASN B 292 -11.60 60.75 -39.96
C ASN B 292 -10.24 60.80 -39.29
N VAL B 293 -9.62 59.63 -39.12
CA VAL B 293 -8.24 59.61 -38.59
C VAL B 293 -7.28 60.25 -39.59
N LYS B 294 -7.44 59.92 -40.88
CA LYS B 294 -6.60 60.53 -41.92
C LYS B 294 -6.75 62.06 -41.86
N GLN B 295 -7.99 62.52 -41.75
CA GLN B 295 -8.26 63.95 -41.64
C GLN B 295 -7.52 64.58 -40.44
N LEU B 296 -7.59 63.94 -39.28
CA LEU B 296 -6.83 64.41 -38.11
C LEU B 296 -5.33 64.40 -38.35
N ALA B 297 -4.85 63.39 -39.07
CA ALA B 297 -3.41 63.30 -39.35
C ALA B 297 -3.00 64.42 -40.31
N ASP B 298 -3.85 64.65 -41.32
CA ASP B 298 -3.67 65.73 -42.28
C ASP B 298 -3.64 67.13 -41.63
N MET B 299 -4.58 67.41 -40.73
CA MET B 299 -4.61 68.66 -39.98
C MET B 299 -3.37 68.87 -39.12
N SER B 300 -3.00 67.84 -38.37
CA SER B 300 -1.75 67.85 -37.60
C SER B 300 -0.56 68.18 -38.49
N HIS B 301 -0.48 67.49 -39.64
CA HIS B 301 0.63 67.68 -40.57
C HIS B 301 0.66 69.07 -41.16
N ALA B 302 -0.50 69.58 -41.55
CA ALA B 302 -0.62 70.92 -42.13
C ALA B 302 -0.18 71.99 -41.12
N ALA B 303 -0.44 71.75 -39.83
CA ALA B 303 0.05 72.60 -38.75
C ALA B 303 1.51 72.33 -38.39
N GLY B 304 2.15 71.43 -39.13
CA GLY B 304 3.57 71.07 -38.91
C GLY B 304 3.86 70.28 -37.65
N LYS B 305 2.95 69.39 -37.28
CA LYS B 305 3.10 68.53 -36.10
C LYS B 305 3.01 67.06 -36.51
N GLU B 306 3.62 66.17 -35.72
CA GLU B 306 3.48 64.74 -35.96
C GLU B 306 2.21 64.22 -35.27
N ALA B 307 1.58 63.20 -35.88
CA ALA B 307 0.42 62.52 -35.30
C ALA B 307 0.80 61.11 -34.86
N MET B 308 0.49 60.82 -33.60
CA MET B 308 0.85 59.56 -32.93
C MET B 308 -0.41 58.97 -32.35
N MET B 309 -0.61 57.67 -32.56
CA MET B 309 -1.79 57.03 -32.01
C MET B 309 -1.43 56.11 -30.83
N PHE B 310 -2.26 56.16 -29.79
CA PHE B 310 -2.13 55.24 -28.67
C PHE B 310 -2.80 53.95 -29.05
N LEU B 311 -2.08 52.82 -28.94
CA LEU B 311 -2.69 51.52 -29.24
C LEU B 311 -3.53 51.08 -28.05
N GLY B 312 -4.75 51.60 -28.00
CA GLY B 312 -5.67 51.24 -26.94
C GLY B 312 -6.72 52.31 -26.77
N ASP B 313 -7.45 52.22 -25.66
CA ASP B 313 -8.62 53.08 -25.38
C ASP B 313 -9.51 53.14 -26.63
N GLN B 314 -9.77 54.34 -27.16
CA GLN B 314 -10.62 54.51 -28.35
C GLN B 314 -9.90 54.16 -29.65
N TRP B 315 -9.37 52.94 -29.73
CA TRP B 315 -8.64 52.50 -30.91
C TRP B 315 -9.50 51.69 -31.87
N ILE B 316 -10.77 51.49 -31.53
CA ILE B 316 -11.65 50.62 -32.32
C ILE B 316 -11.94 51.20 -33.72
N GLY B 317 -11.75 50.40 -34.77
CA GLY B 317 -12.03 50.82 -36.13
C GLY B 317 -10.76 51.24 -36.84
N THR B 318 -9.68 51.43 -36.11
CA THR B 318 -8.40 51.79 -36.71
C THR B 318 -7.76 50.61 -37.47
N GLU B 319 -7.79 49.41 -36.85
CA GLU B 319 -7.27 48.16 -37.44
C GLU B 319 -5.84 48.30 -37.96
N PRO B 320 -4.88 48.43 -37.03
CA PRO B 320 -3.50 48.65 -37.45
C PRO B 320 -2.85 47.52 -38.25
N TYR B 321 -3.46 46.33 -38.25
CA TYR B 321 -2.86 45.21 -39.00
C TYR B 321 -3.59 44.89 -40.32
N LYS B 322 -4.66 45.64 -40.61
CA LYS B 322 -5.32 45.54 -41.90
C LYS B 322 -4.64 46.40 -42.95
N ASP B 323 -4.75 45.96 -44.21
CA ASP B 323 -4.19 46.73 -45.33
C ASP B 323 -4.81 48.13 -45.40
N GLY B 324 -4.00 49.12 -45.77
CA GLY B 324 -4.47 50.51 -45.88
C GLY B 324 -4.16 51.39 -44.68
N PHE B 325 -3.72 50.79 -43.57
CA PHE B 325 -3.36 51.55 -42.38
C PHE B 325 -2.25 52.57 -42.70
N ASP B 326 -1.28 52.17 -43.51
CA ASP B 326 -0.24 53.08 -44.03
C ASP B 326 -0.81 54.35 -44.67
N GLU B 327 -1.98 54.23 -45.29
CA GLU B 327 -2.60 55.36 -45.98
C GLU B 327 -3.06 56.49 -45.07
N LEU B 328 -3.24 56.19 -43.79
CA LEU B 328 -3.63 57.21 -42.80
C LEU B 328 -2.56 58.28 -42.60
N GLY B 329 -1.31 57.92 -42.92
CA GLY B 329 -0.19 58.80 -42.71
C GLY B 329 0.15 59.11 -41.27
N LEU B 330 -0.20 58.21 -40.34
CA LEU B 330 0.19 58.39 -38.96
C LEU B 330 1.69 58.30 -38.83
N ASP B 331 2.28 59.19 -38.05
CA ASP B 331 3.71 59.18 -37.88
C ASP B 331 4.18 58.07 -36.95
N ALA B 332 3.35 57.72 -35.96
CA ALA B 332 3.77 56.83 -34.89
C ALA B 332 2.63 56.06 -34.25
N VAL B 333 2.97 54.89 -33.69
CA VAL B 333 2.11 54.24 -32.71
C VAL B 333 2.83 54.13 -31.37
N VAL B 334 2.13 54.50 -30.30
CA VAL B 334 2.63 54.27 -28.95
C VAL B 334 1.70 53.29 -28.24
N GLY B 335 2.28 52.40 -27.42
CA GLY B 335 1.47 51.42 -26.70
C GLY B 335 2.00 51.05 -25.32
N SER B 336 1.19 50.30 -24.56
CA SER B 336 1.61 49.80 -23.25
C SER B 336 2.42 48.52 -23.31
N ILE B 337 3.63 48.58 -22.76
CA ILE B 337 4.47 47.40 -22.64
C ILE B 337 4.15 46.70 -21.33
N GLY B 338 3.41 45.60 -21.42
CA GLY B 338 3.13 44.77 -20.23
C GLY B 338 4.04 43.57 -20.21
N ASP B 339 4.37 43.06 -21.39
CA ASP B 339 5.13 41.82 -21.51
C ASP B 339 5.70 41.76 -22.94
N GLY B 340 6.21 40.61 -23.36
CA GLY B 340 6.71 40.43 -24.73
C GLY B 340 5.63 40.49 -25.80
N THR B 341 4.48 39.90 -25.51
CA THR B 341 3.38 39.82 -26.46
C THR B 341 2.84 41.21 -26.79
N THR B 342 2.62 42.01 -25.75
CA THR B 342 2.10 43.37 -25.92
C THR B 342 3.19 44.28 -26.53
N THR B 343 4.47 43.95 -26.31
CA THR B 343 5.55 44.63 -27.02
C THR B 343 5.42 44.37 -28.52
N ARG B 344 5.30 43.10 -28.91
CA ARG B 344 5.18 42.72 -30.31
C ARG B 344 3.92 43.29 -30.97
N MET B 345 2.83 43.42 -30.19
CA MET B 345 1.61 44.06 -30.72
C MET B 345 1.94 45.41 -31.34
N ILE B 346 2.84 46.16 -30.69
CA ILE B 346 3.23 47.51 -31.11
C ILE B 346 4.30 47.45 -32.18
N ALA B 347 5.35 46.65 -31.93
CA ALA B 347 6.55 46.67 -32.77
C ALA B 347 6.35 46.19 -34.21
N ASP B 348 5.38 45.31 -34.42
CA ASP B 348 5.21 44.67 -35.71
C ASP B 348 4.30 45.44 -36.65
N ILE B 349 3.70 46.53 -36.15
CA ILE B 349 2.71 47.30 -36.92
C ILE B 349 3.34 47.93 -38.16
N PRO B 350 2.81 47.62 -39.35
CA PRO B 350 3.39 48.22 -40.54
C PRO B 350 2.78 49.59 -40.84
N GLY B 351 3.49 50.43 -41.59
CA GLY B 351 2.88 51.67 -42.12
C GLY B 351 2.83 52.90 -41.22
N VAL B 352 3.67 52.96 -40.19
CA VAL B 352 3.95 54.22 -39.49
C VAL B 352 5.45 54.43 -39.56
N LYS B 353 5.93 55.65 -39.32
CA LYS B 353 7.37 55.91 -39.37
C LYS B 353 8.13 55.35 -38.16
N TYR B 354 7.47 55.29 -37.01
CA TYR B 354 8.14 54.79 -35.80
C TYR B 354 7.17 54.32 -34.72
N THR B 355 7.70 53.59 -33.75
CA THR B 355 6.91 53.04 -32.66
C THR B 355 7.49 53.42 -31.30
N GLU B 356 6.61 53.46 -30.30
CA GLU B 356 7.04 53.79 -28.96
C GLU B 356 6.35 52.90 -27.96
N GLY B 357 7.11 52.37 -27.02
CA GLY B 357 6.52 51.68 -25.90
C GLY B 357 6.50 52.59 -24.67
N ARG B 358 5.36 52.64 -23.99
CA ARG B 358 5.31 53.28 -22.68
C ARG B 358 5.58 52.19 -21.63
N PHE B 359 6.75 52.30 -21.01
CA PHE B 359 7.25 51.26 -20.10
C PHE B 359 6.73 51.40 -18.68
N LEU B 360 6.98 50.36 -17.89
CA LEU B 360 6.52 50.31 -16.49
C LEU B 360 7.72 50.41 -15.52
N PRO B 361 7.50 50.88 -14.27
CA PRO B 361 6.21 51.28 -13.70
C PRO B 361 5.75 52.67 -14.15
N TYR B 362 4.44 52.87 -14.14
CA TYR B 362 3.88 54.21 -14.27
C TYR B 362 4.41 55.06 -13.12
N PHE B 363 4.63 56.36 -13.35
CA PHE B 363 5.19 57.24 -12.31
C PHE B 363 4.07 57.71 -11.38
N PHE B 364 3.81 56.90 -10.36
CA PHE B 364 2.56 56.91 -9.62
C PHE B 364 2.75 56.35 -8.21
N PRO B 365 2.00 56.86 -7.23
CA PRO B 365 2.18 56.40 -5.83
C PRO B 365 1.86 54.91 -5.54
N ASP B 366 0.85 54.34 -6.20
CA ASP B 366 0.50 52.93 -6.00
C ASP B 366 1.45 51.99 -6.76
N GLY B 371 9.48 53.26 1.12
CA GLY B 371 9.92 51.89 1.41
C GLY B 371 10.22 50.99 0.22
N ASN B 372 9.42 51.11 -0.84
CA ASN B 372 9.50 50.25 -2.03
C ASN B 372 10.70 50.54 -2.95
N ASP B 373 11.20 49.48 -3.60
CA ASP B 373 12.30 49.55 -4.56
C ASP B 373 11.77 49.43 -6.01
N PRO B 374 11.56 50.58 -6.69
CA PRO B 374 10.89 50.54 -8.00
C PRO B 374 11.78 50.00 -9.13
N SER B 375 13.10 49.96 -8.89
CA SER B 375 14.03 49.45 -9.90
C SER B 375 13.74 48.02 -10.32
N ILE B 376 13.27 47.20 -9.37
CA ILE B 376 12.94 45.77 -9.61
C ILE B 376 11.91 45.58 -10.73
N GLU B 377 10.75 46.23 -10.60
CA GLU B 377 9.69 46.25 -11.64
C GLU B 377 10.23 46.77 -12.98
N GLY B 378 10.99 47.87 -12.90
CA GLY B 378 11.58 48.56 -14.06
C GLY B 378 12.53 47.69 -14.87
N LEU B 379 13.40 46.95 -14.18
CA LEU B 379 14.32 46.00 -14.83
C LEU B 379 13.57 44.75 -15.34
N ASP B 380 12.57 44.28 -14.58
CA ASP B 380 11.71 43.18 -15.05
C ASP B 380 11.00 43.55 -16.37
N ASN B 381 10.22 44.63 -16.34
CA ASN B 381 9.60 45.17 -17.56
C ASN B 381 10.60 45.26 -18.73
N TRP B 382 11.79 45.78 -18.46
CA TRP B 382 12.83 45.84 -19.47
C TRP B 382 13.16 44.46 -20.06
N ARG B 383 13.34 43.46 -19.19
CA ARG B 383 13.66 42.10 -19.63
C ARG B 383 12.52 41.45 -20.44
N LYS B 384 11.29 41.58 -19.94
CA LYS B 384 10.10 40.96 -20.58
C LYS B 384 9.95 41.44 -22.03
N ALA B 385 10.42 42.66 -22.25
CA ALA B 385 10.24 43.40 -23.49
C ALA B 385 11.49 43.31 -24.35
N ARG B 386 12.67 43.43 -23.72
CA ARG B 386 13.96 43.33 -24.41
C ARG B 386 14.05 42.11 -25.33
N ARG B 387 13.59 40.97 -24.85
CA ARG B 387 13.70 39.73 -25.63
C ARG B 387 12.82 39.79 -26.88
N ALA B 388 11.67 40.46 -26.75
CA ALA B 388 10.80 40.75 -27.88
C ALA B 388 11.44 41.77 -28.82
N ILE B 389 12.07 42.80 -28.23
CA ILE B 389 12.65 43.91 -29.00
C ILE B 389 13.78 43.45 -29.90
N LEU B 390 14.57 42.49 -29.42
CA LEU B 390 15.64 41.95 -30.22
C LEU B 390 15.11 41.26 -31.47
N ARG B 391 13.88 40.72 -31.38
CA ARG B 391 13.21 40.05 -32.50
C ARG B 391 12.49 41.05 -33.39
N SER B 392 11.94 42.10 -32.79
CA SER B 392 11.21 43.13 -33.54
C SER B 392 11.40 44.48 -32.85
N PRO B 393 12.40 45.27 -33.29
CA PRO B 393 12.77 46.49 -32.55
C PRO B 393 11.66 47.54 -32.49
N ILE B 394 11.55 48.24 -31.36
CA ILE B 394 10.71 49.45 -31.26
C ILE B 394 11.60 50.70 -31.24
N SER B 395 11.17 51.76 -31.94
CA SER B 395 12.01 52.94 -32.17
C SER B 395 12.35 53.67 -30.88
N ARG B 396 11.36 53.85 -30.03
CA ARG B 396 11.50 54.66 -28.81
C ARG B 396 10.88 54.00 -27.58
N MET B 397 11.39 54.40 -26.42
CA MET B 397 10.81 54.01 -25.15
C MET B 397 10.44 55.27 -24.36
N GLY B 398 9.66 55.10 -23.31
CA GLY B 398 9.33 56.22 -22.43
C GLY B 398 8.47 55.78 -21.27
N TYR B 399 8.30 56.69 -20.32
CA TYR B 399 7.45 56.43 -19.16
C TYR B 399 6.40 57.52 -19.03
N GLY B 400 5.33 57.23 -18.30
CA GLY B 400 4.30 58.24 -18.08
C GLY B 400 4.20 58.66 -16.62
N GLY B 401 3.54 59.79 -16.37
CA GLY B 401 3.12 60.19 -15.02
C GLY B 401 3.86 61.35 -14.37
N TYR B 402 4.11 61.20 -13.06
CA TYR B 402 4.67 62.27 -12.25
C TYR B 402 6.17 62.11 -12.03
N LEU B 403 6.95 62.92 -12.77
CA LEU B 403 8.41 62.82 -12.75
C LEU B 403 9.03 63.23 -11.40
N SER B 404 8.31 64.03 -10.61
CA SER B 404 8.77 64.46 -9.29
C SER B 404 8.75 63.32 -8.28
N LEU B 405 7.73 62.45 -8.41
CA LEU B 405 7.57 61.24 -7.59
C LEU B 405 8.74 60.25 -7.75
N ALA B 406 9.13 60.03 -9.00
CA ALA B 406 10.24 59.11 -9.32
C ALA B 406 11.63 59.69 -8.99
N ALA B 407 11.74 61.01 -9.02
CA ALA B 407 12.99 61.70 -8.67
C ALA B 407 13.46 61.35 -7.25
N LYS B 408 12.52 61.01 -6.37
CA LYS B 408 12.79 60.64 -4.97
C LYS B 408 13.60 59.36 -4.80
N PHE B 409 13.40 58.40 -5.70
CA PHE B 409 14.01 57.07 -5.58
C PHE B 409 15.27 57.00 -6.43
N PRO B 410 16.43 57.35 -5.84
CA PRO B 410 17.67 57.50 -6.61
C PRO B 410 18.13 56.21 -7.28
N LYS B 411 17.72 55.07 -6.74
CA LYS B 411 18.12 53.79 -7.31
C LYS B 411 17.31 53.52 -8.57
N PHE B 412 16.06 53.96 -8.57
CA PHE B 412 15.23 53.83 -9.75
C PHE B 412 15.74 54.72 -10.90
N VAL B 413 16.21 55.93 -10.57
CA VAL B 413 16.74 56.86 -11.57
C VAL B 413 17.95 56.23 -12.26
N ASP B 414 18.86 55.66 -11.46
CA ASP B 414 20.02 54.94 -11.99
C ASP B 414 19.64 53.76 -12.87
N THR B 415 18.53 53.12 -12.52
CA THR B 415 17.98 52.00 -13.29
C THR B 415 17.68 52.49 -14.69
N VAL B 416 16.97 53.61 -14.76
CA VAL B 416 16.48 54.14 -16.02
C VAL B 416 17.61 54.59 -16.95
N THR B 417 18.64 55.23 -16.39
CA THR B 417 19.86 55.60 -17.13
C THR B 417 20.50 54.38 -17.80
N HIS B 418 20.57 53.29 -17.04
CA HIS B 418 21.07 52.01 -17.57
C HIS B 418 20.18 51.48 -18.71
N ILE B 419 18.87 51.52 -18.52
CA ILE B 419 17.93 51.03 -19.55
C ILE B 419 17.98 51.87 -20.85
N ALA B 420 17.86 53.20 -20.72
CA ALA B 420 17.94 54.11 -21.87
C ALA B 420 19.24 53.91 -22.67
N ASN B 421 20.36 53.78 -21.95
CA ASN B 421 21.65 53.41 -22.57
C ASN B 421 21.62 52.04 -23.29
N GLU B 422 21.15 51.00 -22.59
CA GLU B 422 21.08 49.66 -23.17
C GLU B 422 20.22 49.69 -24.43
N PHE B 423 19.08 50.40 -24.33
CA PHE B 423 18.14 50.63 -25.44
C PHE B 423 18.82 51.29 -26.65
N ARG B 424 19.56 52.37 -26.39
CA ARG B 424 20.27 53.07 -27.45
C ARG B 424 21.43 52.24 -28.01
N ASP B 425 22.06 51.46 -27.15
CA ASP B 425 23.19 50.62 -27.56
C ASP B 425 22.76 49.51 -28.51
N ILE B 426 21.60 48.91 -28.23
CA ILE B 426 20.97 47.94 -29.13
C ILE B 426 20.84 48.57 -30.53
N HIS B 427 20.22 49.75 -30.59
CA HIS B 427 20.07 50.53 -31.83
C HIS B 427 21.40 50.86 -32.52
N ASP B 428 22.37 51.30 -31.72
CA ASP B 428 23.72 51.59 -32.22
C ASP B 428 24.41 50.36 -32.85
N ARG B 429 24.21 49.20 -32.23
CA ARG B 429 24.83 47.96 -32.67
C ARG B 429 24.10 47.32 -33.86
N THR B 430 22.77 47.41 -33.85
CA THR B 430 21.95 46.66 -34.80
C THR B 430 21.44 47.51 -35.95
N GLY B 431 21.50 48.83 -35.78
CA GLY B 431 20.89 49.78 -36.71
C GLY B 431 19.38 49.59 -36.78
N GLY B 432 18.79 49.12 -35.68
CA GLY B 432 17.36 48.77 -35.66
C GLY B 432 16.98 47.61 -36.59
N VAL B 433 17.94 46.79 -36.98
CA VAL B 433 17.62 45.56 -37.70
C VAL B 433 17.13 44.51 -36.69
N ALA B 434 16.16 43.71 -37.08
CA ALA B 434 15.70 42.59 -36.24
C ALA B 434 16.75 41.48 -36.24
N ALA B 435 16.85 40.75 -35.13
CA ALA B 435 17.67 39.54 -35.09
C ALA B 435 17.20 38.54 -36.14
N GLU B 436 18.13 37.73 -36.66
CA GLU B 436 17.81 36.73 -37.67
C GLU B 436 17.01 35.55 -37.07
N GLY B 437 15.95 35.15 -37.75
CA GLY B 437 15.06 34.09 -37.29
C GLY B 437 15.35 32.74 -37.92
N GLU B 438 15.35 31.70 -37.08
CA GLU B 438 15.85 30.39 -37.49
C GLU B 438 14.82 29.45 -38.10
N LEU B 439 13.56 29.87 -38.16
CA LEU B 439 12.43 29.05 -38.65
C LEU B 439 11.24 29.98 -38.90
N ASN B 440 10.37 29.60 -39.83
CA ASN B 440 9.17 30.38 -40.11
C ASN B 440 7.98 29.65 -39.52
N VAL B 441 7.33 30.30 -38.56
CA VAL B 441 6.24 29.74 -37.79
C VAL B 441 5.00 30.54 -38.10
N ALA B 442 3.89 29.88 -38.39
CA ALA B 442 2.63 30.56 -38.64
C ALA B 442 1.59 30.13 -37.60
N ILE B 443 0.94 31.08 -36.96
CA ILE B 443 -0.16 30.74 -36.06
C ILE B 443 -1.42 30.86 -36.89
N LEU B 444 -2.24 29.80 -36.87
CA LEU B 444 -3.42 29.72 -37.68
C LEU B 444 -4.67 29.77 -36.81
N ASN B 445 -5.55 30.73 -37.10
CA ASN B 445 -6.82 30.92 -36.39
C ASN B 445 -7.81 31.65 -37.31
N SER B 446 -8.98 32.00 -36.82
CA SER B 446 -10.03 32.59 -37.66
C SER B 446 -9.71 34.02 -38.09
N TRP B 447 -8.89 34.72 -37.30
CA TRP B 447 -8.64 36.16 -37.50
C TRP B 447 -7.46 36.44 -38.45
N GLY B 448 -6.36 35.74 -38.25
CA GLY B 448 -5.16 35.94 -39.06
C GLY B 448 -4.42 37.23 -38.74
N LYS B 449 -3.78 37.79 -39.77
CA LYS B 449 -2.94 39.00 -39.67
C LYS B 449 -3.60 40.15 -38.90
N MET B 450 -4.90 40.38 -39.09
CA MET B 450 -5.59 41.52 -38.44
C MET B 450 -5.49 41.52 -36.90
N ARG B 451 -5.33 40.32 -36.32
CA ARG B 451 -5.14 40.19 -34.88
C ARG B 451 -3.75 39.65 -34.51
N SER B 452 -2.73 40.07 -35.26
CA SER B 452 -1.36 39.67 -34.97
C SER B 452 -1.02 40.02 -33.52
N TRP B 453 -0.45 39.04 -32.82
CA TRP B 453 -0.11 39.12 -31.38
C TRP B 453 -1.30 39.38 -30.47
N MET B 454 -2.52 39.24 -31.00
CA MET B 454 -3.69 39.61 -30.23
C MET B 454 -4.58 38.43 -29.85
N ALA B 455 -4.22 37.24 -30.33
CA ALA B 455 -4.88 36.00 -29.95
C ALA B 455 -4.86 35.77 -28.43
N PHE B 456 -6.00 35.36 -27.90
CA PHE B 456 -6.16 34.96 -26.50
C PHE B 456 -6.32 36.13 -25.51
N THR B 457 -6.21 37.37 -25.96
CA THR B 457 -6.40 38.51 -25.06
C THR B 457 -7.90 38.76 -24.80
N VAL B 458 -8.27 38.95 -23.53
CA VAL B 458 -9.58 39.54 -23.16
C VAL B 458 -9.35 40.99 -22.72
N ALA B 459 -8.73 41.15 -21.56
CA ALA B 459 -8.28 42.47 -21.09
C ALA B 459 -6.81 42.58 -21.44
N HIS B 460 -6.42 43.75 -21.92
CA HIS B 460 -5.03 43.98 -22.29
C HIS B 460 -4.05 43.61 -21.19
N ALA B 461 -3.06 42.79 -21.54
CA ALA B 461 -1.96 42.41 -20.61
C ALA B 461 -2.39 41.66 -19.34
N LEU B 462 -3.60 41.11 -19.32
CA LEU B 462 -4.10 40.48 -18.10
C LEU B 462 -4.58 39.04 -18.35
N PRO B 463 -3.64 38.11 -18.64
CA PRO B 463 -4.04 36.71 -18.81
C PRO B 463 -4.63 36.18 -17.50
N ASN B 464 -5.53 35.21 -17.57
CA ASN B 464 -6.14 34.67 -16.36
C ASN B 464 -6.19 33.14 -16.38
N LYS B 465 -6.91 32.54 -15.42
CA LYS B 465 -7.03 31.09 -15.32
C LYS B 465 -7.46 30.51 -16.67
N GLN B 466 -8.45 31.13 -17.29
CA GLN B 466 -8.99 30.59 -18.53
C GLN B 466 -8.08 30.75 -19.76
N THR B 467 -7.13 31.68 -19.73
CA THR B 467 -6.46 32.05 -20.97
C THR B 467 -4.95 31.80 -20.96
N TYR B 468 -4.37 31.70 -19.77
CA TYR B 468 -2.91 31.72 -19.62
C TYR B 468 -2.21 30.50 -20.25
N SER B 469 -2.93 29.37 -20.37
CA SER B 469 -2.35 28.14 -20.95
C SER B 469 -2.15 28.31 -22.46
N TYR B 470 -2.84 29.30 -23.02
CA TYR B 470 -2.71 29.60 -24.44
C TYR B 470 -1.92 30.87 -24.75
N TYR B 471 -2.12 31.91 -23.93
CA TYR B 471 -1.37 33.16 -24.01
C TYR B 471 0.12 32.90 -23.88
N GLY B 472 0.46 31.91 -23.06
CA GLY B 472 1.84 31.43 -22.94
C GLY B 472 2.54 31.10 -24.24
N ILE B 473 1.77 30.65 -25.24
CA ILE B 473 2.33 30.35 -26.56
C ILE B 473 2.85 31.63 -27.22
N LEU B 474 1.99 32.66 -27.26
CA LEU B 474 2.40 33.97 -27.79
C LEU B 474 3.57 34.52 -27.00
N GLU B 475 3.44 34.52 -25.68
CA GLU B 475 4.50 35.05 -24.83
C GLU B 475 5.85 34.38 -25.07
N SER B 476 5.85 33.05 -25.20
CA SER B 476 7.06 32.30 -25.56
C SER B 476 7.60 32.73 -26.94
N LEU B 477 6.72 32.77 -27.93
CA LEU B 477 7.08 33.13 -29.29
C LEU B 477 7.57 34.58 -29.43
N SER B 478 7.02 35.48 -28.61
CA SER B 478 7.30 36.92 -28.71
C SER B 478 8.79 37.25 -28.70
N GLY B 479 9.56 36.48 -27.93
CA GLY B 479 11.00 36.71 -27.80
C GLY B 479 11.84 35.58 -28.36
N MET B 480 11.21 34.67 -29.09
CA MET B 480 11.91 33.50 -29.61
C MET B 480 12.66 33.76 -30.93
N ARG B 481 13.78 33.07 -31.10
CA ARG B 481 14.62 33.17 -32.31
C ARG B 481 14.05 32.53 -33.58
N VAL B 482 12.78 32.81 -33.87
CA VAL B 482 12.11 32.33 -35.09
C VAL B 482 11.24 33.46 -35.65
N ASN B 483 10.78 33.34 -36.89
CA ASN B 483 9.92 34.34 -37.49
C ASN B 483 8.47 33.94 -37.34
N VAL B 484 7.69 34.76 -36.66
CA VAL B 484 6.28 34.44 -36.43
C VAL B 484 5.40 35.28 -37.33
N ARG B 485 4.42 34.65 -37.99
CA ARG B 485 3.38 35.36 -38.71
C ARG B 485 2.02 34.79 -38.31
N PHE B 486 0.94 35.50 -38.64
CA PHE B 486 -0.42 35.13 -38.26
C PHE B 486 -1.28 34.96 -39.51
N ILE B 487 -1.87 33.78 -39.69
CA ILE B 487 -2.65 33.48 -40.91
C ILE B 487 -4.04 33.00 -40.54
N SER B 488 -4.98 33.18 -41.45
CA SER B 488 -6.36 32.80 -41.21
C SER B 488 -6.75 31.57 -42.01
N PHE B 489 -7.84 30.92 -41.60
CA PHE B 489 -8.40 29.82 -42.36
C PHE B 489 -8.76 30.25 -43.80
N ASP B 490 -9.19 31.51 -43.98
CA ASP B 490 -9.53 32.03 -45.32
C ASP B 490 -8.32 32.12 -46.22
N ASP B 491 -7.19 32.60 -45.68
CA ASP B 491 -5.91 32.60 -46.37
C ASP B 491 -5.58 31.20 -46.90
N VAL B 492 -5.58 30.23 -45.97
CA VAL B 492 -5.24 28.85 -46.27
C VAL B 492 -6.18 28.26 -47.34
N LEU B 493 -7.49 28.47 -47.17
CA LEU B 493 -8.45 27.95 -48.13
C LEU B 493 -8.32 28.56 -49.52
N ALA B 494 -8.03 29.87 -49.58
CA ALA B 494 -7.94 30.54 -50.88
C ALA B 494 -6.58 30.36 -51.55
N HIS B 495 -5.49 30.27 -50.77
CA HIS B 495 -4.15 30.23 -51.37
C HIS B 495 -3.29 29.04 -51.02
N GLY B 496 -3.78 28.15 -50.18
CA GLY B 496 -2.91 27.07 -49.68
C GLY B 496 -1.92 27.62 -48.66
N ILE B 497 -0.94 26.80 -48.31
CA ILE B 497 0.05 27.16 -47.29
C ILE B 497 1.35 27.62 -47.97
N ASP B 498 1.81 28.83 -47.65
CA ASP B 498 3.02 29.39 -48.29
C ASP B 498 4.20 28.45 -48.17
N SER B 499 5.01 28.41 -49.23
CA SER B 499 6.06 27.44 -49.35
C SER B 499 7.19 27.69 -48.37
N ASP B 500 7.22 28.87 -47.74
CA ASP B 500 8.33 29.18 -46.84
C ASP B 500 8.07 28.86 -45.37
N ILE B 501 6.82 28.50 -45.04
CA ILE B 501 6.44 28.18 -43.68
C ILE B 501 7.01 26.83 -43.31
N ASP B 502 7.60 26.74 -42.12
CA ASP B 502 8.14 25.49 -41.56
C ASP B 502 7.13 24.79 -40.62
N VAL B 503 6.44 25.59 -39.80
CA VAL B 503 5.57 25.05 -38.76
C VAL B 503 4.28 25.86 -38.71
N ILE B 504 3.14 25.18 -38.65
CA ILE B 504 1.86 25.81 -38.34
C ILE B 504 1.48 25.44 -36.91
N ILE B 505 0.99 26.42 -36.16
CA ILE B 505 0.47 26.18 -34.82
C ILE B 505 -1.01 26.50 -34.78
N ASN B 506 -1.77 25.56 -34.25
CA ASN B 506 -3.19 25.80 -34.01
C ASN B 506 -3.48 25.46 -32.57
N GLY B 507 -4.13 26.36 -31.84
CA GLY B 507 -4.36 26.14 -30.43
C GLY B 507 -5.50 26.93 -29.84
N GLY B 508 -6.06 26.41 -28.75
CA GLY B 508 -7.13 27.08 -28.02
C GLY B 508 -8.14 26.03 -27.63
N PRO B 509 -9.25 26.43 -26.99
CA PRO B 509 -10.38 25.52 -26.70
C PRO B 509 -11.24 25.31 -27.92
N VAL B 510 -12.02 24.24 -27.88
CA VAL B 510 -12.99 23.94 -28.92
C VAL B 510 -13.98 25.09 -29.07
N ASP B 511 -14.47 25.28 -30.30
CA ASP B 511 -15.52 26.26 -30.60
C ASP B 511 -15.12 27.71 -30.30
N THR B 512 -13.85 28.04 -30.53
CA THR B 512 -13.36 29.38 -30.44
C THR B 512 -12.77 29.79 -31.78
N ALA B 513 -12.62 31.11 -31.97
CA ALA B 513 -11.90 31.67 -33.10
C ALA B 513 -10.49 31.12 -33.22
N PHE B 514 -9.94 30.65 -32.11
CA PHE B 514 -8.52 30.29 -32.09
C PHE B 514 -8.25 28.85 -32.50
N THR B 515 -9.22 27.98 -32.26
CA THR B 515 -9.12 26.68 -32.89
C THR B 515 -9.81 26.73 -34.24
N GLY B 516 -10.97 27.38 -34.32
CA GLY B 516 -11.63 27.59 -35.59
C GLY B 516 -13.06 27.10 -35.68
N GLY B 517 -13.46 26.18 -34.81
CA GLY B 517 -14.84 25.66 -34.84
C GLY B 517 -15.12 24.83 -36.08
N ASP B 518 -16.25 25.07 -36.72
CA ASP B 518 -16.71 24.19 -37.79
C ASP B 518 -15.93 24.26 -39.12
N VAL B 519 -15.01 25.21 -39.24
CA VAL B 519 -14.08 25.25 -40.38
C VAL B 519 -13.34 23.89 -40.52
N TRP B 520 -13.16 23.19 -39.41
CA TRP B 520 -12.50 21.89 -39.45
C TRP B 520 -13.33 20.77 -40.09
N THR B 521 -14.63 21.01 -40.31
CA THR B 521 -15.47 20.05 -41.05
C THR B 521 -15.43 20.33 -42.56
N ASN B 522 -14.68 21.35 -42.96
CA ASN B 522 -14.47 21.65 -44.37
C ASN B 522 -13.36 20.74 -44.89
N PRO B 523 -13.72 19.76 -45.75
CA PRO B 523 -12.70 18.79 -46.25
C PRO B 523 -11.50 19.44 -46.95
N LYS B 524 -11.70 20.59 -47.55
CA LYS B 524 -10.61 21.29 -48.22
C LYS B 524 -9.51 21.70 -47.23
N LEU B 525 -9.91 22.14 -46.05
CA LEU B 525 -8.95 22.62 -45.05
C LEU B 525 -8.11 21.45 -44.58
N VAL B 526 -8.78 20.36 -44.27
CA VAL B 526 -8.15 19.14 -43.80
C VAL B 526 -7.24 18.55 -44.88
N GLU B 527 -7.69 18.53 -46.14
CA GLU B 527 -6.84 18.07 -47.25
C GLU B 527 -5.58 18.90 -47.34
N THR B 528 -5.71 20.22 -47.29
CA THR B 528 -4.56 21.11 -47.43
C THR B 528 -3.51 20.88 -46.34
N VAL B 529 -3.95 20.80 -45.10
CA VAL B 529 -3.01 20.60 -43.99
C VAL B 529 -2.37 19.23 -44.06
N ARG B 530 -3.19 18.20 -44.20
CA ARG B 530 -2.65 16.84 -44.24
C ARG B 530 -1.61 16.70 -45.37
N ALA B 531 -1.96 17.15 -46.56
CA ALA B 531 -1.04 17.01 -47.70
C ALA B 531 0.25 17.76 -47.39
N TRP B 532 0.13 18.92 -46.77
CA TRP B 532 1.29 19.74 -46.48
C TRP B 532 2.21 19.12 -45.42
N VAL B 533 1.62 18.59 -44.36
CA VAL B 533 2.40 17.91 -43.34
C VAL B 533 3.04 16.65 -43.95
N ARG B 534 2.23 15.88 -44.70
CA ARG B 534 2.70 14.64 -45.35
C ARG B 534 3.94 14.84 -46.23
N GLY B 535 4.03 16.02 -46.85
CA GLY B 535 5.16 16.39 -47.70
C GLY B 535 6.37 16.97 -46.97
N GLY B 536 6.31 17.09 -45.64
CA GLY B 536 7.43 17.68 -44.90
C GLY B 536 7.06 18.81 -43.95
N GLY B 537 5.81 19.25 -43.99
CA GLY B 537 5.31 20.26 -43.06
C GLY B 537 5.32 19.80 -41.60
N ALA B 538 5.08 20.74 -40.69
CA ALA B 538 5.03 20.44 -39.27
C ALA B 538 3.80 21.11 -38.66
N PHE B 539 3.01 20.35 -37.91
CA PHE B 539 1.81 20.88 -37.30
C PHE B 539 1.84 20.69 -35.78
N VAL B 540 1.76 21.80 -35.03
CA VAL B 540 1.74 21.77 -33.56
C VAL B 540 0.32 22.17 -33.08
N GLY B 541 -0.34 21.27 -32.37
CA GLY B 541 -1.66 21.54 -31.83
C GLY B 541 -1.60 21.72 -30.32
N VAL B 542 -2.14 22.83 -29.83
CA VAL B 542 -2.21 23.08 -28.38
C VAL B 542 -3.66 23.07 -27.81
N GLY B 543 -3.88 22.27 -26.77
CA GLY B 543 -5.19 22.21 -26.10
C GLY B 543 -6.20 21.36 -26.83
N GLU B 544 -7.05 21.99 -27.63
CA GLU B 544 -8.04 21.24 -28.43
C GLU B 544 -7.96 21.60 -29.91
N PRO B 545 -6.76 21.45 -30.53
CA PRO B 545 -6.53 21.81 -31.94
C PRO B 545 -7.43 21.05 -32.90
N SER B 546 -7.78 21.68 -34.00
CA SER B 546 -8.67 21.07 -35.01
C SER B 546 -9.96 20.45 -34.49
N SER B 547 -10.43 20.90 -33.33
CA SER B 547 -11.63 20.29 -32.72
C SER B 547 -12.95 20.68 -33.39
N ALA B 548 -13.85 19.72 -33.52
CA ALA B 548 -15.16 20.01 -34.09
C ALA B 548 -16.11 19.05 -33.43
N PRO B 549 -17.05 19.57 -32.61
CA PRO B 549 -17.91 18.69 -31.83
C PRO B 549 -18.96 18.03 -32.72
N ARG B 550 -19.30 16.78 -32.42
CA ARG B 550 -20.40 16.05 -33.11
C ARG B 550 -20.25 15.74 -34.60
N PHE B 551 -19.20 16.22 -35.24
CA PHE B 551 -19.06 15.94 -36.66
C PHE B 551 -18.81 14.45 -36.87
N GLN B 552 -17.82 13.91 -36.15
CA GLN B 552 -17.58 12.46 -36.14
C GLN B 552 -17.64 11.93 -34.72
N THR B 553 -18.45 10.90 -34.52
CA THR B 553 -18.58 10.27 -33.22
C THR B 553 -17.22 9.82 -32.66
N GLY B 554 -16.35 9.31 -33.52
CA GLY B 554 -15.09 8.76 -33.07
C GLY B 554 -13.84 9.60 -33.19
N ARG B 555 -13.98 10.87 -33.57
CA ARG B 555 -12.84 11.75 -33.83
C ARG B 555 -13.26 13.19 -33.48
N PHE B 556 -12.63 13.76 -32.45
CA PHE B 556 -12.92 15.13 -31.99
C PHE B 556 -11.93 16.13 -32.61
N PHE B 557 -10.64 15.90 -32.41
CA PHE B 557 -9.60 16.65 -33.10
C PHE B 557 -9.62 16.09 -34.51
N GLN B 558 -9.96 16.91 -35.50
CA GLN B 558 -10.07 16.36 -36.85
C GLN B 558 -8.71 15.98 -37.43
N LEU B 559 -7.65 16.61 -36.93
CA LEU B 559 -6.30 16.25 -37.31
C LEU B 559 -5.64 15.38 -36.24
N ALA B 560 -6.44 14.58 -35.54
CA ALA B 560 -5.87 13.66 -34.52
C ALA B 560 -4.84 12.71 -35.14
N ASP B 561 -5.05 12.35 -36.41
CA ASP B 561 -4.11 11.47 -37.10
C ASP B 561 -2.73 12.10 -37.30
N VAL B 562 -2.71 13.41 -37.53
CA VAL B 562 -1.46 14.15 -37.68
C VAL B 562 -0.68 14.24 -36.36
N ILE B 563 -1.34 14.57 -35.25
CA ILE B 563 -0.60 14.81 -33.97
C ILE B 563 -0.58 13.59 -33.06
N GLY B 564 -1.40 12.61 -33.41
CA GLY B 564 -1.37 11.30 -32.76
C GLY B 564 -2.17 11.29 -31.46
N VAL B 565 -2.98 12.31 -31.24
CA VAL B 565 -3.69 12.45 -29.98
C VAL B 565 -5.10 12.91 -30.26
N ASP B 566 -6.07 12.28 -29.60
CA ASP B 566 -7.44 12.80 -29.57
C ASP B 566 -7.91 12.98 -28.12
N GLU B 567 -9.03 13.68 -27.96
CA GLU B 567 -9.68 13.80 -26.66
C GLU B 567 -10.91 12.91 -26.60
N GLU B 568 -10.99 12.09 -25.55
CA GLU B 568 -12.18 11.28 -25.30
C GLU B 568 -13.31 12.22 -24.93
N ARG B 569 -14.46 12.08 -25.59
CA ARG B 569 -15.61 12.92 -25.29
C ARG B 569 -16.81 12.13 -24.71
N TYR B 570 -16.55 10.94 -24.17
CA TYR B 570 -17.55 10.04 -23.54
C TYR B 570 -18.45 9.35 -24.54
N GLN B 571 -18.05 9.44 -25.81
CA GLN B 571 -18.74 8.70 -26.88
C GLN B 571 -18.01 7.41 -27.18
N THR B 572 -16.73 7.32 -26.80
CA THR B 572 -15.92 6.16 -27.13
C THR B 572 -15.44 5.37 -25.91
N LEU B 573 -16.17 5.43 -24.79
CA LEU B 573 -15.69 4.76 -23.59
C LEU B 573 -15.60 3.21 -23.73
N SER B 574 -16.37 2.64 -24.65
CA SER B 574 -16.28 1.21 -24.90
C SER B 574 -14.96 0.79 -25.54
N VAL B 575 -14.22 1.73 -26.13
CA VAL B 575 -12.99 1.38 -26.83
C VAL B 575 -11.79 1.49 -25.85
N ASP B 576 -11.11 0.38 -25.57
CA ASP B 576 -10.01 0.43 -24.62
C ASP B 576 -8.89 1.31 -25.22
N LYS B 577 -8.32 2.20 -24.41
CA LYS B 577 -7.20 3.01 -24.91
C LYS B 577 -5.88 2.44 -24.41
N TYR B 578 -4.95 2.20 -25.33
CA TYR B 578 -3.63 1.66 -24.97
C TYR B 578 -2.53 2.69 -25.16
N PHE B 579 -1.82 3.01 -24.07
CA PHE B 579 -0.79 4.04 -24.09
C PHE B 579 0.56 3.35 -24.24
N PRO B 580 1.37 3.75 -25.24
CA PRO B 580 2.71 3.18 -25.30
C PRO B 580 3.59 3.73 -24.17
N PRO B 581 4.69 3.04 -23.86
CA PRO B 581 5.53 3.55 -22.78
C PRO B 581 6.02 4.96 -23.10
N VAL B 582 6.00 5.83 -22.08
CA VAL B 582 6.51 7.19 -22.25
C VAL B 582 8.02 7.17 -22.53
N VAL B 583 8.50 8.06 -23.41
CA VAL B 583 9.93 8.17 -23.73
C VAL B 583 10.53 9.33 -22.93
N PRO B 584 11.21 9.03 -21.80
CA PRO B 584 11.73 10.10 -20.93
C PRO B 584 12.99 10.84 -21.47
N ASP B 585 13.74 10.23 -22.38
CA ASP B 585 14.96 10.86 -22.94
C ASP B 585 14.74 11.16 -24.42
N HIS B 586 14.51 12.43 -24.73
CA HIS B 586 14.11 12.84 -26.07
C HIS B 586 14.57 14.26 -26.28
N PHE B 587 14.83 14.58 -27.54
CA PHE B 587 15.21 15.93 -27.95
C PHE B 587 14.28 17.03 -27.39
N ILE B 588 12.96 16.85 -27.47
CA ILE B 588 12.03 17.93 -27.04
C ILE B 588 12.14 18.23 -25.53
N THR B 589 12.33 17.20 -24.73
CA THR B 589 12.35 17.39 -23.28
C THR B 589 13.79 17.46 -22.73
N ALA B 590 14.78 17.59 -23.62
CA ALA B 590 16.20 17.50 -23.21
C ALA B 590 16.63 18.50 -22.11
N ASP B 591 16.00 19.67 -22.06
CA ASP B 591 16.34 20.71 -21.09
C ASP B 591 15.44 20.73 -19.83
N VAL B 592 14.49 19.82 -19.73
CA VAL B 592 13.63 19.74 -18.55
C VAL B 592 14.41 19.18 -17.37
N PRO B 593 14.57 19.98 -16.29
CA PRO B 593 15.35 19.56 -15.11
C PRO B 593 14.84 18.22 -14.62
N VAL B 594 15.80 17.32 -14.47
CA VAL B 594 15.54 15.91 -14.26
C VAL B 594 14.71 15.62 -12.98
N ASP B 595 15.38 15.41 -11.86
CA ASP B 595 14.78 15.16 -10.53
C ASP B 595 14.79 13.67 -10.24
N PRO B 596 15.99 13.13 -9.91
CA PRO B 596 16.28 11.70 -9.90
C PRO B 596 15.28 10.87 -9.12
N ALA B 597 14.92 11.31 -7.92
CA ALA B 597 13.99 10.58 -7.08
C ALA B 597 12.55 10.57 -7.63
N ALA B 598 12.18 11.57 -8.43
CA ALA B 598 10.87 11.56 -9.10
C ALA B 598 10.87 10.57 -10.25
N ARG B 599 11.96 10.57 -11.02
CA ARG B 599 12.06 9.68 -12.16
C ARG B 599 12.12 8.23 -11.68
N GLU B 600 12.92 7.97 -10.65
CA GLU B 600 13.00 6.68 -10.02
C GLU B 600 11.62 6.16 -9.58
N ALA B 601 10.83 6.99 -8.91
CA ALA B 601 9.50 6.57 -8.45
C ALA B 601 8.59 6.26 -9.64
N TRP B 602 8.69 7.05 -10.70
CA TRP B 602 7.92 6.81 -11.91
C TRP B 602 8.31 5.48 -12.57
N GLU B 603 9.61 5.20 -12.67
CA GLU B 603 10.08 3.93 -13.28
C GLU B 603 9.66 2.72 -12.43
N GLN B 604 9.70 2.85 -11.11
CA GLN B 604 9.36 1.73 -10.22
C GLN B 604 7.87 1.41 -10.25
N ALA B 605 7.03 2.43 -10.25
CA ALA B 605 5.58 2.20 -10.24
C ALA B 605 5.09 1.61 -11.56
N GLY B 606 5.78 1.93 -12.66
CA GLY B 606 5.50 1.36 -13.97
C GLY B 606 4.12 1.74 -14.52
N TYR B 607 3.60 0.86 -15.37
CA TYR B 607 2.39 1.12 -16.16
C TYR B 607 1.20 0.21 -15.82
N ARG B 608 -0.02 0.72 -15.98
CA ARG B 608 -1.20 -0.13 -15.75
C ARG B 608 -1.20 -1.37 -16.67
N ILE B 609 -1.56 -2.51 -16.10
CA ILE B 609 -1.81 -3.73 -16.86
C ILE B 609 -3.19 -3.58 -17.52
N PRO B 610 -3.35 -4.06 -18.76
CA PRO B 610 -4.68 -3.97 -19.37
C PRO B 610 -5.77 -4.52 -18.47
N LEU B 611 -6.88 -3.81 -18.40
CA LEU B 611 -8.00 -4.22 -17.54
C LEU B 611 -9.27 -3.90 -18.31
N SER B 612 -10.23 -4.83 -18.30
CA SER B 612 -11.47 -4.68 -19.06
C SER B 612 -12.10 -3.29 -18.86
N GLY B 613 -12.40 -2.62 -19.97
CA GLY B 613 -13.02 -1.29 -19.94
C GLY B 613 -12.12 -0.15 -19.50
N CYS B 614 -10.85 -0.44 -19.17
CA CYS B 614 -9.94 0.59 -18.70
C CYS B 614 -8.67 0.73 -19.54
N GLY B 615 -8.59 0.04 -20.67
CA GLY B 615 -7.37 0.09 -21.49
C GLY B 615 -6.12 -0.27 -20.70
N GLY B 616 -5.00 0.38 -20.97
CA GLY B 616 -3.76 0.02 -20.30
C GLY B 616 -2.56 0.82 -20.74
N GLY B 617 -1.46 0.72 -19.98
CA GLY B 617 -0.20 1.38 -20.30
C GLY B 617 0.02 2.80 -19.79
N GLN B 618 -0.99 3.33 -19.10
CA GLN B 618 -0.88 4.65 -18.45
C GLN B 618 0.05 4.50 -17.23
N SER B 619 0.98 5.44 -17.01
CA SER B 619 1.88 5.31 -15.85
C SER B 619 1.08 5.47 -14.57
N ILE B 620 1.43 4.68 -13.55
CA ILE B 620 0.73 4.70 -12.26
C ILE B 620 1.17 5.93 -11.45
N LYS B 621 2.41 6.37 -11.63
CA LYS B 621 2.85 7.62 -11.01
C LYS B 621 3.24 8.61 -12.10
N PRO B 622 3.15 9.92 -11.80
CA PRO B 622 3.54 10.90 -12.82
C PRO B 622 5.06 11.06 -12.92
N LEU B 623 5.55 11.30 -14.12
CA LEU B 623 6.95 11.64 -14.32
C LEU B 623 7.16 13.11 -13.94
N GLY B 624 6.23 13.99 -14.35
CA GLY B 624 6.22 15.41 -13.95
C GLY B 624 7.32 16.28 -14.53
N GLY B 625 7.58 17.40 -13.88
CA GLY B 625 8.75 18.23 -14.22
C GLY B 625 8.40 19.37 -15.15
N ILE B 626 7.18 19.35 -15.69
CA ILE B 626 6.72 20.38 -16.64
C ILE B 626 5.35 20.89 -16.26
N ASP B 627 5.19 22.21 -16.31
CA ASP B 627 3.91 22.87 -16.03
C ASP B 627 3.13 23.08 -17.32
N PHE B 628 2.11 22.27 -17.52
CA PHE B 628 1.28 22.34 -18.74
C PHE B 628 0.01 23.18 -18.58
N GLY B 629 -0.14 23.84 -17.43
CA GLY B 629 -1.32 24.72 -17.23
C GLY B 629 -2.61 23.94 -17.04
N GLU B 630 -3.70 24.45 -17.62
CA GLU B 630 -5.04 23.84 -17.45
C GLU B 630 -5.11 22.49 -18.15
N PRO B 631 -5.63 21.45 -17.46
CA PRO B 631 -5.66 20.15 -18.14
C PRO B 631 -6.71 20.07 -19.25
N VAL B 632 -6.39 19.29 -20.29
CA VAL B 632 -7.37 18.84 -21.28
C VAL B 632 -7.65 17.40 -20.91
N LEU B 633 -8.85 17.16 -20.38
CA LEU B 633 -9.15 15.86 -19.77
C LEU B 633 -9.29 14.74 -20.79
N ASN B 634 -8.72 13.57 -20.46
CA ASN B 634 -8.96 12.33 -21.20
C ASN B 634 -8.42 12.38 -22.64
N THR B 635 -7.38 13.16 -22.87
CA THR B 635 -6.64 13.03 -24.10
C THR B 635 -5.99 11.65 -24.09
N TYR B 636 -5.83 11.05 -25.27
CA TYR B 636 -5.23 9.71 -25.36
C TYR B 636 -4.51 9.56 -26.70
N PRO B 637 -3.57 8.60 -26.81
CA PRO B 637 -2.86 8.43 -28.12
C PRO B 637 -3.74 7.59 -29.09
N VAL B 638 -3.79 7.99 -30.36
CA VAL B 638 -4.65 7.29 -31.31
C VAL B 638 -4.15 5.89 -31.71
N ASN B 639 -2.85 5.66 -31.59
CA ASN B 639 -2.29 4.32 -31.73
C ASN B 639 -0.98 4.22 -30.95
N GLU B 640 -0.42 3.02 -30.85
CA GLU B 640 0.80 2.84 -30.10
C GLU B 640 2.09 3.24 -30.84
N ASN B 641 1.98 3.80 -32.04
CA ASN B 641 3.16 4.37 -32.72
C ASN B 641 3.40 5.87 -32.48
N VAL B 642 2.46 6.53 -31.81
CA VAL B 642 2.67 7.88 -31.32
C VAL B 642 3.73 7.85 -30.21
N THR B 643 4.64 8.84 -30.20
CA THR B 643 5.61 8.96 -29.12
C THR B 643 5.04 9.83 -28.01
N LEU B 644 4.74 9.23 -26.85
CA LEU B 644 4.36 9.96 -25.66
C LEU B 644 5.57 10.52 -24.89
N LEU B 645 5.58 11.83 -24.66
CA LEU B 645 6.68 12.47 -23.91
C LEU B 645 6.27 12.85 -22.49
N ARG B 646 4.98 13.18 -22.31
CA ARG B 646 4.35 13.30 -20.99
C ARG B 646 2.90 12.86 -21.10
N ALA B 647 2.54 11.90 -20.27
CA ALA B 647 1.20 11.36 -20.24
C ALA B 647 0.92 10.95 -18.81
N ASP B 648 0.87 11.95 -17.92
CA ASP B 648 0.69 11.74 -16.49
C ASP B 648 -0.78 11.80 -16.13
N GLY B 649 -1.19 11.12 -15.07
CA GLY B 649 -2.56 11.22 -14.59
C GLY B 649 -3.58 10.60 -15.54
N GLY B 650 -3.16 9.59 -16.29
CA GLY B 650 -4.10 8.87 -17.16
C GLY B 650 -4.58 9.60 -18.39
N GLN B 651 -3.79 10.58 -18.84
CA GLN B 651 -4.10 11.35 -20.05
C GLN B 651 -2.79 11.90 -20.60
N VAL B 652 -2.87 12.64 -21.71
CA VAL B 652 -1.68 13.05 -22.47
C VAL B 652 -1.46 14.55 -22.41
N GLN B 653 -0.22 14.95 -22.08
CA GLN B 653 0.15 16.34 -22.12
C GLN B 653 1.06 16.69 -23.30
N LEU B 654 1.91 15.75 -23.71
CA LEU B 654 2.94 16.04 -24.69
C LEU B 654 3.22 14.81 -25.50
N ALA B 655 3.12 14.95 -26.82
CA ALA B 655 3.27 13.82 -27.74
C ALA B 655 3.76 14.26 -29.10
N THR B 656 4.39 13.35 -29.82
CA THR B 656 4.83 13.64 -31.19
C THR B 656 4.58 12.42 -32.09
N ASN B 657 4.23 12.70 -33.33
CA ASN B 657 3.83 11.67 -34.27
C ASN B 657 4.44 11.94 -35.65
N ASP B 658 5.08 10.93 -36.24
CA ASP B 658 5.57 11.07 -37.61
C ASP B 658 4.39 10.90 -38.56
N TYR B 659 4.32 11.71 -39.62
CA TYR B 659 3.19 11.70 -40.56
C TYR B 659 3.73 11.92 -41.99
N GLY B 660 4.06 10.81 -42.67
CA GLY B 660 4.82 10.85 -43.93
C GLY B 660 6.16 11.51 -43.65
N LYS B 661 6.49 12.53 -44.43
CA LYS B 661 7.78 13.25 -44.30
C LYS B 661 7.74 14.29 -43.18
N GLY B 662 6.54 14.59 -42.69
CA GLY B 662 6.38 15.65 -41.68
C GLY B 662 6.11 15.10 -40.30
N ARG B 663 5.76 15.98 -39.37
CA ARG B 663 5.50 15.60 -37.98
C ARG B 663 4.38 16.44 -37.39
N GLY B 664 3.57 15.84 -36.53
CA GLY B 664 2.63 16.61 -35.70
C GLY B 664 3.10 16.52 -34.25
N VAL B 665 2.81 17.57 -33.47
CA VAL B 665 3.05 17.56 -32.03
C VAL B 665 1.80 18.04 -31.27
N TYR B 666 1.43 17.30 -30.24
CA TYR B 666 0.39 17.75 -29.32
C TYR B 666 0.99 18.30 -28.01
N ILE B 667 0.52 19.46 -27.57
CA ILE B 667 0.81 20.00 -26.25
C ILE B 667 -0.54 20.35 -25.62
N SER B 668 -0.85 19.84 -24.42
CA SER B 668 -2.15 20.15 -23.79
C SER B 668 -2.33 21.63 -23.37
N GLY B 669 -1.23 22.28 -22.98
CA GLY B 669 -1.23 23.70 -22.62
C GLY B 669 0.20 24.15 -22.36
N LEU B 670 0.43 25.46 -22.35
CA LEU B 670 1.80 25.99 -22.26
C LEU B 670 1.88 27.41 -21.64
N PRO B 671 1.72 27.49 -20.29
CA PRO B 671 2.01 28.72 -19.56
C PRO B 671 3.42 29.21 -19.86
N TYR B 672 3.61 30.52 -19.97
CA TYR B 672 4.93 31.09 -20.22
C TYR B 672 5.87 30.85 -19.06
N SER B 673 7.09 30.44 -19.38
CA SER B 673 8.21 30.46 -18.44
C SER B 673 9.39 30.23 -19.33
N ALA B 674 10.59 30.46 -18.82
CA ALA B 674 11.80 30.19 -19.58
C ALA B 674 11.82 28.70 -19.99
N ALA B 675 11.44 27.81 -19.06
CA ALA B 675 11.46 26.38 -19.33
C ALA B 675 10.52 26.03 -20.49
N ASN B 676 9.31 26.59 -20.45
CA ASN B 676 8.29 26.29 -21.43
C ASN B 676 8.56 26.97 -22.80
N ALA B 677 9.22 28.12 -22.80
CA ALA B 677 9.69 28.70 -24.07
C ALA B 677 10.75 27.80 -24.71
N ARG B 678 11.68 27.28 -23.90
CA ARG B 678 12.64 26.29 -24.40
C ARG B 678 11.96 25.03 -24.96
N LEU B 679 10.97 24.51 -24.24
CA LEU B 679 10.21 23.34 -24.69
C LEU B 679 9.58 23.59 -26.05
N LEU B 680 8.89 24.72 -26.18
CA LEU B 680 8.21 25.04 -27.44
C LEU B 680 9.22 25.20 -28.57
N GLU B 681 10.35 25.84 -28.27
CA GLU B 681 11.39 26.06 -29.25
C GLU B 681 11.90 24.71 -29.80
N ARG B 682 12.15 23.77 -28.87
CA ARG B 682 12.61 22.45 -29.26
C ARG B 682 11.53 21.73 -30.05
N VAL B 683 10.29 21.82 -29.58
CA VAL B 683 9.16 21.31 -30.37
C VAL B 683 9.23 21.79 -31.83
N LEU B 684 9.46 23.10 -32.01
CA LEU B 684 9.47 23.71 -33.34
C LEU B 684 10.57 23.13 -34.27
N PHE B 685 11.79 23.04 -33.75
CA PHE B 685 12.90 22.42 -34.47
C PHE B 685 12.71 20.93 -34.75
N TYR B 686 12.19 20.20 -33.76
CA TYR B 686 11.96 18.79 -33.92
C TYR B 686 10.92 18.51 -35.00
N ALA B 687 9.78 19.21 -34.91
CA ALA B 687 8.63 18.90 -35.74
C ALA B 687 8.91 19.23 -37.21
N SER B 688 9.77 20.21 -37.45
CA SER B 688 10.13 20.58 -38.79
C SER B 688 11.37 19.82 -39.28
N HIS B 689 11.73 18.73 -38.60
CA HIS B 689 12.93 17.92 -38.90
C HIS B 689 14.16 18.83 -38.99
N ASN B 690 14.24 19.81 -38.10
CA ASN B 690 15.37 20.73 -38.11
C ASN B 690 16.25 20.61 -36.86
N GLU B 691 16.36 19.40 -36.29
CA GLU B 691 17.12 19.19 -35.05
C GLU B 691 18.56 19.65 -35.19
N ASP B 692 19.14 19.39 -36.34
CA ASP B 692 20.53 19.73 -36.60
C ASP B 692 20.75 21.23 -36.83
N LYS B 693 19.66 21.98 -36.90
CA LYS B 693 19.70 23.43 -37.05
C LYS B 693 19.61 24.11 -35.68
N TYR B 694 19.22 23.35 -34.66
CA TYR B 694 18.95 23.88 -33.31
C TYR B 694 20.20 24.39 -32.62
N ALA B 695 21.33 23.70 -32.80
CA ALA B 695 22.57 24.06 -32.09
C ALA B 695 23.05 25.49 -32.39
N ALA B 696 22.98 25.91 -33.65
CA ALA B 696 23.58 27.20 -34.03
C ALA B 696 22.85 28.38 -33.40
N TRP B 697 23.60 29.19 -32.65
CA TRP B 697 23.08 30.43 -32.05
C TRP B 697 22.09 30.12 -30.92
N SER B 698 22.44 29.13 -30.13
CA SER B 698 21.64 28.72 -29.00
C SER B 698 22.42 28.87 -27.70
N SER B 699 21.68 29.17 -26.64
CA SER B 699 22.17 29.20 -25.28
C SER B 699 21.87 27.85 -24.61
N SER B 700 22.82 27.30 -23.88
CA SER B 700 22.60 26.02 -23.19
C SER B 700 21.60 26.21 -22.04
N ASN B 701 21.70 27.35 -21.37
CA ASN B 701 20.80 27.74 -20.29
C ASN B 701 19.51 28.30 -20.89
N PRO B 702 18.34 27.74 -20.50
CA PRO B 702 17.03 28.27 -20.91
C PRO B 702 16.73 29.70 -20.42
N GLU B 703 17.44 30.15 -19.38
CA GLU B 703 17.17 31.43 -18.75
C GLU B 703 17.80 32.55 -19.56
N CYS B 704 18.67 32.16 -20.51
CA CYS B 704 19.25 33.11 -21.43
C CYS B 704 18.82 32.83 -22.85
N GLU B 705 18.83 33.86 -23.67
CA GLU B 705 18.56 33.75 -25.10
C GLU B 705 19.62 34.47 -25.92
N VAL B 706 19.80 34.03 -27.16
CA VAL B 706 20.77 34.58 -28.08
C VAL B 706 20.06 35.26 -29.25
N ALA B 707 20.53 36.46 -29.59
CA ALA B 707 20.13 37.11 -30.82
C ALA B 707 21.34 37.24 -31.73
N HIS B 708 21.22 36.68 -32.93
CA HIS B 708 22.27 36.77 -33.92
C HIS B 708 21.98 37.85 -34.94
N PHE B 709 22.95 38.74 -35.13
CA PHE B 709 22.85 39.80 -36.14
C PHE B 709 23.92 39.62 -37.21
N PRO B 710 23.63 38.78 -38.22
CA PRO B 710 24.63 38.27 -39.14
C PRO B 710 25.31 39.35 -39.97
N GLU B 711 24.53 40.25 -40.54
CA GLU B 711 25.09 41.24 -41.45
C GLU B 711 25.82 42.38 -40.72
N GLN B 712 25.72 42.40 -39.39
CA GLN B 712 26.55 43.28 -38.57
C GLN B 712 27.67 42.50 -37.92
N GLY B 713 27.73 41.19 -38.22
CA GLY B 713 28.77 40.32 -37.68
C GLY B 713 28.90 40.35 -36.16
N LEU B 714 27.76 40.27 -35.49
CA LEU B 714 27.75 40.14 -34.02
C LEU B 714 26.58 39.31 -33.53
N TYR B 715 26.67 38.86 -32.29
CA TYR B 715 25.51 38.27 -31.61
C TYR B 715 25.48 38.81 -30.20
N CYS B 716 24.32 38.70 -29.55
CA CYS B 716 24.25 38.97 -28.13
C CYS B 716 23.54 37.87 -27.38
N VAL B 717 23.83 37.78 -26.10
CA VAL B 717 23.12 36.86 -25.21
C VAL B 717 22.56 37.68 -24.06
N ILE B 718 21.32 37.40 -23.71
CA ILE B 718 20.63 38.15 -22.67
C ILE B 718 20.21 37.23 -21.54
N ASN B 719 20.38 37.75 -20.33
CA ASN B 719 19.86 37.11 -19.15
C ASN B 719 18.41 37.54 -18.99
N ASN B 720 17.49 36.58 -19.04
CA ASN B 720 16.08 36.91 -18.95
C ASN B 720 15.57 37.08 -17.53
N THR B 721 16.52 37.13 -16.59
CA THR B 721 16.23 37.11 -15.16
C THR B 721 17.09 38.12 -14.40
N ASP B 722 16.73 38.36 -13.13
CA ASP B 722 17.54 39.21 -12.24
C ASP B 722 18.62 38.40 -11.49
N GLN B 723 18.90 37.18 -11.98
CA GLN B 723 19.84 36.23 -11.38
C GLN B 723 21.12 36.23 -12.16
N PRO B 724 22.26 35.97 -11.47
CA PRO B 724 23.39 35.55 -12.28
C PRO B 724 23.01 34.26 -13.00
N GLN B 725 23.37 34.19 -14.27
CA GLN B 725 23.15 33.00 -15.06
C GLN B 725 24.43 32.66 -15.75
N LYS B 726 24.82 31.39 -15.67
CA LYS B 726 25.92 30.88 -16.49
C LYS B 726 25.38 30.16 -17.73
N THR B 727 25.95 30.46 -18.89
CA THR B 727 25.54 29.76 -20.11
C THR B 727 26.65 29.63 -21.14
N THR B 728 26.52 28.58 -21.96
CA THR B 728 27.38 28.33 -23.11
C THR B 728 26.61 28.61 -24.40
N VAL B 729 27.10 29.57 -25.18
CA VAL B 729 26.52 29.84 -26.49
C VAL B 729 27.27 28.99 -27.51
N THR B 730 26.52 28.42 -28.45
CA THR B 730 27.09 27.67 -29.56
C THR B 730 26.92 28.45 -30.82
N LEU B 731 28.06 28.71 -31.47
CA LEU B 731 28.12 29.49 -32.69
C LEU B 731 27.79 28.60 -33.89
N ALA B 732 27.52 29.23 -35.04
CA ALA B 732 27.28 28.53 -36.30
C ALA B 732 28.46 27.66 -36.70
N ASP B 733 29.68 28.14 -36.45
CA ASP B 733 30.89 27.42 -36.87
C ASP B 733 31.20 26.18 -36.01
N GLY B 734 30.43 25.99 -34.95
CA GLY B 734 30.57 24.81 -34.10
C GLY B 734 31.29 25.08 -32.80
N THR B 735 31.97 26.22 -32.71
CA THR B 735 32.66 26.62 -31.48
C THR B 735 31.68 27.05 -30.38
N THR B 736 32.17 27.16 -29.15
CA THR B 736 31.33 27.56 -28.02
C THR B 736 32.01 28.62 -27.17
N GLU B 737 31.19 29.46 -26.54
CA GLU B 737 31.68 30.53 -25.66
C GLU B 737 30.88 30.63 -24.39
N ASP B 738 31.58 30.69 -23.25
CA ASP B 738 30.94 30.68 -21.94
C ASP B 738 30.71 32.09 -21.45
N PHE B 739 29.64 32.25 -20.70
CA PHE B 739 29.23 33.55 -20.20
C PHE B 739 28.80 33.40 -18.75
N ASP B 740 29.00 34.47 -18.00
CA ASP B 740 28.51 34.53 -16.64
C ASP B 740 27.79 35.87 -16.48
N LEU B 741 26.52 35.91 -16.89
CA LEU B 741 25.76 37.16 -16.88
C LEU B 741 25.17 37.47 -15.52
N PRO B 742 25.34 38.73 -15.07
CA PRO B 742 24.71 39.23 -13.86
C PRO B 742 23.26 39.61 -14.15
N ASP B 743 22.53 40.03 -13.12
CA ASP B 743 21.14 40.53 -13.22
C ASP B 743 20.87 41.25 -14.55
N SER B 744 19.90 40.73 -15.32
CA SER B 744 19.41 41.36 -16.56
C SER B 744 20.53 41.67 -17.55
N GLY B 745 21.59 40.88 -17.52
CA GLY B 745 22.79 41.18 -18.26
C GLY B 745 22.66 41.06 -19.77
N ILE B 746 23.71 41.49 -20.46
CA ILE B 746 23.78 41.38 -21.92
C ILE B 746 25.25 41.44 -22.35
N ALA B 747 25.67 40.46 -23.14
CA ALA B 747 27.02 40.43 -23.65
C ALA B 747 26.97 40.41 -25.15
N TRP B 748 27.91 41.11 -25.76
CA TRP B 748 28.00 41.18 -27.20
C TRP B 748 29.30 40.56 -27.65
N ARG B 749 29.26 39.84 -28.76
CA ARG B 749 30.47 39.24 -29.30
C ARG B 749 30.58 39.42 -30.79
N GLU B 750 31.74 39.06 -31.31
CA GLU B 750 31.99 39.07 -32.75
C GLU B 750 31.48 37.75 -33.36
N ALA B 751 30.84 37.86 -34.53
CA ALA B 751 30.38 36.68 -35.27
C ALA B 751 31.33 36.35 -36.41
N SER C 3 6.16 34.63 21.70
CA SER C 3 7.28 33.65 21.86
C SER C 3 7.83 33.14 20.50
N THR C 4 9.15 33.28 20.34
CA THR C 4 9.92 32.73 19.21
C THR C 4 11.07 32.02 19.91
N GLY C 5 12.01 31.47 19.16
CA GLY C 5 13.17 30.86 19.79
C GLY C 5 13.07 29.36 19.91
N ARG C 6 14.00 28.78 20.67
CA ARG C 6 14.16 27.31 20.83
C ARG C 6 14.20 26.58 19.50
N PHE C 7 14.84 27.16 18.50
CA PHE C 7 14.79 26.58 17.16
C PHE C 7 16.07 26.89 16.37
N THR C 8 16.72 25.84 15.92
CA THR C 8 17.95 25.96 15.15
C THR C 8 17.68 25.73 13.66
N LEU C 9 17.98 26.75 12.87
CA LEU C 9 17.82 26.71 11.43
C LEU C 9 19.16 26.31 10.78
N PRO C 10 19.14 25.37 9.81
CA PRO C 10 20.35 25.06 9.06
C PRO C 10 20.63 26.13 7.98
N SER C 11 21.90 26.46 7.79
CA SER C 11 22.32 27.55 6.92
C SER C 11 22.74 27.03 5.56
N GLU C 12 22.94 27.95 4.64
CA GLU C 12 23.74 27.70 3.43
C GLU C 12 24.11 28.99 2.69
N GLU C 13 25.28 28.95 2.06
CA GLU C 13 25.82 30.13 1.37
C GLU C 13 24.96 30.55 0.20
N ASN C 14 25.01 31.86 -0.11
CA ASN C 14 24.22 32.48 -1.19
C ASN C 14 22.75 32.12 -1.08
N PHE C 15 22.22 32.30 0.12
CA PHE C 15 20.82 32.06 0.40
C PHE C 15 20.37 32.98 1.52
N ALA C 16 21.03 34.13 1.62
CA ALA C 16 20.84 35.05 2.74
C ALA C 16 19.40 35.49 2.94
N GLU C 17 18.74 35.85 1.84
CA GLU C 17 17.40 36.44 1.91
C GLU C 17 16.37 35.41 2.38
N LYS C 18 16.35 34.25 1.73
CA LYS C 18 15.49 33.15 2.17
C LYS C 18 15.73 32.68 3.60
N THR C 19 17.00 32.57 4.01
CA THR C 19 17.30 32.13 5.37
C THR C 19 16.73 33.12 6.38
N LYS C 20 16.88 34.41 6.11
CA LYS C 20 16.26 35.45 6.95
C LYS C 20 14.75 35.28 6.97
N GLU C 21 14.17 34.94 5.82
CA GLU C 21 12.71 34.78 5.73
C GLU C 21 12.23 33.58 6.56
N LEU C 22 12.87 32.44 6.36
CA LEU C 22 12.52 31.23 7.10
C LEU C 22 12.82 31.37 8.60
N ALA C 23 13.94 32.03 8.94
CA ALA C 23 14.29 32.32 10.33
C ALA C 23 13.18 33.12 11.01
N GLU C 24 12.65 34.09 10.28
CA GLU C 24 11.50 34.87 10.74
C GLU C 24 10.24 33.99 10.88
N LEU C 25 9.92 33.25 9.83
CA LEU C 25 8.68 32.46 9.75
C LEU C 25 8.63 31.38 10.85
N TRP C 26 9.76 30.71 11.05
CA TRP C 26 9.89 29.61 11.98
C TRP C 26 10.28 30.03 13.41
N GLY C 27 10.56 31.31 13.58
CA GLY C 27 11.01 31.84 14.86
C GLY C 27 12.36 31.29 15.31
N ALA C 28 13.26 31.04 14.36
CA ALA C 28 14.60 30.52 14.67
C ALA C 28 15.44 31.53 15.45
N ASP C 29 16.16 31.05 16.45
CA ASP C 29 17.03 31.90 17.25
C ASP C 29 18.47 31.43 17.16
N ALA C 30 18.68 30.33 16.45
CA ALA C 30 20.02 29.85 16.19
C ALA C 30 20.16 29.46 14.75
N ILE C 31 21.38 29.57 14.25
CA ILE C 31 21.69 29.14 12.90
C ILE C 31 22.89 28.20 12.95
N ARG C 32 22.74 27.06 12.30
CA ARG C 32 23.77 26.04 12.32
C ARG C 32 24.57 26.11 11.03
N ASN C 33 25.88 26.24 11.17
CA ASN C 33 26.76 26.20 10.00
C ASN C 33 26.76 24.81 9.39
N SER C 34 26.13 24.71 8.22
CA SER C 34 25.98 23.45 7.48
C SER C 34 27.30 22.88 6.94
N ASP C 35 28.35 23.71 6.92
CA ASP C 35 29.57 23.34 6.24
C ASP C 35 30.84 23.46 7.11
N ASP C 40 27.82 33.17 5.02
CA ASP C 40 28.05 34.11 6.12
C ASP C 40 27.56 35.54 5.75
N GLU C 41 27.94 36.52 6.55
CA GLU C 41 27.80 37.98 6.29
C GLU C 41 26.40 38.56 6.48
N ALA C 42 25.56 38.49 5.45
CA ALA C 42 24.18 38.95 5.56
C ALA C 42 23.40 38.14 6.61
N VAL C 43 23.72 36.85 6.69
CA VAL C 43 23.13 35.95 7.67
C VAL C 43 23.72 36.19 9.07
N LEU C 44 25.03 36.45 9.14
CA LEU C 44 25.67 36.77 10.41
C LEU C 44 25.08 38.03 11.01
N ALA C 45 24.62 38.93 10.13
CA ALA C 45 24.02 40.19 10.52
C ALA C 45 22.65 39.97 11.20
N LEU C 46 22.10 38.77 11.06
CA LEU C 46 20.80 38.49 11.66
C LEU C 46 20.92 38.42 13.17
N GLY C 47 22.16 38.31 13.66
CA GLY C 47 22.42 38.28 15.10
C GLY C 47 21.75 37.10 15.79
N LYS C 48 21.81 35.93 15.17
CA LYS C 48 21.33 34.71 15.80
C LYS C 48 22.45 34.07 16.57
N LYS C 49 22.11 33.12 17.44
CA LYS C 49 23.08 32.24 18.07
C LYS C 49 23.69 31.37 16.97
N ILE C 50 25.02 31.35 16.87
CA ILE C 50 25.66 30.60 15.77
C ILE C 50 26.31 29.30 16.26
N TYR C 51 25.92 28.18 15.65
CA TYR C 51 26.52 26.85 15.92
C TYR C 51 27.56 26.55 14.84
N ASN C 52 28.73 26.08 15.24
CA ASN C 52 29.68 25.45 14.29
C ASN C 52 30.06 24.07 14.77
N ALA C 53 30.03 23.09 13.87
CA ALA C 53 30.38 21.72 14.24
C ALA C 53 31.89 21.61 14.45
N TYR C 54 32.31 20.71 15.34
CA TYR C 54 33.72 20.43 15.55
C TYR C 54 33.96 18.92 15.55
N PHE C 55 35.00 18.47 14.82
CA PHE C 55 35.30 17.06 14.67
C PHE C 55 36.71 16.76 15.21
N PRO C 56 36.83 16.55 16.52
CA PRO C 56 38.15 16.52 17.19
C PRO C 56 39.11 15.46 16.66
N THR C 57 38.59 14.34 16.16
CA THR C 57 39.46 13.23 15.78
C THR C 57 39.60 13.08 14.27
N ARG C 58 39.18 14.11 13.52
CA ARG C 58 39.06 14.06 12.06
C ARG C 58 39.58 15.37 11.46
N ALA C 59 39.54 15.46 10.14
CA ALA C 59 39.74 16.72 9.37
C ALA C 59 41.15 17.33 9.39
N HIS C 60 42.17 16.50 9.62
CA HIS C 60 43.57 16.93 9.59
C HIS C 60 44.52 15.86 9.08
N ASN C 61 44.29 15.40 7.85
CA ASN C 61 45.21 14.44 7.25
C ASN C 61 46.67 14.93 7.31
N GLU C 62 46.88 16.25 7.28
CA GLU C 62 48.24 16.82 7.26
C GLU C 62 49.02 16.49 8.52
N TRP C 63 48.30 16.24 9.61
CA TRP C 63 48.90 15.76 10.85
C TRP C 63 49.11 14.23 10.87
N ILE C 64 48.01 13.48 10.74
CA ILE C 64 48.01 12.04 10.99
C ILE C 64 48.79 11.24 9.94
N THR C 65 48.88 11.72 8.71
CA THR C 65 49.74 11.06 7.73
C THR C 65 51.20 11.01 8.19
N LEU C 66 51.57 11.93 9.09
CA LEU C 66 52.92 11.98 9.65
C LEU C 66 53.10 11.09 10.88
N HIS C 67 51.98 10.64 11.47
CA HIS C 67 52.01 9.88 12.71
C HIS C 67 51.01 8.71 12.62
N MET C 68 51.15 7.89 11.59
CA MET C 68 50.15 6.86 11.28
C MET C 68 49.95 5.79 12.34
N ASP C 69 50.91 5.64 13.25
CA ASP C 69 50.76 4.72 14.38
C ASP C 69 49.85 5.27 15.47
N GLU C 70 49.35 6.48 15.27
CA GLU C 70 48.44 7.12 16.22
C GLU C 70 46.98 7.19 15.74
N THR C 71 46.64 6.47 14.68
CA THR C 71 45.22 6.27 14.33
C THR C 71 44.57 5.34 15.39
N PRO C 72 43.21 5.42 15.59
CA PRO C 72 42.57 4.47 16.53
C PRO C 72 42.77 3.05 16.04
N GLN C 73 42.63 2.08 16.92
CA GLN C 73 42.79 0.71 16.55
C GLN C 73 41.66 -0.16 17.11
N VAL C 74 41.54 -1.38 16.59
CA VAL C 74 40.44 -2.28 16.97
C VAL C 74 40.94 -3.70 16.85
N TYR C 75 40.54 -4.57 17.77
CA TYR C 75 40.73 -6.01 17.59
C TYR C 75 39.70 -6.60 16.62
N LEU C 76 40.21 -7.33 15.63
CA LEU C 76 39.39 -7.99 14.60
C LEU C 76 39.54 -9.48 14.65
N LEU C 77 38.44 -10.18 14.40
CA LEU C 77 38.47 -11.62 14.39
C LEU C 77 38.34 -12.12 12.95
N THR C 78 39.22 -13.03 12.53
CA THR C 78 39.16 -13.53 11.15
C THR C 78 37.98 -14.50 11.01
N ASP C 79 37.66 -14.84 9.76
CA ASP C 79 36.82 -16.01 9.46
C ASP C 79 37.42 -17.22 10.12
N ARG C 80 36.61 -18.25 10.31
CA ARG C 80 37.05 -19.52 10.87
C ARG C 80 37.61 -20.33 9.73
N ILE C 81 38.86 -20.79 9.89
CA ILE C 81 39.53 -21.51 8.84
C ILE C 81 39.64 -22.95 9.30
N LEU C 82 39.16 -23.86 8.47
CA LEU C 82 39.21 -25.28 8.73
C LEU C 82 40.58 -25.87 8.41
N ALA C 83 41.20 -26.49 9.41
CA ALA C 83 42.47 -27.19 9.20
C ALA C 83 42.13 -28.56 8.70
N GLU C 84 42.91 -29.02 7.72
CA GLU C 84 42.73 -30.35 7.16
C GLU C 84 43.99 -31.22 7.39
N SER C 85 44.96 -30.69 8.14
CA SER C 85 46.17 -31.42 8.57
C SER C 85 46.69 -30.72 9.83
N ASP C 86 47.96 -30.89 10.18
CA ASP C 86 48.51 -30.21 11.38
C ASP C 86 49.05 -28.80 11.10
N THR C 87 48.73 -28.26 9.93
CA THR C 87 49.07 -26.88 9.59
C THR C 87 47.86 -26.17 8.99
N VAL C 88 47.83 -24.85 9.12
CA VAL C 88 46.74 -24.09 8.53
C VAL C 88 47.20 -22.67 8.37
N ASP C 89 46.81 -22.08 7.26
CA ASP C 89 47.03 -20.70 6.96
C ASP C 89 45.75 -19.89 7.17
N ILE C 90 45.85 -18.76 7.86
CA ILE C 90 44.70 -17.89 8.12
C ILE C 90 44.92 -16.49 7.52
N PRO C 91 44.16 -16.12 6.45
CA PRO C 91 44.26 -14.75 5.95
C PRO C 91 43.61 -13.77 6.93
N LEU C 92 44.18 -12.58 7.04
CA LEU C 92 43.75 -11.62 8.03
C LEU C 92 42.62 -10.72 7.48
N MET C 93 42.73 -10.33 6.22
CA MET C 93 41.90 -9.24 5.71
C MET C 93 40.84 -9.63 4.69
N GLU C 94 40.70 -10.91 4.39
CA GLU C 94 39.76 -11.35 3.36
C GLU C 94 38.33 -10.92 3.66
N SER C 95 37.98 -10.82 4.94
CA SER C 95 36.59 -10.53 5.30
C SER C 95 36.34 -9.07 5.65
N PHE C 96 37.39 -8.23 5.62
CA PHE C 96 37.24 -6.83 6.03
C PHE C 96 37.47 -5.85 4.88
N PHE C 97 36.96 -4.63 5.04
CA PHE C 97 37.13 -3.56 4.07
C PHE C 97 38.55 -2.99 4.22
N ALA C 98 39.38 -3.20 3.20
CA ALA C 98 40.82 -2.81 3.29
C ALA C 98 41.03 -1.31 3.16
N GLU C 99 40.00 -0.59 2.72
CA GLU C 99 40.06 0.88 2.69
C GLU C 99 39.88 1.51 4.06
N GLN C 100 39.34 0.72 5.00
CA GLN C 100 39.05 1.17 6.36
C GLN C 100 40.05 0.60 7.34
N LEU C 101 40.49 -0.63 7.10
CA LEU C 101 41.27 -1.38 8.09
C LEU C 101 42.59 -1.96 7.55
N LYS C 102 43.60 -2.03 8.40
CA LYS C 102 44.97 -2.41 8.04
C LYS C 102 45.56 -3.13 9.26
N PRO C 103 46.02 -4.39 9.09
CA PRO C 103 46.64 -5.03 10.24
C PRO C 103 47.84 -4.19 10.75
N ASN C 104 47.99 -4.13 12.07
CA ASN C 104 49.04 -3.39 12.73
C ASN C 104 50.27 -4.31 12.81
N ARG C 105 51.26 -4.02 11.97
CA ARG C 105 52.50 -4.83 11.93
C ARG C 105 53.61 -4.22 12.81
N ASP C 106 53.31 -3.09 13.44
CA ASP C 106 54.28 -2.36 14.25
C ASP C 106 54.36 -2.89 15.67
N ALA C 107 53.21 -3.23 16.25
CA ALA C 107 53.16 -3.79 17.60
C ALA C 107 53.36 -5.29 17.54
N ASP C 108 54.31 -5.81 18.31
CA ASP C 108 54.62 -7.26 18.33
C ASP C 108 53.39 -8.22 18.29
N PRO C 109 53.11 -8.86 17.14
CA PRO C 109 51.96 -9.78 17.05
C PRO C 109 51.92 -10.86 18.13
N HIS C 110 53.08 -11.37 18.52
CA HIS C 110 53.12 -12.42 19.52
C HIS C 110 52.79 -11.89 20.90
N LYS C 111 52.93 -10.58 21.09
CA LYS C 111 52.51 -10.01 22.36
C LYS C 111 51.04 -9.63 22.34
N TYR C 112 50.55 -9.17 21.18
CA TYR C 112 49.26 -8.46 21.14
C TYR C 112 48.10 -9.20 20.45
N TRP C 113 48.40 -10.32 19.79
CA TRP C 113 47.41 -11.09 19.00
C TRP C 113 47.20 -12.45 19.64
N GLU C 114 46.18 -13.19 19.20
CA GLU C 114 45.89 -14.51 19.74
C GLU C 114 45.38 -15.41 18.61
N VAL C 115 45.91 -16.62 18.51
CA VAL C 115 45.39 -17.60 17.55
C VAL C 115 44.65 -18.57 18.44
N VAL C 116 43.43 -18.93 18.03
CA VAL C 116 42.50 -19.71 18.84
C VAL C 116 41.97 -20.88 18.03
N ASP C 117 42.11 -22.08 18.57
CA ASP C 117 41.37 -23.24 18.12
C ASP C 117 39.92 -23.06 18.60
N ARG C 118 39.02 -22.66 17.70
CA ARG C 118 37.63 -22.40 18.10
C ARG C 118 36.86 -23.69 18.43
N THR C 119 37.29 -24.80 17.84
CA THR C 119 36.73 -26.12 18.17
C THR C 119 36.91 -26.51 19.65
N THR C 120 38.06 -26.16 20.23
CA THR C 120 38.33 -26.47 21.65
C THR C 120 38.27 -25.25 22.56
N GLY C 121 38.39 -24.04 21.99
CA GLY C 121 38.51 -22.83 22.79
C GLY C 121 39.93 -22.51 23.23
N GLU C 122 40.87 -23.42 22.98
CA GLU C 122 42.27 -23.23 23.41
C GLU C 122 43.06 -22.26 22.55
N VAL C 123 43.86 -21.43 23.23
CA VAL C 123 44.77 -20.52 22.61
C VAL C 123 45.98 -21.34 22.11
N VAL C 124 46.29 -21.19 20.83
CA VAL C 124 47.50 -21.76 20.24
C VAL C 124 48.78 -21.04 20.75
N ASP C 125 49.72 -21.80 21.29
CA ASP C 125 51.03 -21.24 21.71
C ASP C 125 51.61 -20.36 20.60
N SER C 126 52.15 -19.19 20.97
CA SER C 126 52.74 -18.28 19.99
C SER C 126 53.98 -18.84 19.26
N ALA C 127 54.58 -19.90 19.81
CA ALA C 127 55.70 -20.56 19.16
C ALA C 127 55.22 -21.38 17.96
N ASN C 128 53.90 -21.59 17.89
CA ASN C 128 53.34 -22.41 16.82
C ASN C 128 52.83 -21.60 15.65
N TRP C 129 52.99 -20.28 15.69
CA TRP C 129 52.54 -19.48 14.57
C TRP C 129 53.43 -18.31 14.23
N THR C 130 53.39 -17.90 12.97
CA THR C 130 54.14 -16.76 12.54
C THR C 130 53.29 -15.96 11.58
N LEU C 131 53.44 -14.64 11.66
CA LEU C 131 52.90 -13.75 10.65
C LEU C 131 53.83 -13.69 9.43
N ASP C 132 53.26 -13.92 8.25
CA ASP C 132 53.99 -13.78 7.01
C ASP C 132 54.56 -12.39 6.80
N ALA C 133 55.84 -12.33 6.45
CA ALA C 133 56.51 -11.05 6.22
C ALA C 133 55.89 -10.27 5.06
N ASP C 134 55.29 -10.97 4.10
CA ASP C 134 54.92 -10.36 2.81
C ASP C 134 53.44 -10.19 2.55
N GLU C 135 52.64 -11.03 3.17
CA GLU C 135 51.20 -10.87 3.01
C GLU C 135 50.50 -11.07 4.33
N ASP C 136 49.23 -10.67 4.37
CA ASP C 136 48.49 -10.70 5.62
C ASP C 136 47.93 -12.08 5.93
N THR C 137 48.83 -12.98 6.32
CA THR C 137 48.47 -14.37 6.56
C THR C 137 49.28 -14.88 7.74
N VAL C 138 48.61 -15.58 8.63
CA VAL C 138 49.24 -16.23 9.74
C VAL C 138 49.34 -17.74 9.43
N HIS C 139 50.56 -18.27 9.50
CA HIS C 139 50.79 -19.69 9.30
C HIS C 139 50.85 -20.34 10.67
N VAL C 140 50.05 -21.38 10.87
CA VAL C 140 50.04 -22.10 12.15
C VAL C 140 50.50 -23.53 11.90
N SER C 141 51.28 -24.07 12.84
CA SER C 141 51.75 -25.46 12.76
C SER C 141 51.44 -26.20 14.06
N GLY C 142 51.51 -27.51 14.04
CA GLY C 142 51.22 -28.31 15.24
C GLY C 142 49.75 -28.32 15.64
N VAL C 143 48.84 -27.97 14.73
CA VAL C 143 47.41 -27.88 15.07
C VAL C 143 46.70 -29.22 14.92
N ALA C 144 45.45 -29.27 15.37
CA ALA C 144 44.64 -30.49 15.18
C ALA C 144 43.90 -30.38 13.85
N ALA C 145 43.97 -31.41 13.02
CA ALA C 145 43.19 -31.44 11.79
C ALA C 145 41.68 -31.45 12.12
N TRP C 146 40.85 -30.83 11.29
CA TRP C 146 39.37 -30.82 11.43
C TRP C 146 38.86 -29.90 12.55
N HIS C 147 39.74 -29.04 13.05
CA HIS C 147 39.33 -27.96 13.92
C HIS C 147 39.26 -26.67 13.10
N GLU C 148 38.53 -25.67 13.62
CA GLU C 148 38.50 -24.33 13.06
C GLU C 148 39.37 -23.39 13.86
N TYR C 149 40.13 -22.55 13.15
CA TYR C 149 41.06 -21.60 13.76
C TYR C 149 40.77 -20.18 13.29
N THR C 150 41.03 -19.20 14.17
CA THR C 150 40.92 -17.80 13.87
C THR C 150 42.11 -17.04 14.43
N VAL C 151 42.37 -15.85 13.90
CA VAL C 151 43.30 -14.90 14.53
C VAL C 151 42.54 -13.66 15.02
N SER C 152 42.93 -13.17 16.19
CA SER C 152 42.43 -11.93 16.71
C SER C 152 43.62 -11.01 16.64
N PHE C 153 43.50 -9.96 15.84
CA PHE C 153 44.67 -9.14 15.57
C PHE C 153 44.28 -7.71 15.73
N LEU C 154 45.27 -6.87 16.03
CA LEU C 154 45.10 -5.42 16.06
C LEU C 154 45.13 -4.87 14.66
N ALA C 155 44.18 -3.99 14.37
CA ALA C 155 44.13 -3.34 13.09
C ALA C 155 44.07 -1.85 13.30
N TYR C 156 44.78 -1.10 12.47
CA TYR C 156 44.65 0.35 12.44
C TYR C 156 43.38 0.70 11.69
N ILE C 157 42.69 1.72 12.17
CA ILE C 157 41.52 2.25 11.49
C ILE C 157 41.96 3.45 10.65
N ILE C 158 42.09 3.25 9.36
CA ILE C 158 42.66 4.27 8.46
C ILE C 158 41.62 5.19 7.80
N TRP C 159 40.35 4.96 8.09
CA TRP C 159 39.30 5.81 7.53
C TRP C 159 38.20 5.98 8.56
N ASP C 160 37.86 7.24 8.84
CA ASP C 160 36.89 7.55 9.87
C ASP C 160 35.58 6.86 9.52
N PRO C 161 35.11 5.96 10.39
CA PRO C 161 33.94 5.13 10.07
C PRO C 161 32.71 5.92 9.64
N VAL C 162 32.45 7.07 10.23
CA VAL C 162 31.25 7.81 9.84
C VAL C 162 31.43 8.52 8.49
N GLU C 163 32.57 9.19 8.31
CA GLU C 163 32.96 9.79 7.00
C GLU C 163 32.87 8.73 5.90
N MET C 164 33.42 7.55 6.19
CA MET C 164 33.40 6.42 5.27
C MET C 164 31.96 6.04 4.91
N TYR C 165 31.11 5.87 5.92
CA TYR C 165 29.66 5.59 5.67
C TYR C 165 29.03 6.66 4.78
N ASN C 166 29.24 7.93 5.12
CA ASN C 166 28.73 9.00 4.29
C ASN C 166 29.30 8.98 2.85
N HIS C 167 30.59 8.70 2.72
CA HIS C 167 31.24 8.61 1.42
C HIS C 167 30.56 7.56 0.56
N LEU C 168 30.45 6.35 1.07
CA LEU C 168 29.83 5.25 0.32
C LEU C 168 28.35 5.49 0.05
N THR C 169 27.63 6.03 1.04
CA THR C 169 26.19 6.23 0.93
C THR C 169 25.84 7.31 -0.10
N ASN C 170 26.58 8.41 -0.09
CA ASN C 170 26.35 9.52 -1.03
C ASN C 170 27.23 9.45 -2.28
N ASP C 171 27.99 8.38 -2.41
CA ASP C 171 28.74 8.09 -3.63
C ASP C 171 29.73 9.23 -3.95
N TRP C 172 30.69 9.44 -3.05
CA TRP C 172 31.61 10.55 -3.20
C TRP C 172 32.77 10.20 -4.16
N GLY C 173 32.78 8.97 -4.66
CA GLY C 173 33.76 8.52 -5.65
C GLY C 173 35.22 8.63 -5.23
N ASP C 174 35.94 9.56 -5.87
CA ASP C 174 37.40 9.70 -5.73
C ASP C 174 37.86 10.61 -4.59
N LYS C 175 36.93 11.32 -3.97
CA LYS C 175 37.26 12.28 -2.90
C LYS C 175 38.13 11.66 -1.81
N GLU C 176 39.03 12.47 -1.24
CA GLU C 176 40.02 12.00 -0.28
C GLU C 176 39.38 11.45 1.01
N HIS C 177 39.86 10.29 1.43
CA HIS C 177 39.38 9.63 2.64
C HIS C 177 39.99 10.28 3.87
N GLU C 178 39.14 10.75 4.78
CA GLU C 178 39.64 11.28 6.07
C GLU C 178 40.13 10.19 7.03
N ILE C 179 41.38 10.35 7.48
CA ILE C 179 42.02 9.43 8.42
C ILE C 179 41.72 9.88 9.85
N PRO C 180 41.27 8.96 10.72
CA PRO C 180 40.93 9.42 12.06
C PRO C 180 42.16 9.36 12.95
N PHE C 181 42.15 10.07 14.07
CA PHE C 181 43.27 9.97 15.02
C PHE C 181 42.88 9.74 16.48
N ASP C 182 43.80 9.18 17.25
CA ASP C 182 43.53 8.75 18.61
C ASP C 182 44.30 9.65 19.58
N ILE C 183 43.57 10.49 20.32
CA ILE C 183 44.19 11.36 21.33
C ILE C 183 44.72 10.62 22.57
N TYR C 184 44.67 9.29 22.60
CA TYR C 184 45.37 8.56 23.67
C TYR C 184 46.91 8.75 23.59
N HIS C 185 47.42 9.04 22.41
CA HIS C 185 48.83 9.31 22.22
C HIS C 185 49.14 10.78 22.42
N PRO C 186 50.18 11.10 23.23
CA PRO C 186 50.40 12.51 23.61
C PRO C 186 50.67 13.45 22.44
N ALA C 187 51.36 13.00 21.40
CA ALA C 187 51.62 13.90 20.28
C ALA C 187 50.29 14.31 19.64
N THR C 188 49.48 13.33 19.27
CA THR C 188 48.14 13.63 18.70
C THR C 188 47.32 14.48 19.64
N ARG C 189 47.31 14.15 20.94
CA ARG C 189 46.52 14.92 21.90
C ARG C 189 46.94 16.41 21.93
N LYS C 190 48.24 16.67 21.93
CA LYS C 190 48.77 18.03 21.93
C LYS C 190 48.36 18.73 20.64
N PHE C 191 48.50 18.06 19.50
CA PHE C 191 48.01 18.60 18.24
C PHE C 191 46.53 19.00 18.30
N VAL C 192 45.70 18.12 18.84
CA VAL C 192 44.25 18.33 18.87
C VAL C 192 43.89 19.54 19.71
N PHE C 193 44.48 19.62 20.90
CA PHE C 193 44.23 20.77 21.77
C PHE C 193 44.78 22.11 21.23
N ASP C 194 45.99 22.10 20.68
CA ASP C 194 46.60 23.28 20.04
C ASP C 194 45.72 23.76 18.90
N THR C 195 45.26 22.83 18.10
CA THR C 195 44.43 23.17 16.95
C THR C 195 43.09 23.75 17.40
N PHE C 196 42.49 23.15 18.43
CA PHE C 196 41.22 23.65 18.97
C PHE C 196 41.38 25.07 19.50
N GLU C 197 42.46 25.29 20.26
CA GLU C 197 42.77 26.59 20.86
C GLU C 197 42.85 27.69 19.80
N GLN C 198 43.61 27.43 18.75
CA GLN C 198 43.74 28.34 17.62
C GLN C 198 42.40 28.57 16.95
N TRP C 199 41.71 27.48 16.62
CA TRP C 199 40.35 27.53 16.05
C TRP C 199 39.41 28.40 16.86
N LEU C 200 39.48 28.29 18.19
CA LEU C 200 38.65 29.13 19.05
C LEU C 200 38.91 30.61 18.82
N LYS C 201 40.17 30.98 18.60
CA LYS C 201 40.59 32.35 18.28
C LYS C 201 40.17 32.80 16.89
N ASP C 202 40.25 31.88 15.92
CA ASP C 202 39.86 32.20 14.55
C ASP C 202 38.35 32.21 14.32
N SER C 203 37.57 31.87 15.36
CA SER C 203 36.10 31.75 15.21
C SER C 203 35.29 32.64 16.16
N PRO C 204 35.49 33.98 16.08
CA PRO C 204 34.80 34.89 16.99
C PRO C 204 33.27 34.86 16.87
N GLN C 205 32.75 34.55 15.70
CA GLN C 205 31.29 34.53 15.48
C GLN C 205 30.54 33.25 15.91
N THR C 206 31.28 32.16 16.14
CA THR C 206 30.72 30.95 16.74
C THR C 206 30.30 31.22 18.19
N ASP C 207 29.04 30.92 18.51
CA ASP C 207 28.51 30.99 19.89
C ASP C 207 28.45 29.61 20.58
N VAL C 208 28.06 28.59 19.82
CA VAL C 208 28.00 27.22 20.35
C VAL C 208 28.94 26.33 19.53
N VAL C 209 29.88 25.67 20.21
CA VAL C 209 30.65 24.60 19.58
C VAL C 209 29.87 23.27 19.65
N ARG C 210 29.52 22.74 18.49
CA ARG C 210 28.78 21.47 18.36
C ARG C 210 29.72 20.29 18.15
N PHE C 211 30.27 19.77 19.23
CA PHE C 211 31.15 18.61 19.13
C PHE C 211 30.41 17.39 18.53
N THR C 212 30.86 16.98 17.35
CA THR C 212 30.26 15.89 16.60
C THR C 212 31.25 14.77 16.20
N THR C 213 31.80 14.04 17.18
CA THR C 213 31.51 14.20 18.60
C THR C 213 32.82 14.42 19.37
N PHE C 214 33.29 13.42 20.12
CA PHE C 214 34.57 13.55 20.83
C PHE C 214 35.65 12.59 20.28
N PHE C 215 36.02 11.55 21.03
CA PHE C 215 37.28 10.84 20.77
C PHE C 215 37.21 9.40 20.27
N TYR C 216 36.14 8.68 20.64
CA TYR C 216 36.00 7.27 20.26
C TYR C 216 34.66 6.97 19.61
N GLN C 217 34.75 6.47 18.38
CA GLN C 217 33.63 6.13 17.51
C GLN C 217 32.96 4.80 17.91
N PHE C 218 31.62 4.76 17.98
CA PHE C 218 30.93 3.50 18.26
C PHE C 218 31.30 2.45 17.21
N THR C 219 31.42 1.19 17.64
CA THR C 219 31.77 0.09 16.75
C THR C 219 31.02 0.16 15.41
N LEU C 220 31.81 0.29 14.33
CA LEU C 220 31.29 0.34 12.97
C LEU C 220 32.37 -0.14 12.01
N LEU C 221 32.26 -1.40 11.62
CA LEU C 221 33.26 -2.08 10.81
C LEU C 221 32.59 -2.58 9.53
N PHE C 222 33.28 -2.35 8.40
CA PHE C 222 32.76 -2.76 7.08
C PHE C 222 33.48 -3.99 6.51
N ASP C 223 32.79 -4.73 5.64
CA ASP C 223 33.38 -5.95 5.05
C ASP C 223 34.08 -5.69 3.69
N GLU C 224 34.63 -6.74 3.11
CA GLU C 224 35.35 -6.63 1.83
C GLU C 224 34.42 -6.22 0.69
N LYS C 225 33.12 -6.44 0.85
CA LYS C 225 32.13 -6.02 -0.14
C LYS C 225 31.61 -4.60 0.13
N ARG C 226 32.30 -3.87 0.99
CA ARG C 226 31.93 -2.50 1.30
C ARG C 226 30.52 -2.41 1.92
N ARG C 227 30.09 -3.47 2.60
CA ARG C 227 28.85 -3.46 3.37
C ARG C 227 29.19 -3.37 4.86
N GLU C 228 28.24 -2.92 5.68
CA GLU C 228 28.46 -2.96 7.12
C GLU C 228 28.61 -4.40 7.54
N LYS C 229 29.59 -4.66 8.39
CA LYS C 229 29.92 -6.00 8.82
C LYS C 229 29.57 -6.17 10.29
N VAL C 230 30.01 -5.19 11.09
CA VAL C 230 29.75 -5.18 12.54
C VAL C 230 29.32 -3.76 12.96
N VAL C 231 28.25 -3.67 13.74
CA VAL C 231 27.78 -2.40 14.30
C VAL C 231 27.25 -2.55 15.73
N ASP C 232 27.62 -1.61 16.60
CA ASP C 232 27.03 -1.55 17.94
C ASP C 232 27.07 -0.10 18.37
N TRP C 233 25.90 0.52 18.47
CA TRP C 233 25.85 1.96 18.80
C TRP C 233 26.54 2.26 20.14
N PHE C 234 26.63 1.26 21.02
CA PHE C 234 27.32 1.38 22.32
C PHE C 234 28.71 0.75 22.33
N GLY C 235 29.16 0.23 21.21
CA GLY C 235 30.30 -0.68 21.22
C GLY C 235 31.63 0.01 21.41
N CYS C 236 32.53 -0.64 22.16
CA CYS C 236 33.88 -0.13 22.46
C CYS C 236 35.03 -0.68 21.62
N ALA C 237 34.73 -1.30 20.49
CA ALA C 237 35.76 -1.96 19.69
C ALA C 237 36.90 -1.04 19.25
N CYS C 238 36.55 0.18 18.84
CA CYS C 238 37.46 1.08 18.13
C CYS C 238 38.18 1.99 19.11
N THR C 239 38.69 1.40 20.20
CA THR C 239 39.18 2.19 21.34
C THR C 239 40.47 1.63 21.93
N VAL C 240 41.14 0.71 21.23
CA VAL C 240 42.33 0.09 21.76
C VAL C 240 43.59 0.65 21.08
N SER C 241 44.74 0.35 21.70
CA SER C 241 46.09 0.60 21.17
C SER C 241 47.05 -0.19 22.05
N PRO C 242 48.26 -0.50 21.54
CA PRO C 242 49.19 -1.23 22.42
C PRO C 242 49.45 -0.47 23.73
N ARG C 243 49.54 0.84 23.64
CA ARG C 243 49.72 1.65 24.83
C ARG C 243 48.55 1.63 25.82
N ALA C 244 47.32 1.81 25.34
CA ALA C 244 46.19 1.78 26.26
C ALA C 244 46.10 0.42 26.91
N LEU C 245 46.32 -0.63 26.12
CA LEU C 245 46.28 -2.01 26.64
C LEU C 245 47.31 -2.32 27.73
N ASP C 246 48.57 -1.89 27.53
CA ASP C 246 49.61 -2.00 28.58
C ASP C 246 49.31 -1.13 29.81
N ASP C 247 48.86 0.11 29.59
CA ASP C 247 48.39 0.94 30.70
C ASP C 247 47.27 0.32 31.51
N PHE C 248 46.26 -0.22 30.82
CA PHE C 248 45.16 -0.88 31.52
C PHE C 248 45.70 -1.97 32.45
N GLU C 249 46.61 -2.79 31.92
CA GLU C 249 47.19 -3.88 32.70
C GLU C 249 47.81 -3.39 34.02
N ALA C 250 48.56 -2.29 33.94
CA ALA C 250 49.26 -1.75 35.09
C ALA C 250 48.26 -1.18 36.11
N LYS C 251 47.15 -0.63 35.63
CA LYS C 251 46.19 0.02 36.53
C LYS C 251 45.23 -0.96 37.18
N TYR C 252 44.80 -1.96 36.43
CA TYR C 252 43.79 -2.91 36.91
C TYR C 252 44.38 -4.21 37.42
N GLY C 253 45.67 -4.44 37.13
CA GLY C 253 46.38 -5.60 37.68
C GLY C 253 46.14 -6.90 36.95
N TYR C 254 45.59 -6.82 35.73
CA TYR C 254 45.49 -8.02 34.89
C TYR C 254 45.54 -7.65 33.42
N ARG C 255 46.00 -8.58 32.59
CA ARG C 255 46.10 -8.32 31.17
C ARG C 255 44.83 -8.74 30.46
N LEU C 256 44.26 -7.85 29.66
CA LEU C 256 43.14 -8.25 28.80
C LEU C 256 43.66 -9.11 27.65
N ARG C 257 42.97 -10.20 27.34
CA ARG C 257 43.23 -10.96 26.12
C ARG C 257 42.58 -10.21 24.94
N PRO C 258 43.06 -10.45 23.70
CA PRO C 258 42.26 -10.00 22.55
C PRO C 258 40.80 -10.53 22.62
N GLU C 259 40.63 -11.69 23.24
CA GLU C 259 39.30 -12.32 23.39
C GLU C 259 38.32 -11.45 24.17
N ASP C 260 38.84 -10.59 25.03
CA ASP C 260 37.98 -9.75 25.85
C ASP C 260 37.38 -8.62 25.02
N PHE C 261 37.83 -8.49 23.77
CA PHE C 261 37.26 -7.53 22.83
C PHE C 261 36.48 -8.23 21.71
N VAL C 262 37.08 -9.22 21.04
CA VAL C 262 36.38 -9.89 19.94
C VAL C 262 35.25 -10.79 20.47
N ASP C 263 35.45 -11.34 21.68
CA ASP C 263 34.39 -11.95 22.47
C ASP C 263 33.78 -13.06 21.63
N GLY C 264 34.64 -13.95 21.10
CA GLY C 264 34.24 -15.09 20.25
C GLY C 264 33.51 -14.78 18.94
N GLY C 265 33.50 -13.52 18.51
CA GLY C 265 32.72 -13.09 17.37
C GLY C 265 31.59 -12.13 17.70
N ALA C 266 31.31 -11.92 18.99
CA ALA C 266 30.15 -11.09 19.42
C ALA C 266 30.54 -9.61 19.47
N TYR C 267 31.85 -9.38 19.62
CA TYR C 267 32.39 -8.03 19.79
C TYR C 267 31.73 -7.25 20.92
N ASN C 268 31.41 -7.93 22.02
CA ASN C 268 30.79 -7.29 23.19
C ASN C 268 29.48 -6.55 22.95
N SER C 269 28.67 -7.03 22.02
CA SER C 269 27.30 -6.54 21.83
C SER C 269 26.64 -6.25 23.20
N ALA C 270 26.02 -5.09 23.35
CA ALA C 270 25.28 -4.75 24.57
C ALA C 270 24.22 -5.78 24.98
N TRP C 271 23.90 -6.72 24.09
CA TRP C 271 22.95 -7.79 24.39
C TRP C 271 23.60 -8.90 25.21
N ARG C 272 24.92 -9.00 25.13
CA ARG C 272 25.69 -9.96 25.93
C ARG C 272 25.60 -9.59 27.40
N VAL C 273 25.45 -10.58 28.27
CA VAL C 273 25.52 -10.37 29.73
C VAL C 273 26.91 -9.75 29.98
N PRO C 274 26.98 -8.54 30.56
CA PRO C 274 28.27 -7.82 30.64
C PRO C 274 29.27 -8.61 31.49
N ARG C 275 30.54 -8.64 31.08
CA ARG C 275 31.57 -9.31 31.85
C ARG C 275 32.43 -8.28 32.58
N LYS C 276 33.11 -8.70 33.64
CA LYS C 276 33.92 -7.75 34.40
C LYS C 276 34.93 -7.00 33.51
N ALA C 277 35.59 -7.69 32.58
CA ALA C 277 36.56 -7.00 31.68
C ALA C 277 35.93 -5.87 30.87
N GLN C 278 34.67 -6.01 30.44
CA GLN C 278 33.98 -4.98 29.65
C GLN C 278 33.72 -3.78 30.50
N ARG C 279 33.30 -4.02 31.75
CA ARG C 279 33.03 -2.94 32.70
C ARG C 279 34.34 -2.22 33.12
N ASP C 280 35.38 -2.99 33.42
CA ASP C 280 36.69 -2.36 33.69
C ASP C 280 37.14 -1.52 32.50
N TRP C 281 36.97 -2.01 31.27
CA TRP C 281 37.40 -1.25 30.06
C TRP C 281 36.62 0.04 29.89
N ILE C 282 35.31 -0.04 30.05
CA ILE C 282 34.46 1.15 30.13
C ILE C 282 34.93 2.14 31.22
N ASP C 283 35.23 1.66 32.43
CA ASP C 283 35.71 2.57 33.49
C ASP C 283 37.01 3.27 33.09
N PHE C 284 37.95 2.47 32.58
CA PHE C 284 39.23 2.94 32.07
C PHE C 284 39.06 4.04 31.03
N LEU C 285 38.26 3.75 30.01
CA LEU C 285 38.10 4.62 28.87
C LEU C 285 37.35 5.91 29.24
N SER C 286 36.31 5.73 30.03
CA SER C 286 35.49 6.82 30.49
C SER C 286 36.29 7.84 31.33
N GLY C 287 37.14 7.35 32.23
CA GLY C 287 38.09 8.23 32.94
C GLY C 287 38.89 9.12 31.99
N PHE C 288 39.48 8.53 30.96
CA PHE C 288 40.31 9.28 30.03
C PHE C 288 39.47 10.22 29.15
N VAL C 289 38.39 9.68 28.58
CA VAL C 289 37.51 10.49 27.75
C VAL C 289 36.98 11.68 28.54
N ARG C 290 36.45 11.44 29.74
CA ARG C 290 35.82 12.51 30.51
C ARG C 290 36.81 13.63 30.90
N GLU C 291 38.03 13.23 31.28
CA GLU C 291 39.12 14.19 31.51
C GLU C 291 39.27 15.14 30.32
N ASN C 292 39.36 14.57 29.14
CA ASN C 292 39.55 15.37 27.94
C ASN C 292 38.33 16.15 27.43
N VAL C 293 37.12 15.61 27.63
CA VAL C 293 35.91 16.36 27.31
C VAL C 293 35.80 17.62 28.18
N LYS C 294 36.06 17.46 29.47
CA LYS C 294 36.05 18.58 30.40
C LYS C 294 37.04 19.67 29.96
N GLN C 295 38.22 19.26 29.50
CA GLN C 295 39.16 20.25 28.99
C GLN C 295 38.61 20.97 27.75
N LEU C 296 37.98 20.25 26.82
CA LEU C 296 37.41 20.93 25.65
C LEU C 296 36.31 21.90 26.05
N ALA C 297 35.52 21.52 27.05
CA ALA C 297 34.43 22.35 27.55
C ALA C 297 34.98 23.60 28.26
N ASP C 298 35.95 23.42 29.15
CA ASP C 298 36.64 24.52 29.86
C ASP C 298 37.25 25.54 28.88
N MET C 299 37.87 25.04 27.82
CA MET C 299 38.47 25.88 26.78
C MET C 299 37.42 26.64 25.98
N SER C 300 36.28 26.01 25.73
CA SER C 300 35.18 26.66 25.01
C SER C 300 34.61 27.77 25.90
N HIS C 301 34.48 27.48 27.19
CA HIS C 301 33.99 28.47 28.13
C HIS C 301 34.92 29.66 28.29
N ALA C 302 36.22 29.41 28.42
CA ALA C 302 37.21 30.49 28.47
C ALA C 302 37.17 31.38 27.21
N ALA C 303 36.58 30.87 26.13
CA ALA C 303 36.47 31.67 24.89
C ALA C 303 35.12 32.37 24.78
N GLY C 304 34.27 32.18 25.78
CA GLY C 304 32.93 32.76 25.81
C GLY C 304 31.94 31.96 24.96
N LYS C 305 32.23 30.67 24.75
CA LYS C 305 31.37 29.83 23.93
C LYS C 305 30.71 28.70 24.73
N GLU C 306 29.59 28.20 24.22
CA GLU C 306 28.98 27.01 24.81
C GLU C 306 29.55 25.72 24.19
N ALA C 307 29.55 24.64 24.98
CA ALA C 307 29.94 23.29 24.55
C ALA C 307 28.71 22.35 24.43
N MET C 308 28.45 21.89 23.21
CA MET C 308 27.30 21.03 22.92
C MET C 308 27.82 19.69 22.42
N MET C 309 27.29 18.60 22.95
CA MET C 309 27.69 17.25 22.54
C MET C 309 26.60 16.58 21.69
N PHE C 310 26.98 16.07 20.53
CA PHE C 310 26.08 15.23 19.75
C PHE C 310 25.99 13.83 20.39
N LEU C 311 24.76 13.38 20.66
CA LEU C 311 24.55 12.05 21.24
C LEU C 311 24.65 11.01 20.16
N GLY C 312 25.89 10.63 19.86
CA GLY C 312 26.16 9.64 18.82
C GLY C 312 27.57 9.74 18.28
N ASP C 313 27.83 9.04 17.18
CA ASP C 313 29.15 8.97 16.56
C ASP C 313 30.25 8.75 17.61
N GLN C 314 31.18 9.69 17.75
CA GLN C 314 32.30 9.51 18.69
C GLN C 314 31.89 9.80 20.13
N TRP C 315 30.89 9.09 20.66
CA TRP C 315 30.38 9.39 21.99
C TRP C 315 30.83 8.35 23.02
N ILE C 316 31.66 7.41 22.59
CA ILE C 316 32.08 6.33 23.47
C ILE C 316 32.95 6.86 24.63
N GLY C 317 32.67 6.39 25.85
CA GLY C 317 33.36 6.79 27.07
C GLY C 317 32.78 8.04 27.73
N THR C 318 31.77 8.66 27.14
CA THR C 318 31.23 9.87 27.77
C THR C 318 30.26 9.46 28.87
N GLU C 319 29.46 8.43 28.58
CA GLU C 319 28.56 7.83 29.55
C GLU C 319 27.62 8.88 30.18
N PRO C 320 26.71 9.44 29.37
CA PRO C 320 25.84 10.52 29.83
C PRO C 320 24.93 10.17 31.02
N TYR C 321 24.64 8.88 31.22
CA TYR C 321 23.81 8.45 32.33
C TYR C 321 24.57 7.93 33.56
N LYS C 322 25.90 7.98 33.54
CA LYS C 322 26.65 7.57 34.71
C LYS C 322 26.98 8.76 35.59
N ASP C 323 26.99 8.55 36.91
CA ASP C 323 27.37 9.61 37.85
C ASP C 323 28.62 10.37 37.39
N GLY C 324 28.59 11.69 37.57
CA GLY C 324 29.75 12.53 37.24
C GLY C 324 29.70 13.23 35.90
N PHE C 325 28.65 12.98 35.11
CA PHE C 325 28.56 13.58 33.80
C PHE C 325 28.44 15.10 33.93
N ASP C 326 27.69 15.55 34.94
CA ASP C 326 27.51 16.97 35.22
C ASP C 326 28.85 17.72 35.44
N GLU C 327 29.81 17.07 36.08
CA GLU C 327 31.12 17.70 36.35
C GLU C 327 31.91 18.06 35.09
N LEU C 328 31.45 17.62 33.91
CA LEU C 328 32.08 17.99 32.64
C LEU C 328 31.82 19.45 32.23
N GLY C 329 30.75 20.04 32.76
CA GLY C 329 30.33 21.38 32.40
C GLY C 329 29.82 21.52 30.97
N LEU C 330 29.41 20.42 30.35
CA LEU C 330 28.81 20.53 29.00
C LEU C 330 27.51 21.32 29.08
N ASP C 331 27.31 22.22 28.12
CA ASP C 331 26.13 23.07 28.16
C ASP C 331 24.89 22.33 27.67
N ALA C 332 25.08 21.48 26.66
CA ALA C 332 23.92 20.84 26.04
C ALA C 332 24.22 19.46 25.44
N VAL C 333 23.16 18.69 25.22
CA VAL C 333 23.26 17.53 24.37
C VAL C 333 22.26 17.70 23.23
N VAL C 334 22.71 17.39 22.02
CA VAL C 334 21.84 17.31 20.84
C VAL C 334 21.83 15.87 20.32
N GLY C 335 20.69 15.41 19.80
CA GLY C 335 20.67 14.09 19.22
C GLY C 335 19.63 13.96 18.13
N SER C 336 19.63 12.83 17.43
CA SER C 336 18.65 12.59 16.37
C SER C 336 17.37 12.04 16.94
N ILE C 337 16.26 12.61 16.49
CA ILE C 337 14.93 12.18 16.88
C ILE C 337 14.49 11.18 15.85
N GLY C 338 14.46 9.90 16.24
CA GLY C 338 14.09 8.84 15.31
C GLY C 338 12.72 8.31 15.68
N ASP C 339 12.36 8.47 16.96
CA ASP C 339 11.12 7.92 17.55
C ASP C 339 11.02 8.37 19.00
N GLY C 340 10.08 7.80 19.75
CA GLY C 340 9.87 8.20 21.16
C GLY C 340 11.04 7.83 22.05
N THR C 341 11.55 6.60 21.85
CA THR C 341 12.64 6.02 22.62
C THR C 341 13.94 6.85 22.44
N THR C 342 14.31 7.13 21.19
CA THR C 342 15.51 7.94 20.92
C THR C 342 15.35 9.40 21.39
N THR C 343 14.10 9.90 21.42
CA THR C 343 13.79 11.20 22.02
C THR C 343 14.10 11.23 23.55
N ARG C 344 13.65 10.17 24.25
CA ARG C 344 13.91 9.99 25.69
C ARG C 344 15.39 9.78 25.99
N MET C 345 16.12 9.11 25.10
CA MET C 345 17.58 9.02 25.25
C MET C 345 18.19 10.38 25.52
N ILE C 346 17.79 11.36 24.73
CA ILE C 346 18.26 12.75 24.84
C ILE C 346 17.65 13.50 26.03
N ALA C 347 16.31 13.49 26.10
CA ALA C 347 15.53 14.25 27.08
C ALA C 347 15.91 14.01 28.53
N ASP C 348 16.20 12.76 28.88
CA ASP C 348 16.38 12.39 30.29
C ASP C 348 17.83 12.59 30.78
N ILE C 349 18.75 13.04 29.93
CA ILE C 349 20.15 13.15 30.34
C ILE C 349 20.24 14.18 31.46
N PRO C 350 20.72 13.78 32.65
CA PRO C 350 20.91 14.83 33.67
C PRO C 350 22.26 15.56 33.46
N GLY C 351 22.46 16.70 34.10
CA GLY C 351 23.83 17.26 34.16
C GLY C 351 24.25 18.13 32.97
N VAL C 352 23.29 18.53 32.16
CA VAL C 352 23.52 19.60 31.17
C VAL C 352 22.51 20.72 31.39
N LYS C 353 22.75 21.86 30.76
CA LYS C 353 21.86 23.01 30.93
C LYS C 353 20.61 22.88 30.04
N TYR C 354 20.76 22.34 28.85
CA TYR C 354 19.62 22.19 27.94
C TYR C 354 19.85 21.05 26.94
N THR C 355 18.81 20.65 26.25
CA THR C 355 18.86 19.52 25.35
C THR C 355 18.16 19.91 24.05
N GLU C 356 18.63 19.36 22.94
CA GLU C 356 18.10 19.74 21.62
C GLU C 356 17.82 18.48 20.79
N GLY C 357 16.73 18.48 20.04
CA GLY C 357 16.46 17.40 19.10
C GLY C 357 16.64 17.90 17.70
N ARG C 358 17.25 17.08 16.84
CA ARG C 358 17.30 17.32 15.43
C ARG C 358 16.18 16.48 14.79
N PHE C 359 15.13 17.12 14.30
CA PHE C 359 13.96 16.39 13.79
C PHE C 359 14.11 15.95 12.35
N LEU C 360 13.17 15.12 11.90
CA LEU C 360 13.12 14.63 10.53
C LEU C 360 11.93 15.27 9.80
N PRO C 361 11.94 15.29 8.45
CA PRO C 361 12.94 14.69 7.57
C PRO C 361 14.20 15.56 7.43
N TYR C 362 15.29 14.93 7.02
CA TYR C 362 16.48 15.65 6.60
C TYR C 362 16.17 16.32 5.25
N PHE C 363 16.50 17.62 5.13
CA PHE C 363 16.21 18.37 3.89
C PHE C 363 17.14 17.92 2.76
N PHE C 364 16.83 16.78 2.15
CA PHE C 364 17.67 16.14 1.16
C PHE C 364 16.79 15.75 -0.04
N PRO C 365 17.38 15.58 -1.26
CA PRO C 365 16.53 15.37 -2.45
C PRO C 365 15.80 14.04 -2.47
N ASP C 366 16.26 13.09 -1.66
CA ASP C 366 15.62 11.79 -1.54
C ASP C 366 14.18 11.88 -0.96
N THR C 367 13.92 12.88 -0.11
CA THR C 367 12.54 13.13 0.32
C THR C 367 11.94 14.40 -0.28
N PHE C 368 12.77 15.41 -0.51
CA PHE C 368 12.28 16.66 -1.11
C PHE C 368 12.40 16.56 -2.63
N TYR C 369 11.41 15.89 -3.23
CA TYR C 369 11.38 15.75 -4.66
C TYR C 369 9.96 15.97 -5.18
N GLU C 370 9.84 16.44 -6.42
CA GLU C 370 8.53 16.73 -7.00
C GLU C 370 7.62 15.50 -6.97
N GLY C 371 6.43 15.68 -6.41
CA GLY C 371 5.49 14.58 -6.35
C GLY C 371 5.46 13.95 -4.97
N ASN C 372 6.39 14.38 -4.09
CA ASN C 372 6.40 13.92 -2.69
C ASN C 372 5.85 14.97 -1.75
N ASP C 373 5.19 14.51 -0.68
CA ASP C 373 4.67 15.43 0.33
C ASP C 373 5.44 15.20 1.64
N PRO C 374 6.52 15.98 1.88
CA PRO C 374 7.39 15.77 3.05
C PRO C 374 6.73 16.18 4.36
N SER C 375 5.70 17.02 4.28
CA SER C 375 4.95 17.42 5.47
C SER C 375 4.42 16.20 6.23
N ILE C 376 4.06 15.14 5.50
CA ILE C 376 3.63 13.87 6.09
C ILE C 376 4.67 13.29 7.04
N GLU C 377 5.89 13.11 6.54
CA GLU C 377 7.04 12.66 7.36
C GLU C 377 7.30 13.60 8.51
N GLY C 378 7.19 14.90 8.25
CA GLY C 378 7.48 15.93 9.25
C GLY C 378 6.56 15.84 10.45
N LEU C 379 5.25 15.74 10.18
CA LEU C 379 4.26 15.61 11.21
C LEU C 379 4.39 14.30 11.94
N ASP C 380 4.65 13.20 11.25
CA ASP C 380 4.74 12.00 12.06
C ASP C 380 6.01 11.83 12.91
N ASN C 381 7.13 12.42 12.47
CA ASN C 381 8.32 12.52 13.32
C ASN C 381 7.97 13.33 14.57
N TRP C 382 7.34 14.51 14.37
CA TRP C 382 6.85 15.34 15.48
C TRP C 382 5.92 14.62 16.45
N ARG C 383 4.93 13.89 15.92
CA ARG C 383 3.97 13.17 16.79
C ARG C 383 4.68 12.15 17.67
N LYS C 384 5.61 11.41 17.08
CA LYS C 384 6.36 10.38 17.80
C LYS C 384 7.20 10.96 18.93
N ALA C 385 7.76 12.13 18.68
CA ALA C 385 8.66 12.76 19.65
C ALA C 385 7.84 13.49 20.68
N ARG C 386 6.74 14.11 20.23
CA ARG C 386 5.88 14.92 21.11
C ARG C 386 5.30 14.14 22.28
N ARG C 387 4.84 12.93 22.01
CA ARG C 387 4.28 12.15 23.10
C ARG C 387 5.34 11.84 24.18
N ALA C 388 6.61 11.70 23.77
CA ALA C 388 7.70 11.51 24.73
C ALA C 388 8.07 12.80 25.43
N ILE C 389 8.07 13.89 24.69
CA ILE C 389 8.42 15.23 25.19
C ILE C 389 7.51 15.71 26.34
N LEU C 390 6.22 15.36 26.29
CA LEU C 390 5.30 15.64 27.39
C LEU C 390 5.73 14.97 28.70
N ARG C 391 6.31 13.78 28.61
CA ARG C 391 6.80 13.07 29.79
C ARG C 391 8.21 13.49 30.20
N SER C 392 8.97 14.02 29.25
CA SER C 392 10.34 14.45 29.53
C SER C 392 10.72 15.53 28.50
N PRO C 393 10.58 16.82 28.87
CA PRO C 393 10.71 17.92 27.92
C PRO C 393 12.13 18.05 27.37
N ILE C 394 12.25 18.44 26.10
CA ILE C 394 13.54 18.81 25.51
C ILE C 394 13.48 20.31 25.24
N SER C 395 14.61 20.99 25.40
CA SER C 395 14.64 22.44 25.40
C SER C 395 14.45 23.02 24.01
N ARG C 396 15.03 22.39 22.99
CA ARG C 396 15.15 23.00 21.66
C ARG C 396 14.89 22.00 20.55
N MET C 397 14.54 22.51 19.37
CA MET C 397 14.34 21.67 18.21
C MET C 397 15.07 22.25 16.99
N GLY C 398 15.03 21.54 15.87
CA GLY C 398 15.64 22.05 14.67
C GLY C 398 15.76 20.99 13.62
N TYR C 399 16.32 21.38 12.48
CA TYR C 399 16.43 20.53 11.31
C TYR C 399 17.83 20.64 10.71
N GLY C 400 18.16 19.71 9.83
CA GLY C 400 19.42 19.75 9.09
C GLY C 400 19.18 19.52 7.62
N GLY C 401 20.21 19.83 6.83
CA GLY C 401 20.20 19.63 5.38
C GLY C 401 20.14 20.93 4.59
N TYR C 402 19.62 20.83 3.37
CA TYR C 402 19.56 21.97 2.45
C TYR C 402 18.29 22.78 2.57
N LEU C 403 18.45 23.97 3.16
CA LEU C 403 17.35 24.90 3.35
C LEU C 403 16.70 25.31 2.03
N SER C 404 17.48 25.30 0.96
CA SER C 404 16.99 25.65 -0.38
C SER C 404 15.99 24.62 -0.87
N LEU C 405 16.21 23.35 -0.52
CA LEU C 405 15.31 22.28 -0.90
C LEU C 405 14.00 22.39 -0.14
N ALA C 406 14.09 22.68 1.15
CA ALA C 406 12.90 22.83 1.99
C ALA C 406 12.06 24.02 1.57
N ALA C 407 12.73 25.09 1.12
CA ALA C 407 12.03 26.32 0.72
C ALA C 407 11.16 26.17 -0.53
N LYS C 408 11.40 25.14 -1.33
CA LYS C 408 10.62 24.89 -2.55
C LYS C 408 9.27 24.21 -2.30
N PHE C 409 9.00 23.83 -1.06
CA PHE C 409 7.79 23.08 -0.73
C PHE C 409 7.00 23.88 0.26
N PRO C 410 6.17 24.81 -0.23
CA PRO C 410 5.46 25.75 0.65
C PRO C 410 4.61 25.04 1.71
N LYS C 411 4.03 23.89 1.36
CA LYS C 411 3.28 23.14 2.35
C LYS C 411 4.17 22.64 3.46
N PHE C 412 5.35 22.14 3.10
CA PHE C 412 6.30 21.72 4.11
C PHE C 412 6.66 22.89 5.01
N VAL C 413 6.89 24.06 4.41
CA VAL C 413 7.33 25.21 5.16
C VAL C 413 6.31 25.61 6.21
N ASP C 414 5.03 25.55 5.83
CA ASP C 414 3.90 25.87 6.72
C ASP C 414 3.78 24.85 7.86
N THR C 415 4.03 23.59 7.54
CA THR C 415 4.05 22.50 8.53
C THR C 415 5.08 22.77 9.63
N VAL C 416 6.30 23.11 9.24
CA VAL C 416 7.35 23.46 10.20
C VAL C 416 6.98 24.67 11.05
N THR C 417 6.33 25.65 10.43
CA THR C 417 5.87 26.81 11.19
C THR C 417 4.92 26.36 12.30
N HIS C 418 4.01 25.45 11.96
CA HIS C 418 3.03 25.00 12.94
C HIS C 418 3.73 24.16 14.01
N ILE C 419 4.63 23.27 13.61
CA ILE C 419 5.37 22.45 14.56
C ILE C 419 6.15 23.28 15.56
N ALA C 420 6.90 24.25 15.04
CA ALA C 420 7.72 25.11 15.89
C ALA C 420 6.86 25.93 16.87
N ASN C 421 5.72 26.44 16.40
CA ASN C 421 4.80 27.17 17.29
C ASN C 421 4.23 26.31 18.41
N GLU C 422 3.84 25.09 18.06
CA GLU C 422 3.35 24.15 19.05
C GLU C 422 4.46 23.72 20.05
N PHE C 423 5.66 23.47 19.54
CA PHE C 423 6.80 23.15 20.41
C PHE C 423 6.98 24.20 21.51
N ARG C 424 7.02 25.45 21.09
CA ARG C 424 7.15 26.58 22.00
C ARG C 424 5.91 26.77 22.87
N ASP C 425 4.73 26.56 22.30
CA ASP C 425 3.51 26.67 23.10
C ASP C 425 3.54 25.71 24.30
N ILE C 426 4.05 24.49 24.08
CA ILE C 426 4.14 23.51 25.18
C ILE C 426 5.02 24.04 26.33
N HIS C 427 6.23 24.52 25.99
CA HIS C 427 7.06 25.21 26.98
C HIS C 427 6.37 26.43 27.58
N ASP C 428 5.66 27.19 26.75
CA ASP C 428 5.05 28.43 27.23
C ASP C 428 4.01 28.12 28.29
N ARG C 429 3.28 27.01 28.12
CA ARG C 429 2.26 26.61 29.08
C ARG C 429 2.76 25.82 30.29
N THR C 430 3.81 25.02 30.10
CA THR C 430 4.19 24.09 31.14
C THR C 430 5.50 24.39 31.86
N GLY C 431 6.30 25.29 31.31
CA GLY C 431 7.55 25.70 31.95
C GLY C 431 8.62 24.62 31.95
N GLY C 432 8.49 23.65 31.03
CA GLY C 432 9.48 22.56 30.93
C GLY C 432 9.41 21.60 32.10
N VAL C 433 8.26 21.57 32.76
CA VAL C 433 7.94 20.61 33.80
C VAL C 433 7.38 19.36 33.09
N ALA C 434 7.76 18.17 33.54
CA ALA C 434 7.20 16.90 33.01
C ALA C 434 5.75 16.70 33.45
N ALA C 435 4.97 16.02 32.61
CA ALA C 435 3.63 15.63 33.01
C ALA C 435 3.67 14.68 34.22
N GLU C 436 2.63 14.75 35.04
CA GLU C 436 2.44 13.87 36.18
C GLU C 436 2.33 12.43 35.71
N GLY C 437 3.07 11.54 36.35
CA GLY C 437 3.03 10.11 36.05
C GLY C 437 2.20 9.33 37.05
N GLU C 438 1.38 8.41 36.55
CA GLU C 438 0.39 7.72 37.39
C GLU C 438 0.96 6.53 38.18
N LEU C 439 2.07 5.97 37.69
CA LEU C 439 2.69 4.77 38.25
C LEU C 439 4.21 4.94 38.13
N ASN C 440 4.96 4.26 38.98
CA ASN C 440 6.41 4.21 38.89
C ASN C 440 6.84 2.86 38.38
N VAL C 441 7.48 2.87 37.21
CA VAL C 441 7.79 1.68 36.46
C VAL C 441 9.30 1.56 36.35
N ALA C 442 9.83 0.38 36.71
CA ALA C 442 11.27 0.19 36.63
C ALA C 442 11.64 -0.96 35.67
N ILE C 443 12.47 -0.64 34.70
CA ILE C 443 13.05 -1.67 33.84
C ILE C 443 14.32 -2.24 34.49
N LEU C 444 14.32 -3.55 34.70
CA LEU C 444 15.39 -4.26 35.35
C LEU C 444 16.19 -5.08 34.33
N ASN C 445 17.49 -4.83 34.27
CA ASN C 445 18.42 -5.58 33.38
C ASN C 445 19.84 -5.41 33.93
N SER C 446 20.85 -5.88 33.21
CA SER C 446 22.19 -5.99 33.75
C SER C 446 22.85 -4.64 33.74
N TRP C 447 22.39 -3.77 32.84
CA TRP C 447 22.97 -2.43 32.70
C TRP C 447 22.36 -1.39 33.62
N GLY C 448 21.03 -1.35 33.73
CA GLY C 448 20.40 -0.31 34.56
C GLY C 448 20.53 1.09 33.99
N LYS C 449 20.76 2.04 34.89
CA LYS C 449 20.63 3.45 34.65
C LYS C 449 21.57 3.95 33.56
N MET C 450 22.78 3.39 33.52
CA MET C 450 23.76 3.79 32.54
C MET C 450 23.31 3.55 31.08
N ARG C 451 22.31 2.68 30.89
CA ARG C 451 21.74 2.46 29.57
C ARG C 451 20.25 2.81 29.52
N SER C 452 19.91 3.91 30.19
CA SER C 452 18.55 4.41 30.18
C SER C 452 18.10 4.64 28.74
N TRP C 453 16.94 4.07 28.41
CA TRP C 453 16.29 4.19 27.10
C TRP C 453 17.08 3.52 25.99
N MET C 454 18.13 2.79 26.38
CA MET C 454 19.08 2.19 25.44
C MET C 454 19.01 0.68 25.35
N ALA C 455 18.09 0.07 26.10
CA ALA C 455 17.95 -1.37 26.04
C ALA C 455 17.38 -1.79 24.68
N PHE C 456 17.87 -2.90 24.16
CA PHE C 456 17.37 -3.50 22.93
C PHE C 456 17.84 -2.83 21.65
N THR C 457 18.70 -1.84 21.75
CA THR C 457 19.22 -1.20 20.55
C THR C 457 20.48 -1.96 20.05
N VAL C 458 20.56 -2.11 18.72
CA VAL C 458 21.79 -2.55 18.04
C VAL C 458 22.32 -1.33 17.25
N ALA C 459 21.73 -1.01 16.09
CA ALA C 459 22.00 0.27 15.42
C ALA C 459 20.95 1.28 15.84
N HIS C 460 21.35 2.54 15.99
CA HIS C 460 20.46 3.58 16.53
C HIS C 460 19.20 3.72 15.69
N ALA C 461 18.04 3.69 16.34
CA ALA C 461 16.72 3.90 15.70
C ALA C 461 16.40 2.89 14.59
N LEU C 462 16.99 1.70 14.61
CA LEU C 462 16.74 0.68 13.57
C LEU C 462 16.38 -0.71 14.15
N PRO C 463 15.20 -0.82 14.82
CA PRO C 463 14.78 -2.15 15.30
C PRO C 463 14.63 -3.12 14.13
N ASN C 464 14.81 -4.41 14.38
CA ASN C 464 14.72 -5.38 13.29
C ASN C 464 13.94 -6.61 13.79
N LYS C 465 13.88 -7.66 12.98
CA LYS C 465 13.11 -8.89 13.31
C LYS C 465 13.47 -9.41 14.70
N GLN C 466 14.77 -9.39 14.99
CA GLN C 466 15.30 -9.90 16.26
C GLN C 466 14.98 -9.03 17.46
N THR C 467 14.73 -7.73 17.25
CA THR C 467 14.68 -6.82 18.39
C THR C 467 13.32 -6.15 18.64
N TYR C 468 12.51 -6.03 17.58
CA TYR C 468 11.31 -5.20 17.62
C TYR C 468 10.29 -5.63 18.67
N SER C 469 10.27 -6.92 19.03
CA SER C 469 9.27 -7.45 19.99
C SER C 469 9.58 -6.97 21.40
N TYR C 470 10.84 -6.56 21.60
CA TYR C 470 11.29 -6.04 22.86
C TYR C 470 11.45 -4.54 22.83
N TYR C 471 11.96 -3.99 21.71
CA TYR C 471 12.06 -2.54 21.56
C TYR C 471 10.71 -1.84 21.75
N GLY C 472 9.64 -2.51 21.32
CA GLY C 472 8.29 -1.95 21.41
C GLY C 472 7.86 -1.68 22.84
N ILE C 473 8.42 -2.41 23.81
CA ILE C 473 8.23 -2.06 25.23
C ILE C 473 8.67 -0.63 25.52
N LEU C 474 9.89 -0.26 25.09
CA LEU C 474 10.40 1.09 25.34
C LEU C 474 9.61 2.12 24.56
N GLU C 475 9.28 1.79 23.31
CA GLU C 475 8.57 2.74 22.48
C GLU C 475 7.21 3.09 23.08
N SER C 476 6.48 2.07 23.57
CA SER C 476 5.19 2.28 24.28
C SER C 476 5.41 3.14 25.52
N LEU C 477 6.39 2.76 26.33
CA LEU C 477 6.69 3.47 27.57
C LEU C 477 7.15 4.91 27.34
N SER C 478 7.82 5.16 26.22
CA SER C 478 8.48 6.47 26.00
C SER C 478 7.54 7.68 26.10
N GLY C 479 6.30 7.50 25.64
CA GLY C 479 5.30 8.55 25.74
C GLY C 479 4.11 8.22 26.63
N MET C 480 4.27 7.22 27.50
CA MET C 480 3.18 6.77 28.37
C MET C 480 3.11 7.60 29.66
N ARG C 481 1.89 7.76 30.20
CA ARG C 481 1.64 8.54 31.43
C ARG C 481 2.11 7.90 32.76
N VAL C 482 3.27 7.24 32.74
CA VAL C 482 3.89 6.64 33.95
C VAL C 482 5.35 7.12 34.09
N ASN C 483 5.95 7.02 35.28
CA ASN C 483 7.38 7.36 35.48
C ASN C 483 8.24 6.13 35.27
N VAL C 484 9.13 6.19 34.29
CA VAL C 484 9.96 5.04 33.95
C VAL C 484 11.37 5.30 34.45
N ARG C 485 11.97 4.34 35.15
CA ARG C 485 13.41 4.40 35.46
C ARG C 485 14.07 3.08 35.05
N PHE C 486 15.39 3.07 34.98
CA PHE C 486 16.12 1.85 34.61
C PHE C 486 17.06 1.46 35.76
N ILE C 487 16.94 0.21 36.21
CA ILE C 487 17.69 -0.28 37.37
C ILE C 487 18.40 -1.56 36.99
N SER C 488 19.49 -1.87 37.71
CA SER C 488 20.25 -3.11 37.46
C SER C 488 20.09 -4.17 38.56
N PHE C 489 20.49 -5.40 38.24
CA PHE C 489 20.57 -6.46 39.23
C PHE C 489 21.52 -6.11 40.38
N ASP C 490 22.62 -5.41 40.08
CA ASP C 490 23.52 -4.96 41.18
C ASP C 490 22.77 -4.03 42.13
N ASP C 491 22.01 -3.08 41.58
CA ASP C 491 21.14 -2.19 42.39
C ASP C 491 20.27 -2.98 43.36
N VAL C 492 19.54 -3.94 42.81
CA VAL C 492 18.53 -4.69 43.56
C VAL C 492 19.18 -5.60 44.62
N LEU C 493 20.28 -6.23 44.27
CA LEU C 493 21.05 -7.07 45.20
C LEU C 493 21.72 -6.23 46.29
N ALA C 494 22.08 -4.98 46.01
CA ALA C 494 22.76 -4.20 47.05
C ALA C 494 21.77 -3.49 47.97
N HIS C 495 20.66 -3.02 47.42
CA HIS C 495 19.75 -2.14 48.16
C HIS C 495 18.32 -2.61 48.24
N GLY C 496 18.00 -3.74 47.62
CA GLY C 496 16.61 -4.14 47.47
C GLY C 496 15.87 -3.26 46.48
N ILE C 497 14.57 -3.44 46.40
CA ILE C 497 13.75 -2.72 45.44
C ILE C 497 13.22 -1.48 46.13
N ASP C 498 13.49 -0.30 45.57
CA ASP C 498 13.03 0.98 46.11
C ASP C 498 11.52 0.96 46.37
N SER C 499 11.14 1.60 47.47
CA SER C 499 9.79 1.45 48.00
C SER C 499 8.73 2.22 47.19
N ASP C 500 9.17 3.12 46.30
CA ASP C 500 8.23 3.87 45.47
C ASP C 500 7.85 3.18 44.14
N ILE C 501 8.53 2.08 43.80
CA ILE C 501 8.27 1.35 42.56
C ILE C 501 6.95 0.57 42.61
N ASP C 502 6.12 0.77 41.61
CA ASP C 502 4.87 0.02 41.47
C ASP C 502 5.05 -1.25 40.66
N VAL C 503 5.84 -1.18 39.59
CA VAL C 503 5.99 -2.29 38.66
C VAL C 503 7.44 -2.51 38.22
N ILE C 504 7.91 -3.75 38.25
CA ILE C 504 9.16 -4.14 37.61
C ILE C 504 8.87 -4.89 36.31
N ILE C 505 9.58 -4.49 35.26
CA ILE C 505 9.53 -5.18 33.96
C ILE C 505 10.87 -5.82 33.68
N ASN C 506 10.84 -7.12 33.39
CA ASN C 506 12.02 -7.87 32.94
C ASN C 506 11.70 -8.50 31.59
N GLY C 507 12.54 -8.23 30.59
CA GLY C 507 12.22 -8.77 29.28
C GLY C 507 13.39 -8.97 28.33
N GLY C 508 13.18 -9.86 27.37
CA GLY C 508 14.22 -10.22 26.42
C GLY C 508 14.35 -11.72 26.27
N PRO C 509 15.29 -12.16 25.42
CA PRO C 509 15.58 -13.59 25.23
C PRO C 509 16.48 -14.10 26.36
N VAL C 510 16.59 -15.42 26.48
CA VAL C 510 17.46 -16.01 27.48
C VAL C 510 18.93 -15.61 27.20
N ASP C 511 19.73 -15.46 28.27
CA ASP C 511 21.19 -15.28 28.16
C ASP C 511 21.58 -14.00 27.49
N THR C 512 20.80 -12.95 27.73
CA THR C 512 21.11 -11.60 27.31
C THR C 512 21.18 -10.70 28.55
N ALA C 513 21.86 -9.56 28.40
CA ALA C 513 21.90 -8.49 29.40
C ALA C 513 20.49 -8.05 29.84
N PHE C 514 19.53 -8.25 28.94
CA PHE C 514 18.18 -7.81 29.20
C PHE C 514 17.35 -8.72 30.08
N THR C 515 17.51 -10.03 29.93
CA THR C 515 16.92 -10.93 30.91
C THR C 515 17.83 -11.01 32.14
N GLY C 516 19.13 -11.21 31.91
CA GLY C 516 20.11 -11.18 32.98
C GLY C 516 21.02 -12.37 33.10
N GLY C 517 20.64 -13.48 32.50
CA GLY C 517 21.50 -14.65 32.49
C GLY C 517 21.52 -15.32 33.84
N ASP C 518 22.71 -15.75 34.25
CA ASP C 518 22.83 -16.58 35.44
C ASP C 518 22.62 -15.90 36.77
N VAL C 519 22.47 -14.58 36.77
CA VAL C 519 22.04 -13.85 37.96
C VAL C 519 20.70 -14.41 38.51
N TRP C 520 19.87 -15.02 37.66
CA TRP C 520 18.58 -15.57 38.10
C TRP C 520 18.75 -16.88 38.89
N THR C 521 19.98 -17.38 38.94
CA THR C 521 20.34 -18.52 39.79
C THR C 521 20.88 -18.04 41.15
N ASN C 522 21.10 -16.74 41.31
CA ASN C 522 21.46 -16.18 42.61
C ASN C 522 20.22 -16.18 43.51
N PRO C 523 20.20 -17.02 44.58
CA PRO C 523 18.97 -17.13 45.36
C PRO C 523 18.52 -15.81 46.01
N LYS C 524 19.45 -14.90 46.31
CA LYS C 524 19.08 -13.58 46.87
C LYS C 524 18.23 -12.70 45.93
N LEU C 525 18.45 -12.82 44.62
CA LEU C 525 17.63 -12.08 43.65
C LEU C 525 16.21 -12.65 43.62
N VAL C 526 16.08 -13.97 43.52
CA VAL C 526 14.79 -14.62 43.50
C VAL C 526 14.00 -14.30 44.79
N GLU C 527 14.67 -14.40 45.95
CA GLU C 527 14.06 -14.06 47.24
C GLU C 527 13.55 -12.62 47.24
N THR C 528 14.40 -11.70 46.81
CA THR C 528 14.07 -10.29 46.85
C THR C 528 12.82 -9.97 46.02
N VAL C 529 12.78 -10.45 44.78
CA VAL C 529 11.66 -10.18 43.87
C VAL C 529 10.38 -10.85 44.36
N ARG C 530 10.48 -12.11 44.80
CA ARG C 530 9.32 -12.84 45.27
C ARG C 530 8.69 -12.22 46.52
N ALA C 531 9.54 -11.82 47.48
CA ALA C 531 9.10 -11.19 48.71
C ALA C 531 8.40 -9.88 48.37
N TRP C 532 9.00 -9.14 47.46
CA TRP C 532 8.43 -7.88 47.00
C TRP C 532 7.10 -8.05 46.25
N VAL C 533 6.99 -9.03 45.35
CA VAL C 533 5.71 -9.22 44.69
C VAL C 533 4.66 -9.68 45.74
N ARG C 534 5.04 -10.62 46.60
CA ARG C 534 4.13 -11.15 47.61
C ARG C 534 3.52 -10.05 48.46
N GLY C 535 4.30 -9.00 48.71
CA GLY C 535 3.85 -7.86 49.51
C GLY C 535 3.04 -6.81 48.78
N GLY C 536 2.86 -6.96 47.47
CA GLY C 536 2.06 -5.98 46.73
C GLY C 536 2.70 -5.45 45.46
N GLY C 537 3.94 -5.85 45.19
CA GLY C 537 4.61 -5.49 43.96
C GLY C 537 4.02 -6.13 42.71
N ALA C 538 4.51 -5.71 41.57
CA ALA C 538 4.01 -6.22 40.30
C ALA C 538 5.19 -6.48 39.40
N PHE C 539 5.23 -7.69 38.83
CA PHE C 539 6.33 -8.15 37.99
C PHE C 539 5.76 -8.52 36.63
N VAL C 540 6.19 -7.79 35.60
CA VAL C 540 5.77 -8.06 34.22
C VAL C 540 6.96 -8.65 33.49
N GLY C 541 6.81 -9.88 33.03
CA GLY C 541 7.86 -10.58 32.32
C GLY C 541 7.51 -10.66 30.84
N VAL C 542 8.46 -10.25 29.98
CA VAL C 542 8.26 -10.28 28.51
C VAL C 542 9.26 -11.21 27.82
N GLY C 543 8.75 -12.13 27.01
CA GLY C 543 9.60 -13.02 26.20
C GLY C 543 10.09 -14.19 27.02
N GLU C 544 11.33 -14.11 27.52
CA GLU C 544 11.89 -15.17 28.36
C GLU C 544 12.42 -14.57 29.67
N PRO C 545 11.52 -13.93 30.46
CA PRO C 545 11.92 -13.23 31.67
C PRO C 545 12.44 -14.21 32.72
N SER C 546 13.44 -13.76 33.49
CA SER C 546 14.03 -14.55 34.58
C SER C 546 14.60 -15.92 34.14
N SER C 547 14.96 -16.06 32.87
CA SER C 547 15.38 -17.36 32.35
C SER C 547 16.81 -17.69 32.70
N ALA C 548 17.06 -18.99 32.91
CA ALA C 548 18.36 -19.51 33.27
C ALA C 548 18.39 -20.94 32.76
N PRO C 549 19.19 -21.19 31.70
CA PRO C 549 19.29 -22.52 31.07
C PRO C 549 19.95 -23.56 32.00
N ARG C 550 19.39 -24.77 32.01
CA ARG C 550 19.99 -25.93 32.70
C ARG C 550 20.03 -25.95 34.23
N PHE C 551 19.81 -24.82 34.89
CA PHE C 551 19.97 -24.76 36.35
C PHE C 551 18.94 -25.65 37.04
N GLN C 552 17.70 -25.64 36.54
CA GLN C 552 16.68 -26.56 37.01
C GLN C 552 16.06 -27.27 35.81
N THR C 553 16.06 -28.60 35.84
CA THR C 553 15.44 -29.38 34.79
C THR C 553 13.97 -29.01 34.57
N GLY C 554 13.23 -28.74 35.65
CA GLY C 554 11.80 -28.50 35.56
C GLY C 554 11.35 -27.04 35.52
N ARG C 555 12.30 -26.10 35.51
CA ARG C 555 11.95 -24.68 35.60
C ARG C 555 12.95 -23.86 34.79
N PHE C 556 12.45 -23.23 33.74
CA PHE C 556 13.32 -22.44 32.85
C PHE C 556 13.23 -20.96 33.23
N PHE C 557 12.02 -20.41 33.32
CA PHE C 557 11.84 -19.06 33.84
C PHE C 557 11.92 -19.22 35.35
N GLN C 558 12.95 -18.69 36.00
CA GLN C 558 13.09 -18.89 37.45
C GLN C 558 11.89 -18.35 38.28
N LEU C 559 11.29 -17.27 37.78
CA LEU C 559 10.09 -16.72 38.41
C LEU C 559 8.78 -17.17 37.73
N ALA C 560 8.77 -18.36 37.13
CA ALA C 560 7.55 -18.92 36.55
C ALA C 560 6.39 -18.92 37.55
N ASP C 561 6.68 -19.06 38.86
CA ASP C 561 5.63 -19.13 39.85
C ASP C 561 4.95 -17.77 40.01
N VAL C 562 5.73 -16.70 39.82
CA VAL C 562 5.21 -15.34 39.89
C VAL C 562 4.28 -14.99 38.72
N ILE C 563 4.70 -15.28 37.49
CA ILE C 563 3.96 -14.85 36.31
C ILE C 563 2.98 -15.89 35.80
N GLY C 564 3.13 -17.13 36.28
CA GLY C 564 2.22 -18.24 36.02
C GLY C 564 2.47 -19.03 34.74
N VAL C 565 3.65 -18.83 34.14
CA VAL C 565 3.94 -19.37 32.82
C VAL C 565 5.41 -19.80 32.83
N ASP C 566 5.71 -20.93 32.20
CA ASP C 566 7.11 -21.28 31.95
C ASP C 566 7.21 -21.66 30.48
N GLU C 567 8.43 -21.87 30.02
CA GLU C 567 8.67 -22.32 28.67
C GLU C 567 9.18 -23.77 28.66
N GLU C 568 8.48 -24.65 27.93
CA GLU C 568 8.92 -26.03 27.72
C GLU C 568 10.25 -26.01 26.95
N ARG C 569 11.24 -26.73 27.45
CA ARG C 569 12.55 -26.75 26.82
C ARG C 569 12.93 -28.17 26.37
N TYR C 570 11.91 -28.99 26.16
CA TYR C 570 12.03 -30.40 25.73
C TYR C 570 12.62 -31.33 26.78
N GLN C 571 12.66 -30.87 28.03
CA GLN C 571 13.05 -31.70 29.18
C GLN C 571 11.81 -32.30 29.87
N THR C 572 10.64 -31.68 29.68
CA THR C 572 9.44 -32.07 30.39
C THR C 572 8.26 -32.58 29.51
N LEU C 573 8.59 -33.11 28.34
CA LEU C 573 7.57 -33.61 27.42
C LEU C 573 6.71 -34.74 28.02
N SER C 574 7.23 -35.40 29.04
CA SER C 574 6.47 -36.46 29.72
C SER C 574 5.32 -35.99 30.61
N VAL C 575 5.39 -34.73 31.01
CA VAL C 575 4.41 -34.15 31.90
C VAL C 575 3.32 -33.50 31.02
N ASP C 576 2.08 -33.95 31.15
CA ASP C 576 0.96 -33.36 30.42
C ASP C 576 0.71 -31.92 30.86
N LYS C 577 0.55 -30.99 29.91
CA LYS C 577 0.22 -29.60 30.24
C LYS C 577 -1.28 -29.39 30.10
N TYR C 578 -1.91 -28.84 31.12
CA TYR C 578 -3.34 -28.53 31.13
C TYR C 578 -3.55 -27.03 31.23
N PHE C 579 -4.20 -26.48 30.20
CA PHE C 579 -4.41 -25.05 30.07
C PHE C 579 -5.83 -24.77 30.57
N PRO C 580 -6.01 -23.83 31.49
CA PRO C 580 -7.41 -23.50 31.83
C PRO C 580 -8.05 -22.66 30.70
N PRO C 581 -9.40 -22.53 30.68
CA PRO C 581 -9.98 -21.78 29.54
C PRO C 581 -9.48 -20.33 29.51
N VAL C 582 -9.33 -19.80 28.31
CA VAL C 582 -8.96 -18.41 28.10
C VAL C 582 -10.09 -17.44 28.49
N VAL C 583 -9.75 -16.31 29.12
CA VAL C 583 -10.73 -15.32 29.58
C VAL C 583 -10.66 -14.17 28.60
N PRO C 584 -11.60 -14.14 27.63
CA PRO C 584 -11.54 -13.15 26.57
C PRO C 584 -11.99 -11.75 27.01
N ASP C 585 -12.77 -11.66 28.09
CA ASP C 585 -13.23 -10.39 28.61
C ASP C 585 -12.48 -10.05 29.92
N HIS C 586 -11.58 -9.08 29.86
CA HIS C 586 -10.71 -8.74 31.00
C HIS C 586 -10.30 -7.27 30.90
N PHE C 587 -10.06 -6.64 32.05
CA PHE C 587 -9.52 -5.30 32.13
C PHE C 587 -8.35 -5.07 31.16
N ILE C 588 -7.41 -6.02 31.13
CA ILE C 588 -6.15 -5.83 30.38
C ILE C 588 -6.39 -5.78 28.85
N THR C 589 -7.29 -6.63 28.37
CA THR C 589 -7.62 -6.70 26.96
C THR C 589 -8.87 -5.91 26.51
N ALA C 590 -9.34 -4.99 27.34
CA ALA C 590 -10.62 -4.31 27.06
C ALA C 590 -10.59 -3.38 25.85
N ASP C 591 -9.41 -2.82 25.54
CA ASP C 591 -9.29 -1.97 24.35
C ASP C 591 -8.84 -2.67 23.06
N VAL C 592 -8.61 -3.98 23.13
CA VAL C 592 -8.27 -4.74 21.94
C VAL C 592 -9.47 -4.82 20.97
N PRO C 593 -9.28 -4.42 19.70
CA PRO C 593 -10.40 -4.49 18.76
C PRO C 593 -10.99 -5.89 18.65
N VAL C 594 -12.31 -5.99 18.80
CA VAL C 594 -13.06 -7.23 18.66
C VAL C 594 -13.12 -7.69 17.20
N ASP C 595 -13.01 -9.00 16.98
CA ASP C 595 -13.13 -9.62 15.67
C ASP C 595 -14.22 -10.71 15.81
N PRO C 596 -15.47 -10.41 15.43
CA PRO C 596 -16.58 -11.35 15.71
C PRO C 596 -16.38 -12.73 15.11
N ALA C 597 -16.08 -12.81 13.81
CA ALA C 597 -15.81 -14.10 13.15
C ALA C 597 -14.78 -14.95 13.89
N ALA C 598 -13.68 -14.34 14.30
CA ALA C 598 -12.61 -15.05 15.00
C ALA C 598 -13.06 -15.56 16.38
N ARG C 599 -13.74 -14.71 17.13
CA ARG C 599 -14.21 -15.11 18.45
C ARG C 599 -15.28 -16.21 18.35
N GLU C 600 -16.15 -16.11 17.34
CA GLU C 600 -17.22 -17.09 17.10
C GLU C 600 -16.65 -18.45 16.78
N ALA C 601 -15.66 -18.48 15.89
CA ALA C 601 -15.00 -19.71 15.49
C ALA C 601 -14.19 -20.30 16.66
N TRP C 602 -13.50 -19.45 17.43
CA TRP C 602 -12.80 -19.89 18.64
C TRP C 602 -13.75 -20.51 19.67
N GLU C 603 -14.89 -19.85 19.93
CA GLU C 603 -15.92 -20.34 20.85
C GLU C 603 -16.49 -21.67 20.36
N GLN C 604 -16.69 -21.80 19.05
CA GLN C 604 -17.31 -22.99 18.47
C GLN C 604 -16.39 -24.20 18.46
N ALA C 605 -15.09 -23.98 18.25
CA ALA C 605 -14.18 -25.11 18.17
C ALA C 605 -13.84 -25.58 19.57
N GLY C 606 -13.85 -24.69 20.54
CA GLY C 606 -13.57 -25.07 21.91
C GLY C 606 -12.14 -25.52 22.15
N TYR C 607 -11.99 -26.35 23.17
CA TYR C 607 -10.66 -26.72 23.67
C TYR C 607 -10.37 -28.20 23.47
N ARG C 608 -9.10 -28.54 23.34
CA ARG C 608 -8.70 -29.94 23.21
C ARG C 608 -9.06 -30.73 24.48
N ILE C 609 -9.61 -31.91 24.27
CA ILE C 609 -9.85 -32.90 25.32
C ILE C 609 -8.51 -33.55 25.72
N PRO C 610 -8.35 -33.89 27.02
CA PRO C 610 -7.11 -34.54 27.40
C PRO C 610 -6.78 -35.75 26.50
N LEU C 611 -5.52 -35.82 26.05
CA LEU C 611 -5.03 -36.89 25.19
C LEU C 611 -3.64 -37.27 25.69
N SER C 612 -3.35 -38.57 25.71
CA SER C 612 -2.11 -39.08 26.28
C SER C 612 -0.88 -38.41 25.65
N GLY C 613 0.03 -37.93 26.47
CA GLY C 613 1.24 -37.24 25.99
C GLY C 613 0.99 -35.89 25.30
N CYS C 614 -0.25 -35.39 25.33
CA CYS C 614 -0.55 -34.12 24.64
C CYS C 614 -1.21 -33.07 25.53
N GLY C 615 -1.29 -33.34 26.84
CA GLY C 615 -2.06 -32.51 27.77
C GLY C 615 -3.48 -32.24 27.31
N GLY C 616 -4.00 -31.05 27.61
CA GLY C 616 -5.39 -30.75 27.27
C GLY C 616 -5.71 -29.31 27.55
N GLY C 617 -6.87 -28.86 27.05
CA GLY C 617 -7.32 -27.52 27.38
C GLY C 617 -6.89 -26.39 26.45
N GLN C 618 -6.03 -26.69 25.47
CA GLN C 618 -5.60 -25.69 24.47
C GLN C 618 -6.72 -25.40 23.46
N SER C 619 -6.95 -24.12 23.15
CA SER C 619 -7.99 -23.80 22.19
C SER C 619 -7.60 -24.39 20.83
N ILE C 620 -8.56 -25.04 20.19
CA ILE C 620 -8.36 -25.67 18.91
C ILE C 620 -8.17 -24.63 17.79
N LYS C 621 -8.75 -23.44 17.98
CA LYS C 621 -8.61 -22.32 17.03
C LYS C 621 -8.12 -21.07 17.74
N PRO C 622 -7.36 -20.20 17.03
CA PRO C 622 -6.82 -19.00 17.71
C PRO C 622 -7.87 -17.90 17.86
N LEU C 623 -7.95 -17.29 19.04
CA LEU C 623 -8.75 -16.08 19.26
C LEU C 623 -8.13 -14.86 18.53
N GLY C 624 -6.81 -14.70 18.65
CA GLY C 624 -6.08 -13.68 17.90
C GLY C 624 -6.46 -12.25 18.26
N GLY C 625 -6.28 -11.33 17.32
CA GLY C 625 -6.58 -9.92 17.59
C GLY C 625 -5.41 -9.12 18.17
N ILE C 626 -4.35 -9.80 18.53
CA ILE C 626 -3.17 -9.10 19.11
C ILE C 626 -1.88 -9.55 18.45
N ASP C 627 -1.07 -8.58 18.05
CA ASP C 627 0.23 -8.84 17.43
C ASP C 627 1.26 -8.89 18.55
N PHE C 628 1.69 -10.10 18.89
CA PHE C 628 2.71 -10.29 19.94
C PHE C 628 4.15 -10.41 19.37
N GLY C 629 4.31 -10.10 18.09
CA GLY C 629 5.62 -10.20 17.44
C GLY C 629 6.20 -11.60 17.39
N GLU C 630 7.45 -11.76 17.79
CA GLU C 630 8.14 -13.04 17.60
C GLU C 630 7.67 -14.05 18.64
N PRO C 631 7.36 -15.28 18.19
CA PRO C 631 6.78 -16.23 19.14
C PRO C 631 7.81 -16.77 20.13
N VAL C 632 7.37 -17.03 21.35
CA VAL C 632 8.17 -17.84 22.29
C VAL C 632 7.54 -19.23 22.33
N LEU C 633 8.25 -20.19 21.76
CA LEU C 633 7.68 -21.50 21.53
C LEU C 633 7.36 -22.27 22.81
N ASN C 634 6.17 -22.87 22.84
CA ASN C 634 5.84 -23.85 23.86
C ASN C 634 5.80 -23.31 25.30
N THR C 635 5.57 -22.01 25.47
CA THR C 635 5.12 -21.50 26.79
C THR C 635 3.83 -22.20 27.23
N TYR C 636 3.63 -22.37 28.54
CA TYR C 636 2.46 -23.09 29.08
C TYR C 636 2.14 -22.61 30.50
N PRO C 637 0.87 -22.71 30.94
CA PRO C 637 0.55 -22.26 32.31
C PRO C 637 1.06 -23.24 33.34
N VAL C 638 1.68 -22.75 34.42
CA VAL C 638 2.31 -23.68 35.37
C VAL C 638 1.26 -24.45 36.19
N ASN C 639 0.06 -23.87 36.31
CA ASN C 639 -1.06 -24.54 36.97
C ASN C 639 -2.35 -23.93 36.44
N GLU C 640 -3.49 -24.49 36.85
CA GLU C 640 -4.77 -24.06 36.28
C GLU C 640 -5.39 -22.85 36.97
N ASN C 641 -4.66 -22.28 37.94
CA ASN C 641 -5.10 -21.05 38.62
C ASN C 641 -4.61 -19.75 37.94
N VAL C 642 -3.64 -19.86 37.03
CA VAL C 642 -3.17 -18.74 36.18
C VAL C 642 -4.30 -18.25 35.26
N THR C 643 -4.42 -16.94 35.04
CA THR C 643 -5.45 -16.44 34.10
C THR C 643 -4.81 -16.32 32.70
N LEU C 644 -5.27 -17.14 31.77
CA LEU C 644 -4.81 -17.04 30.39
C LEU C 644 -5.69 -16.05 29.63
N LEU C 645 -5.04 -15.06 29.03
CA LEU C 645 -5.72 -14.02 28.24
C LEU C 645 -5.56 -14.24 26.74
N ARG C 646 -4.39 -14.76 26.36
CA ARG C 646 -4.19 -15.27 25.01
C ARG C 646 -3.28 -16.47 25.10
N ALA C 647 -3.72 -17.54 24.48
CA ALA C 647 -2.97 -18.80 24.47
C ALA C 647 -3.36 -19.55 23.20
N ASP C 648 -3.08 -18.93 22.06
CA ASP C 648 -3.37 -19.50 20.74
C ASP C 648 -2.23 -20.36 20.23
N GLY C 649 -2.55 -21.30 19.34
CA GLY C 649 -1.57 -22.14 18.71
C GLY C 649 -0.88 -23.10 19.68
N GLY C 650 -1.54 -23.42 20.80
CA GLY C 650 -1.00 -24.42 21.71
C GLY C 650 0.09 -23.87 22.63
N GLN C 651 0.12 -22.56 22.82
CA GLN C 651 1.12 -21.95 23.69
C GLN C 651 0.55 -20.63 24.23
N VAL C 652 1.32 -19.94 25.07
CA VAL C 652 0.83 -18.77 25.79
C VAL C 652 1.47 -17.45 25.33
N GLN C 653 0.63 -16.47 25.01
CA GLN C 653 1.12 -15.15 24.68
C GLN C 653 0.91 -14.11 25.79
N LEU C 654 -0.16 -14.26 26.56
CA LEU C 654 -0.52 -13.24 27.54
C LEU C 654 -1.26 -13.88 28.72
N ALA C 655 -0.75 -13.64 29.92
CA ALA C 655 -1.30 -14.29 31.14
C ALA C 655 -1.10 -13.43 32.35
N THR C 656 -1.94 -13.64 33.37
CA THR C 656 -1.83 -12.90 34.62
C THR C 656 -1.99 -13.89 35.78
N ASN C 657 -1.23 -13.66 36.84
CA ASN C 657 -1.22 -14.58 37.97
C ASN C 657 -1.23 -13.84 39.31
N ASP C 658 -2.16 -14.18 40.19
CA ASP C 658 -2.18 -13.60 41.53
C ASP C 658 -1.06 -14.23 42.36
N TYR C 659 -0.31 -13.43 43.10
CA TYR C 659 0.82 -13.96 43.88
C TYR C 659 0.89 -13.25 45.24
N GLY C 660 0.16 -13.75 46.24
CA GLY C 660 0.00 -13.03 47.51
C GLY C 660 -0.78 -11.74 47.25
N LYS C 661 -0.30 -10.62 47.77
CA LYS C 661 -0.93 -9.30 47.53
C LYS C 661 -0.61 -8.80 46.10
N GLY C 662 0.41 -9.40 45.47
CA GLY C 662 0.92 -8.86 44.22
C GLY C 662 0.43 -9.62 43.02
N ARG C 663 0.94 -9.26 41.85
CA ARG C 663 0.61 -9.95 40.62
C ARG C 663 1.81 -10.01 39.67
N GLY C 664 1.84 -11.10 38.91
CA GLY C 664 2.78 -11.24 37.81
C GLY C 664 2.00 -11.35 36.51
N VAL C 665 2.61 -10.89 35.43
CA VAL C 665 2.00 -10.89 34.13
C VAL C 665 3.04 -11.37 33.14
N TYR C 666 2.64 -12.25 32.25
CA TYR C 666 3.53 -12.70 31.20
C TYR C 666 3.01 -12.19 29.88
N ILE C 667 3.95 -11.61 29.10
CA ILE C 667 3.67 -11.21 27.71
C ILE C 667 4.79 -11.80 26.86
N SER C 668 4.43 -12.53 25.80
CA SER C 668 5.44 -13.20 24.97
C SER C 668 6.25 -12.22 24.12
N GLY C 669 5.65 -11.11 23.73
CA GLY C 669 6.35 -10.10 22.94
C GLY C 669 5.45 -8.91 22.75
N LEU C 670 6.03 -7.76 22.44
CA LEU C 670 5.24 -6.53 22.38
C LEU C 670 5.75 -5.46 21.39
N PRO C 671 5.51 -5.67 20.08
CA PRO C 671 5.79 -4.65 19.07
C PRO C 671 5.01 -3.40 19.37
N TYR C 672 5.59 -2.24 19.08
CA TYR C 672 4.88 -0.97 19.34
C TYR C 672 3.70 -0.76 18.39
N SER C 673 2.60 -0.26 18.95
CA SER C 673 1.42 0.21 18.20
C SER C 673 0.55 0.89 19.26
N ALA C 674 -0.40 1.69 18.80
CA ALA C 674 -1.31 2.34 19.71
C ALA C 674 -2.01 1.27 20.57
N ALA C 675 -2.46 0.19 19.94
CA ALA C 675 -3.15 -0.90 20.65
C ALA C 675 -2.25 -1.57 21.70
N ASN C 676 -1.02 -1.90 21.32
CA ASN C 676 -0.11 -2.58 22.23
C ASN C 676 0.41 -1.72 23.36
N ALA C 677 0.54 -0.42 23.12
CA ALA C 677 0.91 0.53 24.18
C ALA C 677 -0.24 0.66 25.21
N ARG C 678 -1.49 0.68 24.71
CA ARG C 678 -2.67 0.65 25.59
C ARG C 678 -2.74 -0.69 26.35
N LEU C 679 -2.55 -1.80 25.64
CA LEU C 679 -2.43 -3.08 26.33
C LEU C 679 -1.37 -3.03 27.46
N LEU C 680 -0.17 -2.56 27.14
CA LEU C 680 0.88 -2.50 28.16
C LEU C 680 0.44 -1.61 29.32
N GLU C 681 -0.13 -0.45 29.01
CA GLU C 681 -0.62 0.46 30.04
C GLU C 681 -1.61 -0.19 30.99
N ARG C 682 -2.61 -0.87 30.43
CA ARG C 682 -3.57 -1.62 31.25
C ARG C 682 -2.92 -2.69 32.09
N VAL C 683 -1.91 -3.35 31.52
CA VAL C 683 -1.15 -4.38 32.25
C VAL C 683 -0.50 -3.75 33.51
N LEU C 684 0.09 -2.58 33.36
CA LEU C 684 0.78 -1.92 34.45
C LEU C 684 -0.18 -1.53 35.59
N PHE C 685 -1.32 -0.94 35.24
CA PHE C 685 -2.38 -0.60 36.21
C PHE C 685 -2.97 -1.82 36.85
N TYR C 686 -3.20 -2.86 36.07
CA TYR C 686 -3.82 -4.07 36.59
C TYR C 686 -2.90 -4.79 37.55
N ALA C 687 -1.68 -5.06 37.10
CA ALA C 687 -0.75 -5.87 37.86
C ALA C 687 -0.41 -5.22 39.19
N SER C 688 -0.47 -3.89 39.24
CA SER C 688 -0.19 -3.20 40.50
C SER C 688 -1.45 -3.02 41.37
N HIS C 689 -2.54 -3.69 41.02
CA HIS C 689 -3.79 -3.53 41.75
C HIS C 689 -4.21 -2.07 41.76
N ASN C 690 -4.02 -1.37 40.64
CA ASN C 690 -4.36 0.06 40.54
C ASN C 690 -5.44 0.31 39.47
N GLU C 691 -6.32 -0.65 39.26
CA GLU C 691 -7.41 -0.49 38.31
C GLU C 691 -8.26 0.73 38.62
N ASP C 692 -8.38 1.08 39.90
CA ASP C 692 -9.18 2.25 40.32
C ASP C 692 -8.50 3.57 39.93
N LYS C 693 -7.17 3.54 39.74
CA LYS C 693 -6.44 4.74 39.33
C LYS C 693 -6.37 4.92 37.81
N TYR C 694 -6.77 3.90 37.05
CA TYR C 694 -6.67 3.95 35.58
C TYR C 694 -7.44 5.11 34.93
N ALA C 695 -8.73 5.23 35.26
CA ALA C 695 -9.61 6.21 34.59
C ALA C 695 -9.16 7.65 34.68
N ALA C 696 -8.59 8.08 35.82
CA ALA C 696 -8.23 9.50 35.93
C ALA C 696 -7.12 9.87 34.93
N TRP C 697 -7.34 10.97 34.20
CA TRP C 697 -6.40 11.50 33.19
C TRP C 697 -6.10 10.46 32.10
N SER C 698 -7.16 9.83 31.61
CA SER C 698 -7.04 8.85 30.57
C SER C 698 -7.87 9.28 29.37
N SER C 699 -7.52 8.72 28.22
CA SER C 699 -8.19 8.94 26.97
C SER C 699 -8.89 7.63 26.61
N SER C 700 -10.17 7.68 26.27
CA SER C 700 -10.88 6.43 25.88
C SER C 700 -10.31 5.86 24.57
N ASN C 701 -10.04 6.74 23.61
CA ASN C 701 -9.44 6.33 22.34
C ASN C 701 -7.93 6.04 22.52
N PRO C 702 -7.47 4.82 22.17
CA PRO C 702 -6.03 4.49 22.30
C PRO C 702 -5.08 5.27 21.40
N GLU C 703 -5.62 5.92 20.37
CA GLU C 703 -4.86 6.74 19.42
C GLU C 703 -4.52 8.13 19.95
N CYS C 704 -5.05 8.48 21.13
CA CYS C 704 -4.79 9.78 21.78
C CYS C 704 -4.22 9.54 23.17
N GLU C 705 -3.49 10.53 23.69
CA GLU C 705 -2.94 10.44 25.05
C GLU C 705 -3.21 11.72 25.83
N VAL C 706 -3.13 11.61 27.14
CA VAL C 706 -3.40 12.73 28.04
C VAL C 706 -2.15 13.02 28.86
N ALA C 707 -1.83 14.30 29.01
CA ALA C 707 -0.77 14.76 29.93
C ALA C 707 -1.36 15.76 30.90
N HIS C 708 -1.25 15.44 32.19
CA HIS C 708 -1.78 16.25 33.27
C HIS C 708 -0.68 17.04 33.97
N PHE C 709 -0.88 18.34 34.10
CA PHE C 709 0.10 19.22 34.78
C PHE C 709 -0.57 19.91 35.97
N PRO C 710 -0.64 19.22 37.14
CA PRO C 710 -1.34 19.73 38.33
C PRO C 710 -0.87 21.12 38.75
N GLU C 711 0.45 21.33 38.76
CA GLU C 711 1.00 22.58 39.27
C GLU C 711 0.72 23.79 38.37
N GLN C 712 0.40 23.54 37.11
CA GLN C 712 -0.05 24.59 36.21
C GLN C 712 -1.57 24.61 36.08
N GLY C 713 -2.25 23.67 36.72
CA GLY C 713 -3.70 23.51 36.54
C GLY C 713 -4.11 23.36 35.09
N LEU C 714 -3.39 22.49 34.37
CA LEU C 714 -3.65 22.22 32.95
C LEU C 714 -3.63 20.72 32.68
N TYR C 715 -4.36 20.29 31.66
CA TYR C 715 -4.08 19.02 30.98
C TYR C 715 -4.19 19.22 29.49
N CYS C 716 -3.47 18.43 28.72
CA CYS C 716 -3.69 18.42 27.27
C CYS C 716 -4.00 17.03 26.79
N VAL C 717 -4.63 16.97 25.62
CA VAL C 717 -4.88 15.71 24.95
C VAL C 717 -4.27 15.81 23.56
N ILE C 718 -3.50 14.80 23.17
CA ILE C 718 -2.85 14.80 21.85
C ILE C 718 -3.32 13.65 21.01
N ASN C 719 -3.43 13.89 19.71
CA ASN C 719 -3.72 12.88 18.75
C ASN C 719 -2.38 12.39 18.20
N ASN C 720 -2.12 11.09 18.39
CA ASN C 720 -0.87 10.46 17.96
C ASN C 720 -0.88 10.00 16.51
N THR C 721 -1.97 10.25 15.77
CA THR C 721 -2.08 9.83 14.38
C THR C 721 -2.27 11.02 13.42
N ASP C 722 -2.14 10.74 12.13
CA ASP C 722 -2.47 11.73 11.12
C ASP C 722 -3.93 11.65 10.66
N GLN C 723 -4.83 11.13 11.49
CA GLN C 723 -6.25 11.06 11.15
C GLN C 723 -7.08 11.74 12.22
N PRO C 724 -8.31 12.19 11.87
CA PRO C 724 -9.17 12.76 12.91
C PRO C 724 -9.50 11.69 13.97
N GLN C 725 -9.53 12.09 15.22
CA GLN C 725 -9.73 11.18 16.33
C GLN C 725 -10.65 11.82 17.34
N LYS C 726 -11.73 11.12 17.66
CA LYS C 726 -12.61 11.50 18.74
C LYS C 726 -12.19 10.76 19.99
N THR C 727 -12.17 11.47 21.11
CA THR C 727 -11.88 10.81 22.38
C THR C 727 -12.57 11.48 23.55
N THR C 728 -12.83 10.68 24.58
CA THR C 728 -13.36 11.20 25.84
C THR C 728 -12.28 11.13 26.90
N VAL C 729 -12.02 12.27 27.54
CA VAL C 729 -11.03 12.34 28.60
C VAL C 729 -11.74 12.40 29.96
N THR C 730 -11.26 11.59 30.90
CA THR C 730 -11.79 11.50 32.25
C THR C 730 -10.83 12.21 33.20
N LEU C 731 -11.34 13.22 33.92
CA LEU C 731 -10.49 13.96 34.88
C LEU C 731 -10.58 13.31 36.26
N ALA C 732 -9.75 13.77 37.19
CA ALA C 732 -9.69 13.20 38.53
C ALA C 732 -11.03 13.17 39.28
N ASP C 733 -11.86 14.18 39.10
CA ASP C 733 -13.17 14.24 39.78
C ASP C 733 -14.21 13.25 39.24
N GLY C 734 -14.03 12.79 38.01
CA GLY C 734 -14.94 11.83 37.44
C GLY C 734 -15.74 12.45 36.31
N THR C 735 -15.63 13.78 36.18
CA THR C 735 -16.19 14.43 35.00
C THR C 735 -15.38 14.02 33.77
N THR C 736 -15.99 14.19 32.60
CA THR C 736 -15.38 13.85 31.36
C THR C 736 -15.50 15.04 30.40
N GLU C 737 -14.67 15.05 29.38
CA GLU C 737 -14.84 15.98 28.28
C GLU C 737 -14.54 15.25 26.99
N ASP C 738 -15.33 15.54 25.96
CA ASP C 738 -15.17 14.97 24.63
C ASP C 738 -14.35 15.90 23.73
N PHE C 739 -13.53 15.31 22.86
CA PHE C 739 -12.73 16.10 21.92
C PHE C 739 -12.86 15.53 20.53
N ASP C 740 -12.68 16.38 19.53
CA ASP C 740 -12.51 15.87 18.18
C ASP C 740 -11.28 16.50 17.62
N LEU C 741 -10.23 15.71 17.52
CA LEU C 741 -8.92 16.28 17.23
C LEU C 741 -8.58 16.03 15.79
N PRO C 742 -8.12 17.08 15.08
CA PRO C 742 -7.64 16.89 13.71
C PRO C 742 -6.30 16.15 13.67
N ASP C 743 -5.89 15.74 12.48
CA ASP C 743 -4.53 15.29 12.16
C ASP C 743 -3.49 15.90 13.12
N SER C 744 -2.73 15.06 13.82
CA SER C 744 -1.65 15.50 14.71
C SER C 744 -2.05 16.53 15.77
N GLY C 745 -3.35 16.67 16.04
CA GLY C 745 -3.86 17.78 16.88
C GLY C 745 -3.51 17.74 18.38
N ILE C 746 -3.75 18.86 19.06
CA ILE C 746 -3.58 18.96 20.52
C ILE C 746 -4.69 19.84 21.07
N ALA C 747 -5.21 19.53 22.26
CA ALA C 747 -6.18 20.43 22.92
C ALA C 747 -5.76 20.67 24.34
N TRP C 748 -5.90 21.90 24.81
CA TRP C 748 -5.52 22.27 26.19
C TRP C 748 -6.75 22.66 27.01
N ARG C 749 -6.81 22.27 28.27
CA ARG C 749 -7.94 22.62 29.11
C ARG C 749 -7.49 22.87 30.54
N GLU C 750 -8.34 23.60 31.27
CA GLU C 750 -8.17 23.88 32.69
C GLU C 750 -8.39 22.62 33.53
N ALA C 751 -7.58 22.50 34.59
CA ALA C 751 -7.80 21.55 35.67
C ALA C 751 -7.51 22.31 36.97
N LEU C 752 -7.82 21.72 38.13
CA LEU C 752 -7.43 22.31 39.42
C LEU C 752 -5.91 22.41 39.54
N GLU C 753 -5.44 23.53 40.12
CA GLU C 753 -4.00 23.75 40.25
C GLU C 753 -3.48 23.25 41.61
N HIS C 754 -2.41 22.44 41.57
CA HIS C 754 -1.78 21.79 42.74
C HIS C 754 -2.70 20.76 43.37
N GLY D 5 -3.39 -68.23 5.17
CA GLY D 5 -3.36 -67.88 6.63
C GLY D 5 -2.89 -66.46 6.88
N ARG D 6 -2.08 -66.27 7.92
CA ARG D 6 -1.48 -64.96 8.26
C ARG D 6 -2.46 -63.85 8.70
N PHE D 7 -3.59 -64.24 9.30
CA PHE D 7 -4.56 -63.28 9.89
C PHE D 7 -5.05 -63.78 11.26
N THR D 8 -5.53 -62.84 12.08
CA THR D 8 -5.95 -63.08 13.47
C THR D 8 -7.15 -62.18 13.76
N LEU D 9 -8.18 -62.67 14.47
CA LEU D 9 -9.34 -61.81 14.81
C LEU D 9 -9.90 -61.95 16.25
N PRO D 10 -10.49 -60.88 16.80
CA PRO D 10 -10.93 -60.86 18.20
C PRO D 10 -12.43 -61.12 18.42
N SER D 11 -12.78 -61.61 19.61
CA SER D 11 -14.15 -61.99 19.95
C SER D 11 -14.53 -61.62 21.39
N GLU D 12 -15.77 -61.95 21.78
CA GLU D 12 -16.29 -61.76 23.14
C GLU D 12 -17.71 -62.27 23.28
N LEU D 22 -16.21 -65.20 8.15
CA LEU D 22 -15.19 -64.28 8.61
C LEU D 22 -13.86 -64.96 8.71
N ALA D 23 -13.78 -66.16 9.25
CA ALA D 23 -12.54 -66.89 9.22
C ALA D 23 -12.19 -67.30 7.81
N GLU D 24 -13.17 -67.67 7.02
CA GLU D 24 -12.84 -68.08 5.67
C GLU D 24 -12.94 -66.91 4.73
N LEU D 25 -13.81 -65.98 5.04
CA LEU D 25 -13.84 -64.80 4.27
C LEU D 25 -12.42 -64.23 4.33
N TRP D 26 -11.93 -64.14 5.56
CA TRP D 26 -10.67 -63.53 5.88
C TRP D 26 -9.65 -64.60 6.21
N GLY D 27 -9.38 -65.47 5.24
CA GLY D 27 -8.45 -66.56 5.41
C GLY D 27 -7.71 -66.56 6.74
N ALA D 28 -8.45 -66.70 7.84
CA ALA D 28 -7.91 -66.49 9.20
C ALA D 28 -7.06 -67.64 9.67
N ASP D 29 -5.94 -67.30 10.28
CA ASP D 29 -4.96 -68.26 10.76
C ASP D 29 -5.16 -68.45 12.28
N ALA D 30 -5.78 -67.47 12.93
CA ALA D 30 -5.93 -67.44 14.40
C ALA D 30 -7.18 -66.68 14.88
N ILE D 31 -7.44 -66.75 16.18
CA ILE D 31 -8.54 -66.02 16.87
C ILE D 31 -8.15 -65.73 18.33
N ARG D 32 -8.72 -64.67 18.93
CA ARG D 32 -8.31 -64.21 20.28
C ARG D 32 -9.30 -63.30 21.04
N ASN D 33 -9.07 -63.13 22.35
CA ASN D 33 -9.80 -62.13 23.15
C ASN D 33 -9.01 -60.85 23.43
N LEU D 46 -12.39 -76.25 14.22
CA LEU D 46 -11.84 -75.28 13.27
C LEU D 46 -10.40 -75.64 12.87
N GLY D 47 -9.65 -76.17 13.83
CA GLY D 47 -8.27 -76.62 13.60
C GLY D 47 -7.26 -75.52 13.29
N LYS D 48 -7.55 -74.30 13.73
CA LYS D 48 -6.63 -73.17 13.58
C LYS D 48 -5.83 -72.91 14.86
N LYS D 49 -4.97 -71.89 14.82
CA LYS D 49 -4.14 -71.48 15.94
C LYS D 49 -4.99 -70.66 16.91
N ILE D 50 -4.84 -70.91 18.22
CA ILE D 50 -5.62 -70.18 19.24
C ILE D 50 -4.73 -69.29 20.11
N TYR D 51 -5.18 -68.05 20.31
CA TYR D 51 -4.44 -67.03 21.08
C TYR D 51 -5.16 -66.77 22.40
N ASN D 52 -4.40 -66.73 23.48
CA ASN D 52 -4.93 -66.19 24.72
C ASN D 52 -4.02 -65.12 25.30
N ALA D 53 -4.60 -63.94 25.55
CA ALA D 53 -3.89 -62.86 26.20
C ALA D 53 -3.58 -63.32 27.63
N TYR D 54 -2.37 -63.06 28.11
CA TYR D 54 -2.02 -63.46 29.45
C TYR D 54 -1.39 -62.29 30.17
N PHE D 55 -1.86 -62.05 31.40
CA PHE D 55 -1.46 -60.88 32.17
C PHE D 55 -0.69 -61.28 33.45
N PRO D 56 0.65 -61.40 33.34
CA PRO D 56 1.49 -61.90 34.45
C PRO D 56 1.42 -61.13 35.77
N THR D 57 1.29 -59.81 35.73
CA THR D 57 1.38 -58.97 36.94
C THR D 57 0.03 -58.44 37.42
N ARG D 58 -1.07 -58.99 36.92
CA ARG D 58 -2.39 -58.63 37.46
C ARG D 58 -3.39 -59.77 37.38
N ALA D 59 -4.65 -59.43 37.66
CA ALA D 59 -5.81 -60.33 37.60
C ALA D 59 -5.85 -61.36 38.72
N HIS D 60 -5.21 -61.03 39.85
CA HIS D 60 -5.21 -61.89 41.05
C HIS D 60 -5.24 -61.09 42.35
N ASN D 61 -6.34 -60.37 42.54
CA ASN D 61 -6.52 -59.58 43.75
C ASN D 61 -6.50 -60.43 45.02
N GLU D 62 -6.93 -61.70 44.93
CA GLU D 62 -6.91 -62.61 46.08
C GLU D 62 -5.49 -62.82 46.62
N TRP D 63 -4.52 -62.84 45.71
CA TRP D 63 -3.11 -62.92 46.08
C TRP D 63 -2.55 -61.63 46.65
N ILE D 64 -2.62 -60.55 45.86
CA ILE D 64 -1.89 -59.33 46.18
C ILE D 64 -2.46 -58.53 47.34
N THR D 65 -3.77 -58.64 47.60
CA THR D 65 -4.35 -57.99 48.80
C THR D 65 -3.74 -58.52 50.10
N LEU D 66 -3.19 -59.73 50.06
CA LEU D 66 -2.54 -60.36 51.21
C LEU D 66 -1.07 -59.97 51.32
N HIS D 67 -0.53 -59.29 50.31
CA HIS D 67 0.91 -58.97 50.26
C HIS D 67 1.12 -57.58 49.64
N MET D 68 0.48 -56.57 50.21
CA MET D 68 0.34 -55.26 49.58
C MET D 68 1.64 -54.47 49.45
N ASP D 69 2.65 -54.83 50.23
CA ASP D 69 3.98 -54.24 50.09
C ASP D 69 4.77 -54.83 48.89
N GLU D 70 4.13 -55.74 48.16
CA GLU D 70 4.70 -56.28 46.92
C GLU D 70 4.00 -55.77 45.66
N THR D 71 3.27 -54.67 45.79
CA THR D 71 2.77 -53.98 44.58
C THR D 71 3.96 -53.23 43.98
N PRO D 72 3.92 -52.91 42.67
CA PRO D 72 5.04 -52.12 42.14
C PRO D 72 5.05 -50.72 42.73
N GLN D 73 6.20 -50.04 42.68
CA GLN D 73 6.31 -48.72 43.28
C GLN D 73 6.98 -47.73 42.36
N VAL D 74 6.81 -46.46 42.69
CA VAL D 74 7.33 -45.39 41.85
C VAL D 74 7.77 -44.25 42.73
N TYR D 75 8.85 -43.57 42.35
CA TYR D 75 9.16 -42.28 42.96
C TYR D 75 8.32 -41.17 42.30
N LEU D 76 7.63 -40.40 43.15
CA LEU D 76 6.72 -39.33 42.74
C LEU D 76 7.32 -38.02 43.22
N LEU D 77 7.16 -36.96 42.42
CA LEU D 77 7.57 -35.59 42.84
C LEU D 77 6.33 -34.74 43.15
N THR D 78 6.31 -34.06 44.30
CA THR D 78 5.15 -33.22 44.67
C THR D 78 5.16 -31.95 43.82
N ASP D 79 4.09 -31.17 43.87
CA ASP D 79 4.08 -29.76 43.41
C ASP D 79 5.13 -28.96 44.18
N ARG D 80 5.57 -27.85 43.61
CA ARG D 80 6.51 -26.93 44.22
C ARG D 80 5.78 -26.06 45.22
N ILE D 81 6.20 -26.09 46.48
CA ILE D 81 5.53 -25.26 47.48
C ILE D 81 6.45 -24.14 47.88
N LEU D 82 5.91 -22.91 47.87
CA LEU D 82 6.66 -21.75 48.27
C LEU D 82 6.72 -21.63 49.80
N ALA D 83 7.94 -21.56 50.32
CA ALA D 83 8.15 -21.22 51.72
C ALA D 83 7.89 -19.72 51.91
N GLU D 84 7.03 -19.39 52.86
CA GLU D 84 6.84 -17.99 53.19
C GLU D 84 7.49 -17.58 54.51
N SER D 85 8.14 -18.52 55.18
CA SER D 85 8.96 -18.23 56.36
C SER D 85 9.98 -19.36 56.44
N ASP D 86 10.47 -19.68 57.64
CA ASP D 86 11.47 -20.75 57.80
C ASP D 86 10.84 -22.15 57.96
N THR D 87 9.53 -22.23 57.73
CA THR D 87 8.78 -23.47 57.79
C THR D 87 7.87 -23.65 56.54
N VAL D 88 7.65 -24.89 56.11
CA VAL D 88 6.74 -25.11 55.00
C VAL D 88 6.14 -26.50 55.09
N ASP D 89 4.86 -26.62 54.77
CA ASP D 89 4.21 -27.91 54.74
C ASP D 89 4.00 -28.32 53.28
N ILE D 90 4.20 -29.61 52.99
CA ILE D 90 4.13 -30.12 51.62
C ILE D 90 3.20 -31.31 51.56
N PRO D 91 2.00 -31.10 50.98
CA PRO D 91 1.06 -32.19 50.77
C PRO D 91 1.63 -33.18 49.75
N LEU D 92 1.50 -34.48 50.02
CA LEU D 92 2.15 -35.46 49.17
C LEU D 92 1.30 -35.84 47.96
N MET D 93 -0.01 -35.90 48.16
CA MET D 93 -0.87 -36.58 47.20
C MET D 93 -1.81 -35.66 46.46
N GLU D 94 -1.75 -34.38 46.74
CA GLU D 94 -2.81 -33.54 46.20
C GLU D 94 -2.77 -33.39 44.67
N SER D 95 -1.63 -33.71 44.05
CA SER D 95 -1.52 -33.66 42.59
C SER D 95 -1.64 -35.02 41.88
N PHE D 96 -1.92 -36.07 42.66
CA PHE D 96 -1.93 -37.46 42.16
C PHE D 96 -3.29 -38.11 42.31
N PHE D 97 -3.56 -39.10 41.45
CA PHE D 97 -4.80 -39.85 41.51
C PHE D 97 -4.70 -40.83 42.68
N ALA D 98 -5.52 -40.61 43.72
CA ALA D 98 -5.45 -41.40 44.98
C ALA D 98 -5.85 -42.87 44.84
N GLU D 99 -6.61 -43.16 43.79
CA GLU D 99 -7.04 -44.52 43.49
C GLU D 99 -5.94 -45.33 42.77
N GLN D 100 -4.89 -44.66 42.32
CA GLN D 100 -3.82 -45.33 41.60
C GLN D 100 -2.57 -45.44 42.47
N LEU D 101 -2.37 -44.43 43.29
CA LEU D 101 -1.11 -44.23 43.99
C LEU D 101 -1.36 -43.93 45.47
N LYS D 102 -0.52 -44.51 46.34
CA LYS D 102 -0.58 -44.32 47.80
C LYS D 102 0.85 -44.17 48.30
N PRO D 103 1.15 -43.16 49.14
CA PRO D 103 2.53 -43.11 49.65
C PRO D 103 2.91 -44.39 50.40
N ASN D 104 4.16 -44.81 50.26
CA ASN D 104 4.67 -45.93 51.02
C ASN D 104 5.18 -45.41 52.37
N ARG D 105 4.43 -45.71 53.43
CA ARG D 105 4.85 -45.37 54.81
C ARG D 105 5.51 -46.56 55.53
N ASP D 106 5.63 -47.70 54.86
CA ASP D 106 6.29 -48.86 55.46
C ASP D 106 7.80 -48.72 55.40
N ALA D 107 8.33 -48.26 54.26
CA ALA D 107 9.77 -48.12 54.11
C ALA D 107 10.20 -46.76 54.62
N ASP D 108 11.20 -46.75 55.50
CA ASP D 108 11.64 -45.55 56.22
C ASP D 108 11.82 -44.29 55.33
N PRO D 109 10.90 -43.31 55.45
CA PRO D 109 10.98 -42.09 54.62
C PRO D 109 12.33 -41.40 54.69
N HIS D 110 12.96 -41.39 55.84
CA HIS D 110 14.25 -40.72 55.98
C HIS D 110 15.38 -41.44 55.26
N LYS D 111 15.16 -42.71 54.92
CA LYS D 111 16.12 -43.44 54.12
C LYS D 111 15.86 -43.33 52.61
N TYR D 112 14.59 -43.34 52.22
CA TYR D 112 14.19 -43.56 50.83
C TYR D 112 13.66 -42.31 50.09
N TRP D 113 13.34 -41.25 50.84
CA TRP D 113 12.79 -40.01 50.28
C TRP D 113 13.80 -38.88 50.35
N GLU D 114 13.45 -37.75 49.74
CA GLU D 114 14.32 -36.60 49.66
C GLU D 114 13.48 -35.33 49.59
N VAL D 115 13.82 -34.33 50.42
CA VAL D 115 13.26 -32.98 50.28
C VAL D 115 14.28 -32.09 49.60
N VAL D 116 13.84 -31.43 48.53
CA VAL D 116 14.75 -30.61 47.74
C VAL D 116 14.26 -29.16 47.77
N ASP D 117 15.19 -28.25 48.07
CA ASP D 117 15.06 -26.82 47.82
C ASP D 117 15.34 -26.58 46.34
N ARG D 118 14.28 -26.48 45.54
CA ARG D 118 14.41 -26.36 44.10
C ARG D 118 15.06 -25.06 43.65
N THR D 119 14.92 -24.02 44.48
CA THR D 119 15.53 -22.73 44.21
C THR D 119 17.07 -22.80 44.23
N THR D 120 17.64 -23.66 45.08
CA THR D 120 19.10 -23.84 45.14
C THR D 120 19.54 -25.19 44.59
N GLY D 121 18.62 -26.14 44.54
CA GLY D 121 18.94 -27.51 44.20
C GLY D 121 19.53 -28.31 45.36
N GLU D 122 19.60 -27.72 46.54
CA GLU D 122 20.17 -28.46 47.68
C GLU D 122 19.15 -29.38 48.32
N VAL D 123 19.63 -30.55 48.74
CA VAL D 123 18.83 -31.53 49.48
C VAL D 123 18.65 -31.00 50.90
N VAL D 124 17.41 -30.90 51.36
CA VAL D 124 17.16 -30.58 52.75
C VAL D 124 17.58 -31.73 53.66
N ASP D 125 18.41 -31.38 54.65
CA ASP D 125 18.87 -32.31 55.67
C ASP D 125 17.69 -33.10 56.26
N SER D 126 17.83 -34.42 56.30
CA SER D 126 16.87 -35.33 56.94
C SER D 126 16.30 -34.91 58.30
N ALA D 127 17.15 -34.37 59.17
CA ALA D 127 16.71 -33.89 60.49
C ALA D 127 15.75 -32.69 60.36
N ASN D 128 15.74 -32.04 59.20
CA ASN D 128 14.88 -30.87 59.03
C ASN D 128 13.47 -31.14 58.49
N TRP D 129 13.09 -32.41 58.38
CA TRP D 129 11.69 -32.69 57.96
C TRP D 129 11.10 -33.93 58.58
N THR D 130 9.76 -33.95 58.68
CA THR D 130 9.09 -35.09 59.24
C THR D 130 7.85 -35.40 58.41
N LEU D 131 7.50 -36.68 58.37
CA LEU D 131 6.26 -37.13 57.77
C LEU D 131 5.17 -37.09 58.84
N ASP D 132 4.06 -36.38 58.58
CA ASP D 132 2.94 -36.30 59.54
C ASP D 132 2.39 -37.68 59.86
N ALA D 133 2.18 -37.97 61.14
CA ALA D 133 1.69 -39.29 61.54
C ALA D 133 0.31 -39.65 60.96
N ASP D 134 -0.55 -38.65 60.75
CA ASP D 134 -1.95 -38.89 60.41
C ASP D 134 -2.37 -38.45 59.02
N GLU D 135 -1.55 -37.58 58.41
CA GLU D 135 -1.81 -37.13 57.05
C GLU D 135 -0.58 -37.17 56.14
N ASP D 136 -0.85 -37.35 54.85
CA ASP D 136 0.18 -37.43 53.81
C ASP D 136 0.75 -36.04 53.51
N THR D 137 1.50 -35.54 54.50
CA THR D 137 2.03 -34.19 54.49
C THR D 137 3.40 -34.21 55.12
N VAL D 138 4.39 -33.65 54.45
CA VAL D 138 5.71 -33.48 55.03
C VAL D 138 5.81 -32.07 55.61
N HIS D 139 6.29 -31.99 56.85
CA HIS D 139 6.56 -30.74 57.56
C HIS D 139 8.04 -30.45 57.48
N VAL D 140 8.40 -29.31 56.91
CA VAL D 140 9.80 -28.96 56.72
C VAL D 140 10.12 -27.73 57.53
N SER D 141 11.29 -27.68 58.14
CA SER D 141 11.69 -26.52 58.94
C SER D 141 13.17 -26.20 58.78
N GLY D 142 13.59 -25.08 59.36
CA GLY D 142 14.92 -24.53 59.15
C GLY D 142 15.17 -24.22 57.68
N VAL D 143 14.11 -23.89 56.95
CA VAL D 143 14.23 -23.68 55.50
C VAL D 143 14.28 -22.17 55.20
N ALA D 144 14.65 -21.82 53.98
CA ALA D 144 14.73 -20.40 53.52
C ALA D 144 13.41 -19.91 52.93
N ALA D 145 12.96 -18.76 53.44
CA ALA D 145 11.79 -18.06 52.89
C ALA D 145 11.97 -17.74 51.39
N TRP D 146 10.87 -17.87 50.64
CA TRP D 146 10.80 -17.53 49.20
C TRP D 146 11.53 -18.49 48.26
N HIS D 147 11.84 -19.67 48.77
CA HIS D 147 12.39 -20.75 47.95
C HIS D 147 11.23 -21.70 47.75
N GLU D 148 11.30 -22.51 46.68
CA GLU D 148 10.29 -23.54 46.48
C GLU D 148 10.86 -24.87 46.92
N TYR D 149 10.02 -25.71 47.52
CA TYR D 149 10.42 -27.04 48.00
C TYR D 149 9.53 -28.15 47.47
N THR D 150 10.13 -29.34 47.25
CA THR D 150 9.38 -30.49 46.80
C THR D 150 9.79 -31.68 47.65
N VAL D 151 8.92 -32.69 47.69
CA VAL D 151 9.27 -33.97 48.26
C VAL D 151 9.32 -34.98 47.12
N SER D 152 10.35 -35.81 47.13
CA SER D 152 10.37 -36.99 46.26
C SER D 152 10.14 -38.20 47.14
N PHE D 153 9.04 -38.90 46.89
CA PHE D 153 8.65 -39.97 47.80
C PHE D 153 8.30 -41.24 47.06
N LEU D 154 8.46 -42.38 47.73
CA LEU D 154 8.04 -43.69 47.22
C LEU D 154 6.54 -43.86 47.38
N ALA D 155 5.88 -44.26 46.29
CA ALA D 155 4.45 -44.61 46.32
C ALA D 155 4.20 -46.04 45.81
N TYR D 156 3.29 -46.75 46.49
CA TYR D 156 2.75 -47.99 45.95
C TYR D 156 1.81 -47.74 44.77
N ILE D 157 1.89 -48.58 43.75
CA ILE D 157 0.97 -48.50 42.64
C ILE D 157 -0.14 -49.51 42.91
N ILE D 158 -1.30 -49.01 43.33
CA ILE D 158 -2.39 -49.89 43.76
C ILE D 158 -3.43 -50.22 42.69
N TRP D 159 -3.27 -49.68 41.48
CA TRP D 159 -4.21 -49.96 40.38
C TRP D 159 -3.37 -50.06 39.10
N ASP D 160 -3.48 -51.18 38.42
CA ASP D 160 -2.68 -51.40 37.23
C ASP D 160 -2.93 -50.28 36.22
N PRO D 161 -1.84 -49.56 35.83
CA PRO D 161 -2.03 -48.36 35.01
C PRO D 161 -2.87 -48.59 33.77
N VAL D 162 -2.63 -49.69 33.06
CA VAL D 162 -3.33 -49.89 31.81
C VAL D 162 -4.80 -50.31 32.01
N GLU D 163 -5.05 -51.21 32.95
CA GLU D 163 -6.43 -51.58 33.32
C GLU D 163 -7.18 -50.36 33.84
N MET D 164 -6.50 -49.51 34.63
CA MET D 164 -7.05 -48.22 35.04
C MET D 164 -7.47 -47.31 33.86
N TYR D 165 -6.56 -47.13 32.90
CA TYR D 165 -6.89 -46.45 31.65
C TYR D 165 -8.18 -47.01 31.00
N ASN D 166 -8.23 -48.33 30.85
CA ASN D 166 -9.37 -48.97 30.22
C ASN D 166 -10.65 -48.74 31.00
N HIS D 167 -10.52 -48.73 32.33
CA HIS D 167 -11.67 -48.54 33.18
C HIS D 167 -12.26 -47.14 32.97
N LEU D 168 -11.41 -46.12 33.08
CA LEU D 168 -11.80 -44.73 32.86
C LEU D 168 -12.33 -44.48 31.45
N THR D 169 -11.63 -44.98 30.43
CA THR D 169 -12.02 -44.75 29.04
C THR D 169 -13.38 -45.37 28.74
N ASN D 170 -13.63 -46.56 29.29
CA ASN D 170 -14.88 -47.30 29.10
C ASN D 170 -15.93 -47.04 30.16
N ASP D 171 -15.63 -46.16 31.13
CA ASP D 171 -16.48 -45.95 32.30
C ASP D 171 -16.98 -47.27 32.90
N TRP D 172 -16.09 -48.03 33.51
CA TRP D 172 -16.47 -49.34 34.03
C TRP D 172 -17.16 -49.23 35.39
N GLY D 173 -17.27 -48.03 35.92
CA GLY D 173 -18.03 -47.75 37.15
C GLY D 173 -17.54 -48.48 38.39
N ASP D 174 -18.34 -49.45 38.82
CA ASP D 174 -18.16 -50.20 40.07
C ASP D 174 -17.25 -51.42 39.97
N LYS D 175 -16.83 -51.73 38.74
CA LYS D 175 -15.92 -52.84 38.51
C LYS D 175 -14.71 -52.72 39.45
N GLU D 176 -14.36 -53.85 40.06
CA GLU D 176 -13.22 -53.95 40.96
C GLU D 176 -11.92 -53.53 40.24
N HIS D 177 -11.08 -52.78 40.95
CA HIS D 177 -9.79 -52.34 40.39
C HIS D 177 -8.74 -53.42 40.54
N GLU D 178 -8.14 -53.77 39.41
CA GLU D 178 -7.04 -54.73 39.33
C GLU D 178 -5.80 -54.13 39.96
N ILE D 179 -5.33 -54.75 41.03
CA ILE D 179 -4.10 -54.36 41.71
C ILE D 179 -2.90 -55.11 41.08
N PRO D 180 -1.85 -54.37 40.67
CA PRO D 180 -0.70 -54.98 40.01
C PRO D 180 0.31 -55.50 41.03
N PHE D 181 1.12 -56.48 40.64
CA PHE D 181 2.14 -56.93 41.55
C PHE D 181 3.52 -57.03 40.91
N ASP D 182 4.52 -57.05 41.77
CA ASP D 182 5.90 -56.93 41.37
C ASP D 182 6.66 -58.25 41.67
N ILE D 183 7.05 -58.94 40.60
CA ILE D 183 7.77 -60.20 40.73
C ILE D 183 9.20 -60.09 41.28
N TYR D 184 9.72 -58.87 41.48
CA TYR D 184 11.01 -58.73 42.16
C TYR D 184 11.00 -59.36 43.57
N HIS D 185 9.82 -59.43 44.19
CA HIS D 185 9.63 -60.03 45.51
C HIS D 185 9.39 -61.54 45.37
N PRO D 186 10.14 -62.37 46.14
CA PRO D 186 10.14 -63.84 46.00
C PRO D 186 8.75 -64.49 46.06
N ALA D 187 7.94 -64.11 47.03
CA ALA D 187 6.60 -64.68 47.23
C ALA D 187 5.73 -64.47 46.00
N THR D 188 5.67 -63.21 45.57
CA THR D 188 4.90 -62.83 44.39
C THR D 188 5.48 -63.56 43.18
N ARG D 189 6.79 -63.68 43.11
CA ARG D 189 7.40 -64.34 41.97
C ARG D 189 6.97 -65.81 41.89
N LYS D 190 7.09 -66.53 43.01
CA LYS D 190 6.68 -67.93 43.07
C LYS D 190 5.20 -68.06 42.71
N PHE D 191 4.36 -67.17 43.24
CA PHE D 191 2.94 -67.21 42.95
C PHE D 191 2.65 -67.11 41.46
N VAL D 192 3.33 -66.18 40.80
CA VAL D 192 3.12 -65.91 39.38
C VAL D 192 3.51 -67.12 38.52
N PHE D 193 4.68 -67.70 38.78
CA PHE D 193 5.13 -68.88 38.04
C PHE D 193 4.31 -70.13 38.35
N ASP D 194 4.00 -70.33 39.64
CA ASP D 194 3.09 -71.40 40.06
C ASP D 194 1.74 -71.35 39.33
N THR D 195 1.16 -70.15 39.28
CA THR D 195 -0.13 -69.91 38.64
C THR D 195 -0.05 -70.14 37.13
N PHE D 196 1.05 -69.74 36.51
CA PHE D 196 1.23 -69.94 35.08
C PHE D 196 1.38 -71.43 34.73
N GLU D 197 2.23 -72.14 35.49
CA GLU D 197 2.35 -73.59 35.39
C GLU D 197 0.99 -74.27 35.29
N GLN D 198 0.11 -73.92 36.22
CA GLN D 198 -1.21 -74.51 36.33
C GLN D 198 -2.13 -74.08 35.20
N TRP D 199 -2.03 -72.81 34.82
CA TRP D 199 -2.83 -72.26 33.73
C TRP D 199 -2.51 -73.01 32.43
N LEU D 200 -1.24 -73.36 32.23
CA LEU D 200 -0.82 -74.15 31.08
C LEU D 200 -1.48 -75.51 31.07
N LYS D 201 -1.57 -76.14 32.25
CA LYS D 201 -2.26 -77.42 32.42
C LYS D 201 -3.75 -77.31 32.14
N ASP D 202 -4.35 -76.17 32.54
CA ASP D 202 -5.78 -75.90 32.34
C ASP D 202 -6.13 -75.26 30.98
N SER D 203 -5.18 -75.21 30.06
CA SER D 203 -5.43 -74.61 28.74
C SER D 203 -4.82 -75.43 27.60
N PRO D 204 -5.36 -76.64 27.34
CA PRO D 204 -4.81 -77.45 26.26
C PRO D 204 -5.16 -76.92 24.85
N GLN D 205 -6.27 -76.20 24.74
CA GLN D 205 -6.72 -75.66 23.46
C GLN D 205 -6.01 -74.37 23.00
N THR D 206 -5.25 -73.72 23.90
CA THR D 206 -4.45 -72.53 23.56
C THR D 206 -3.15 -72.93 22.87
N ASP D 207 -2.82 -72.32 21.74
CA ASP D 207 -1.58 -72.62 21.02
C ASP D 207 -0.53 -71.53 21.17
N VAL D 208 -1.01 -70.29 21.30
CA VAL D 208 -0.13 -69.14 21.44
C VAL D 208 -0.50 -68.40 22.71
N VAL D 209 0.46 -68.30 23.62
CA VAL D 209 0.28 -67.47 24.80
C VAL D 209 0.76 -66.05 24.45
N ARG D 210 -0.19 -65.11 24.42
CA ARG D 210 0.06 -63.73 24.04
C ARG D 210 0.31 -62.88 25.29
N PHE D 211 1.55 -62.84 25.72
CA PHE D 211 1.94 -62.07 26.90
C PHE D 211 1.75 -60.56 26.64
N THR D 212 0.85 -59.97 27.43
CA THR D 212 0.40 -58.60 27.30
C THR D 212 0.45 -57.90 28.67
N THR D 213 1.64 -57.70 29.22
CA THR D 213 2.90 -58.07 28.57
C THR D 213 3.73 -58.89 29.54
N PHE D 214 4.75 -58.27 30.17
CA PHE D 214 5.48 -58.97 31.20
C PHE D 214 5.41 -58.33 32.59
N PHE D 215 6.51 -57.74 33.05
CA PHE D 215 6.64 -57.44 34.47
C PHE D 215 6.60 -55.99 34.89
N TYR D 216 7.10 -55.10 34.02
CA TYR D 216 7.17 -53.67 34.36
C TYR D 216 6.47 -52.81 33.31
N GLN D 217 5.45 -52.09 33.79
CA GLN D 217 4.64 -51.14 33.04
C GLN D 217 5.40 -49.85 32.72
N PHE D 218 5.27 -49.37 31.48
CA PHE D 218 5.86 -48.09 31.08
C PHE D 218 5.24 -46.98 31.89
N THR D 219 6.03 -45.94 32.18
CA THR D 219 5.55 -44.80 32.97
C THR D 219 4.19 -44.28 32.54
N LEU D 220 3.22 -44.37 33.44
CA LEU D 220 1.87 -43.94 33.17
C LEU D 220 1.22 -43.60 34.51
N LEU D 221 1.27 -42.33 34.86
CA LEU D 221 0.75 -41.83 36.14
C LEU D 221 -0.36 -40.80 35.94
N PHE D 222 -1.41 -40.90 36.76
CA PHE D 222 -2.60 -40.02 36.67
C PHE D 222 -2.69 -38.98 37.81
N ASP D 223 -3.37 -37.87 37.54
CA ASP D 223 -3.46 -36.76 38.48
C ASP D 223 -4.77 -36.82 39.26
N GLU D 224 -4.98 -35.84 40.12
CA GLU D 224 -6.16 -35.88 40.99
C GLU D 224 -7.48 -35.64 40.23
N LYS D 225 -7.39 -35.19 38.99
CA LYS D 225 -8.61 -35.00 38.19
C LYS D 225 -8.88 -36.20 37.29
N ARG D 226 -8.22 -37.33 37.55
CA ARG D 226 -8.43 -38.57 36.78
C ARG D 226 -7.96 -38.41 35.30
N ARG D 227 -6.89 -37.65 35.10
CA ARG D 227 -6.34 -37.37 33.79
C ARG D 227 -4.89 -37.83 33.82
N GLU D 228 -4.34 -38.14 32.66
CA GLU D 228 -2.93 -38.49 32.59
C GLU D 228 -2.10 -37.32 33.10
N LYS D 229 -1.14 -37.61 33.95
CA LYS D 229 -0.23 -36.62 34.48
C LYS D 229 1.19 -36.76 33.91
N VAL D 230 1.70 -37.98 33.91
CA VAL D 230 3.03 -38.28 33.34
C VAL D 230 2.92 -39.54 32.49
N VAL D 231 3.57 -39.51 31.32
CA VAL D 231 3.63 -40.68 30.44
C VAL D 231 4.94 -40.74 29.66
N ASP D 232 5.53 -41.93 29.57
CA ASP D 232 6.72 -42.16 28.72
C ASP D 232 6.68 -43.60 28.33
N TRP D 233 6.47 -43.83 27.03
CA TRP D 233 6.36 -45.18 26.50
C TRP D 233 7.57 -46.04 26.82
N PHE D 234 8.70 -45.38 27.09
CA PHE D 234 9.94 -46.07 27.44
C PHE D 234 10.28 -45.88 28.90
N GLY D 235 9.40 -45.26 29.69
CA GLY D 235 9.79 -44.85 31.03
C GLY D 235 9.95 -45.99 32.05
N CYS D 236 10.98 -45.87 32.89
CA CYS D 236 11.26 -46.78 34.01
C CYS D 236 10.77 -46.36 35.38
N ALA D 237 9.82 -45.42 35.46
CA ALA D 237 9.44 -44.92 36.78
C ALA D 237 8.87 -46.03 37.69
N CYS D 238 8.05 -46.89 37.13
CA CYS D 238 7.24 -47.83 37.89
C CYS D 238 7.97 -49.16 38.09
N THR D 239 9.21 -49.10 38.57
CA THR D 239 10.07 -50.29 38.61
C THR D 239 10.89 -50.38 39.90
N VAL D 240 10.63 -49.48 40.85
CA VAL D 240 11.42 -49.45 42.06
C VAL D 240 10.74 -50.18 43.22
N SER D 241 11.53 -50.46 44.25
CA SER D 241 11.06 -50.92 45.54
C SER D 241 12.20 -50.66 46.53
N PRO D 242 11.90 -50.64 47.84
CA PRO D 242 13.05 -50.56 48.77
C PRO D 242 14.08 -51.68 48.52
N ARG D 243 13.61 -52.91 48.30
CA ARG D 243 14.52 -54.05 48.10
C ARG D 243 15.37 -53.88 46.82
N ALA D 244 14.73 -53.55 45.71
CA ALA D 244 15.47 -53.38 44.45
C ALA D 244 16.52 -52.28 44.56
N LEU D 245 16.19 -51.19 45.25
CA LEU D 245 17.07 -50.05 45.35
C LEU D 245 18.31 -50.36 46.21
N ASP D 246 18.11 -51.12 47.30
CA ASP D 246 19.25 -51.51 48.16
C ASP D 246 20.11 -52.57 47.46
N ASP D 247 19.48 -53.51 46.73
CA ASP D 247 20.20 -54.45 45.86
C ASP D 247 21.05 -53.74 44.79
N PHE D 248 20.49 -52.68 44.21
CA PHE D 248 21.21 -51.89 43.20
C PHE D 248 22.43 -51.31 43.87
N GLU D 249 22.24 -50.71 45.04
CA GLU D 249 23.37 -50.08 45.72
C GLU D 249 24.54 -51.04 46.00
N ALA D 250 24.20 -52.27 46.45
CA ALA D 250 25.26 -53.27 46.72
C ALA D 250 25.98 -53.75 45.45
N LYS D 251 25.24 -53.86 44.36
CA LYS D 251 25.78 -54.31 43.07
C LYS D 251 26.61 -53.22 42.36
N TYR D 252 26.14 -51.98 42.43
CA TYR D 252 26.67 -50.87 41.63
C TYR D 252 27.67 -49.96 42.32
N GLY D 253 27.77 -50.05 43.63
CA GLY D 253 28.74 -49.27 44.39
C GLY D 253 28.40 -47.80 44.61
N TYR D 254 27.11 -47.48 44.51
CA TYR D 254 26.58 -46.15 44.84
C TYR D 254 25.07 -46.24 44.96
N ARG D 255 24.50 -45.37 45.79
CA ARG D 255 23.06 -45.42 46.01
C ARG D 255 22.37 -44.44 45.07
N LEU D 256 21.32 -44.88 44.39
CA LEU D 256 20.52 -43.93 43.61
C LEU D 256 19.78 -42.96 44.53
N ARG D 257 19.82 -41.67 44.19
CA ARG D 257 18.93 -40.67 44.80
C ARG D 257 17.52 -40.82 44.24
N PRO D 258 16.48 -40.51 45.03
CA PRO D 258 15.15 -40.34 44.40
C PRO D 258 15.24 -39.39 43.18
N GLU D 259 16.17 -38.43 43.21
CA GLU D 259 16.39 -37.53 42.09
C GLU D 259 16.82 -38.25 40.80
N ASP D 260 17.42 -39.44 40.91
CA ASP D 260 17.83 -40.18 39.70
C ASP D 260 16.63 -40.80 38.98
N PHE D 261 15.46 -40.74 39.64
CA PHE D 261 14.21 -41.18 39.02
C PHE D 261 13.30 -40.01 38.66
N VAL D 262 13.04 -39.10 39.60
CA VAL D 262 12.14 -37.97 39.25
C VAL D 262 12.81 -36.93 38.35
N ASP D 263 14.13 -36.79 38.43
CA ASP D 263 14.88 -36.05 37.41
C ASP D 263 14.38 -34.61 37.29
N GLY D 264 14.18 -33.98 38.46
CA GLY D 264 13.77 -32.58 38.56
C GLY D 264 12.36 -32.32 38.04
N GLY D 265 11.61 -33.39 37.81
CA GLY D 265 10.29 -33.30 37.25
C GLY D 265 10.23 -33.80 35.82
N ALA D 266 11.39 -34.18 35.25
CA ALA D 266 11.43 -34.77 33.87
C ALA D 266 11.04 -36.24 33.84
N TYR D 267 11.18 -36.91 34.98
CA TYR D 267 11.01 -38.35 35.10
C TYR D 267 11.80 -39.16 34.04
N ASN D 268 13.02 -38.72 33.69
CA ASN D 268 13.88 -39.47 32.77
C ASN D 268 13.26 -39.72 31.39
N SER D 269 12.51 -38.74 30.90
CA SER D 269 12.01 -38.72 29.53
C SER D 269 13.09 -39.18 28.53
N ALA D 270 12.74 -40.01 27.56
CA ALA D 270 13.70 -40.47 26.56
C ALA D 270 14.33 -39.31 25.79
N TRP D 271 13.74 -38.12 25.90
CA TRP D 271 14.26 -36.94 25.25
C TRP D 271 15.41 -36.31 26.03
N ARG D 272 15.56 -36.67 27.30
CA ARG D 272 16.67 -36.11 28.08
C ARG D 272 17.94 -36.83 27.63
N VAL D 273 19.05 -36.10 27.58
CA VAL D 273 20.37 -36.71 27.31
C VAL D 273 20.59 -37.75 28.40
N PRO D 274 20.81 -39.02 28.02
CA PRO D 274 20.85 -40.13 28.96
C PRO D 274 21.95 -39.95 29.97
N ARG D 275 21.61 -40.14 31.25
CA ARG D 275 22.60 -40.08 32.32
C ARG D 275 23.07 -41.51 32.65
N LYS D 276 24.24 -41.63 33.28
CA LYS D 276 24.80 -42.94 33.59
C LYS D 276 23.84 -43.70 34.49
N ALA D 277 23.27 -43.02 35.49
CA ALA D 277 22.30 -43.63 36.39
C ALA D 277 21.09 -44.26 35.69
N GLN D 278 20.60 -43.64 34.62
CA GLN D 278 19.51 -44.27 33.84
C GLN D 278 19.97 -45.55 33.17
N ARG D 279 21.15 -45.50 32.57
CA ARG D 279 21.67 -46.66 31.86
C ARG D 279 21.94 -47.82 32.84
N ASP D 280 22.55 -47.52 34.00
CA ASP D 280 22.73 -48.51 35.06
C ASP D 280 21.40 -49.15 35.45
N TRP D 281 20.38 -48.33 35.70
CA TRP D 281 19.11 -48.86 36.17
C TRP D 281 18.45 -49.73 35.10
N ILE D 282 18.54 -49.30 33.85
CA ILE D 282 18.08 -50.11 32.72
C ILE D 282 18.79 -51.47 32.68
N ASP D 283 20.13 -51.46 32.78
CA ASP D 283 20.90 -52.72 32.81
C ASP D 283 20.47 -53.62 33.98
N PHE D 284 20.36 -53.04 35.17
CA PHE D 284 19.89 -53.73 36.34
C PHE D 284 18.50 -54.38 36.12
N LEU D 285 17.51 -53.60 35.70
CA LEU D 285 16.17 -54.16 35.41
C LEU D 285 16.14 -55.23 34.35
N SER D 286 16.90 -54.99 33.30
CA SER D 286 16.86 -55.83 32.13
C SER D 286 17.38 -57.24 32.39
N GLY D 287 18.46 -57.34 33.17
CA GLY D 287 19.01 -58.64 33.57
C GLY D 287 17.93 -59.45 34.26
N PHE D 288 17.25 -58.82 35.20
CA PHE D 288 16.17 -59.46 35.94
C PHE D 288 14.98 -59.81 35.04
N VAL D 289 14.50 -58.87 34.23
CA VAL D 289 13.30 -59.09 33.40
C VAL D 289 13.51 -60.24 32.41
N ARG D 290 14.64 -60.22 31.71
CA ARG D 290 14.94 -61.24 30.70
C ARG D 290 15.05 -62.66 31.27
N GLU D 291 15.70 -62.78 32.42
CA GLU D 291 15.81 -64.06 33.13
C GLU D 291 14.41 -64.65 33.30
N ASN D 292 13.47 -63.84 33.77
CA ASN D 292 12.11 -64.30 34.01
C ASN D 292 11.23 -64.44 32.76
N VAL D 293 11.54 -63.67 31.72
CA VAL D 293 10.89 -63.84 30.41
C VAL D 293 11.33 -65.17 29.77
N LYS D 294 12.62 -65.47 29.84
CA LYS D 294 13.12 -66.73 29.29
C LYS D 294 12.40 -67.91 29.93
N GLN D 295 12.21 -67.85 31.25
CA GLN D 295 11.49 -68.90 31.98
C GLN D 295 10.04 -69.06 31.51
N LEU D 296 9.30 -67.96 31.46
CA LEU D 296 7.95 -67.96 30.88
C LEU D 296 7.94 -68.58 29.48
N ALA D 297 8.94 -68.24 28.66
CA ALA D 297 9.07 -68.76 27.31
C ALA D 297 9.37 -70.28 27.28
N ASP D 298 10.34 -70.71 28.10
CA ASP D 298 10.63 -72.13 28.29
C ASP D 298 9.40 -72.91 28.76
N MET D 299 8.75 -72.45 29.83
CA MET D 299 7.53 -73.08 30.32
C MET D 299 6.45 -73.19 29.25
N SER D 300 6.29 -72.13 28.47
CA SER D 300 5.35 -72.14 27.34
C SER D 300 5.69 -73.24 26.31
N HIS D 301 6.97 -73.36 25.97
CA HIS D 301 7.39 -74.43 25.04
C HIS D 301 7.15 -75.85 25.60
N ALA D 302 7.60 -76.10 26.83
CA ALA D 302 7.39 -77.39 27.50
C ALA D 302 5.91 -77.83 27.54
N ALA D 303 5.02 -76.85 27.39
CA ALA D 303 3.60 -77.13 27.26
C ALA D 303 3.19 -77.13 25.78
N GLY D 304 4.18 -77.12 24.89
CA GLY D 304 3.94 -77.18 23.44
C GLY D 304 3.22 -75.95 22.87
N LYS D 305 3.31 -74.83 23.56
CA LYS D 305 2.67 -73.59 23.12
C LYS D 305 3.71 -72.56 22.68
N GLU D 306 3.28 -71.57 21.89
CA GLU D 306 4.12 -70.46 21.43
C GLU D 306 4.09 -69.23 22.36
N ALA D 307 5.24 -68.64 22.62
CA ALA D 307 5.33 -67.44 23.45
C ALA D 307 5.36 -66.18 22.58
N MET D 308 4.36 -65.32 22.77
CA MET D 308 4.24 -64.08 22.01
C MET D 308 4.21 -62.86 22.93
N MET D 309 5.07 -61.88 22.64
CA MET D 309 5.17 -60.63 23.43
C MET D 309 4.53 -59.43 22.74
N PHE D 310 3.68 -58.70 23.46
CA PHE D 310 3.10 -57.46 22.95
C PHE D 310 4.13 -56.37 23.18
N LEU D 311 4.45 -55.62 22.12
CA LEU D 311 5.43 -54.52 22.16
C LEU D 311 4.77 -53.30 22.77
N GLY D 312 4.73 -53.26 24.10
CA GLY D 312 4.00 -52.19 24.81
C GLY D 312 3.57 -52.65 26.19
N ASP D 313 2.73 -51.84 26.84
CA ASP D 313 2.30 -52.08 28.23
C ASP D 313 3.50 -52.44 29.14
N GLN D 314 3.48 -53.60 29.78
CA GLN D 314 4.57 -53.98 30.68
C GLN D 314 5.77 -54.56 29.92
N TRP D 315 6.38 -53.75 29.05
CA TRP D 315 7.48 -54.25 28.24
C TRP D 315 8.82 -53.73 28.71
N ILE D 316 8.81 -52.96 29.80
CA ILE D 316 10.06 -52.37 30.33
C ILE D 316 11.06 -53.45 30.80
N GLY D 317 12.33 -53.29 30.43
CA GLY D 317 13.37 -54.29 30.71
C GLY D 317 13.57 -55.37 29.63
N THR D 318 12.66 -55.49 28.66
CA THR D 318 12.83 -56.54 27.65
C THR D 318 13.91 -56.13 26.63
N GLU D 319 13.90 -54.85 26.25
CA GLU D 319 14.91 -54.30 25.36
C GLU D 319 15.05 -55.12 24.05
N PRO D 320 13.97 -55.12 23.22
CA PRO D 320 13.92 -55.90 21.99
C PRO D 320 15.09 -55.68 21.04
N TYR D 321 15.65 -54.47 21.05
CA TYR D 321 16.71 -54.11 20.12
C TYR D 321 18.13 -54.15 20.75
N LYS D 322 18.26 -54.62 21.98
CA LYS D 322 19.60 -54.82 22.55
C LYS D 322 20.01 -56.28 22.38
N ASP D 323 21.31 -56.52 22.17
CA ASP D 323 21.84 -57.88 22.02
C ASP D 323 21.37 -58.83 23.12
N GLY D 324 21.10 -60.07 22.74
CA GLY D 324 20.67 -61.06 23.71
C GLY D 324 19.18 -61.28 23.68
N PHE D 325 18.43 -60.37 23.06
CA PHE D 325 16.98 -60.55 22.94
C PHE D 325 16.59 -61.90 22.33
N ASP D 326 17.40 -62.36 21.38
CA ASP D 326 17.20 -63.67 20.73
C ASP D 326 17.32 -64.87 21.69
N GLU D 327 18.13 -64.75 22.74
CA GLU D 327 18.30 -65.85 23.68
C GLU D 327 17.07 -66.06 24.57
N LEU D 328 16.13 -65.12 24.55
CA LEU D 328 14.87 -65.30 25.27
C LEU D 328 14.06 -66.44 24.65
N GLY D 329 14.25 -66.64 23.34
CA GLY D 329 13.57 -67.72 22.63
C GLY D 329 12.09 -67.44 22.46
N LEU D 330 11.72 -66.17 22.39
CA LEU D 330 10.33 -65.80 22.13
C LEU D 330 10.02 -66.09 20.67
N ASP D 331 8.80 -66.54 20.43
CA ASP D 331 8.41 -66.95 19.08
C ASP D 331 8.06 -65.76 18.20
N ALA D 332 7.35 -64.82 18.80
CA ALA D 332 6.78 -63.69 18.08
C ALA D 332 6.74 -62.44 18.93
N VAL D 333 6.66 -61.29 18.26
CA VAL D 333 6.27 -60.04 18.89
C VAL D 333 5.06 -59.51 18.15
N VAL D 334 4.03 -59.12 18.89
CA VAL D 334 2.89 -58.43 18.30
C VAL D 334 2.93 -56.98 18.77
N GLY D 335 2.63 -56.03 17.88
CA GLY D 335 2.58 -54.64 18.29
C GLY D 335 1.43 -53.88 17.66
N SER D 336 1.19 -52.69 18.18
CA SER D 336 0.14 -51.82 17.73
C SER D 336 0.63 -51.01 16.54
N ILE D 337 -0.11 -51.08 15.43
CA ILE D 337 0.26 -50.35 14.23
C ILE D 337 -0.55 -49.07 14.07
N GLY D 338 0.13 -47.94 14.16
CA GLY D 338 -0.51 -46.65 14.08
C GLY D 338 -0.13 -45.87 12.84
N ASP D 339 1.00 -46.22 12.25
CA ASP D 339 1.58 -45.45 11.16
C ASP D 339 2.79 -46.25 10.70
N GLY D 340 3.59 -45.67 9.80
CA GLY D 340 4.79 -46.36 9.30
C GLY D 340 5.83 -46.59 10.38
N THR D 341 6.04 -45.60 11.24
CA THR D 341 7.08 -45.71 12.26
C THR D 341 6.83 -46.85 13.24
N THR D 342 5.59 -46.97 13.71
CA THR D 342 5.19 -48.01 14.66
C THR D 342 5.20 -49.41 14.04
N THR D 343 4.97 -49.49 12.73
CA THR D 343 5.13 -50.73 11.97
C THR D 343 6.60 -51.18 11.96
N ARG D 344 7.51 -50.25 11.66
CA ARG D 344 8.94 -50.57 11.63
C ARG D 344 9.50 -50.91 13.00
N MET D 345 8.94 -50.30 14.05
CA MET D 345 9.30 -50.65 15.42
C MET D 345 9.15 -52.15 15.64
N ILE D 346 8.06 -52.71 15.09
CA ILE D 346 7.79 -54.15 15.23
C ILE D 346 8.62 -54.92 14.22
N ALA D 347 8.49 -54.52 12.95
CA ALA D 347 9.07 -55.21 11.80
C ALA D 347 10.58 -55.48 11.90
N ASP D 348 11.34 -54.54 12.47
CA ASP D 348 12.81 -54.65 12.47
C ASP D 348 13.42 -55.40 13.66
N ILE D 349 12.60 -55.93 14.55
CA ILE D 349 13.13 -56.63 15.73
C ILE D 349 13.83 -57.94 15.32
N PRO D 350 15.09 -58.16 15.77
CA PRO D 350 15.82 -59.35 15.33
C PRO D 350 15.45 -60.67 16.02
N GLY D 351 15.32 -60.69 17.33
CA GLY D 351 15.32 -62.00 18.03
C GLY D 351 14.26 -63.09 17.83
N VAL D 352 13.33 -62.92 16.89
CA VAL D 352 12.12 -63.76 16.89
C VAL D 352 11.80 -64.52 15.59
N LYS D 353 10.89 -65.49 15.67
CA LYS D 353 10.53 -66.29 14.51
C LYS D 353 9.63 -65.49 13.56
N TYR D 354 8.58 -64.88 14.09
CA TYR D 354 7.71 -64.04 13.27
C TYR D 354 7.20 -62.82 14.05
N THR D 355 6.62 -61.87 13.32
CA THR D 355 6.09 -60.63 13.92
C THR D 355 4.63 -60.42 13.49
N GLU D 356 3.88 -59.70 14.29
CA GLU D 356 2.47 -59.46 13.98
C GLU D 356 2.07 -58.02 14.32
N GLY D 357 1.26 -57.40 13.46
CA GLY D 357 0.67 -56.10 13.78
C GLY D 357 -0.79 -56.18 14.21
N ARG D 358 -1.13 -55.48 15.29
CA ARG D 358 -2.53 -55.25 15.65
C ARG D 358 -2.88 -53.82 15.25
N PHE D 359 -3.85 -53.69 14.35
CA PHE D 359 -4.20 -52.37 13.82
C PHE D 359 -5.06 -51.45 14.72
N LEU D 360 -4.69 -50.16 14.77
CA LEU D 360 -5.54 -49.10 15.28
C LEU D 360 -6.49 -48.69 14.13
N PRO D 361 -7.66 -48.07 14.46
CA PRO D 361 -8.23 -47.75 15.78
C PRO D 361 -8.64 -48.95 16.63
N TYR D 362 -8.28 -48.87 17.91
CA TYR D 362 -8.60 -49.89 18.91
C TYR D 362 -10.13 -49.92 19.14
N PHE D 363 -10.70 -51.10 19.41
CA PHE D 363 -12.18 -51.24 19.49
C PHE D 363 -12.80 -50.79 20.86
N PHE D 364 -12.63 -49.50 21.15
CA PHE D 364 -13.09 -48.87 22.39
C PHE D 364 -14.08 -47.73 22.05
N PRO D 365 -14.88 -47.27 23.03
CA PRO D 365 -15.90 -46.24 22.72
C PRO D 365 -15.34 -44.82 22.47
N ASP D 366 -14.03 -44.62 22.72
CA ASP D 366 -13.36 -43.34 22.41
C ASP D 366 -13.25 -43.06 20.89
N THR D 367 -13.32 -44.12 20.08
CA THR D 367 -13.39 -43.99 18.62
C THR D 367 -14.70 -44.56 18.05
N PHE D 368 -15.29 -45.51 18.77
CA PHE D 368 -16.54 -46.12 18.33
C PHE D 368 -17.74 -45.64 19.15
N TYR D 369 -18.15 -44.41 18.85
CA TYR D 369 -19.36 -43.80 19.40
C TYR D 369 -20.19 -43.28 18.23
N GLU D 370 -21.43 -42.91 18.51
CA GLU D 370 -22.35 -42.45 17.46
C GLU D 370 -21.95 -41.08 16.92
N GLY D 371 -22.00 -40.94 15.60
CA GLY D 371 -21.62 -39.70 14.92
C GLY D 371 -20.14 -39.61 14.64
N ASN D 372 -19.57 -40.71 14.12
CA ASN D 372 -18.13 -40.79 13.83
C ASN D 372 -17.82 -41.63 12.59
N SER D 375 -13.75 -44.92 9.75
CA SER D 375 -13.18 -45.64 8.61
C SER D 375 -12.06 -44.87 7.88
N ILE D 376 -12.14 -43.54 7.92
CA ILE D 376 -11.11 -42.69 7.33
C ILE D 376 -9.74 -42.79 8.06
N GLU D 377 -9.74 -42.76 9.39
CA GLU D 377 -8.52 -43.05 10.16
C GLU D 377 -8.16 -44.54 10.08
N GLY D 378 -9.18 -45.40 9.96
CA GLY D 378 -8.98 -46.84 9.77
C GLY D 378 -8.70 -47.21 8.33
N LEU D 379 -8.13 -46.25 7.60
CA LEU D 379 -7.69 -46.42 6.21
C LEU D 379 -6.47 -45.54 5.95
N ASP D 380 -6.45 -44.34 6.56
CA ASP D 380 -5.20 -43.54 6.64
C ASP D 380 -4.10 -44.39 7.28
N ASN D 381 -4.42 -45.03 8.42
CA ASN D 381 -3.63 -46.16 8.92
C ASN D 381 -3.92 -47.35 7.98
N TRP D 382 -2.92 -48.22 7.78
CA TRP D 382 -2.81 -49.21 6.69
C TRP D 382 -2.08 -48.70 5.44
N ARG D 383 -2.48 -47.55 4.91
CA ARG D 383 -1.68 -46.94 3.85
C ARG D 383 -0.35 -46.49 4.44
N LYS D 384 -0.39 -45.98 5.66
CA LYS D 384 0.82 -45.64 6.38
C LYS D 384 1.67 -46.87 6.66
N ALA D 385 1.01 -47.98 6.98
CA ALA D 385 1.70 -49.24 7.27
C ALA D 385 2.20 -49.96 6.04
N ARG D 386 1.40 -49.95 4.98
CA ARG D 386 1.75 -50.67 3.76
C ARG D 386 3.10 -50.22 3.24
N ARG D 387 3.32 -48.92 3.13
CA ARG D 387 4.59 -48.41 2.57
C ARG D 387 5.80 -48.87 3.40
N ALA D 388 5.61 -48.97 4.72
CA ALA D 388 6.66 -49.48 5.62
C ALA D 388 6.84 -51.00 5.45
N ILE D 389 5.73 -51.72 5.38
CA ILE D 389 5.77 -53.19 5.20
C ILE D 389 6.56 -53.63 3.97
N LEU D 390 6.51 -52.85 2.89
CA LEU D 390 7.30 -53.18 1.71
C LEU D 390 8.79 -53.13 1.95
N ARG D 391 9.21 -52.23 2.85
CA ARG D 391 10.62 -52.06 3.19
C ARG D 391 11.10 -53.07 4.25
N SER D 392 10.19 -53.47 5.12
CA SER D 392 10.48 -54.45 6.15
C SER D 392 9.19 -55.15 6.50
N PRO D 393 9.00 -56.38 5.96
CA PRO D 393 7.71 -57.05 6.12
C PRO D 393 7.39 -57.53 7.53
N ILE D 394 6.11 -57.48 7.90
CA ILE D 394 5.60 -58.19 9.07
C ILE D 394 4.80 -59.43 8.59
N SER D 395 4.87 -60.51 9.37
CA SER D 395 4.33 -61.80 8.98
C SER D 395 2.80 -61.89 9.01
N ARG D 396 2.16 -61.15 9.91
CA ARG D 396 0.71 -61.28 10.11
C ARG D 396 0.07 -59.97 10.60
N MET D 397 -1.27 -59.95 10.57
CA MET D 397 -2.05 -58.78 10.96
C MET D 397 -3.30 -59.17 11.78
N GLY D 398 -3.95 -58.20 12.40
CA GLY D 398 -5.23 -58.42 13.12
C GLY D 398 -5.80 -57.16 13.74
N TYR D 399 -6.92 -57.29 14.47
CA TYR D 399 -7.52 -56.17 15.24
C TYR D 399 -7.80 -56.49 16.71
N GLY D 400 -7.93 -55.45 17.54
CA GLY D 400 -8.15 -55.60 18.99
C GLY D 400 -9.46 -55.02 19.50
N ALA D 407 -18.62 -53.79 15.47
CA ALA D 407 -19.50 -54.32 14.43
C ALA D 407 -20.63 -53.33 14.09
N LYS D 408 -20.86 -52.36 14.98
CA LYS D 408 -21.96 -51.40 14.84
C LYS D 408 -21.72 -50.31 13.77
N PHE D 409 -20.66 -50.49 12.96
CA PHE D 409 -20.27 -49.48 12.00
C PHE D 409 -20.06 -50.15 10.62
N PRO D 410 -21.04 -50.00 9.70
CA PRO D 410 -20.99 -50.71 8.42
C PRO D 410 -19.87 -50.24 7.47
N LYS D 411 -19.56 -48.93 7.47
CA LYS D 411 -18.47 -48.42 6.63
C LYS D 411 -17.10 -48.97 7.07
N PHE D 412 -16.81 -48.90 8.36
CA PHE D 412 -15.54 -49.40 8.93
C PHE D 412 -15.29 -50.93 8.71
N VAL D 413 -16.36 -51.73 8.67
CA VAL D 413 -16.22 -53.18 8.40
C VAL D 413 -15.78 -53.47 6.95
N ASP D 414 -16.39 -52.81 5.96
CA ASP D 414 -15.97 -52.96 4.55
C ASP D 414 -14.55 -52.40 4.36
N THR D 415 -14.29 -51.26 5.00
CA THR D 415 -12.95 -50.65 4.99
C THR D 415 -11.94 -51.69 5.58
N VAL D 416 -12.33 -52.40 6.65
CA VAL D 416 -11.54 -53.57 7.18
C VAL D 416 -11.44 -54.77 6.20
N THR D 417 -12.55 -55.17 5.57
CA THR D 417 -12.45 -56.30 4.64
C THR D 417 -11.38 -55.95 3.60
N HIS D 418 -11.39 -54.70 3.14
CA HIS D 418 -10.47 -54.23 2.11
C HIS D 418 -9.01 -54.33 2.57
N ILE D 419 -8.71 -53.71 3.71
CA ILE D 419 -7.38 -53.73 4.33
C ILE D 419 -6.81 -55.15 4.42
N ALA D 420 -7.60 -56.09 4.96
CA ALA D 420 -7.19 -57.49 5.17
C ALA D 420 -6.79 -58.24 3.88
N ASN D 421 -7.41 -57.85 2.77
CA ASN D 421 -7.27 -58.59 1.53
C ASN D 421 -5.92 -58.46 0.83
N GLU D 422 -5.47 -57.25 0.58
CA GLU D 422 -4.07 -57.11 0.19
C GLU D 422 -3.20 -57.24 1.44
N PHE D 423 -2.41 -58.33 1.45
CA PHE D 423 -1.41 -58.64 2.48
C PHE D 423 -0.60 -59.87 2.04
N ARG D 424 -1.29 -60.98 1.72
CA ARG D 424 -0.62 -62.27 1.45
C ARG D 424 0.01 -62.29 0.02
N ASP D 425 -0.73 -61.76 -0.93
CA ASP D 425 -0.22 -61.30 -2.23
C ASP D 425 1.25 -60.89 -2.17
N ILE D 426 1.53 -59.92 -1.29
CA ILE D 426 2.84 -59.33 -1.10
C ILE D 426 3.92 -60.37 -0.77
N HIS D 427 3.57 -61.37 0.04
CA HIS D 427 4.54 -62.39 0.49
C HIS D 427 5.13 -63.24 -0.65
N VAL D 433 9.89 -61.17 1.94
CA VAL D 433 11.03 -60.42 1.40
C VAL D 433 10.87 -58.90 1.48
N ALA D 434 11.97 -58.21 1.77
CA ALA D 434 12.01 -56.75 1.81
C ALA D 434 12.35 -56.17 0.44
N ALA D 435 11.79 -55.00 0.11
CA ALA D 435 12.14 -54.32 -1.14
C ALA D 435 13.61 -53.94 -1.08
N GLU D 436 14.25 -53.83 -2.24
CA GLU D 436 15.66 -53.42 -2.32
C GLU D 436 15.83 -51.93 -2.01
N GLY D 437 16.83 -51.60 -1.20
CA GLY D 437 17.21 -50.23 -0.96
C GLY D 437 18.67 -50.06 -1.35
N GLU D 438 18.98 -48.96 -2.03
CA GLU D 438 20.35 -48.66 -2.45
C GLU D 438 21.09 -47.87 -1.36
N LEU D 439 20.58 -46.66 -1.04
CA LEU D 439 21.23 -45.75 -0.10
C LEU D 439 21.20 -46.23 1.34
N ASN D 440 22.34 -46.10 2.01
CA ASN D 440 22.45 -46.41 3.42
C ASN D 440 22.42 -45.12 4.25
N VAL D 441 21.39 -45.01 5.08
CA VAL D 441 21.07 -43.83 5.87
C VAL D 441 21.16 -44.18 7.35
N ALA D 442 21.90 -43.38 8.12
CA ALA D 442 22.09 -43.61 9.56
C ALA D 442 21.52 -42.46 10.39
N ILE D 443 20.69 -42.79 11.37
CA ILE D 443 20.15 -41.80 12.32
C ILE D 443 21.08 -41.84 13.53
N LEU D 444 21.67 -40.69 13.83
CA LEU D 444 22.67 -40.58 14.88
C LEU D 444 22.09 -39.80 16.08
N ASN D 445 22.04 -40.46 17.22
CA ASN D 445 21.57 -39.84 18.45
C ASN D 445 22.22 -40.52 19.65
N SER D 446 21.84 -40.11 20.86
CA SER D 446 22.41 -40.69 22.08
C SER D 446 22.08 -42.15 22.32
N TRP D 447 20.93 -42.60 21.85
CA TRP D 447 20.48 -43.96 22.13
C TRP D 447 21.00 -45.00 21.14
N GLY D 448 20.97 -44.68 19.85
CA GLY D 448 21.37 -45.64 18.82
C GLY D 448 20.41 -46.79 18.65
N LYS D 449 20.97 -47.99 18.46
CA LYS D 449 20.23 -49.16 18.03
C LYS D 449 19.13 -49.57 18.99
N MET D 450 19.40 -49.44 20.30
CA MET D 450 18.44 -49.83 21.31
C MET D 450 17.09 -49.08 21.24
N ARG D 451 17.05 -47.93 20.56
CA ARG D 451 15.81 -47.20 20.32
C ARG D 451 15.53 -47.07 18.81
N SER D 452 15.78 -48.12 18.05
CA SER D 452 15.46 -48.15 16.63
C SER D 452 13.97 -47.84 16.45
N TRP D 453 13.69 -46.86 15.60
CA TRP D 453 12.33 -46.39 15.26
C TRP D 453 11.57 -45.78 16.44
N MET D 454 12.28 -45.46 17.52
CA MET D 454 11.64 -45.01 18.75
C MET D 454 11.98 -43.56 19.08
N ALA D 455 12.89 -42.96 18.30
CA ALA D 455 13.27 -41.57 18.48
C ALA D 455 12.05 -40.67 18.37
N PHE D 456 11.99 -39.68 19.25
CA PHE D 456 10.96 -38.65 19.19
C PHE D 456 9.59 -39.10 19.71
N THR D 457 9.45 -40.34 20.18
CA THR D 457 8.17 -40.78 20.72
C THR D 457 8.06 -40.35 22.20
N VAL D 458 6.91 -39.77 22.58
CA VAL D 458 6.55 -39.63 24.01
C VAL D 458 5.48 -40.68 24.38
N ALA D 459 4.24 -40.50 23.91
CA ALA D 459 3.22 -41.55 23.99
C ALA D 459 3.21 -42.24 22.65
N HIS D 460 3.04 -43.57 22.66
CA HIS D 460 3.09 -44.41 21.47
C HIS D 460 2.06 -43.96 20.43
N ALA D 461 2.55 -43.72 19.21
CA ALA D 461 1.71 -43.34 18.05
C ALA D 461 0.98 -41.99 18.21
N LEU D 462 1.38 -41.15 19.15
CA LEU D 462 0.69 -39.85 19.35
C LEU D 462 1.66 -38.66 19.29
N PRO D 463 2.15 -38.32 18.07
CA PRO D 463 3.03 -37.17 17.94
C PRO D 463 2.22 -35.91 18.23
N ASN D 464 2.86 -34.86 18.74
CA ASN D 464 2.14 -33.65 19.09
C ASN D 464 2.85 -32.43 18.53
N LYS D 465 2.38 -31.24 18.93
CA LYS D 465 2.94 -29.97 18.48
C LYS D 465 4.44 -29.89 18.68
N GLN D 466 4.90 -30.39 19.82
CA GLN D 466 6.34 -30.37 20.16
C GLN D 466 7.18 -31.44 19.44
N THR D 467 6.56 -32.52 18.98
CA THR D 467 7.35 -33.60 18.43
C THR D 467 7.20 -33.83 16.92
N TYR D 468 6.10 -33.38 16.32
CA TYR D 468 5.75 -33.84 14.96
C TYR D 468 6.71 -33.41 13.85
N SER D 469 7.44 -32.33 14.09
CA SER D 469 8.42 -31.80 13.11
C SER D 469 9.61 -32.73 13.00
N TYR D 470 9.82 -33.53 14.04
CA TYR D 470 10.93 -34.48 14.07
C TYR D 470 10.43 -35.91 13.86
N TYR D 471 9.31 -36.26 14.48
CA TYR D 471 8.69 -37.58 14.24
C TYR D 471 8.51 -37.85 12.73
N GLY D 472 8.17 -36.80 11.99
CA GLY D 472 7.95 -36.87 10.53
C GLY D 472 9.19 -37.32 9.75
N ILE D 473 10.38 -37.12 10.33
CA ILE D 473 11.60 -37.61 9.69
C ILE D 473 11.53 -39.13 9.65
N LEU D 474 11.21 -39.71 10.80
CA LEU D 474 11.06 -41.15 10.92
C LEU D 474 9.89 -41.67 10.10
N GLU D 475 8.75 -40.99 10.19
CA GLU D 475 7.60 -41.40 9.40
C GLU D 475 7.92 -41.42 7.90
N SER D 476 8.63 -40.38 7.41
CA SER D 476 8.98 -40.34 5.99
C SER D 476 9.89 -41.53 5.65
N LEU D 477 10.95 -41.72 6.44
CA LEU D 477 11.89 -42.82 6.23
C LEU D 477 11.31 -44.26 6.35
N SER D 478 10.28 -44.44 7.19
CA SER D 478 9.75 -45.78 7.49
C SER D 478 9.27 -46.55 6.24
N GLY D 479 8.84 -45.81 5.22
CA GLY D 479 8.34 -46.39 3.98
C GLY D 479 9.19 -46.03 2.79
N MET D 480 10.33 -45.40 3.03
CA MET D 480 11.21 -44.93 1.97
C MET D 480 12.16 -46.02 1.45
N ARG D 481 12.49 -45.92 0.16
CA ARG D 481 13.34 -46.91 -0.53
C ARG D 481 14.85 -46.76 -0.21
N VAL D 482 15.17 -46.51 1.05
CA VAL D 482 16.56 -46.52 1.51
C VAL D 482 16.70 -47.53 2.66
N ASN D 483 17.94 -47.80 3.07
CA ASN D 483 18.20 -48.67 4.22
C ASN D 483 18.52 -47.79 5.42
N VAL D 484 17.75 -47.96 6.50
CA VAL D 484 17.84 -47.09 7.66
C VAL D 484 18.44 -47.88 8.80
N ARG D 485 19.47 -47.34 9.43
CA ARG D 485 19.97 -47.90 10.70
C ARG D 485 20.06 -46.77 11.71
N PHE D 486 20.21 -47.12 12.98
CA PHE D 486 20.24 -46.14 14.07
C PHE D 486 21.54 -46.36 14.84
N ILE D 487 22.35 -45.32 14.95
CA ILE D 487 23.66 -45.43 15.60
C ILE D 487 23.79 -44.38 16.71
N SER D 488 24.67 -44.64 17.66
CA SER D 488 24.81 -43.77 18.83
C SER D 488 26.13 -42.99 18.77
N PHE D 489 26.25 -41.95 19.59
CA PHE D 489 27.55 -41.26 19.68
C PHE D 489 28.63 -42.17 20.23
N ASP D 490 28.27 -43.05 21.13
CA ASP D 490 29.25 -44.03 21.63
C ASP D 490 29.78 -44.95 20.51
N ASP D 491 28.90 -45.44 19.62
CA ASP D 491 29.33 -46.18 18.41
C ASP D 491 30.38 -45.40 17.60
N VAL D 492 30.05 -44.14 17.28
CA VAL D 492 30.88 -43.31 16.43
C VAL D 492 32.22 -43.01 17.10
N LEU D 493 32.21 -42.66 18.39
CA LEU D 493 33.44 -42.37 19.11
C LEU D 493 34.35 -43.59 19.21
N ALA D 494 33.78 -44.77 19.39
CA ALA D 494 34.56 -46.00 19.53
C ALA D 494 35.11 -46.49 18.19
N HIS D 495 34.28 -46.47 17.14
CA HIS D 495 34.58 -47.18 15.90
C HIS D 495 34.59 -46.32 14.63
N GLY D 496 34.37 -45.01 14.76
CA GLY D 496 34.18 -44.16 13.58
C GLY D 496 32.89 -44.53 12.86
N ILE D 497 32.74 -43.97 11.66
CA ILE D 497 31.54 -44.12 10.85
C ILE D 497 31.75 -45.24 9.82
N ASP D 498 30.89 -46.25 9.84
CA ASP D 498 30.98 -47.40 8.94
C ASP D 498 31.05 -46.98 7.47
N SER D 499 31.94 -47.65 6.73
CA SER D 499 32.24 -47.25 5.34
C SER D 499 31.10 -47.47 4.35
N ASP D 500 30.08 -48.21 4.74
CA ASP D 500 28.95 -48.41 3.85
C ASP D 500 27.84 -47.34 3.99
N ILE D 501 27.97 -46.46 4.99
CA ILE D 501 26.98 -45.41 5.21
C ILE D 501 27.15 -44.29 4.19
N ASP D 502 26.05 -43.90 3.54
CA ASP D 502 26.03 -42.78 2.61
C ASP D 502 25.64 -41.46 3.29
N VAL D 503 24.69 -41.50 4.22
CA VAL D 503 24.11 -40.28 4.83
C VAL D 503 23.92 -40.49 6.34
N ILE D 504 24.31 -39.47 7.11
CA ILE D 504 23.99 -39.39 8.54
C ILE D 504 22.96 -38.28 8.76
N ILE D 505 21.90 -38.58 9.51
CA ILE D 505 20.91 -37.57 9.90
C ILE D 505 20.99 -37.39 11.41
N ASN D 506 21.03 -36.14 11.85
CA ASN D 506 21.02 -35.76 13.24
C ASN D 506 19.94 -34.70 13.33
N GLY D 507 18.98 -34.92 14.21
CA GLY D 507 17.83 -34.03 14.31
C GLY D 507 17.25 -33.92 15.70
N GLY D 508 16.72 -32.74 16.00
CA GLY D 508 15.98 -32.51 17.24
C GLY D 508 16.25 -31.11 17.78
N PRO D 509 15.68 -30.79 18.97
CA PRO D 509 15.98 -29.54 19.64
C PRO D 509 17.29 -29.67 20.40
N VAL D 510 17.85 -28.52 20.76
CA VAL D 510 19.05 -28.49 21.58
C VAL D 510 18.83 -29.19 22.91
N ASP D 511 19.90 -29.81 23.41
CA ASP D 511 19.93 -30.38 24.76
C ASP D 511 18.97 -31.55 24.95
N THR D 512 18.82 -32.38 23.94
CA THR D 512 18.01 -33.59 24.03
C THR D 512 18.87 -34.76 23.60
N ALA D 513 18.43 -35.97 23.96
CA ALA D 513 19.01 -37.21 23.46
C ALA D 513 19.14 -37.26 21.93
N PHE D 514 18.32 -36.50 21.21
CA PHE D 514 18.25 -36.68 19.75
C PHE D 514 19.23 -35.80 18.99
N THR D 515 19.59 -34.65 19.53
CA THR D 515 20.69 -33.93 18.95
C THR D 515 22.00 -34.36 19.61
N GLY D 516 21.94 -34.56 20.93
CA GLY D 516 23.09 -35.03 21.68
C GLY D 516 23.59 -34.20 22.82
N GLY D 517 23.39 -32.89 22.81
CA GLY D 517 23.91 -32.09 23.91
C GLY D 517 25.42 -31.89 23.87
N ASP D 518 26.04 -31.83 25.06
CA ASP D 518 27.46 -31.53 25.20
C ASP D 518 28.43 -32.52 24.52
N VAL D 519 27.93 -33.67 24.08
CA VAL D 519 28.72 -34.56 23.21
C VAL D 519 29.30 -33.78 22.02
N TRP D 520 28.56 -32.78 21.53
CA TRP D 520 29.04 -31.96 20.42
C TRP D 520 30.20 -31.02 20.77
N THR D 521 30.49 -30.90 22.07
CA THR D 521 31.69 -30.23 22.56
C THR D 521 32.92 -31.16 22.62
N ASN D 522 32.72 -32.47 22.44
CA ASN D 522 33.81 -33.42 22.29
C ASN D 522 34.50 -33.31 20.90
N PRO D 523 35.76 -32.80 20.85
CA PRO D 523 36.44 -32.59 19.56
C PRO D 523 36.53 -33.85 18.73
N LYS D 524 36.71 -35.00 19.37
CA LYS D 524 36.81 -36.24 18.63
C LYS D 524 35.56 -36.45 17.77
N LEU D 525 34.37 -36.18 18.31
CA LEU D 525 33.14 -36.41 17.52
C LEU D 525 33.16 -35.49 16.30
N VAL D 526 33.46 -34.23 16.52
CA VAL D 526 33.41 -33.24 15.46
C VAL D 526 34.47 -33.56 14.40
N GLU D 527 35.66 -33.99 14.84
CA GLU D 527 36.74 -34.33 13.91
C GLU D 527 36.26 -35.45 13.01
N THR D 528 35.70 -36.48 13.63
CA THR D 528 35.23 -37.66 12.89
C THR D 528 34.21 -37.31 11.81
N VAL D 529 33.26 -36.43 12.13
CA VAL D 529 32.16 -36.20 11.18
C VAL D 529 32.62 -35.30 10.05
N ARG D 530 33.35 -34.25 10.39
CA ARG D 530 33.93 -33.34 9.40
C ARG D 530 34.84 -34.11 8.43
N ALA D 531 35.76 -34.92 8.95
CA ALA D 531 36.67 -35.74 8.12
C ALA D 531 35.86 -36.61 7.16
N TRP D 532 34.84 -37.27 7.70
CA TRP D 532 34.02 -38.15 6.88
C TRP D 532 33.22 -37.41 5.79
N VAL D 533 32.63 -36.27 6.12
CA VAL D 533 31.89 -35.53 5.10
C VAL D 533 32.86 -35.02 4.03
N ARG D 534 34.01 -34.50 4.49
CA ARG D 534 34.99 -33.91 3.61
C ARG D 534 35.47 -34.91 2.56
N GLY D 535 35.48 -36.19 2.94
CA GLY D 535 35.90 -37.27 2.05
C GLY D 535 34.79 -37.88 1.23
N GLY D 536 33.55 -37.37 1.37
CA GLY D 536 32.45 -37.81 0.51
C GLY D 536 31.15 -38.15 1.24
N GLY D 537 31.15 -38.07 2.57
CA GLY D 537 29.95 -38.33 3.34
C GLY D 537 28.90 -37.23 3.14
N ALA D 538 27.72 -37.44 3.71
CA ALA D 538 26.65 -36.44 3.62
C ALA D 538 26.03 -36.32 5.01
N PHE D 539 25.87 -35.09 5.49
CA PHE D 539 25.32 -34.88 6.84
C PHE D 539 24.05 -34.04 6.69
N VAL D 540 22.93 -34.56 7.17
CA VAL D 540 21.66 -33.82 7.10
C VAL D 540 21.30 -33.45 8.52
N GLY D 541 21.14 -32.16 8.77
CA GLY D 541 20.84 -31.73 10.12
C GLY D 541 19.43 -31.17 10.17
N VAL D 542 18.64 -31.61 11.13
CA VAL D 542 17.25 -31.17 11.24
C VAL D 542 16.99 -30.44 12.55
N GLY D 543 16.49 -29.21 12.47
CA GLY D 543 16.04 -28.49 13.66
C GLY D 543 17.21 -27.73 14.25
N GLU D 544 17.82 -28.31 15.29
CA GLU D 544 18.98 -27.69 15.91
C GLU D 544 20.11 -28.70 15.91
N PRO D 545 20.56 -29.10 14.70
CA PRO D 545 21.53 -30.18 14.68
C PRO D 545 22.87 -29.74 15.24
N SER D 546 23.54 -30.65 15.94
CA SER D 546 24.91 -30.47 16.51
C SER D 546 25.04 -29.31 17.51
N SER D 547 23.92 -28.96 18.15
CA SER D 547 23.85 -27.76 18.95
C SER D 547 24.45 -27.96 20.34
N ALA D 548 25.19 -26.95 20.82
CA ALA D 548 25.81 -26.99 22.15
C ALA D 548 25.70 -25.57 22.69
N PRO D 549 24.86 -25.36 23.73
CA PRO D 549 24.73 -23.99 24.22
C PRO D 549 26.00 -23.50 24.93
N ARG D 550 26.29 -22.22 24.79
CA ARG D 550 27.36 -21.51 25.51
C ARG D 550 28.80 -22.07 25.35
N PHE D 551 28.99 -23.07 24.50
CA PHE D 551 30.33 -23.58 24.30
C PHE D 551 31.17 -22.58 23.48
N GLN D 552 30.60 -22.09 22.39
CA GLN D 552 31.22 -21.04 21.59
C GLN D 552 30.26 -19.88 21.46
N THR D 553 30.73 -18.68 21.75
CA THR D 553 29.87 -17.50 21.66
C THR D 553 29.29 -17.31 20.25
N GLY D 554 30.08 -17.62 19.23
CA GLY D 554 29.72 -17.31 17.87
C GLY D 554 29.23 -18.48 17.04
N ARG D 555 29.03 -19.64 17.68
CA ARG D 555 28.69 -20.87 16.98
C ARG D 555 27.82 -21.75 17.92
N PHE D 556 26.55 -21.95 17.54
CA PHE D 556 25.60 -22.77 18.31
C PHE D 556 25.51 -24.20 17.73
N PHE D 557 25.20 -24.31 16.42
CA PHE D 557 25.36 -25.58 15.71
C PHE D 557 26.87 -25.79 15.55
N GLN D 558 27.43 -26.79 16.22
CA GLN D 558 28.89 -27.02 16.16
C GLN D 558 29.36 -27.37 14.74
N LEU D 559 28.47 -27.98 13.96
CA LEU D 559 28.73 -28.33 12.57
C LEU D 559 28.07 -27.39 11.61
N ALA D 560 27.88 -26.12 11.99
CA ALA D 560 27.37 -25.10 11.07
C ALA D 560 28.20 -24.98 9.80
N ASP D 561 29.52 -25.20 9.91
CA ASP D 561 30.38 -25.11 8.71
C ASP D 561 30.00 -26.17 7.66
N VAL D 562 29.61 -27.34 8.14
CA VAL D 562 29.18 -28.44 7.27
C VAL D 562 27.85 -28.14 6.59
N ILE D 563 26.84 -27.74 7.35
CA ILE D 563 25.48 -27.61 6.80
C ILE D 563 25.20 -26.24 6.24
N GLY D 564 26.09 -25.29 6.50
CA GLY D 564 25.99 -23.93 5.98
C GLY D 564 25.03 -22.98 6.69
N VAL D 565 24.56 -23.36 7.87
CA VAL D 565 23.51 -22.66 8.60
C VAL D 565 23.81 -22.71 10.12
N ASP D 566 23.63 -21.58 10.81
CA ASP D 566 23.67 -21.57 12.27
C ASP D 566 22.42 -20.86 12.76
N GLU D 567 22.14 -20.99 14.05
CA GLU D 567 21.05 -20.27 14.67
C GLU D 567 21.58 -19.10 15.50
N GLU D 568 21.14 -17.88 15.19
CA GLU D 568 21.38 -16.70 16.03
C GLU D 568 20.76 -16.94 17.42
N ARG D 569 21.55 -16.69 18.47
CA ARG D 569 21.12 -16.89 19.86
C ARG D 569 21.15 -15.59 20.65
N TYR D 570 21.10 -14.47 19.93
CA TYR D 570 21.10 -13.11 20.47
C TYR D 570 22.44 -12.69 21.08
N GLN D 571 23.48 -13.47 20.80
CA GLN D 571 24.88 -13.14 21.20
C GLN D 571 25.60 -12.41 20.04
N THR D 572 25.14 -12.65 18.81
CA THR D 572 25.79 -12.10 17.62
C THR D 572 24.98 -11.05 16.82
N LEU D 573 24.10 -10.31 17.49
CA LEU D 573 23.26 -9.30 16.82
C LEU D 573 24.06 -8.17 16.15
N SER D 574 25.27 -7.93 16.64
CA SER D 574 26.10 -6.87 16.06
C SER D 574 26.61 -7.23 14.66
N VAL D 575 26.63 -8.52 14.34
CA VAL D 575 27.14 -9.01 13.07
C VAL D 575 26.03 -9.06 12.02
N ASP D 576 26.14 -8.25 10.96
CA ASP D 576 25.16 -8.27 9.88
C ASP D 576 25.13 -9.62 9.22
N LYS D 577 23.93 -10.18 9.04
CA LYS D 577 23.75 -11.45 8.32
C LYS D 577 23.38 -11.16 6.85
N TYR D 578 24.14 -11.73 5.91
CA TYR D 578 23.91 -11.51 4.48
C TYR D 578 23.44 -12.82 3.86
N PHE D 579 22.20 -12.82 3.36
CA PHE D 579 21.57 -14.01 2.80
C PHE D 579 21.79 -13.98 1.28
N PRO D 580 22.35 -15.04 0.70
CA PRO D 580 22.42 -15.03 -0.77
C PRO D 580 21.03 -15.29 -1.37
N PRO D 581 20.85 -15.00 -2.69
CA PRO D 581 19.51 -15.18 -3.29
C PRO D 581 19.08 -16.63 -3.17
N VAL D 582 17.79 -16.87 -2.97
CA VAL D 582 17.30 -18.23 -2.86
C VAL D 582 17.28 -18.87 -4.26
N VAL D 583 17.58 -20.16 -4.32
CA VAL D 583 17.54 -20.91 -5.58
C VAL D 583 16.21 -21.70 -5.64
N PRO D 584 15.20 -21.15 -6.34
CA PRO D 584 13.89 -21.81 -6.33
C PRO D 584 13.80 -23.05 -7.23
N ASP D 585 14.67 -23.17 -8.23
CA ASP D 585 14.68 -24.34 -9.09
C ASP D 585 15.94 -25.18 -8.87
N HIS D 586 15.75 -26.33 -8.23
CA HIS D 586 16.81 -27.17 -7.71
C HIS D 586 16.30 -28.60 -7.65
N PHE D 587 17.22 -29.54 -7.80
CA PHE D 587 16.93 -30.96 -7.67
C PHE D 587 16.08 -31.27 -6.42
N ILE D 588 16.45 -30.71 -5.27
CA ILE D 588 15.81 -31.04 -3.99
C ILE D 588 14.34 -30.62 -3.94
N THR D 589 14.02 -29.44 -4.49
CA THR D 589 12.65 -28.94 -4.43
C THR D 589 11.86 -29.21 -5.73
N ALA D 590 12.43 -30.00 -6.64
CA ALA D 590 11.87 -30.24 -7.97
C ALA D 590 10.38 -30.64 -7.96
N ASP D 591 9.98 -31.41 -6.94
CA ASP D 591 8.61 -31.95 -6.86
C ASP D 591 7.61 -31.12 -6.06
N VAL D 592 8.08 -30.02 -5.47
CA VAL D 592 7.21 -29.14 -4.71
C VAL D 592 6.28 -28.40 -5.67
N PRO D 593 4.96 -28.63 -5.54
CA PRO D 593 3.94 -28.00 -6.40
C PRO D 593 4.13 -26.49 -6.46
N VAL D 594 4.12 -25.93 -7.66
CA VAL D 594 4.20 -24.47 -7.84
C VAL D 594 2.90 -23.81 -7.39
N ASP D 595 3.04 -22.66 -6.75
CA ASP D 595 1.93 -21.77 -6.47
C ASP D 595 2.29 -20.51 -7.26
N PRO D 596 1.71 -20.37 -8.47
CA PRO D 596 2.16 -19.33 -9.41
C PRO D 596 2.03 -17.92 -8.88
N ALA D 597 0.93 -17.60 -8.22
CA ALA D 597 0.78 -16.26 -7.68
C ALA D 597 1.71 -16.01 -6.48
N ALA D 598 2.00 -17.04 -5.69
CA ALA D 598 2.95 -16.87 -4.58
C ALA D 598 4.35 -16.55 -5.12
N ARG D 599 4.78 -17.34 -6.11
CA ARG D 599 6.10 -17.18 -6.71
C ARG D 599 6.25 -15.82 -7.37
N GLU D 600 5.20 -15.40 -8.05
CA GLU D 600 5.20 -14.09 -8.64
C GLU D 600 5.37 -12.97 -7.60
N ALA D 601 4.57 -13.00 -6.55
CA ALA D 601 4.67 -11.99 -5.49
C ALA D 601 6.05 -12.06 -4.80
N TRP D 602 6.59 -13.26 -4.63
CA TRP D 602 7.94 -13.42 -4.10
C TRP D 602 8.98 -12.79 -5.03
N GLU D 603 8.86 -13.05 -6.34
CA GLU D 603 9.80 -12.53 -7.34
C GLU D 603 9.75 -11.02 -7.33
N GLN D 604 8.53 -10.47 -7.35
CA GLN D 604 8.29 -9.03 -7.45
C GLN D 604 8.75 -8.21 -6.23
N ALA D 605 8.51 -8.72 -5.03
CA ALA D 605 8.95 -8.03 -3.84
C ALA D 605 10.47 -8.02 -3.70
N GLY D 606 11.15 -9.04 -4.19
CA GLY D 606 12.61 -9.09 -4.11
C GLY D 606 13.19 -9.20 -2.68
N TYR D 607 14.39 -8.68 -2.52
CA TYR D 607 15.20 -8.96 -1.34
C TYR D 607 15.54 -7.68 -0.59
N ARG D 608 15.66 -7.78 0.73
CA ARG D 608 16.03 -6.61 1.54
C ARG D 608 17.40 -6.10 1.09
N ILE D 609 17.52 -4.79 0.91
CA ILE D 609 18.85 -4.23 0.65
C ILE D 609 19.59 -4.00 2.01
N PRO D 610 20.93 -4.08 2.00
CA PRO D 610 21.67 -3.89 3.27
C PRO D 610 21.23 -2.67 4.06
N LEU D 611 21.04 -2.85 5.35
CA LEU D 611 20.68 -1.74 6.23
C LEU D 611 21.42 -1.94 7.56
N SER D 612 21.93 -0.85 8.14
CA SER D 612 22.76 -0.92 9.36
C SER D 612 22.05 -1.73 10.44
N GLY D 613 22.70 -2.77 10.94
CA GLY D 613 22.15 -3.56 12.05
C GLY D 613 21.13 -4.62 11.65
N CYS D 614 20.78 -4.68 10.37
CA CYS D 614 19.74 -5.63 9.93
C CYS D 614 20.20 -6.54 8.81
N GLY D 615 21.48 -6.48 8.46
CA GLY D 615 22.02 -7.33 7.36
C GLY D 615 21.33 -7.09 6.04
N GLY D 616 21.21 -8.11 5.21
CA GLY D 616 20.55 -7.97 3.89
C GLY D 616 20.36 -9.29 3.17
N GLY D 617 19.56 -9.27 2.12
CA GLY D 617 19.40 -10.41 1.23
C GLY D 617 18.19 -11.28 1.50
N GLN D 618 17.49 -11.02 2.60
CA GLN D 618 16.29 -11.79 2.96
C GLN D 618 15.13 -11.40 2.05
N SER D 619 14.39 -12.38 1.52
CA SER D 619 13.23 -12.04 0.68
C SER D 619 12.24 -11.30 1.54
N ILE D 620 11.68 -10.23 0.99
CA ILE D 620 10.69 -9.42 1.66
C ILE D 620 9.35 -10.20 1.76
N LYS D 621 9.09 -11.08 0.80
CA LYS D 621 7.89 -11.95 0.84
C LYS D 621 8.29 -13.40 0.81
N PRO D 622 7.46 -14.30 1.39
CA PRO D 622 7.86 -15.70 1.40
C PRO D 622 7.60 -16.40 0.08
N LEU D 623 8.46 -17.35 -0.27
CA LEU D 623 8.21 -18.22 -1.40
C LEU D 623 7.19 -19.32 -1.04
N GLY D 624 7.26 -19.84 0.20
CA GLY D 624 6.30 -20.84 0.68
C GLY D 624 6.33 -22.16 -0.06
N GLY D 625 5.25 -22.93 0.09
CA GLY D 625 5.04 -24.14 -0.69
C GLY D 625 5.38 -25.44 0.03
N ILE D 626 6.09 -25.33 1.14
CA ILE D 626 6.53 -26.48 1.91
C ILE D 626 6.18 -26.30 3.39
N ASP D 627 5.60 -27.33 4.00
CA ASP D 627 5.30 -27.28 5.42
C ASP D 627 6.52 -27.81 6.17
N PHE D 628 7.25 -26.89 6.82
CA PHE D 628 8.40 -27.22 7.66
C PHE D 628 8.08 -27.32 9.16
N GLY D 629 6.80 -27.29 9.53
CA GLY D 629 6.43 -27.46 10.95
C GLY D 629 6.89 -26.33 11.84
N GLU D 630 7.41 -26.65 13.02
CA GLU D 630 7.68 -25.63 14.01
C GLU D 630 8.93 -24.85 13.60
N PRO D 631 8.84 -23.52 13.61
CA PRO D 631 9.97 -22.70 13.17
C PRO D 631 11.19 -22.84 14.09
N VAL D 632 12.38 -22.77 13.50
CA VAL D 632 13.64 -22.54 14.27
C VAL D 632 14.02 -21.09 13.99
N LEU D 633 13.86 -20.25 15.02
CA LEU D 633 13.93 -18.83 14.85
C LEU D 633 15.37 -18.38 14.62
N ASN D 634 15.52 -17.42 13.71
CA ASN D 634 16.79 -16.75 13.47
C ASN D 634 17.94 -17.64 13.01
N THR D 635 17.61 -18.72 12.30
CA THR D 635 18.62 -19.42 11.50
C THR D 635 19.08 -18.48 10.36
N TYR D 636 20.32 -18.66 9.92
CA TYR D 636 20.92 -17.79 8.92
C TYR D 636 22.08 -18.52 8.22
N PRO D 637 22.45 -18.10 7.00
CA PRO D 637 23.52 -18.78 6.28
C PRO D 637 24.88 -18.31 6.84
N VAL D 638 25.80 -19.23 7.07
CA VAL D 638 27.10 -18.83 7.63
C VAL D 638 27.95 -18.03 6.64
N ASN D 639 27.67 -18.19 5.35
CA ASN D 639 28.33 -17.39 4.34
C ASN D 639 27.46 -17.36 3.08
N GLU D 640 27.85 -16.61 2.08
CA GLU D 640 27.02 -16.48 0.87
C GLU D 640 27.28 -17.57 -0.17
N ASN D 641 28.14 -18.53 0.14
CA ASN D 641 28.32 -19.72 -0.73
C ASN D 641 27.39 -20.88 -0.40
N VAL D 642 26.65 -20.75 0.70
CA VAL D 642 25.63 -21.74 1.05
C VAL D 642 24.47 -21.55 0.08
N THR D 643 23.86 -22.62 -0.40
CA THR D 643 22.70 -22.49 -1.26
C THR D 643 21.43 -22.53 -0.41
N LEU D 644 20.67 -21.45 -0.42
CA LEU D 644 19.39 -21.42 0.26
C LEU D 644 18.29 -21.89 -0.71
N LEU D 645 17.52 -22.89 -0.30
CA LEU D 645 16.37 -23.37 -1.09
C LEU D 645 15.06 -22.82 -0.54
N ARG D 646 15.01 -22.58 0.78
CA ARG D 646 13.93 -21.79 1.38
C ARG D 646 14.48 -21.01 2.54
N ALA D 647 14.30 -19.69 2.47
CA ALA D 647 14.66 -18.79 3.57
C ALA D 647 13.60 -17.66 3.73
N ASP D 648 12.41 -18.09 4.13
CA ASP D 648 11.26 -17.21 4.27
C ASP D 648 11.19 -16.63 5.66
N GLY D 649 10.63 -15.41 5.74
CA GLY D 649 10.40 -14.74 7.02
C GLY D 649 11.66 -14.33 7.76
N GLY D 650 12.75 -14.10 7.01
CA GLY D 650 14.00 -13.58 7.58
C GLY D 650 14.79 -14.64 8.32
N GLN D 651 14.52 -15.92 8.02
CA GLN D 651 15.32 -17.04 8.58
C GLN D 651 15.36 -18.18 7.57
N VAL D 652 16.03 -19.28 7.91
CA VAL D 652 16.28 -20.36 6.95
C VAL D 652 15.53 -21.63 7.34
N GLN D 653 14.89 -22.23 6.36
CA GLN D 653 14.20 -23.51 6.53
C GLN D 653 14.93 -24.64 5.82
N LEU D 654 15.57 -24.32 4.70
CA LEU D 654 16.16 -25.35 3.86
C LEU D 654 17.39 -24.85 3.11
N ALA D 655 18.49 -25.59 3.24
CA ALA D 655 19.77 -25.19 2.64
C ALA D 655 20.69 -26.39 2.45
N THR D 656 21.62 -26.26 1.51
CA THR D 656 22.58 -27.30 1.19
C THR D 656 23.94 -26.62 1.07
N ASN D 657 24.99 -27.34 1.43
CA ASN D 657 26.31 -26.74 1.43
C ASN D 657 27.34 -27.75 0.93
N ASP D 658 28.17 -27.37 -0.04
CA ASP D 658 29.32 -28.20 -0.40
C ASP D 658 30.41 -28.13 0.67
N TYR D 659 30.95 -29.29 1.02
CA TYR D 659 31.95 -29.41 2.06
C TYR D 659 33.02 -30.43 1.62
N GLY D 660 34.02 -29.95 0.91
CA GLY D 660 35.02 -30.85 0.28
C GLY D 660 34.31 -31.73 -0.72
N LYS D 661 34.49 -33.05 -0.63
CA LYS D 661 33.85 -33.98 -1.57
C LYS D 661 32.40 -34.28 -1.17
N GLY D 662 32.00 -33.91 0.04
CA GLY D 662 30.66 -34.24 0.52
C GLY D 662 29.74 -33.03 0.58
N ARG D 663 28.61 -33.19 1.26
CA ARG D 663 27.61 -32.13 1.37
C ARG D 663 26.94 -32.16 2.75
N GLY D 664 26.43 -31.03 3.17
CA GLY D 664 25.62 -30.95 4.38
C GLY D 664 24.31 -30.34 3.93
N VAL D 665 23.23 -30.74 4.59
CA VAL D 665 21.95 -30.12 4.31
C VAL D 665 21.29 -29.76 5.64
N TYR D 666 20.68 -28.57 5.69
CA TYR D 666 19.86 -28.17 6.83
C TYR D 666 18.37 -28.16 6.47
N ILE D 667 17.55 -28.61 7.41
CA ILE D 667 16.08 -28.56 7.29
C ILE D 667 15.60 -28.12 8.66
N SER D 668 14.81 -27.06 8.74
CA SER D 668 14.37 -26.57 10.06
C SER D 668 13.43 -27.55 10.75
N GLY D 669 12.62 -28.25 9.97
CA GLY D 669 11.68 -29.27 10.47
C GLY D 669 11.02 -30.01 9.32
N LEU D 670 10.46 -31.19 9.60
CA LEU D 670 9.89 -31.99 8.53
C LEU D 670 8.66 -32.84 8.95
N PRO D 671 7.49 -32.22 9.11
CA PRO D 671 6.30 -33.03 9.33
C PRO D 671 6.07 -34.00 8.19
N TYR D 672 5.48 -35.15 8.53
CA TYR D 672 5.23 -36.14 7.52
C TYR D 672 4.13 -35.71 6.55
N SER D 673 4.44 -35.78 5.26
CA SER D 673 3.45 -35.76 4.19
C SER D 673 4.09 -36.50 3.03
N ALA D 674 3.29 -36.89 2.05
CA ALA D 674 3.84 -37.54 0.88
C ALA D 674 4.85 -36.58 0.20
N ALA D 675 4.51 -35.29 0.17
CA ALA D 675 5.41 -34.30 -0.42
C ALA D 675 6.72 -34.19 0.36
N ASN D 676 6.61 -34.20 1.69
CA ASN D 676 7.79 -34.03 2.53
C ASN D 676 8.68 -35.25 2.56
N ALA D 677 8.08 -36.43 2.42
CA ALA D 677 8.86 -37.64 2.30
C ALA D 677 9.67 -37.58 0.99
N ARG D 678 9.05 -37.11 -0.09
CA ARG D 678 9.76 -36.94 -1.38
C ARG D 678 10.90 -35.91 -1.28
N LEU D 679 10.65 -34.83 -0.55
CA LEU D 679 11.65 -33.80 -0.33
C LEU D 679 12.85 -34.41 0.39
N LEU D 680 12.56 -35.11 1.49
CA LEU D 680 13.61 -35.82 2.21
C LEU D 680 14.33 -36.86 1.34
N GLU D 681 13.58 -37.62 0.55
CA GLU D 681 14.19 -38.62 -0.32
C GLU D 681 15.18 -37.94 -1.30
N ARG D 682 14.79 -36.80 -1.85
CA ARG D 682 15.62 -36.04 -2.76
C ARG D 682 16.85 -35.42 -2.06
N VAL D 683 16.68 -34.98 -0.81
CA VAL D 683 17.79 -34.52 0.02
C VAL D 683 18.82 -35.61 0.16
N LEU D 684 18.37 -36.84 0.43
CA LEU D 684 19.25 -37.97 0.63
C LEU D 684 20.06 -38.33 -0.63
N PHE D 685 19.41 -38.38 -1.79
CA PHE D 685 20.13 -38.61 -3.05
C PHE D 685 21.10 -37.50 -3.35
N TYR D 686 20.64 -36.26 -3.18
CA TYR D 686 21.47 -35.10 -3.46
C TYR D 686 22.68 -34.99 -2.52
N ALA D 687 22.48 -35.14 -1.21
CA ALA D 687 23.58 -34.86 -0.26
C ALA D 687 24.73 -35.83 -0.46
N SER D 688 24.39 -37.05 -0.88
CA SER D 688 25.35 -38.11 -1.10
C SER D 688 25.90 -38.15 -2.55
N HIS D 689 25.72 -37.05 -3.29
CA HIS D 689 26.15 -36.99 -4.69
C HIS D 689 25.62 -38.16 -5.53
N ASN D 690 24.41 -38.63 -5.22
CA ASN D 690 23.79 -39.74 -5.94
C ASN D 690 22.57 -39.33 -6.76
N GLU D 691 22.60 -38.13 -7.33
CA GLU D 691 21.47 -37.66 -8.14
C GLU D 691 21.16 -38.58 -9.31
N ASP D 692 22.20 -39.17 -9.90
CA ASP D 692 22.04 -40.10 -11.02
C ASP D 692 21.39 -41.43 -10.62
N LYS D 693 21.46 -41.81 -9.35
CA LYS D 693 20.78 -43.03 -8.89
C LYS D 693 19.28 -42.83 -8.64
N TYR D 694 18.83 -41.57 -8.69
CA TYR D 694 17.49 -41.24 -8.23
C TYR D 694 16.36 -41.74 -9.15
N ALA D 695 16.52 -41.55 -10.46
CA ALA D 695 15.47 -41.89 -11.43
C ALA D 695 15.04 -43.35 -11.43
N ALA D 696 15.99 -44.26 -11.28
CA ALA D 696 15.69 -45.68 -11.33
C ALA D 696 14.73 -46.06 -10.21
N TRP D 697 13.56 -46.58 -10.59
CA TRP D 697 12.54 -47.05 -9.65
C TRP D 697 11.86 -45.91 -8.90
N SER D 698 11.63 -44.82 -9.62
CA SER D 698 11.02 -43.65 -9.03
C SER D 698 9.65 -43.41 -9.66
N SER D 699 8.81 -42.71 -8.90
CA SER D 699 7.48 -42.33 -9.33
C SER D 699 7.43 -40.82 -9.53
N SER D 700 7.08 -40.36 -10.73
CA SER D 700 6.96 -38.92 -11.00
C SER D 700 6.02 -38.22 -10.02
N ASN D 701 4.87 -38.85 -9.76
CA ASN D 701 3.91 -38.37 -8.75
C ASN D 701 4.44 -38.65 -7.33
N PRO D 702 4.65 -37.59 -6.53
CA PRO D 702 5.15 -37.79 -5.15
C PRO D 702 4.13 -38.44 -4.20
N GLU D 703 2.87 -38.54 -4.62
CA GLU D 703 1.84 -39.21 -3.82
C GLU D 703 1.88 -40.71 -3.98
N CYS D 704 2.67 -41.17 -4.97
CA CYS D 704 2.92 -42.58 -5.19
C CYS D 704 4.36 -42.97 -4.91
N GLU D 705 4.55 -44.26 -4.65
CA GLU D 705 5.84 -44.78 -4.23
C GLU D 705 6.06 -46.11 -4.91
N VAL D 706 7.32 -46.44 -5.17
CA VAL D 706 7.69 -47.66 -5.87
C VAL D 706 8.52 -48.60 -4.97
N ALA D 707 8.20 -49.89 -5.01
CA ALA D 707 8.97 -50.92 -4.29
C ALA D 707 9.49 -51.95 -5.29
N HIS D 708 10.79 -52.08 -5.37
CA HIS D 708 11.42 -52.96 -6.35
C HIS D 708 12.01 -54.23 -5.76
N PHE D 709 11.58 -55.37 -6.29
CA PHE D 709 12.03 -56.68 -5.80
C PHE D 709 12.94 -57.36 -6.84
N PRO D 710 14.26 -57.14 -6.71
CA PRO D 710 15.27 -57.33 -7.75
C PRO D 710 15.69 -58.78 -7.93
N GLU D 711 14.85 -59.72 -7.56
CA GLU D 711 15.10 -61.10 -7.93
C GLU D 711 13.80 -61.80 -8.28
N GLN D 712 12.82 -61.77 -7.39
CA GLN D 712 11.48 -62.25 -7.75
C GLN D 712 10.90 -61.50 -8.97
N GLY D 713 11.78 -60.78 -9.66
CA GLY D 713 11.49 -60.08 -10.92
C GLY D 713 10.19 -59.33 -10.90
N LEU D 714 10.15 -58.21 -10.17
CA LEU D 714 8.89 -57.58 -9.82
C LEU D 714 9.09 -56.19 -9.24
N TYR D 715 8.10 -55.32 -9.43
CA TYR D 715 8.03 -54.06 -8.71
C TYR D 715 6.57 -53.71 -8.50
N CYS D 716 6.28 -52.95 -7.45
CA CYS D 716 4.93 -52.45 -7.27
C CYS D 716 4.92 -50.95 -7.07
N VAL D 717 3.78 -50.34 -7.33
CA VAL D 717 3.63 -48.93 -7.15
C VAL D 717 2.37 -48.73 -6.36
N ILE D 718 2.47 -47.90 -5.34
CA ILE D 718 1.38 -47.75 -4.43
C ILE D 718 0.97 -46.30 -4.39
N ASN D 719 -0.33 -46.08 -4.22
CA ASN D 719 -0.91 -44.78 -4.01
C ASN D 719 -0.96 -44.58 -2.50
N ASN D 720 -0.39 -43.48 -2.02
CA ASN D 720 -0.36 -43.17 -0.58
C ASN D 720 -1.49 -42.22 -0.20
N THR D 721 -2.52 -42.19 -1.04
CA THR D 721 -3.74 -41.41 -0.77
C THR D 721 -4.97 -42.27 -1.03
N ASP D 722 -6.13 -41.75 -0.64
CA ASP D 722 -7.41 -42.39 -0.93
C ASP D 722 -8.02 -41.81 -2.22
N GLN D 723 -7.16 -41.15 -3.01
CA GLN D 723 -7.58 -40.44 -4.20
C GLN D 723 -6.91 -41.06 -5.41
N PRO D 724 -7.57 -41.01 -6.58
CA PRO D 724 -6.87 -41.52 -7.75
C PRO D 724 -5.61 -40.68 -8.01
N GLN D 725 -4.53 -41.35 -8.40
CA GLN D 725 -3.29 -40.67 -8.74
C GLN D 725 -2.77 -41.30 -10.00
N LYS D 726 -2.43 -40.46 -10.98
CA LYS D 726 -1.69 -40.92 -12.14
C LYS D 726 -0.23 -40.76 -11.81
N THR D 727 0.59 -41.71 -12.25
CA THR D 727 2.02 -41.58 -12.10
C THR D 727 2.74 -42.37 -13.20
N THR D 728 3.99 -41.98 -13.42
CA THR D 728 4.87 -42.60 -14.40
C THR D 728 6.07 -43.11 -13.65
N VAL D 729 6.37 -44.39 -13.82
CA VAL D 729 7.48 -45.03 -13.15
C VAL D 729 8.64 -45.15 -14.14
N THR D 730 9.83 -44.75 -13.69
CA THR D 730 11.05 -44.95 -14.46
C THR D 730 11.75 -46.17 -13.88
N LEU D 731 12.09 -47.09 -14.76
CA LEU D 731 12.77 -48.33 -14.40
C LEU D 731 14.28 -48.20 -14.61
N ALA D 732 15.02 -49.22 -14.20
CA ALA D 732 16.46 -49.24 -14.30
C ALA D 732 16.94 -49.11 -15.75
N ASP D 733 16.11 -49.54 -16.70
CA ASP D 733 16.43 -49.45 -18.14
C ASP D 733 15.96 -48.15 -18.82
N GLY D 734 15.82 -47.07 -18.05
CA GLY D 734 15.44 -45.76 -18.60
C GLY D 734 14.07 -45.67 -19.28
N THR D 735 13.38 -46.81 -19.40
CA THR D 735 12.02 -46.82 -19.94
C THR D 735 11.00 -46.44 -18.85
N THR D 736 9.81 -46.03 -19.29
CA THR D 736 8.75 -45.61 -18.35
C THR D 736 7.45 -46.38 -18.56
N GLU D 737 6.63 -46.43 -17.52
CA GLU D 737 5.34 -47.12 -17.56
C GLU D 737 4.34 -46.25 -16.81
N ASP D 738 3.15 -46.08 -17.39
CA ASP D 738 2.15 -45.19 -16.80
C ASP D 738 1.10 -45.92 -15.98
N PHE D 739 0.51 -45.21 -15.02
CA PHE D 739 -0.43 -45.82 -14.08
C PHE D 739 -1.52 -44.89 -13.73
N ASP D 740 -2.71 -45.47 -13.56
CA ASP D 740 -3.83 -44.71 -13.07
C ASP D 740 -4.37 -45.42 -11.83
N LEU D 741 -3.98 -44.93 -10.67
CA LEU D 741 -4.23 -45.66 -9.44
C LEU D 741 -5.47 -45.18 -8.75
N PRO D 742 -6.39 -46.11 -8.44
CA PRO D 742 -7.56 -45.72 -7.65
C PRO D 742 -7.20 -45.37 -6.21
N ASP D 743 -8.17 -44.82 -5.49
CA ASP D 743 -8.15 -44.71 -4.03
C ASP D 743 -7.28 -45.81 -3.40
N SER D 744 -6.17 -45.41 -2.78
CA SER D 744 -5.33 -46.33 -1.99
C SER D 744 -4.86 -47.58 -2.74
N GLY D 745 -4.73 -47.45 -4.06
CA GLY D 745 -4.43 -48.60 -4.91
C GLY D 745 -3.00 -49.10 -4.87
N ILE D 746 -2.77 -50.18 -5.61
CA ILE D 746 -1.47 -50.81 -5.74
C ILE D 746 -1.45 -51.56 -7.07
N ALA D 747 -0.31 -51.61 -7.75
CA ALA D 747 -0.22 -52.32 -9.03
C ALA D 747 1.11 -53.03 -9.17
N TRP D 748 1.07 -54.23 -9.73
CA TRP D 748 2.27 -55.06 -9.89
C TRP D 748 2.67 -55.22 -11.35
N ARG D 749 3.98 -55.23 -11.59
CA ARG D 749 4.51 -55.40 -12.94
C ARG D 749 5.89 -56.06 -12.92
N GLU D 750 6.37 -56.47 -14.10
CA GLU D 750 7.42 -57.47 -14.19
C GLU D 750 8.89 -57.07 -14.05
N ALA D 751 9.29 -55.92 -14.58
CA ALA D 751 10.73 -55.59 -14.53
C ALA D 751 11.60 -56.86 -14.66
C1 NDG E . -17.81 -9.62 -16.96
C2 NDG E . -18.59 -10.93 -16.81
C3 NDG E . -17.63 -12.11 -16.59
C4 NDG E . -16.49 -12.09 -17.62
C5 NDG E . -15.84 -10.70 -17.72
C6 NDG E . -14.82 -10.61 -18.85
C7 NDG E . -20.83 -10.51 -15.90
C8 NDG E . -21.63 -10.27 -14.65
O5 NDG E . -16.84 -9.73 -17.97
O3 NDG E . -18.31 -13.34 -16.75
O4 NDG E . -15.55 -13.09 -17.27
O6 NDG E . -14.17 -9.35 -18.91
O7 NDG E . -21.37 -10.49 -17.01
N2 NDG E . -19.53 -10.74 -15.71
O1 NDG E . -17.17 -9.29 -15.74
C1 GOL F . -40.02 3.45 -19.10
O1 GOL F . -40.87 3.70 -18.00
C2 GOL F . -38.63 4.08 -18.88
O2 GOL F . -38.34 4.46 -17.54
C3 GOL F . -37.56 3.14 -19.42
O3 GOL F . -37.56 1.88 -18.77
N NO3 G . -39.24 -0.40 -19.71
O1 NO3 G . -38.76 -0.34 -18.40
O2 NO3 G . -40.39 -1.16 -20.04
O3 NO3 G . -38.56 0.31 -20.72
C1 NDG H . -6.65 49.06 -20.55
C2 NDG H . -6.27 50.43 -21.15
C3 NDG H . -6.12 51.49 -20.06
C4 NDG H . -7.35 51.47 -19.12
C5 NDG H . -7.70 50.04 -18.65
C6 NDG H . -9.02 49.94 -17.87
C7 NDG H . -5.11 49.98 -23.22
C8 NDG H . -3.81 49.68 -23.90
O5 NDG H . -7.82 49.17 -19.76
O3 NDG H . -5.96 52.76 -20.67
O4 NDG H . -7.18 52.32 -17.99
O6 NDG H . -9.27 48.61 -17.48
O7 NDG H . -6.18 50.05 -23.84
N2 NDG H . -5.04 50.18 -21.91
O1 NDG H . -5.56 48.55 -19.80
C1 GOL I . -6.24 37.77 -44.24
O1 GOL I . -5.07 37.99 -44.99
C2 GOL I . -5.93 37.72 -42.75
O2 GOL I . -4.81 36.90 -42.45
C3 GOL I . -5.60 39.14 -42.34
O3 GOL I . -6.50 39.54 -41.34
MG MG J . -46.73 53.38 -13.99
C1 NDG K . 24.13 6.30 13.31
C2 NDG K . 24.74 7.68 13.56
C3 NDG K . 24.88 8.43 12.25
C4 NDG K . 25.65 7.55 11.26
C5 NDG K . 25.00 6.19 11.10
C6 NDG K . 25.82 5.28 10.19
C7 NDG K . 24.11 8.44 15.77
C8 NDG K . 23.05 9.15 16.56
O5 NDG K . 24.89 5.59 12.38
O3 NDG K . 25.58 9.64 12.45
O4 NDG K . 25.57 8.21 10.02
O6 NDG K . 25.20 4.01 10.09
O7 NDG K . 25.13 7.98 16.28
N2 NDG K . 23.85 8.36 14.47
O1 NDG K . 22.79 6.44 12.86
C1 GOL L . 23.32 2.44 38.89
O1 GOL L . 22.51 2.37 40.05
C2 GOL L . 22.98 1.26 38.02
O2 GOL L . 21.59 1.29 37.66
C3 GOL L . 23.92 1.25 36.81
O3 GOL L . 23.85 2.43 36.03
C1 GOL M . 37.17 -19.95 25.03
O1 GOL M . 35.80 -19.84 25.35
C2 GOL M . 37.64 -18.57 24.61
O2 GOL M . 38.32 -17.96 25.68
C3 GOL M . 38.46 -18.63 23.33
O3 GOL M . 39.82 -18.85 23.58
C1 NDG N . -0.42 -47.09 24.85
C2 NDG N . -0.54 -48.62 25.01
C3 NDG N . -1.99 -49.01 25.27
C4 NDG N . -2.56 -48.16 26.42
C5 NDG N . -2.38 -46.67 26.17
C6 NDG N . -2.86 -45.84 27.35
C7 NDG N . 1.27 -49.72 23.74
C8 NDG N . 1.72 -50.22 22.40
O5 NDG N . -1.00 -46.40 25.95
O3 NDG N . -2.06 -50.34 25.70
O4 NDG N . -3.93 -48.44 26.56
O6 NDG N . -2.64 -44.46 27.15
O7 NDG N . 2.01 -49.80 24.71
N2 NDG N . 0.04 -49.21 23.80
O1 NDG N . -1.07 -46.67 23.67
C1 GOL O . 24.64 -50.22 19.98
O1 GOL O . 25.61 -50.35 18.97
C2 GOL O . 24.28 -48.75 20.13
O2 GOL O . 23.92 -48.18 18.88
C3 GOL O . 23.27 -48.54 21.26
O3 GOL O . 22.11 -49.37 21.17
C1 GOL P . 19.61 -31.53 43.61
O1 GOL P . 18.44 -32.05 44.16
C2 GOL P . 19.38 -31.30 42.12
O2 GOL P . 19.67 -32.51 41.45
C3 GOL P . 20.35 -30.22 41.67
O3 GOL P . 20.32 -30.13 40.27
S SO4 Q . -3.70 -54.92 22.59
O1 SO4 Q . -3.74 -53.60 23.19
O2 SO4 Q . -3.38 -54.83 21.16
O3 SO4 Q . -5.01 -55.55 22.77
O4 SO4 Q . -2.66 -55.72 23.23
#